data_8BEO
#
_entry.id   8BEO
#
_cell.length_a   188.641
_cell.length_b   188.641
_cell.length_c   246.957
_cell.angle_alpha   90
_cell.angle_beta   90
_cell.angle_gamma   90
#
_symmetry.space_group_name_H-M   'P 41 21 2'
#
loop_
_entity.id
_entity.type
_entity.pdbx_description
1 polymer 'Glyoxylate carboligase'
2 non-polymer 'MAGNESIUM ION'
3 non-polymer 'FLAVIN-ADENINE DINUCLEOTIDE'
4 non-polymer 3-[(4-AMINO-2-METHYLPYRIMIDIN-5-YL)METHYL]-2-{(1S)-1-HYDROXY-1-[(R)-HYDROXY(METHOXY)PHOSPHORYL]ETHYL}-5-(2-{[(S)-HYDROXY(PHOSPHONOOXY)PHOSPHORYL]OXY}ETHYL)-4-METHYL-1,3-THIAZOL-3-IUM
5 non-polymer 'METHYL HYDROGEN (S)-ACETYLPHOSPHONATE'
6 non-polymer 2,3-DIMETHOXY-5-METHYL-1,4-BENZOQUINONE
7 non-polymer DI(HYDROXYETHYL)ETHER
8 non-polymer 2,3-DIHYDROXY-1,4-DITHIOBUTANE
9 non-polymer 'FORMIC ACID'
10 non-polymer 'TRIETHYLENE GLYCOL'
11 non-polymer 'SODIUM ION'
12 non-polymer (2R,3S)-1,4-DIMERCAPTOBUTANE-2,3-DIOL
13 non-polymer 'CHLORIDE ION'
14 water water
#
_entity_poly.entity_id   1
_entity_poly.type   'polypeptide(L)'
_entity_poly.pdbx_seq_one_letter_code
;MGSSHHHHHHSSGLVPRGSHMASMAKMRAVDAAMYVLEKEGITTAFGVPGAAINPFYSAMRKHGGIRHILARHVEGASHM
AEGYTRATAGNIGVCLGTSGPAGTDMITALYSASADSIPILCITGQAPRARLHKEDFQAVDIEAIAKPVSKMAVTVREAA
LVPRVLQQAFHLMRSGRPGPVLVDLPFDVQVAEIEFDPDMYEPLPVYKPAASRMQIEKAVEMLIQAERPVIVAGGGVINA
DAAALLQQFAELTSVPVIPTLMGWGCIPDDHELMAGMVGLQTAHRYGNATLLASDMVFGIGNRFANRHTGSVEKYTEGRK
IVHIDIEPTQIGRVLCPDLGIVSDAKAALTLLVEVAQEMQKAGRLP(CSO)RKEWVADCQQRKRTLLRKTHFDNVPVKPQ
RVYEEMNKAFGRDVCYVTTAGLSQIAAAQMLHVFKDRHWINCGQAGPLGWTIPAALGVCAADPKRNVVAISGDFDFQFLI
EELAVGAQFNIPYIHVLVNNAYLGLIRQSQRAFDMDYCVQLAFENINSSEVNGYGVDHVKVAEGLGCKAIRVFKPEDIAP
AFEQAKALMAQYRVPVVVEVILERVTNISMGSELDNVMEFEDIADNAADAPTETCFMHYE
;
_entity_poly.pdbx_strand_id   A,B,C,D,E,F
#
loop_
_chem_comp.id
_chem_comp.type
_chem_comp.name
_chem_comp.formula
ALU non-polymer 'METHYL HYDROGEN (S)-ACETYLPHOSPHONATE' 'C3 H7 O4 P'
CL non-polymer 'CHLORIDE ION' 'Cl -1'
DTT non-polymer 2,3-DIHYDROXY-1,4-DITHIOBUTANE 'C4 H10 O2 S2'
DTU non-polymer (2R,3S)-1,4-DIMERCAPTOBUTANE-2,3-DIOL 'C4 H10 O2 S2'
FAD non-polymer 'FLAVIN-ADENINE DINUCLEOTIDE' 'C27 H33 N9 O15 P2'
FMT non-polymer 'FORMIC ACID' 'C H2 O2'
MG non-polymer 'MAGNESIUM ION' 'Mg 2'
NA non-polymer 'SODIUM ION' 'Na 1'
PEG non-polymer DI(HYDROXYETHYL)ETHER 'C4 H10 O3'
PGE non-polymer 'TRIETHYLENE GLYCOL' 'C6 H14 O4'
TDK non-polymer 3-[(4-AMINO-2-METHYLPYRIMIDIN-5-YL)METHYL]-2-{(1S)-1-HYDROXY-1-[(R)-HYDROXY(METHOXY)PHOSPHORYL]ETHYL}-5-(2-{[(S)-HYDROXY(PHOSPHONOOXY)PHOSPHORYL]OXY}ETHYL)-4-METHYL-1,3-THIAZOL-3-IUM 'C15 H26 N4 O11 P3 S 1'
UQ0 non-polymer 2,3-DIMETHOXY-5-METHYL-1,4-BENZOQUINONE 'C9 H10 O4'
#
# COMPACT_ATOMS: atom_id res chain seq x y z
N ALA A 25 36.62 5.67 27.03
CA ALA A 25 37.76 4.98 27.66
C ALA A 25 37.25 4.37 28.97
N LYS A 26 36.89 5.21 29.94
CA LYS A 26 36.71 4.76 31.31
C LYS A 26 35.27 4.36 31.59
N MET A 27 35.07 3.11 32.02
CA MET A 27 33.74 2.60 32.34
C MET A 27 33.90 1.52 33.42
N ARG A 28 32.80 1.05 33.98
CA ARG A 28 32.87 0.00 34.99
C ARG A 28 33.25 -1.31 34.28
N ALA A 29 33.84 -2.23 35.02
CA ALA A 29 34.11 -3.57 34.50
C ALA A 29 32.86 -4.15 33.87
N VAL A 30 31.68 -3.95 34.49
CA VAL A 30 30.47 -4.57 33.98
C VAL A 30 30.02 -3.93 32.67
N ASP A 31 30.35 -2.64 32.48
CA ASP A 31 30.04 -1.95 31.22
C ASP A 31 30.89 -2.54 30.12
N ALA A 32 32.20 -2.80 30.42
CA ALA A 32 33.07 -3.50 29.49
C ALA A 32 32.51 -4.87 29.14
N ALA A 33 32.02 -5.61 30.14
CA ALA A 33 31.47 -6.93 29.95
C ALA A 33 30.32 -6.93 28.94
N MET A 34 29.47 -5.89 28.93
CA MET A 34 28.35 -5.82 28.00
C MET A 34 28.87 -5.70 26.57
N TYR A 35 29.91 -4.89 26.38
CA TYR A 35 30.54 -4.81 25.05
C TYR A 35 31.14 -6.15 24.62
N VAL A 36 31.77 -6.87 25.55
CA VAL A 36 32.30 -8.19 25.23
C VAL A 36 31.17 -9.14 24.83
N LEU A 37 30.10 -9.19 25.63
CA LEU A 37 28.98 -10.09 25.34
C LEU A 37 28.38 -9.77 23.96
N GLU A 38 28.18 -8.48 23.68
CA GLU A 38 27.64 -8.05 22.39
C GLU A 38 28.54 -8.56 21.26
N LYS A 39 29.86 -8.31 21.35
CA LYS A 39 30.78 -8.73 20.28
C LYS A 39 30.86 -10.25 20.15
N GLU A 40 30.58 -10.99 21.24
CA GLU A 40 30.59 -12.43 21.23
C GLU A 40 29.23 -12.99 20.78
N GLY A 41 28.28 -12.12 20.44
CA GLY A 41 27.04 -12.56 19.79
C GLY A 41 25.87 -12.74 20.76
N ILE A 42 26.01 -12.35 22.03
CA ILE A 42 24.94 -12.58 23.00
C ILE A 42 23.83 -11.55 22.76
N THR A 43 22.56 -11.99 22.72
CA THR A 43 21.42 -11.11 22.53
C THR A 43 20.33 -11.37 23.57
N THR A 44 20.52 -12.44 24.37
CA THR A 44 19.54 -12.93 25.31
C THR A 44 20.23 -13.40 26.59
N ALA A 45 19.54 -13.17 27.73
CA ALA A 45 19.96 -13.71 29.00
C ALA A 45 18.73 -14.11 29.81
N PHE A 46 18.90 -15.18 30.60
CA PHE A 46 17.86 -15.65 31.53
C PHE A 46 18.41 -15.46 32.93
N GLY A 47 17.61 -14.96 33.88
CA GLY A 47 18.22 -14.75 35.18
C GLY A 47 17.23 -14.32 36.27
N VAL A 48 17.83 -14.12 37.45
CA VAL A 48 17.19 -13.64 38.65
C VAL A 48 18.17 -12.67 39.31
N PRO A 49 17.83 -11.35 39.36
CA PRO A 49 18.73 -10.40 39.99
C PRO A 49 18.77 -10.54 41.50
N GLY A 50 19.80 -9.92 42.10
CA GLY A 50 19.96 -9.80 43.54
C GLY A 50 20.98 -8.70 43.81
N ALA A 51 21.09 -8.28 45.06
CA ALA A 51 21.95 -7.15 45.37
C ALA A 51 23.37 -7.30 44.82
N ALA A 52 23.92 -8.52 44.85
CA ALA A 52 25.34 -8.75 44.52
C ALA A 52 25.59 -8.68 43.02
N ILE A 53 24.54 -8.89 42.20
CA ILE A 53 24.68 -8.86 40.74
C ILE A 53 24.01 -7.61 40.14
N ASN A 54 23.55 -6.67 40.99
CA ASN A 54 22.88 -5.49 40.47
C ASN A 54 23.76 -4.63 39.57
N PRO A 55 25.10 -4.51 39.80
CA PRO A 55 25.93 -3.69 38.91
C PRO A 55 25.86 -4.21 37.47
N PHE A 56 25.93 -5.53 37.30
CA PHE A 56 25.80 -6.17 36.01
C PHE A 56 24.44 -5.87 35.37
N TYR A 57 23.34 -5.98 36.14
CA TYR A 57 22.01 -5.59 35.64
C TYR A 57 22.00 -4.12 35.21
N SER A 58 22.62 -3.24 36.01
CA SER A 58 22.71 -1.82 35.70
C SER A 58 23.38 -1.62 34.33
N ALA A 59 24.49 -2.34 34.10
CA ALA A 59 25.25 -2.23 32.86
C ALA A 59 24.41 -2.74 31.68
N MET A 60 23.64 -3.81 31.92
CA MET A 60 22.81 -4.43 30.89
C MET A 60 21.70 -3.46 30.48
N ARG A 61 21.12 -2.75 31.45
CA ARG A 61 20.14 -1.72 31.17
C ARG A 61 20.73 -0.55 30.36
N LYS A 62 21.88 -0.01 30.79
CA LYS A 62 22.49 1.11 30.06
C LYS A 62 22.87 0.70 28.64
N HIS A 63 23.38 -0.51 28.43
CA HIS A 63 23.87 -0.89 27.12
C HIS A 63 22.70 -1.19 26.17
N GLY A 64 21.68 -1.90 26.65
CA GLY A 64 20.47 -2.11 25.90
C GLY A 64 20.51 -3.27 24.88
N GLY A 65 21.61 -3.98 24.67
CA GLY A 65 21.60 -4.95 23.56
C GLY A 65 21.09 -6.35 23.90
N ILE A 66 20.80 -6.62 25.17
CA ILE A 66 20.44 -7.97 25.59
C ILE A 66 19.01 -7.99 26.14
N ARG A 67 18.19 -8.90 25.63
CA ARG A 67 16.85 -9.15 26.13
C ARG A 67 16.97 -10.05 27.37
N HIS A 68 16.47 -9.58 28.52
CA HIS A 68 16.49 -10.36 29.75
C HIS A 68 15.14 -11.03 29.97
N ILE A 69 15.16 -12.32 30.32
CA ILE A 69 13.95 -13.02 30.73
C ILE A 69 14.10 -13.43 32.20
N LEU A 70 13.15 -12.96 33.02
CA LEU A 70 13.13 -13.17 34.46
C LEU A 70 12.50 -14.52 34.77
N ALA A 71 13.30 -15.44 35.32
CA ALA A 71 12.83 -16.75 35.69
C ALA A 71 12.17 -16.69 37.06
N ARG A 72 11.49 -17.77 37.43
CA ARG A 72 10.81 -17.87 38.72
C ARG A 72 11.45 -18.98 39.55
N HIS A 73 12.72 -19.29 39.20
CA HIS A 73 13.61 -20.14 39.97
C HIS A 73 14.96 -19.97 39.26
N VAL A 74 16.03 -19.79 40.00
CA VAL A 74 17.36 -19.74 39.37
C VAL A 74 17.63 -21.00 38.54
N GLU A 75 17.21 -22.17 39.04
CA GLU A 75 17.32 -23.40 38.28
C GLU A 75 16.59 -23.28 36.95
N GLY A 76 15.41 -22.66 36.97
CA GLY A 76 14.70 -22.39 35.71
C GLY A 76 15.52 -21.56 34.71
N ALA A 77 16.13 -20.45 35.17
CA ALA A 77 16.98 -19.63 34.29
C ALA A 77 18.09 -20.49 33.68
N SER A 78 18.66 -21.39 34.51
CA SER A 78 19.81 -22.19 34.10
C SER A 78 19.39 -23.16 32.99
N HIS A 79 18.21 -23.78 33.10
CA HIS A 79 17.74 -24.69 32.06
C HIS A 79 17.19 -23.98 30.83
N MET A 80 16.66 -22.76 30.97
CA MET A 80 16.35 -21.90 29.82
C MET A 80 17.60 -21.66 28.98
N ALA A 81 18.72 -21.36 29.66
CA ALA A 81 19.98 -21.12 28.98
C ALA A 81 20.38 -22.38 28.19
N GLU A 82 20.22 -23.57 28.80
CA GLU A 82 20.51 -24.83 28.11
C GLU A 82 19.67 -25.01 26.84
N GLY A 83 18.35 -24.81 26.94
CA GLY A 83 17.46 -24.87 25.78
C GLY A 83 17.89 -23.91 24.67
N TYR A 84 18.25 -22.67 25.06
CA TYR A 84 18.67 -21.64 24.12
C TYR A 84 19.90 -22.11 23.35
N THR A 85 20.88 -22.65 24.08
CA THR A 85 22.08 -23.16 23.44
C THR A 85 21.72 -24.24 22.41
N ARG A 86 20.89 -25.19 22.84
CA ARG A 86 20.62 -26.40 22.09
C ARG A 86 19.82 -26.13 20.82
N ALA A 87 19.06 -25.01 20.79
CA ALA A 87 18.09 -24.74 19.74
C ALA A 87 18.76 -24.54 18.38
N THR A 88 19.91 -23.82 18.37
CA THR A 88 20.51 -23.32 17.13
C THR A 88 22.03 -23.36 17.28
N ALA A 89 22.73 -23.89 16.26
CA ALA A 89 24.19 -23.97 16.28
C ALA A 89 24.79 -22.57 16.47
N GLY A 90 25.79 -22.46 17.36
CA GLY A 90 26.49 -21.22 17.69
C GLY A 90 25.88 -20.46 18.88
N ASN A 91 24.62 -20.79 19.25
CA ASN A 91 23.98 -20.18 20.40
C ASN A 91 24.73 -20.50 21.70
N ILE A 92 24.82 -19.48 22.59
CA ILE A 92 25.29 -19.69 23.95
C ILE A 92 24.31 -19.03 24.90
N GLY A 93 23.50 -19.86 25.56
CA GLY A 93 22.59 -19.42 26.60
C GLY A 93 23.37 -18.85 27.77
N VAL A 94 22.85 -17.71 28.28
CA VAL A 94 23.41 -17.01 29.42
C VAL A 94 22.41 -17.07 30.57
N CYS A 95 22.92 -17.45 31.75
CA CYS A 95 22.18 -17.52 33.00
C CYS A 95 22.83 -16.60 34.04
N LEU A 96 22.05 -15.62 34.55
CA LEU A 96 22.53 -14.64 35.53
C LEU A 96 21.93 -14.92 36.91
N GLY A 97 22.72 -14.68 37.96
CA GLY A 97 22.19 -14.80 39.30
C GLY A 97 23.06 -14.06 40.31
N THR A 98 22.55 -14.00 41.55
CA THR A 98 23.22 -13.28 42.61
C THR A 98 24.22 -14.25 43.28
N SER A 99 24.74 -13.85 44.44
CA SER A 99 25.66 -14.64 45.22
C SER A 99 24.97 -15.80 45.96
N GLY A 100 25.80 -16.55 46.68
CA GLY A 100 25.29 -17.57 47.60
C GLY A 100 24.44 -18.59 46.87
N PRO A 101 23.16 -18.74 47.26
CA PRO A 101 22.34 -19.87 46.78
C PRO A 101 21.94 -19.82 45.28
N ALA A 102 22.09 -18.66 44.63
CA ALA A 102 21.90 -18.61 43.18
C ALA A 102 22.92 -19.51 42.48
N GLY A 103 24.21 -19.40 42.80
CA GLY A 103 25.20 -20.26 42.13
C GLY A 103 24.93 -21.74 42.40
N THR A 104 24.57 -22.09 43.64
CA THR A 104 24.35 -23.48 44.02
C THR A 104 23.13 -24.00 43.26
N ASP A 105 22.19 -23.10 42.95
CA ASP A 105 21.02 -23.48 42.17
C ASP A 105 21.34 -23.61 40.66
N MET A 106 22.56 -23.27 40.22
CA MET A 106 22.94 -23.45 38.81
C MET A 106 23.76 -24.73 38.60
N ILE A 107 24.11 -25.45 39.67
CA ILE A 107 25.00 -26.59 39.53
C ILE A 107 24.35 -27.68 38.68
N THR A 108 23.06 -27.94 38.89
CA THR A 108 22.41 -29.01 38.13
C THR A 108 22.49 -28.74 36.61
N ALA A 109 22.32 -27.47 36.17
CA ALA A 109 22.47 -27.12 34.77
C ALA A 109 23.91 -27.18 34.25
N LEU A 110 24.87 -26.78 35.08
CA LEU A 110 26.27 -26.90 34.68
C LEU A 110 26.60 -28.38 34.43
N TYR A 111 26.13 -29.24 35.33
CA TYR A 111 26.28 -30.67 35.20
C TYR A 111 25.65 -31.16 33.89
N SER A 112 24.38 -30.83 33.65
CA SER A 112 23.62 -31.28 32.48
C SER A 112 24.28 -30.80 31.19
N ALA A 113 24.71 -29.52 31.17
CA ALA A 113 25.37 -28.97 29.99
C ALA A 113 26.71 -29.68 29.74
N SER A 114 27.57 -29.77 30.76
CA SER A 114 28.81 -30.54 30.67
C SER A 114 28.53 -31.94 30.11
N ALA A 115 27.57 -32.63 30.74
CA ALA A 115 27.32 -34.05 30.50
C ALA A 115 27.02 -34.31 29.02
N ASP A 116 26.35 -33.34 28.38
CA ASP A 116 25.94 -33.40 26.97
C ASP A 116 26.87 -32.62 26.03
N SER A 117 28.03 -32.14 26.51
CA SER A 117 29.03 -31.45 25.69
C SER A 117 28.45 -30.18 25.05
N ILE A 118 27.59 -29.44 25.77
CA ILE A 118 27.08 -28.16 25.27
C ILE A 118 27.38 -27.06 26.28
N PRO A 119 27.60 -25.81 25.80
CA PRO A 119 27.89 -24.68 26.66
C PRO A 119 26.69 -23.84 27.10
N ILE A 120 26.78 -23.43 28.39
CA ILE A 120 26.05 -22.27 28.89
C ILE A 120 27.07 -21.42 29.65
N LEU A 121 26.81 -20.09 29.70
CA LEU A 121 27.61 -19.18 30.48
C LEU A 121 26.77 -18.73 31.65
N CYS A 122 27.19 -19.15 32.85
CA CYS A 122 26.62 -18.70 34.10
C CYS A 122 27.49 -17.58 34.66
N ILE A 123 26.82 -16.51 35.13
CA ILE A 123 27.43 -15.35 35.75
C ILE A 123 26.73 -15.10 37.08
N THR A 124 27.53 -15.10 38.15
CA THR A 124 27.04 -14.93 39.51
C THR A 124 27.69 -13.67 40.11
N GLY A 125 26.90 -12.94 40.88
CA GLY A 125 27.46 -11.96 41.81
C GLY A 125 28.13 -12.64 43.01
N GLN A 126 28.97 -11.88 43.70
CA GLN A 126 29.75 -12.40 44.82
C GLN A 126 30.00 -11.23 45.78
N ALA A 127 30.31 -11.56 47.04
CA ALA A 127 30.74 -10.58 48.03
C ALA A 127 32.03 -9.91 47.59
N PRO A 128 32.31 -8.69 48.09
CA PRO A 128 33.52 -7.99 47.74
C PRO A 128 34.75 -8.84 48.09
N ARG A 129 35.82 -8.69 47.32
CA ARG A 129 37.04 -9.48 47.50
C ARG A 129 37.52 -9.53 48.96
N ALA A 130 37.52 -8.39 49.64
CA ALA A 130 38.09 -8.28 50.98
C ALA A 130 37.25 -9.05 52.00
N ARG A 131 36.08 -9.57 51.59
CA ARG A 131 35.13 -10.14 52.53
C ARG A 131 34.94 -11.63 52.25
N LEU A 132 35.72 -12.20 51.32
CA LEU A 132 35.46 -13.54 50.83
C LEU A 132 35.72 -14.63 51.88
N HIS A 133 36.61 -14.40 52.85
CA HIS A 133 36.93 -15.39 53.88
C HIS A 133 36.24 -15.07 55.22
N LYS A 134 35.24 -14.18 55.20
CA LYS A 134 34.71 -13.56 56.40
C LYS A 134 33.25 -13.98 56.65
N GLU A 135 32.76 -15.01 55.97
CA GLU A 135 31.37 -15.42 56.08
C GLU A 135 30.39 -14.24 55.88
N ASP A 136 30.68 -13.34 54.94
CA ASP A 136 29.68 -12.37 54.52
C ASP A 136 28.40 -13.09 54.14
N PHE A 137 27.26 -12.43 54.40
CA PHE A 137 25.95 -12.90 53.96
C PHE A 137 26.01 -13.44 52.53
N GLN A 138 25.54 -14.69 52.31
CA GLN A 138 25.43 -15.29 50.99
C GLN A 138 26.77 -15.35 50.23
N ALA A 139 27.92 -15.42 50.92
CA ALA A 139 29.18 -15.63 50.24
C ALA A 139 29.51 -17.14 50.30
N VAL A 140 29.62 -17.79 49.14
CA VAL A 140 29.95 -19.21 49.03
C VAL A 140 31.08 -19.39 48.02
N ASP A 141 31.84 -20.49 48.21
CA ASP A 141 32.96 -20.83 47.33
C ASP A 141 32.43 -21.53 46.10
N ILE A 142 31.73 -20.77 45.23
CA ILE A 142 31.12 -21.32 44.02
C ILE A 142 32.18 -21.83 43.03
N GLU A 143 33.39 -21.24 43.06
CA GLU A 143 34.48 -21.70 42.21
C GLU A 143 34.75 -23.17 42.49
N ALA A 144 34.89 -23.55 43.78
CA ALA A 144 35.20 -24.92 44.18
C ALA A 144 34.01 -25.86 43.89
N ILE A 145 32.76 -25.38 44.10
CA ILE A 145 31.59 -26.23 43.90
C ILE A 145 31.39 -26.59 42.41
N ALA A 146 31.60 -25.58 41.54
CA ALA A 146 31.29 -25.68 40.13
C ALA A 146 32.45 -26.27 39.31
N LYS A 147 33.67 -26.27 39.86
CA LYS A 147 34.84 -26.79 39.14
C LYS A 147 34.58 -28.17 38.52
N PRO A 148 33.95 -29.13 39.23
CA PRO A 148 33.78 -30.46 38.67
C PRO A 148 32.81 -30.55 37.49
N VAL A 149 31.98 -29.52 37.25
CA VAL A 149 30.96 -29.59 36.21
C VAL A 149 31.09 -28.42 35.25
N SER A 150 32.31 -27.91 35.06
CA SER A 150 32.48 -26.79 34.14
C SER A 150 33.85 -26.90 33.47
N LYS A 151 34.02 -26.27 32.29
CA LYS A 151 35.35 -26.17 31.69
C LYS A 151 36.17 -25.11 32.39
N MET A 152 35.49 -24.10 32.93
CA MET A 152 36.17 -23.12 33.77
C MET A 152 35.14 -22.54 34.75
N ALA A 153 35.54 -22.43 36.02
CA ALA A 153 34.75 -21.74 37.04
C ALA A 153 35.73 -20.85 37.78
N VAL A 154 35.47 -19.54 37.78
CA VAL A 154 36.49 -18.60 38.24
C VAL A 154 35.81 -17.42 38.92
N THR A 155 36.33 -17.08 40.11
CA THR A 155 36.06 -15.82 40.79
C THR A 155 37.07 -14.80 40.29
N VAL A 156 36.58 -13.75 39.60
CA VAL A 156 37.44 -12.78 38.96
C VAL A 156 37.94 -11.80 40.03
N ARG A 157 39.27 -11.66 40.11
CA ARG A 157 39.91 -11.02 41.24
C ARG A 157 40.29 -9.58 40.93
N GLU A 158 40.21 -9.16 39.66
CA GLU A 158 40.56 -7.80 39.26
C GLU A 158 39.56 -7.31 38.20
N ALA A 159 39.16 -6.03 38.30
CA ALA A 159 38.23 -5.42 37.37
C ALA A 159 38.75 -5.59 35.93
N ALA A 160 40.05 -5.30 35.70
CA ALA A 160 40.65 -5.37 34.36
C ALA A 160 40.54 -6.78 33.76
N LEU A 161 40.41 -7.84 34.59
CA LEU A 161 40.35 -9.22 34.09
C LEU A 161 38.96 -9.60 33.64
N VAL A 162 37.94 -8.81 34.01
CA VAL A 162 36.57 -9.19 33.69
C VAL A 162 36.41 -9.45 32.18
N PRO A 163 36.78 -8.50 31.28
CA PRO A 163 36.70 -8.77 29.84
C PRO A 163 37.57 -9.95 29.41
N ARG A 164 38.73 -10.17 30.07
CA ARG A 164 39.66 -11.23 29.63
C ARG A 164 39.13 -12.61 30.00
N VAL A 165 38.49 -12.70 31.17
CA VAL A 165 37.92 -13.97 31.61
C VAL A 165 36.76 -14.31 30.68
N LEU A 166 35.92 -13.31 30.33
CA LEU A 166 34.83 -13.58 29.38
C LEU A 166 35.38 -13.98 28.01
N GLN A 167 36.43 -13.31 27.57
CA GLN A 167 37.06 -13.64 26.30
C GLN A 167 37.54 -15.12 26.27
N GLN A 168 38.23 -15.56 27.32
CA GLN A 168 38.67 -16.94 27.46
C GLN A 168 37.47 -17.88 27.60
N ALA A 169 36.44 -17.48 28.36
CA ALA A 169 35.22 -18.27 28.52
C ALA A 169 34.64 -18.66 27.16
N PHE A 170 34.56 -17.70 26.22
CA PHE A 170 33.94 -17.97 24.93
C PHE A 170 34.82 -18.93 24.15
N HIS A 171 36.14 -18.75 24.20
CA HIS A 171 37.06 -19.68 23.56
C HIS A 171 36.81 -21.10 24.06
N LEU A 172 36.70 -21.28 25.39
CA LEU A 172 36.56 -22.62 25.94
C LEU A 172 35.19 -23.21 25.61
N MET A 173 34.14 -22.38 25.65
CA MET A 173 32.80 -22.89 25.38
C MET A 173 32.66 -23.44 23.95
N ARG A 174 33.42 -22.86 23.00
CA ARG A 174 33.31 -23.18 21.58
CA ARG A 174 33.31 -23.17 21.57
C ARG A 174 34.34 -24.23 21.14
N SER A 175 35.42 -24.40 21.93
CA SER A 175 36.59 -25.17 21.50
C SER A 175 36.56 -26.62 22.00
N GLY A 176 37.21 -27.53 21.24
CA GLY A 176 37.38 -28.90 21.70
C GLY A 176 36.04 -29.59 21.95
N ARG A 177 35.95 -30.36 23.04
CA ARG A 177 34.66 -30.80 23.52
C ARG A 177 33.97 -29.61 24.21
N PRO A 178 32.84 -29.11 23.67
CA PRO A 178 32.19 -27.95 24.28
C PRO A 178 31.75 -28.26 25.71
N GLY A 179 31.65 -27.19 26.50
CA GLY A 179 31.11 -27.28 27.85
C GLY A 179 30.92 -25.90 28.45
N PRO A 180 30.32 -25.84 29.65
CA PRO A 180 29.89 -24.59 30.25
C PRO A 180 30.95 -23.94 31.09
N VAL A 181 30.71 -22.66 31.40
CA VAL A 181 31.66 -21.87 32.16
C VAL A 181 30.84 -21.10 33.17
N LEU A 182 31.40 -20.94 34.40
CA LEU A 182 30.84 -20.05 35.40
C LEU A 182 31.85 -18.97 35.73
N VAL A 183 31.38 -17.72 35.65
CA VAL A 183 32.13 -16.52 35.97
C VAL A 183 31.47 -15.87 37.19
N ASP A 184 32.26 -15.72 38.27
CA ASP A 184 31.81 -15.23 39.56
C ASP A 184 32.44 -13.87 39.78
N LEU A 185 31.60 -12.85 40.06
CA LEU A 185 32.01 -11.46 40.01
C LEU A 185 31.81 -10.79 41.36
N PRO A 186 32.89 -10.60 42.14
CA PRO A 186 32.82 -9.81 43.37
C PRO A 186 32.24 -8.43 43.05
N PHE A 187 31.35 -7.95 43.94
CA PHE A 187 30.68 -6.67 43.77
C PHE A 187 31.68 -5.56 43.45
N ASP A 188 32.77 -5.46 44.23
CA ASP A 188 33.73 -4.35 44.08
C ASP A 188 34.42 -4.45 42.72
N VAL A 189 34.63 -5.67 42.23
CA VAL A 189 35.24 -5.92 40.93
C VAL A 189 34.28 -5.41 39.82
N GLN A 190 32.99 -5.64 39.98
CA GLN A 190 32.00 -5.24 39.00
C GLN A 190 31.99 -3.71 38.80
N VAL A 191 32.02 -2.94 39.90
CA VAL A 191 31.80 -1.51 39.86
C VAL A 191 33.07 -0.72 39.61
N ALA A 192 34.26 -1.30 39.86
CA ALA A 192 35.50 -0.59 39.62
C ALA A 192 35.61 -0.17 38.16
N GLU A 193 36.22 1.00 37.94
CA GLU A 193 36.42 1.53 36.60
C GLU A 193 37.68 0.94 35.97
N ILE A 194 37.60 0.62 34.68
CA ILE A 194 38.77 0.25 33.89
C ILE A 194 38.72 1.09 32.62
N GLU A 195 39.82 1.06 31.86
CA GLU A 195 39.84 1.64 30.53
C GLU A 195 39.64 0.51 29.53
N PHE A 196 38.64 0.66 28.67
CA PHE A 196 38.29 -0.40 27.74
C PHE A 196 37.90 0.23 26.41
N ASP A 197 38.48 -0.27 25.33
CA ASP A 197 38.18 0.23 23.99
C ASP A 197 37.46 -0.90 23.26
N PRO A 198 36.12 -0.80 23.15
CA PRO A 198 35.34 -1.85 22.50
C PRO A 198 35.80 -2.13 21.07
N ASP A 199 36.28 -1.11 20.34
CA ASP A 199 36.70 -1.24 18.96
C ASP A 199 37.92 -2.17 18.85
N MET A 200 38.71 -2.32 19.94
CA MET A 200 39.88 -3.18 19.91
C MET A 200 39.57 -4.61 20.36
N TYR A 201 38.32 -4.90 20.78
CA TYR A 201 38.01 -6.23 21.28
C TYR A 201 37.75 -7.17 20.12
N GLU A 202 38.39 -8.34 20.11
CA GLU A 202 38.15 -9.38 19.13
C GLU A 202 38.01 -10.74 19.81
N PRO A 203 36.96 -11.53 19.51
CA PRO A 203 36.86 -12.89 20.02
C PRO A 203 38.15 -13.64 19.69
N LEU A 204 38.48 -14.65 20.51
CA LEU A 204 39.65 -15.47 20.24
C LEU A 204 39.30 -16.50 19.16
N PRO A 205 40.32 -17.12 18.52
CA PRO A 205 40.11 -18.26 17.63
C PRO A 205 39.60 -19.45 18.44
N VAL A 206 38.86 -20.31 17.73
CA VAL A 206 38.29 -21.53 18.27
C VAL A 206 39.21 -22.71 17.88
N TYR A 207 39.59 -23.54 18.85
CA TYR A 207 40.42 -24.72 18.61
C TYR A 207 39.49 -25.88 18.29
N LYS A 208 39.69 -26.46 17.10
CA LYS A 208 39.02 -27.71 16.71
C LYS A 208 40.03 -28.56 15.95
N PRO A 209 40.43 -29.76 16.44
CA PRO A 209 41.28 -30.63 15.61
C PRO A 209 40.49 -31.16 14.40
N ALA A 210 41.22 -31.42 13.30
CA ALA A 210 40.68 -31.92 12.05
C ALA A 210 41.46 -33.18 11.65
N ALA A 211 40.73 -34.25 11.27
CA ALA A 211 41.30 -35.48 10.73
C ALA A 211 42.15 -35.21 9.49
N SER A 212 43.27 -35.92 9.38
CA SER A 212 44.09 -35.91 8.17
C SER A 212 43.40 -36.75 7.09
N ARG A 213 43.75 -36.52 5.82
CA ARG A 213 43.30 -37.37 4.72
C ARG A 213 43.71 -38.83 5.01
N MET A 214 44.91 -39.07 5.56
CA MET A 214 45.35 -40.44 5.80
C MET A 214 44.41 -41.17 6.76
N GLN A 215 43.94 -40.49 7.81
CA GLN A 215 42.99 -41.09 8.76
C GLN A 215 41.69 -41.47 8.02
N ILE A 216 41.17 -40.53 7.24
CA ILE A 216 39.85 -40.67 6.62
C ILE A 216 39.90 -41.76 5.55
N GLU A 217 41.02 -41.86 4.81
CA GLU A 217 41.16 -42.88 3.79
C GLU A 217 41.15 -44.28 4.42
N LYS A 218 41.81 -44.46 5.59
CA LYS A 218 41.79 -45.74 6.28
C LYS A 218 40.35 -46.07 6.72
N ALA A 219 39.64 -45.09 7.26
CA ALA A 219 38.28 -45.29 7.71
C ALA A 219 37.37 -45.77 6.56
N VAL A 220 37.51 -45.13 5.40
CA VAL A 220 36.67 -45.44 4.25
C VAL A 220 37.07 -46.81 3.68
N GLU A 221 38.36 -47.17 3.67
CA GLU A 221 38.82 -48.49 3.25
C GLU A 221 38.17 -49.57 4.13
N MET A 222 38.13 -49.34 5.46
CA MET A 222 37.53 -50.27 6.40
C MET A 222 36.02 -50.40 6.14
N LEU A 223 35.35 -49.28 5.90
CA LEU A 223 33.91 -49.25 5.61
C LEU A 223 33.58 -50.04 4.33
N ILE A 224 34.36 -49.82 3.26
CA ILE A 224 34.23 -50.55 2.00
C ILE A 224 34.33 -52.06 2.22
N GLN A 225 35.14 -52.53 3.18
CA GLN A 225 35.29 -53.96 3.43
C GLN A 225 34.19 -54.57 4.27
N ALA A 226 33.40 -53.76 4.99
CA ALA A 226 32.28 -54.28 5.75
C ALA A 226 31.18 -54.70 4.75
N GLU A 227 30.46 -55.77 5.09
CA GLU A 227 29.33 -56.25 4.32
C GLU A 227 28.01 -55.71 4.84
N ARG A 228 27.96 -55.37 6.14
CA ARG A 228 26.72 -54.96 6.80
C ARG A 228 27.02 -53.82 7.79
N PRO A 229 27.58 -52.70 7.30
CA PRO A 229 27.93 -51.58 8.18
C PRO A 229 26.71 -50.73 8.53
N VAL A 230 26.80 -50.05 9.66
CA VAL A 230 25.90 -48.96 10.02
C VAL A 230 26.77 -47.80 10.48
N ILE A 231 26.30 -46.56 10.24
CA ILE A 231 26.86 -45.35 10.83
C ILE A 231 26.06 -45.06 12.09
N VAL A 232 26.76 -44.84 13.22
CA VAL A 232 26.09 -44.36 14.43
C VAL A 232 26.47 -42.88 14.56
N ALA A 233 25.46 -42.03 14.35
CA ALA A 233 25.61 -40.58 14.24
C ALA A 233 25.20 -39.98 15.58
N GLY A 234 26.18 -39.37 16.28
CA GLY A 234 25.95 -38.90 17.63
C GLY A 234 25.74 -37.38 17.68
N GLY A 235 25.62 -36.89 18.90
CA GLY A 235 25.42 -35.48 19.19
C GLY A 235 26.54 -34.59 18.65
N GLY A 236 27.74 -35.17 18.48
CA GLY A 236 28.85 -34.39 17.95
C GLY A 236 28.56 -33.90 16.53
N VAL A 237 27.80 -34.68 15.75
CA VAL A 237 27.41 -34.28 14.41
C VAL A 237 26.58 -33.00 14.48
N ILE A 238 25.66 -32.95 15.45
CA ILE A 238 24.80 -31.78 15.62
C ILE A 238 25.60 -30.63 16.21
N ASN A 239 26.42 -30.93 17.21
CA ASN A 239 27.29 -29.93 17.81
C ASN A 239 28.12 -29.22 16.73
N ALA A 240 28.66 -29.99 15.76
CA ALA A 240 29.50 -29.47 14.69
C ALA A 240 28.72 -28.83 13.54
N ASP A 241 27.38 -28.84 13.63
CA ASP A 241 26.50 -28.33 12.58
C ASP A 241 26.76 -29.08 11.26
N ALA A 242 26.84 -30.42 11.32
CA ALA A 242 27.26 -31.20 10.17
C ALA A 242 26.18 -32.18 9.71
N ALA A 243 24.89 -31.93 10.01
CA ALA A 243 23.79 -32.86 9.66
C ALA A 243 23.72 -33.15 8.15
N ALA A 244 23.83 -32.10 7.32
CA ALA A 244 23.71 -32.24 5.87
C ALA A 244 24.85 -33.09 5.32
N LEU A 245 26.09 -32.90 5.86
CA LEU A 245 27.22 -33.71 5.43
C LEU A 245 27.05 -35.16 5.89
N LEU A 246 26.54 -35.38 7.11
CA LEU A 246 26.32 -36.74 7.60
C LEU A 246 25.40 -37.50 6.63
N GLN A 247 24.29 -36.86 6.24
CA GLN A 247 23.31 -37.46 5.33
C GLN A 247 23.94 -37.69 3.96
N GLN A 248 24.71 -36.70 3.45
CA GLN A 248 25.40 -36.82 2.18
C GLN A 248 26.33 -38.03 2.15
N PHE A 249 27.10 -38.24 3.24
CA PHE A 249 28.07 -39.34 3.33
C PHE A 249 27.35 -40.69 3.34
N ALA A 250 26.27 -40.79 4.12
CA ALA A 250 25.43 -41.99 4.18
C ALA A 250 24.85 -42.34 2.81
N GLU A 251 24.34 -41.31 2.10
CA GLU A 251 23.77 -41.47 0.76
C GLU A 251 24.84 -41.92 -0.25
N LEU A 252 26.03 -41.29 -0.23
CA LEU A 252 27.08 -41.68 -1.17
C LEU A 252 27.49 -43.13 -0.96
N THR A 253 27.52 -43.60 0.29
CA THR A 253 28.06 -44.91 0.60
C THR A 253 26.92 -45.94 0.66
N SER A 254 25.70 -45.45 0.69
CA SER A 254 24.55 -46.34 0.81
C SER A 254 24.60 -47.12 2.14
N VAL A 255 24.96 -46.41 3.23
CA VAL A 255 25.12 -47.04 4.53
C VAL A 255 24.00 -46.58 5.46
N PRO A 256 23.22 -47.52 6.05
CA PRO A 256 22.22 -47.17 7.06
C PRO A 256 22.77 -46.35 8.22
N VAL A 257 21.94 -45.45 8.76
CA VAL A 257 22.28 -44.53 9.82
C VAL A 257 21.37 -44.81 11.03
N ILE A 258 22.03 -45.07 12.17
CA ILE A 258 21.44 -45.17 13.50
C ILE A 258 21.86 -43.95 14.31
N PRO A 259 20.97 -42.96 14.50
CA PRO A 259 21.29 -41.84 15.38
C PRO A 259 21.28 -42.33 16.83
N THR A 260 22.21 -41.81 17.63
CA THR A 260 22.05 -41.87 19.07
C THR A 260 20.88 -40.96 19.45
N LEU A 261 20.41 -41.06 20.70
CA LEU A 261 19.37 -40.14 21.13
C LEU A 261 19.79 -38.69 20.90
N MET A 262 21.11 -38.39 21.06
CA MET A 262 21.62 -37.01 20.99
C MET A 262 21.89 -36.61 19.54
N GLY A 263 21.96 -37.61 18.65
CA GLY A 263 22.09 -37.40 17.21
C GLY A 263 20.77 -37.36 16.44
N TRP A 264 19.69 -37.70 17.15
CA TRP A 264 18.39 -37.87 16.54
C TRP A 264 17.98 -36.58 15.82
N GLY A 265 17.67 -36.72 14.53
CA GLY A 265 17.31 -35.58 13.71
C GLY A 265 18.39 -35.22 12.68
N CYS A 266 19.61 -35.75 12.84
CA CYS A 266 20.69 -35.35 11.94
C CYS A 266 20.54 -35.96 10.55
N ILE A 267 19.64 -36.95 10.43
CA ILE A 267 19.07 -37.42 9.18
C ILE A 267 17.56 -37.59 9.41
N PRO A 268 16.69 -37.18 8.47
CA PRO A 268 15.24 -37.25 8.71
C PRO A 268 14.76 -38.69 8.99
N ASP A 269 13.76 -38.83 9.87
CA ASP A 269 13.25 -40.16 10.21
C ASP A 269 12.63 -40.87 9.01
N ASP A 270 12.19 -40.13 7.99
CA ASP A 270 11.62 -40.73 6.78
C ASP A 270 12.67 -40.92 5.67
N HIS A 271 13.96 -40.73 5.94
CA HIS A 271 15.00 -41.04 4.97
C HIS A 271 15.10 -42.56 4.81
N GLU A 272 15.35 -43.03 3.60
CA GLU A 272 15.40 -44.45 3.34
C GLU A 272 16.59 -45.11 4.06
N LEU A 273 17.60 -44.35 4.50
CA LEU A 273 18.75 -44.93 5.20
C LEU A 273 18.62 -44.78 6.71
N MET A 274 17.56 -44.12 7.19
CA MET A 274 17.42 -43.97 8.64
C MET A 274 16.90 -45.29 9.19
N ALA A 275 17.72 -46.00 9.99
CA ALA A 275 17.47 -47.40 10.31
C ALA A 275 16.91 -47.59 11.72
N GLY A 276 16.64 -46.47 12.40
CA GLY A 276 16.09 -46.49 13.75
C GLY A 276 17.14 -46.16 14.80
N MET A 277 16.71 -46.17 16.08
CA MET A 277 17.60 -45.93 17.21
C MET A 277 17.82 -47.24 18.00
N VAL A 278 18.93 -47.24 18.75
CA VAL A 278 19.48 -48.41 19.42
C VAL A 278 19.62 -48.11 20.92
N GLY A 279 19.42 -49.16 21.75
CA GLY A 279 19.68 -49.03 23.17
C GLY A 279 18.72 -49.84 24.05
N LEU A 280 18.71 -49.48 25.35
CA LEU A 280 18.03 -50.27 26.35
C LEU A 280 16.62 -49.73 26.60
N GLN A 281 16.38 -48.46 26.23
CA GLN A 281 15.14 -47.75 26.52
C GLN A 281 14.66 -46.95 25.32
N THR A 282 15.35 -45.84 24.98
CA THR A 282 14.96 -45.00 23.86
C THR A 282 15.48 -45.60 22.54
N ALA A 283 14.79 -46.65 22.07
CA ALA A 283 15.31 -47.48 21.00
C ALA A 283 14.16 -48.23 20.36
N HIS A 284 14.43 -48.71 19.14
CA HIS A 284 13.43 -49.43 18.35
C HIS A 284 13.82 -50.90 18.28
N ARG A 285 12.82 -51.79 18.18
CA ARG A 285 13.04 -53.22 17.98
C ARG A 285 13.88 -53.40 16.72
N TYR A 286 13.56 -52.59 15.69
CA TYR A 286 14.24 -52.72 14.40
C TYR A 286 15.67 -52.16 14.47
N GLY A 287 15.85 -51.08 15.25
CA GLY A 287 17.18 -50.54 15.46
C GLY A 287 18.11 -51.55 16.13
N ASN A 288 17.65 -52.16 17.23
CA ASN A 288 18.45 -53.13 17.96
C ASN A 288 18.78 -54.31 17.05
N ALA A 289 17.79 -54.77 16.27
CA ALA A 289 17.96 -55.95 15.44
C ALA A 289 18.98 -55.65 14.32
N THR A 290 18.92 -54.43 13.78
CA THR A 290 19.87 -54.00 12.74
C THR A 290 21.30 -53.95 13.32
N LEU A 291 21.46 -53.37 14.51
CA LEU A 291 22.77 -53.24 15.15
C LEU A 291 23.36 -54.64 15.35
N LEU A 292 22.57 -55.54 15.93
CA LEU A 292 23.04 -56.90 16.22
C LEU A 292 23.35 -57.70 14.95
N ALA A 293 22.71 -57.37 13.80
CA ALA A 293 22.99 -58.01 12.51
C ALA A 293 24.17 -57.38 11.79
N SER A 294 24.62 -56.17 12.19
CA SER A 294 25.68 -55.47 11.49
C SER A 294 27.04 -56.10 11.79
N ASP A 295 28.03 -55.83 10.91
CA ASP A 295 29.42 -56.27 11.07
C ASP A 295 30.37 -55.07 11.23
N MET A 296 29.82 -53.85 11.30
CA MET A 296 30.63 -52.68 11.55
C MET A 296 29.75 -51.54 12.08
N VAL A 297 30.27 -50.86 13.12
CA VAL A 297 29.71 -49.61 13.61
C VAL A 297 30.71 -48.52 13.29
N PHE A 298 30.27 -47.60 12.40
CA PHE A 298 31.03 -46.42 12.04
C PHE A 298 30.53 -45.24 12.86
N GLY A 299 31.21 -44.95 13.98
CA GLY A 299 30.73 -43.98 14.96
C GLY A 299 31.29 -42.59 14.66
N ILE A 300 30.38 -41.62 14.51
CA ILE A 300 30.74 -40.25 14.18
C ILE A 300 30.10 -39.35 15.20
N GLY A 301 30.93 -38.77 16.08
CA GLY A 301 30.49 -37.82 17.09
C GLY A 301 29.58 -38.43 18.16
N ASN A 302 29.72 -39.73 18.39
CA ASN A 302 29.03 -40.48 19.42
C ASN A 302 30.04 -40.84 20.51
N ARG A 303 29.57 -41.50 21.60
CA ARG A 303 30.50 -41.89 22.67
C ARG A 303 30.13 -43.21 23.31
N PHE A 304 29.21 -43.99 22.67
CA PHE A 304 28.84 -45.32 23.18
C PHE A 304 28.36 -45.27 24.64
N ALA A 305 27.31 -44.48 24.91
CA ALA A 305 26.72 -44.39 26.24
C ALA A 305 26.20 -45.76 26.69
N ASN A 306 26.19 -46.00 28.01
CA ASN A 306 25.83 -47.32 28.51
C ASN A 306 24.37 -47.65 28.17
N ARG A 307 23.47 -46.66 28.16
CA ARG A 307 22.07 -46.95 27.80
C ARG A 307 21.86 -47.14 26.30
N HIS A 308 22.89 -46.81 25.50
CA HIS A 308 22.92 -47.13 24.07
C HIS A 308 23.47 -48.52 23.83
N THR A 309 24.51 -48.95 24.60
CA THR A 309 25.26 -50.18 24.29
C THR A 309 24.76 -51.42 25.04
N GLY A 310 24.22 -51.25 26.26
CA GLY A 310 24.27 -52.36 27.21
C GLY A 310 25.73 -52.76 27.46
N SER A 311 25.99 -54.05 27.68
CA SER A 311 27.36 -54.53 27.83
C SER A 311 28.10 -54.33 26.52
N VAL A 312 29.29 -53.70 26.60
CA VAL A 312 30.04 -53.39 25.38
C VAL A 312 30.48 -54.69 24.70
N GLU A 313 30.73 -55.77 25.46
CA GLU A 313 31.07 -57.07 24.87
C GLU A 313 30.01 -57.48 23.83
N LYS A 314 28.72 -57.32 24.18
CA LYS A 314 27.62 -57.70 23.29
C LYS A 314 27.49 -56.69 22.16
N TYR A 315 27.62 -55.40 22.45
CA TYR A 315 27.54 -54.37 21.42
C TYR A 315 28.59 -54.55 20.32
N THR A 316 29.83 -54.93 20.67
CA THR A 316 30.92 -54.99 19.72
C THR A 316 31.14 -56.40 19.17
N GLU A 317 30.39 -57.41 19.62
CA GLU A 317 30.60 -58.79 19.17
C GLU A 317 30.49 -58.90 17.64
N GLY A 318 31.55 -59.35 16.97
CA GLY A 318 31.56 -59.59 15.53
C GLY A 318 31.58 -58.30 14.69
N ARG A 319 31.91 -57.16 15.31
CA ARG A 319 31.82 -55.87 14.63
C ARG A 319 33.13 -55.11 14.71
N LYS A 320 33.61 -54.63 13.57
CA LYS A 320 34.63 -53.57 13.56
C LYS A 320 33.99 -52.27 14.05
N ILE A 321 34.75 -51.48 14.82
CA ILE A 321 34.30 -50.21 15.40
C ILE A 321 35.26 -49.10 14.94
N VAL A 322 34.66 -48.09 14.32
CA VAL A 322 35.33 -46.82 14.02
C VAL A 322 34.70 -45.81 14.96
N HIS A 323 35.56 -44.94 15.52
CA HIS A 323 35.08 -43.91 16.43
C HIS A 323 35.79 -42.59 16.09
N ILE A 324 35.01 -41.61 15.60
CA ILE A 324 35.48 -40.25 15.37
C ILE A 324 34.91 -39.33 16.45
N ASP A 325 35.82 -38.66 17.19
CA ASP A 325 35.42 -37.81 18.30
C ASP A 325 36.38 -36.63 18.36
N ILE A 326 35.87 -35.43 18.74
CA ILE A 326 36.72 -34.25 18.85
C ILE A 326 37.67 -34.35 20.07
N GLU A 327 37.34 -35.21 21.05
CA GLU A 327 38.02 -35.30 22.33
C GLU A 327 38.83 -36.59 22.41
N PRO A 328 40.18 -36.52 22.43
CA PRO A 328 41.00 -37.73 22.45
C PRO A 328 40.61 -38.72 23.56
N THR A 329 40.31 -38.21 24.77
CA THR A 329 40.16 -39.09 25.93
C THR A 329 38.74 -39.67 25.98
N GLN A 330 37.92 -39.40 24.93
CA GLN A 330 36.66 -40.10 24.75
C GLN A 330 36.87 -41.39 23.96
N ILE A 331 38.03 -41.53 23.31
CA ILE A 331 38.26 -42.63 22.40
C ILE A 331 38.98 -43.74 23.16
N GLY A 332 38.29 -44.86 23.41
CA GLY A 332 38.82 -45.95 24.24
C GLY A 332 38.37 -45.87 25.70
N ARG A 333 37.42 -44.97 25.99
CA ARG A 333 36.97 -44.73 27.36
C ARG A 333 36.08 -45.88 27.85
N VAL A 334 35.18 -46.36 26.98
CA VAL A 334 34.23 -47.42 27.33
C VAL A 334 34.38 -48.63 26.42
N LEU A 335 34.83 -48.45 25.17
CA LEU A 335 35.22 -49.59 24.34
C LEU A 335 36.41 -49.24 23.46
N CYS A 336 37.12 -50.28 23.06
CA CYS A 336 38.32 -50.16 22.24
CA CYS A 336 38.31 -50.13 22.24
C CYS A 336 37.91 -50.11 20.77
N PRO A 337 38.01 -48.98 20.02
CA PRO A 337 37.72 -49.02 18.58
C PRO A 337 38.85 -49.69 17.80
N ASP A 338 38.52 -50.28 16.65
CA ASP A 338 39.52 -50.76 15.71
C ASP A 338 40.26 -49.57 15.10
N LEU A 339 39.58 -48.42 14.97
CA LEU A 339 40.20 -47.20 14.47
C LEU A 339 39.50 -46.00 15.13
N GLY A 340 40.31 -45.24 15.89
CA GLY A 340 39.87 -44.02 16.53
C GLY A 340 40.55 -42.81 15.91
N ILE A 341 39.75 -41.79 15.60
CA ILE A 341 40.23 -40.59 14.91
C ILE A 341 39.76 -39.38 15.72
N VAL A 342 40.73 -38.53 16.06
CA VAL A 342 40.46 -37.27 16.73
C VAL A 342 40.10 -36.20 15.71
N SER A 343 38.83 -35.77 15.69
CA SER A 343 38.42 -34.76 14.72
C SER A 343 37.08 -34.13 15.10
N ASP A 344 36.98 -32.82 14.82
CA ASP A 344 35.68 -32.17 14.66
C ASP A 344 34.87 -32.97 13.63
N ALA A 345 33.58 -33.18 13.88
CA ALA A 345 32.72 -33.99 13.00
C ALA A 345 32.50 -33.31 11.65
N LYS A 346 32.45 -31.97 11.60
CA LYS A 346 32.29 -31.29 10.31
C LYS A 346 33.56 -31.46 9.47
N ALA A 347 34.74 -31.23 10.07
CA ALA A 347 36.00 -31.42 9.37
C ALA A 347 36.09 -32.86 8.84
N ALA A 348 35.78 -33.83 9.71
CA ALA A 348 35.83 -35.24 9.36
C ALA A 348 34.87 -35.56 8.19
N LEU A 349 33.62 -35.09 8.31
CA LEU A 349 32.61 -35.39 7.31
C LEU A 349 32.88 -34.72 5.95
N THR A 350 33.45 -33.51 5.95
CA THR A 350 33.89 -32.88 4.73
C THR A 350 34.81 -33.80 3.95
N LEU A 351 35.86 -34.32 4.63
CA LEU A 351 36.83 -35.22 4.05
C LEU A 351 36.21 -36.60 3.75
N LEU A 352 35.32 -37.12 4.60
CA LEU A 352 34.67 -38.40 4.30
C LEU A 352 33.86 -38.35 3.00
N VAL A 353 33.14 -37.22 2.78
CA VAL A 353 32.38 -37.00 1.55
C VAL A 353 33.31 -36.92 0.35
N GLU A 354 34.39 -36.15 0.46
CA GLU A 354 35.35 -35.96 -0.62
C GLU A 354 36.01 -37.30 -0.99
N VAL A 355 36.46 -38.07 0.01
CA VAL A 355 37.06 -39.38 -0.23
C VAL A 355 36.02 -40.35 -0.81
N ALA A 356 34.78 -40.38 -0.28
CA ALA A 356 33.71 -41.23 -0.81
C ALA A 356 33.42 -40.93 -2.28
N GLN A 357 33.42 -39.64 -2.67
CA GLN A 357 33.27 -39.22 -4.06
C GLN A 357 34.38 -39.74 -4.95
N GLU A 358 35.63 -39.68 -4.47
CA GLU A 358 36.77 -40.23 -5.20
C GLU A 358 36.61 -41.75 -5.36
N MET A 359 36.17 -42.45 -4.31
CA MET A 359 35.98 -43.89 -4.35
C MET A 359 34.86 -44.26 -5.34
N GLN A 360 33.79 -43.43 -5.37
CA GLN A 360 32.66 -43.64 -6.27
C GLN A 360 33.10 -43.49 -7.72
N LYS A 361 33.84 -42.43 -8.02
CA LYS A 361 34.35 -42.16 -9.35
C LYS A 361 35.31 -43.27 -9.78
N ALA A 362 36.05 -43.88 -8.83
CA ALA A 362 36.93 -44.99 -9.18
C ALA A 362 36.20 -46.34 -9.22
N GLY A 363 34.87 -46.35 -9.01
CA GLY A 363 34.08 -47.58 -8.98
C GLY A 363 34.42 -48.49 -7.80
N ARG A 364 34.80 -47.94 -6.64
CA ARG A 364 35.32 -48.75 -5.54
C ARG A 364 34.33 -48.85 -4.37
N LEU A 365 33.22 -48.11 -4.42
CA LEU A 365 32.20 -48.21 -3.38
C LEU A 365 31.28 -49.39 -3.68
N PRO A 366 31.11 -50.39 -2.78
CA PRO A 366 30.21 -51.50 -3.05
C PRO A 366 28.74 -51.07 -3.05
N CSO A 367 27.92 -51.83 -3.78
CA CSO A 367 26.47 -51.65 -3.83
CB CSO A 367 25.98 -52.25 -5.14
SG CSO A 367 24.20 -52.55 -5.28
C CSO A 367 25.90 -52.33 -2.59
O CSO A 367 26.32 -53.42 -2.27
OD CSO A 367 23.58 -51.02 -5.46
H CSO A 367 28.28 -52.50 -4.28
HA CSO A 367 26.28 -50.69 -3.82
HB2 CSO A 367 26.45 -53.10 -5.29
HB3 CSO A 367 26.25 -51.65 -5.88
HD CSO A 367 22.89 -51.02 -5.47
N ARG A 368 24.97 -51.69 -1.87
CA ARG A 368 24.53 -52.25 -0.60
C ARG A 368 23.02 -52.48 -0.57
N LYS A 369 22.41 -52.73 -1.75
CA LYS A 369 20.97 -52.88 -1.87
C LYS A 369 20.40 -53.94 -0.93
N GLU A 370 21.04 -55.12 -0.86
CA GLU A 370 20.52 -56.19 -0.02
C GLU A 370 20.55 -55.86 1.47
N TRP A 371 21.65 -55.26 1.97
CA TRP A 371 21.75 -54.92 3.38
C TRP A 371 20.75 -53.82 3.73
N VAL A 372 20.67 -52.79 2.87
CA VAL A 372 19.72 -51.69 3.06
C VAL A 372 18.28 -52.24 3.05
N ALA A 373 17.95 -53.11 2.09
CA ALA A 373 16.64 -53.76 2.04
C ALA A 373 16.33 -54.51 3.34
N ASP A 374 17.30 -55.30 3.84
CA ASP A 374 17.15 -56.01 5.11
C ASP A 374 16.84 -55.05 6.26
N CYS A 375 17.55 -53.90 6.34
CA CYS A 375 17.31 -52.94 7.41
C CYS A 375 15.90 -52.35 7.35
N GLN A 376 15.44 -52.04 6.13
CA GLN A 376 14.11 -51.46 5.87
C GLN A 376 13.01 -52.47 6.16
N GLN A 377 13.22 -53.75 5.82
CA GLN A 377 12.29 -54.83 6.17
C GLN A 377 12.07 -54.96 7.69
N ARG A 378 13.14 -54.86 8.51
CA ARG A 378 12.99 -54.88 9.96
C ARG A 378 12.17 -53.67 10.44
N LYS A 379 12.42 -52.51 9.81
CA LYS A 379 11.77 -51.26 10.14
C LYS A 379 10.26 -51.26 9.83
N ARG A 380 9.90 -52.09 8.88
CA ARG A 380 8.53 -52.31 8.44
C ARG A 380 7.73 -53.25 9.35
N THR A 381 8.43 -54.21 10.03
CA THR A 381 7.79 -55.34 10.71
C THR A 381 7.93 -55.26 12.24
N LEU A 382 9.05 -54.75 12.78
CA LEU A 382 9.36 -54.92 14.20
C LEU A 382 8.89 -53.70 14.99
N LEU A 383 7.55 -53.61 15.15
CA LEU A 383 6.94 -52.38 15.66
C LEU A 383 6.33 -52.63 17.04
N ARG A 384 5.79 -51.53 17.61
CA ARG A 384 5.03 -51.53 18.84
C ARG A 384 3.68 -50.85 18.60
N LYS A 385 2.61 -51.43 19.15
CA LYS A 385 1.27 -50.86 18.98
C LYS A 385 1.15 -49.48 19.65
N THR A 386 0.53 -48.54 18.91
CA THR A 386 0.16 -47.21 19.42
C THR A 386 -1.35 -46.99 19.40
N HIS A 387 -2.09 -47.71 18.53
CA HIS A 387 -3.47 -47.32 18.29
C HIS A 387 -4.42 -48.00 19.27
N PHE A 388 -4.49 -47.46 20.49
CA PHE A 388 -5.33 -48.01 21.55
C PHE A 388 -6.52 -47.10 21.79
N ASP A 389 -7.73 -47.68 21.87
CA ASP A 389 -8.97 -46.95 22.12
C ASP A 389 -9.34 -47.01 23.61
N ASN A 390 -8.44 -47.54 24.45
CA ASN A 390 -8.67 -47.72 25.87
C ASN A 390 -8.91 -46.40 26.56
N VAL A 391 -9.75 -46.50 27.60
CA VAL A 391 -10.03 -45.49 28.61
C VAL A 391 -9.90 -46.21 29.95
N PRO A 392 -9.05 -45.78 30.89
CA PRO A 392 -8.16 -44.64 30.68
C PRO A 392 -7.11 -44.84 29.59
N VAL A 393 -6.51 -43.72 29.18
CA VAL A 393 -5.72 -43.64 27.95
C VAL A 393 -4.39 -44.38 28.14
N LYS A 394 -4.00 -45.09 27.09
CA LYS A 394 -2.66 -45.65 26.97
C LYS A 394 -1.71 -44.62 26.40
N PRO A 395 -0.54 -44.43 27.03
CA PRO A 395 0.39 -43.39 26.61
C PRO A 395 0.81 -43.50 25.14
N GLN A 396 0.96 -44.74 24.66
CA GLN A 396 1.37 -44.99 23.29
C GLN A 396 0.51 -44.19 22.30
N ARG A 397 -0.81 -44.14 22.57
CA ARG A 397 -1.77 -43.47 21.70
C ARG A 397 -1.51 -41.96 21.62
N VAL A 398 -0.98 -41.37 22.71
CA VAL A 398 -0.72 -39.94 22.75
C VAL A 398 0.31 -39.62 21.66
N TYR A 399 1.38 -40.42 21.59
CA TYR A 399 2.47 -40.19 20.64
C TYR A 399 1.99 -40.32 19.20
N GLU A 400 1.10 -41.29 18.93
CA GLU A 400 0.44 -41.40 17.63
C GLU A 400 -0.27 -40.10 17.26
N GLU A 401 -1.02 -39.55 18.23
CA GLU A 401 -1.82 -38.35 17.96
C GLU A 401 -0.90 -37.15 17.75
N MET A 402 0.23 -37.10 18.47
CA MET A 402 1.19 -36.02 18.30
C MET A 402 1.78 -36.06 16.90
N ASN A 403 2.18 -37.26 16.45
CA ASN A 403 2.71 -37.40 15.09
C ASN A 403 1.70 -36.90 14.05
N LYS A 404 0.42 -37.20 14.24
CA LYS A 404 -0.59 -36.76 13.27
C LYS A 404 -0.85 -35.27 13.38
N ALA A 405 -0.82 -34.66 14.59
CA ALA A 405 -1.29 -33.29 14.77
C ALA A 405 -0.22 -32.26 14.37
N PHE A 406 1.08 -32.56 14.56
CA PHE A 406 2.13 -31.59 14.33
C PHE A 406 2.77 -31.85 12.94
N GLY A 407 3.45 -30.85 12.41
CA GLY A 407 4.08 -30.97 11.10
C GLY A 407 5.46 -31.61 11.26
N ARG A 408 6.14 -31.78 10.12
CA ARG A 408 7.46 -32.38 10.13
C ARG A 408 8.44 -31.37 10.71
N ASP A 409 8.04 -30.10 10.88
CA ASP A 409 8.94 -29.07 11.45
C ASP A 409 8.81 -28.97 12.98
N VAL A 410 8.03 -29.87 13.58
CA VAL A 410 7.87 -29.89 15.04
C VAL A 410 9.23 -30.06 15.72
N CYS A 411 9.39 -29.40 16.86
CA CYS A 411 10.59 -29.44 17.69
C CYS A 411 10.18 -29.91 19.08
N TYR A 412 10.59 -31.13 19.47
CA TYR A 412 10.22 -31.71 20.74
C TYR A 412 11.29 -31.42 21.79
N VAL A 413 10.81 -31.13 23.00
CA VAL A 413 11.63 -30.87 24.18
C VAL A 413 11.15 -31.79 25.31
N THR A 414 12.06 -32.54 25.93
CA THR A 414 11.67 -33.48 26.99
C THR A 414 12.89 -33.80 27.85
N THR A 415 12.64 -34.53 28.95
CA THR A 415 13.66 -34.86 29.95
C THR A 415 13.82 -36.39 30.11
N ALA A 416 12.98 -36.99 30.96
CA ALA A 416 13.16 -38.37 31.43
C ALA A 416 11.87 -38.82 32.10
N GLY A 417 11.64 -40.13 32.05
CA GLY A 417 10.47 -40.80 32.57
C GLY A 417 9.90 -41.71 31.48
N LEU A 418 8.87 -42.48 31.82
CA LEU A 418 8.20 -43.29 30.80
C LEU A 418 7.64 -42.36 29.70
N SER A 419 7.23 -41.16 30.10
CA SER A 419 6.82 -40.08 29.21
C SER A 419 7.81 -39.89 28.05
N GLN A 420 9.09 -39.66 28.41
CA GLN A 420 10.17 -39.38 27.48
C GLN A 420 10.64 -40.66 26.77
N ILE A 421 10.70 -41.80 27.49
CA ILE A 421 11.21 -43.01 26.85
C ILE A 421 10.28 -43.43 25.73
N ALA A 422 8.97 -43.59 26.03
CA ALA A 422 7.99 -43.99 25.02
C ALA A 422 7.93 -42.93 23.92
N ALA A 423 8.05 -41.65 24.27
CA ALA A 423 8.11 -40.60 23.26
C ALA A 423 9.23 -40.88 22.24
N ALA A 424 10.42 -41.25 22.75
CA ALA A 424 11.57 -41.45 21.88
C ALA A 424 11.37 -42.70 21.04
N GLN A 425 10.59 -43.65 21.58
CA GLN A 425 10.27 -44.88 20.84
C GLN A 425 9.23 -44.67 19.73
N MET A 426 8.39 -43.63 19.85
CA MET A 426 7.14 -43.58 19.07
C MET A 426 6.92 -42.27 18.29
N LEU A 427 7.53 -41.15 18.72
CA LEU A 427 7.49 -39.91 17.96
C LEU A 427 8.51 -40.01 16.82
N HIS A 428 8.36 -39.11 15.83
CA HIS A 428 9.28 -38.92 14.73
C HIS A 428 9.72 -37.46 14.61
N VAL A 429 11.02 -37.32 14.26
CA VAL A 429 11.63 -36.02 14.01
C VAL A 429 12.36 -36.03 12.66
N PHE A 430 12.46 -34.84 12.03
CA PHE A 430 12.87 -34.73 10.63
C PHE A 430 14.00 -33.71 10.41
N LYS A 431 14.46 -33.02 11.47
CA LYS A 431 15.42 -31.92 11.32
C LYS A 431 16.33 -31.95 12.55
N ASP A 432 17.60 -31.53 12.38
CA ASP A 432 18.53 -31.51 13.51
C ASP A 432 18.15 -30.36 14.44
N ARG A 433 18.31 -30.62 15.75
CA ARG A 433 17.92 -29.69 16.81
C ARG A 433 16.38 -29.62 16.94
N HIS A 434 15.68 -30.70 16.51
CA HIS A 434 14.24 -30.84 16.73
C HIS A 434 13.92 -31.99 17.70
N TRP A 435 14.97 -32.60 18.28
CA TRP A 435 14.87 -33.33 19.52
C TRP A 435 15.83 -32.68 20.51
N ILE A 436 15.26 -31.98 21.51
CA ILE A 436 16.02 -31.25 22.51
C ILE A 436 15.80 -31.96 23.85
N ASN A 437 16.82 -32.68 24.32
CA ASN A 437 16.67 -33.61 25.43
C ASN A 437 18.01 -33.64 26.19
N CYS A 438 17.96 -33.54 27.54
CA CYS A 438 19.13 -33.65 28.41
C CYS A 438 19.45 -35.14 28.63
N GLY A 439 20.06 -35.77 27.62
CA GLY A 439 20.16 -37.23 27.58
C GLY A 439 21.01 -37.88 28.68
N GLN A 440 22.07 -37.21 29.16
CA GLN A 440 23.02 -37.84 30.05
C GLN A 440 22.64 -37.61 31.53
N ALA A 441 22.10 -36.42 31.86
CA ALA A 441 21.77 -36.08 33.26
C ALA A 441 20.27 -36.21 33.57
N GLY A 442 19.37 -35.88 32.64
CA GLY A 442 17.95 -36.08 32.86
C GLY A 442 17.40 -35.43 34.14
N PRO A 443 17.73 -34.15 34.47
CA PRO A 443 17.19 -33.51 35.65
C PRO A 443 15.70 -33.17 35.50
N LEU A 444 14.87 -33.73 36.39
CA LEU A 444 13.46 -33.40 36.40
C LEU A 444 13.28 -31.91 36.60
N GLY A 445 12.28 -31.33 35.92
CA GLY A 445 12.06 -29.90 35.93
C GLY A 445 12.66 -29.20 34.71
N TRP A 446 13.51 -29.91 33.95
CA TRP A 446 14.22 -29.29 32.84
C TRP A 446 13.27 -28.88 31.70
N THR A 447 12.13 -29.59 31.53
CA THR A 447 11.38 -29.51 30.28
C THR A 447 10.79 -28.11 30.04
N ILE A 448 10.04 -27.58 31.02
CA ILE A 448 9.38 -26.29 30.86
C ILE A 448 10.40 -25.21 30.55
N PRO A 449 11.42 -24.97 31.41
CA PRO A 449 12.37 -23.89 31.13
C PRO A 449 13.13 -24.12 29.83
N ALA A 450 13.54 -25.35 29.53
CA ALA A 450 14.29 -25.61 28.30
C ALA A 450 13.47 -25.22 27.08
N ALA A 451 12.17 -25.54 27.13
CA ALA A 451 11.27 -25.23 26.04
C ALA A 451 11.15 -23.72 25.86
N LEU A 452 10.99 -23.00 26.99
CA LEU A 452 10.94 -21.55 26.93
C LEU A 452 12.22 -21.00 26.32
N GLY A 453 13.37 -21.61 26.65
CA GLY A 453 14.66 -21.19 26.10
C GLY A 453 14.76 -21.42 24.59
N VAL A 454 14.25 -22.58 24.13
CA VAL A 454 14.20 -22.82 22.68
C VAL A 454 13.33 -21.77 22.00
N CYS A 455 12.16 -21.47 22.58
CA CYS A 455 11.25 -20.48 22.00
C CYS A 455 11.91 -19.10 21.91
N ALA A 456 12.62 -18.68 22.97
CA ALA A 456 13.36 -17.43 22.98
C ALA A 456 14.46 -17.43 21.91
N ALA A 457 15.14 -18.56 21.70
CA ALA A 457 16.14 -18.66 20.63
C ALA A 457 15.49 -18.51 19.25
N ASP A 458 14.29 -19.07 19.06
CA ASP A 458 13.68 -19.10 17.75
C ASP A 458 12.17 -18.98 17.90
N PRO A 459 11.64 -17.74 17.82
CA PRO A 459 10.20 -17.49 17.93
C PRO A 459 9.34 -18.07 16.81
N LYS A 460 9.95 -18.57 15.73
CA LYS A 460 9.19 -19.23 14.69
C LYS A 460 9.21 -20.75 14.86
N ARG A 461 9.95 -21.31 15.83
CA ARG A 461 10.02 -22.75 16.02
C ARG A 461 8.68 -23.25 16.62
N ASN A 462 8.26 -24.43 16.11
CA ASN A 462 7.05 -25.12 16.53
CA ASN A 462 7.04 -25.10 16.56
C ASN A 462 7.38 -26.07 17.68
N VAL A 463 7.45 -25.52 18.91
CA VAL A 463 7.92 -26.26 20.08
C VAL A 463 6.73 -26.96 20.75
N VAL A 464 6.93 -28.27 20.95
CA VAL A 464 6.04 -29.14 21.67
C VAL A 464 6.86 -29.88 22.72
N ALA A 465 6.51 -29.65 24.00
CA ALA A 465 7.19 -30.30 25.11
C ALA A 465 6.42 -31.57 25.49
N ILE A 466 7.12 -32.53 26.05
CA ILE A 466 6.52 -33.71 26.65
C ILE A 466 7.07 -33.88 28.05
N SER A 467 6.16 -34.00 29.03
CA SER A 467 6.45 -34.24 30.44
C SER A 467 5.47 -35.28 30.98
N GLY A 468 5.98 -36.11 31.91
CA GLY A 468 5.12 -36.75 32.90
C GLY A 468 4.75 -35.73 33.97
N ASP A 469 3.85 -36.16 34.87
CA ASP A 469 3.33 -35.29 35.90
C ASP A 469 4.44 -34.81 36.85
N PHE A 470 5.35 -35.71 37.25
CA PHE A 470 6.36 -35.36 38.25
C PHE A 470 7.35 -34.34 37.69
N ASP A 471 7.92 -34.61 36.50
CA ASP A 471 8.76 -33.66 35.77
C ASP A 471 8.05 -32.30 35.73
N PHE A 472 6.78 -32.30 35.35
CA PHE A 472 6.03 -31.06 35.12
C PHE A 472 5.88 -30.23 36.40
N GLN A 473 5.80 -30.92 37.56
CA GLN A 473 5.67 -30.28 38.87
C GLN A 473 6.96 -29.63 39.38
N PHE A 474 8.15 -30.21 39.10
CA PHE A 474 9.40 -29.72 39.71
C PHE A 474 9.55 -28.20 39.60
N LEU A 475 9.46 -27.71 38.34
CA LEU A 475 9.61 -26.29 38.03
C LEU A 475 8.35 -25.76 37.33
N ILE A 476 7.19 -26.12 37.88
CA ILE A 476 5.88 -25.79 37.30
C ILE A 476 5.68 -24.28 37.20
N GLU A 477 6.31 -23.52 38.13
CA GLU A 477 6.09 -22.08 38.22
C GLU A 477 6.61 -21.36 36.98
N GLU A 478 7.53 -22.01 36.25
CA GLU A 478 8.15 -21.40 35.07
C GLU A 478 7.10 -21.18 33.97
N LEU A 479 5.93 -21.81 34.08
CA LEU A 479 4.86 -21.52 33.15
C LEU A 479 4.52 -20.03 33.19
N ALA A 480 4.62 -19.40 34.37
CA ALA A 480 4.28 -17.98 34.52
C ALA A 480 5.29 -17.08 33.81
N VAL A 481 6.49 -17.59 33.52
CA VAL A 481 7.46 -16.86 32.72
C VAL A 481 6.92 -16.77 31.28
N GLY A 482 6.38 -17.90 30.78
CA GLY A 482 5.77 -17.92 29.47
C GLY A 482 4.57 -16.98 29.39
N ALA A 483 3.77 -16.91 30.47
CA ALA A 483 2.64 -16.00 30.55
C ALA A 483 3.08 -14.54 30.57
N GLN A 484 4.07 -14.21 31.41
CA GLN A 484 4.44 -12.81 31.57
C GLN A 484 5.08 -12.27 30.28
N PHE A 485 5.94 -13.09 29.65
CA PHE A 485 6.69 -12.67 28.46
C PHE A 485 5.97 -13.04 27.15
N ASN A 486 4.80 -13.67 27.22
CA ASN A 486 4.07 -14.13 26.03
C ASN A 486 4.97 -15.01 25.15
N ILE A 487 5.41 -16.15 25.69
CA ILE A 487 6.24 -17.11 24.99
C ILE A 487 5.37 -18.36 24.74
N PRO A 488 4.78 -18.49 23.54
CA PRO A 488 3.87 -19.62 23.27
C PRO A 488 4.58 -20.90 22.81
N TYR A 489 4.07 -22.02 23.34
CA TYR A 489 4.42 -23.37 22.91
C TYR A 489 3.33 -24.28 23.46
N ILE A 490 3.29 -25.53 22.97
CA ILE A 490 2.36 -26.54 23.49
C ILE A 490 3.12 -27.51 24.39
N HIS A 491 2.58 -27.74 25.60
CA HIS A 491 3.16 -28.67 26.54
C HIS A 491 2.23 -29.87 26.68
N VAL A 492 2.70 -31.03 26.21
CA VAL A 492 1.96 -32.26 26.40
C VAL A 492 2.33 -32.84 27.77
N LEU A 493 1.31 -33.07 28.59
CA LEU A 493 1.47 -33.56 29.95
C LEU A 493 0.74 -34.89 30.06
N VAL A 494 1.50 -35.98 30.24
CA VAL A 494 0.92 -37.31 30.31
C VAL A 494 0.96 -37.72 31.78
N ASN A 495 -0.25 -37.76 32.38
CA ASN A 495 -0.44 -37.85 33.82
C ASN A 495 -0.90 -39.25 34.24
N ASN A 496 -0.03 -39.98 34.96
CA ASN A 496 -0.36 -41.27 35.54
C ASN A 496 -0.40 -41.23 37.08
N ALA A 497 -0.28 -40.03 37.71
CA ALA A 497 -0.22 -39.85 39.15
C ALA A 497 0.84 -40.79 39.79
N TYR A 498 1.96 -40.90 39.10
CA TYR A 498 3.07 -41.80 39.44
C TYR A 498 4.42 -41.21 38.99
N LEU A 499 5.47 -41.59 39.72
CA LEU A 499 6.82 -41.66 39.19
C LEU A 499 6.89 -42.98 38.42
N GLY A 500 6.32 -43.00 37.19
CA GLY A 500 6.10 -44.25 36.47
C GLY A 500 7.40 -45.03 36.22
N LEU A 501 8.45 -44.36 35.73
CA LEU A 501 9.69 -45.07 35.44
C LEU A 501 10.26 -45.73 36.71
N ILE A 502 10.08 -45.08 37.87
CA ILE A 502 10.63 -45.60 39.12
C ILE A 502 9.79 -46.76 39.61
N ARG A 503 8.44 -46.66 39.49
CA ARG A 503 7.59 -47.81 39.74
C ARG A 503 8.10 -49.00 38.91
N GLN A 504 8.34 -48.78 37.61
CA GLN A 504 8.73 -49.90 36.75
C GLN A 504 10.09 -50.45 37.20
N SER A 505 11.07 -49.59 37.55
CA SER A 505 12.36 -50.08 38.00
C SER A 505 12.25 -50.86 39.32
N GLN A 506 11.19 -50.59 40.12
CA GLN A 506 11.02 -51.23 41.42
C GLN A 506 10.47 -52.65 41.31
N ARG A 507 10.05 -53.06 40.10
CA ARG A 507 9.58 -54.44 39.88
C ARG A 507 10.66 -55.45 40.26
N ALA A 508 11.94 -55.15 39.93
CA ALA A 508 13.09 -55.95 40.34
C ALA A 508 13.15 -56.13 41.86
N PHE A 509 12.53 -55.23 42.64
CA PHE A 509 12.55 -55.32 44.11
C PHE A 509 11.20 -55.80 44.63
N ASP A 510 10.29 -56.23 43.74
CA ASP A 510 8.96 -56.67 44.10
C ASP A 510 8.20 -55.68 45.00
N MET A 511 8.19 -54.43 44.59
CA MET A 511 7.55 -53.43 45.43
C MET A 511 7.07 -52.31 44.53
N ASP A 512 6.21 -51.51 45.14
CA ASP A 512 5.71 -50.26 44.57
C ASP A 512 5.63 -49.36 45.80
N TYR A 513 6.63 -48.49 45.96
CA TYR A 513 6.92 -47.88 47.25
C TYR A 513 7.45 -46.45 47.05
N CYS A 514 6.67 -45.45 47.55
CA CYS A 514 7.04 -44.05 47.60
C CYS A 514 7.11 -43.48 46.19
N VAL A 515 6.25 -43.98 45.27
CA VAL A 515 6.29 -43.52 43.89
C VAL A 515 4.93 -43.03 43.39
N GLN A 516 3.91 -43.03 44.27
CA GLN A 516 2.58 -42.58 43.88
C GLN A 516 2.37 -41.13 44.28
N LEU A 517 1.71 -40.36 43.38
CA LEU A 517 1.45 -38.94 43.61
C LEU A 517 -0.04 -38.66 43.78
N ALA A 518 -0.87 -39.71 43.77
CA ALA A 518 -2.32 -39.59 43.82
C ALA A 518 -2.79 -39.17 45.22
N PHE A 519 -3.90 -38.41 45.23
CA PHE A 519 -4.69 -38.08 46.41
C PHE A 519 -6.03 -37.49 45.93
N GLU A 520 -7.00 -37.55 46.84
CA GLU A 520 -8.32 -36.98 46.59
C GLU A 520 -8.20 -35.48 46.72
N ASN A 521 -8.26 -34.77 45.61
CA ASN A 521 -8.11 -33.32 45.61
C ASN A 521 -9.39 -32.66 46.14
N ILE A 522 -9.25 -31.96 47.28
CA ILE A 522 -10.40 -31.44 47.99
C ILE A 522 -11.07 -30.31 47.20
N ASN A 523 -10.38 -29.82 46.15
CA ASN A 523 -10.93 -28.77 45.30
C ASN A 523 -11.40 -29.27 43.94
N SER A 524 -11.12 -30.55 43.60
CA SER A 524 -11.38 -31.08 42.25
C SER A 524 -11.73 -32.58 42.29
N SER A 525 -13.00 -32.91 42.51
CA SER A 525 -13.44 -34.30 42.39
C SER A 525 -13.26 -34.80 40.95
N GLU A 526 -13.18 -33.89 39.96
CA GLU A 526 -13.11 -34.27 38.55
C GLU A 526 -11.75 -34.87 38.18
N VAL A 527 -10.69 -34.70 39.00
CA VAL A 527 -9.44 -35.41 38.73
C VAL A 527 -9.45 -36.85 39.30
N ASN A 528 -10.56 -37.27 39.93
CA ASN A 528 -10.79 -38.68 40.27
C ASN A 528 -9.62 -39.28 41.07
N GLY A 529 -9.11 -38.55 42.09
CA GLY A 529 -8.10 -39.13 42.95
C GLY A 529 -6.69 -39.08 42.37
N TYR A 530 -6.49 -38.36 41.24
CA TYR A 530 -5.17 -38.27 40.61
C TYR A 530 -4.28 -37.23 41.28
N GLY A 531 -4.81 -36.49 42.27
CA GLY A 531 -3.99 -35.53 42.99
C GLY A 531 -4.05 -34.12 42.40
N VAL A 532 -2.89 -33.63 41.96
CA VAL A 532 -2.75 -32.26 41.46
C VAL A 532 -3.68 -32.06 40.25
N ASP A 533 -4.40 -30.91 40.28
CA ASP A 533 -5.22 -30.41 39.19
C ASP A 533 -4.36 -29.46 38.34
N HIS A 534 -3.80 -30.00 37.26
CA HIS A 534 -2.82 -29.27 36.46
C HIS A 534 -3.47 -28.17 35.63
N VAL A 535 -4.77 -28.29 35.33
CA VAL A 535 -5.49 -27.23 34.62
C VAL A 535 -5.64 -25.99 35.49
N LYS A 536 -6.13 -26.17 36.75
CA LYS A 536 -6.20 -25.05 37.68
C LYS A 536 -4.82 -24.43 37.93
N VAL A 537 -3.77 -25.26 38.06
CA VAL A 537 -2.44 -24.71 38.35
C VAL A 537 -1.94 -23.88 37.15
N ALA A 538 -2.03 -24.48 35.95
CA ALA A 538 -1.59 -23.79 34.74
C ALA A 538 -2.36 -22.50 34.53
N GLU A 539 -3.68 -22.51 34.75
CA GLU A 539 -4.47 -21.32 34.56
C GLU A 539 -4.10 -20.27 35.60
N GLY A 540 -3.84 -20.73 36.84
CA GLY A 540 -3.43 -19.77 37.87
C GLY A 540 -2.12 -19.08 37.50
N LEU A 541 -1.20 -19.83 36.86
CA LEU A 541 0.07 -19.29 36.43
C LEU A 541 -0.04 -18.48 35.13
N GLY A 542 -1.26 -18.27 34.60
CA GLY A 542 -1.49 -17.33 33.50
C GLY A 542 -1.55 -17.98 32.11
N CYS A 543 -1.53 -19.33 32.08
CA CYS A 543 -1.49 -20.08 30.83
C CYS A 543 -2.85 -20.70 30.51
N LYS A 544 -2.94 -21.40 29.39
CA LYS A 544 -4.18 -22.10 29.05
C LYS A 544 -3.96 -23.60 29.21
N ALA A 545 -5.04 -24.37 29.42
CA ALA A 545 -4.89 -25.80 29.68
C ALA A 545 -6.17 -26.53 29.29
N ILE A 546 -6.00 -27.75 28.76
CA ILE A 546 -7.10 -28.62 28.34
C ILE A 546 -6.77 -30.00 28.90
N ARG A 547 -7.74 -30.63 29.57
CA ARG A 547 -7.63 -31.99 30.07
C ARG A 547 -8.43 -32.94 29.18
N VAL A 548 -7.82 -34.06 28.81
CA VAL A 548 -8.38 -35.10 27.96
C VAL A 548 -8.46 -36.43 28.73
N PHE A 549 -9.62 -37.09 28.70
CA PHE A 549 -9.81 -38.38 29.35
C PHE A 549 -9.92 -39.52 28.33
N LYS A 550 -10.30 -39.19 27.09
CA LYS A 550 -10.63 -40.21 26.09
C LYS A 550 -9.72 -40.04 24.89
N PRO A 551 -9.23 -41.15 24.29
CA PRO A 551 -8.24 -41.08 23.23
C PRO A 551 -8.73 -40.31 21.98
N GLU A 552 -10.02 -40.37 21.68
CA GLU A 552 -10.59 -39.66 20.53
C GLU A 552 -10.70 -38.13 20.77
N ASP A 553 -10.54 -37.66 22.03
CA ASP A 553 -10.50 -36.23 22.32
C ASP A 553 -9.09 -35.61 22.26
N ILE A 554 -8.03 -36.42 22.06
CA ILE A 554 -6.67 -35.90 21.99
C ILE A 554 -6.50 -35.00 20.76
N ALA A 555 -6.84 -35.50 19.55
CA ALA A 555 -6.65 -34.75 18.30
C ALA A 555 -7.34 -33.38 18.39
N PRO A 556 -8.65 -33.29 18.75
CA PRO A 556 -9.30 -31.98 18.85
C PRO A 556 -8.68 -31.05 19.92
N ALA A 557 -8.16 -31.63 21.00
CA ALA A 557 -7.46 -30.88 22.03
C ALA A 557 -6.22 -30.21 21.45
N PHE A 558 -5.44 -30.95 20.62
CA PHE A 558 -4.27 -30.38 19.95
C PHE A 558 -4.68 -29.25 19.01
N GLU A 559 -5.80 -29.38 18.30
CA GLU A 559 -6.25 -28.32 17.41
C GLU A 559 -6.66 -27.06 18.20
N GLN A 560 -7.36 -27.27 19.31
CA GLN A 560 -7.76 -26.20 20.18
C GLN A 560 -6.54 -25.51 20.80
N ALA A 561 -5.51 -26.28 21.16
CA ALA A 561 -4.30 -25.74 21.76
C ALA A 561 -3.60 -24.80 20.78
N LYS A 562 -3.56 -25.18 19.51
CA LYS A 562 -2.98 -24.30 18.51
C LYS A 562 -3.74 -22.99 18.41
N ALA A 563 -5.08 -23.07 18.46
CA ALA A 563 -5.90 -21.89 18.32
C ALA A 563 -5.69 -20.97 19.54
N LEU A 564 -5.65 -21.56 20.75
CA LEU A 564 -5.47 -20.78 21.97
C LEU A 564 -4.09 -20.10 21.97
N MET A 565 -3.05 -20.84 21.54
CA MET A 565 -1.71 -20.29 21.41
C MET A 565 -1.73 -19.03 20.54
N ALA A 566 -2.32 -19.13 19.35
CA ALA A 566 -2.34 -18.04 18.39
C ALA A 566 -3.07 -16.84 18.99
N GLN A 567 -4.18 -17.10 19.71
CA GLN A 567 -5.03 -16.06 20.25
C GLN A 567 -4.40 -15.35 21.47
N TYR A 568 -3.85 -16.13 22.43
CA TYR A 568 -3.39 -15.57 23.70
C TYR A 568 -1.86 -15.44 23.79
N ARG A 569 -1.10 -16.19 22.96
CA ARG A 569 0.36 -16.13 22.93
C ARG A 569 0.95 -16.40 24.32
N VAL A 570 0.54 -17.55 24.88
CA VAL A 570 1.06 -18.10 26.11
C VAL A 570 1.21 -19.61 25.93
N PRO A 571 1.94 -20.29 26.84
CA PRO A 571 1.97 -21.74 26.82
C PRO A 571 0.54 -22.29 26.94
N VAL A 572 0.30 -23.41 26.27
CA VAL A 572 -0.96 -24.16 26.37
C VAL A 572 -0.64 -25.60 26.75
N VAL A 573 -1.20 -26.05 27.90
CA VAL A 573 -0.93 -27.38 28.42
C VAL A 573 -2.05 -28.31 27.99
N VAL A 574 -1.71 -29.42 27.32
CA VAL A 574 -2.66 -30.49 27.05
C VAL A 574 -2.32 -31.67 27.94
N GLU A 575 -3.17 -31.87 28.96
CA GLU A 575 -3.02 -32.91 29.95
C GLU A 575 -3.87 -34.11 29.54
N VAL A 576 -3.20 -35.27 29.37
CA VAL A 576 -3.90 -36.51 29.08
C VAL A 576 -3.85 -37.35 30.37
N ILE A 577 -5.03 -37.78 30.80
CA ILE A 577 -5.15 -38.68 31.94
C ILE A 577 -4.89 -40.12 31.46
N LEU A 578 -3.75 -40.68 31.90
CA LEU A 578 -3.35 -42.02 31.50
C LEU A 578 -3.90 -43.03 32.49
N GLU A 579 -3.96 -44.30 32.04
CA GLU A 579 -3.99 -45.41 32.99
C GLU A 579 -2.81 -45.30 33.95
N ARG A 580 -3.01 -45.76 35.19
CA ARG A 580 -2.02 -45.55 36.26
C ARG A 580 -0.71 -46.25 35.93
N VAL A 581 -0.81 -47.47 35.35
CA VAL A 581 0.32 -48.38 35.23
C VAL A 581 0.40 -48.91 33.80
N THR A 582 1.52 -48.58 33.13
CA THR A 582 1.87 -49.09 31.82
C THR A 582 3.39 -49.37 31.83
N ASN A 583 3.77 -50.61 31.59
CA ASN A 583 5.20 -50.95 31.53
C ASN A 583 5.72 -50.73 30.10
N ILE A 584 6.63 -49.76 29.97
CA ILE A 584 7.21 -49.40 28.67
C ILE A 584 8.34 -50.39 28.35
N SER A 585 8.56 -50.69 27.06
CA SER A 585 9.56 -51.67 26.64
C SER A 585 10.99 -51.17 26.95
N MET A 586 11.80 -52.08 27.51
CA MET A 586 13.15 -51.78 27.96
C MET A 586 13.75 -53.07 28.49
N GLY A 587 15.09 -53.10 28.54
CA GLY A 587 15.81 -54.26 29.08
C GLY A 587 17.27 -53.89 29.37
N SER A 588 18.08 -54.87 29.73
CA SER A 588 19.46 -54.67 30.20
C SER A 588 20.50 -54.87 29.09
N GLU A 589 20.08 -55.43 27.94
CA GLU A 589 20.91 -55.63 26.77
C GLU A 589 20.08 -55.38 25.50
N LEU A 590 20.76 -55.16 24.37
CA LEU A 590 20.12 -54.96 23.08
C LEU A 590 19.23 -56.15 22.72
N ASP A 591 19.68 -57.36 23.09
CA ASP A 591 19.01 -58.59 22.71
C ASP A 591 18.05 -59.06 23.80
N ASN A 592 17.69 -58.18 24.73
CA ASN A 592 16.97 -58.56 25.93
C ASN A 592 15.87 -57.58 26.31
N VAL A 593 15.54 -56.65 25.42
CA VAL A 593 14.51 -55.66 25.66
C VAL A 593 13.16 -56.37 25.74
N MET A 594 12.47 -56.19 26.88
CA MET A 594 11.22 -56.88 27.13
C MET A 594 10.08 -56.03 26.56
N GLU A 595 9.20 -56.67 25.80
CA GLU A 595 8.00 -56.02 25.30
C GLU A 595 6.81 -56.38 26.20
N PHE A 596 6.36 -55.49 27.10
CA PHE A 596 5.27 -55.84 28.01
C PHE A 596 3.92 -55.57 27.33
N GLU A 597 3.82 -54.41 26.67
CA GLU A 597 2.64 -53.98 25.93
C GLU A 597 2.67 -54.63 24.55
N ASP A 598 1.54 -54.59 23.83
CA ASP A 598 1.40 -55.26 22.54
C ASP A 598 2.43 -54.69 21.56
N ILE A 599 3.15 -55.60 20.90
CA ILE A 599 3.93 -55.30 19.69
C ILE A 599 2.98 -55.18 18.49
N ALA A 600 3.52 -54.86 17.30
CA ALA A 600 2.75 -54.76 16.08
C ALA A 600 3.67 -55.15 14.91
N ASP A 601 3.08 -55.74 13.86
CA ASP A 601 3.78 -56.04 12.59
C ASP A 601 3.06 -55.42 11.38
N ASN A 602 2.08 -54.56 11.67
CA ASN A 602 1.22 -53.97 10.65
C ASN A 602 0.91 -52.53 11.03
N ALA A 603 0.59 -51.74 9.98
CA ALA A 603 0.44 -50.31 10.14
C ALA A 603 -0.82 -49.99 10.94
N ALA A 604 -1.90 -50.77 10.84
CA ALA A 604 -3.13 -50.41 11.55
C ALA A 604 -2.88 -50.19 13.05
N ASP A 605 -1.97 -50.99 13.64
CA ASP A 605 -1.63 -50.95 15.05
C ASP A 605 -0.62 -49.85 15.34
N ALA A 606 0.24 -49.53 14.35
CA ALA A 606 1.29 -48.52 14.49
C ALA A 606 1.30 -47.60 13.26
N PRO A 607 0.19 -46.83 13.08
CA PRO A 607 -0.07 -46.12 11.81
C PRO A 607 0.81 -44.90 11.50
N THR A 608 1.67 -44.45 12.46
CA THR A 608 2.47 -43.22 12.28
C THR A 608 3.96 -43.49 12.06
N GLU A 609 4.35 -44.77 11.89
CA GLU A 609 5.70 -45.08 11.41
C GLU A 609 5.83 -44.42 10.03
N THR A 610 7.05 -43.94 9.69
CA THR A 610 7.27 -43.14 8.49
C THR A 610 7.04 -44.00 7.23
N CYS A 611 7.21 -45.32 7.34
CA CYS A 611 6.96 -46.20 6.22
CA CYS A 611 6.95 -46.23 6.23
C CYS A 611 5.50 -46.12 5.74
N PHE A 612 4.59 -45.74 6.66
CA PHE A 612 3.15 -45.83 6.45
C PHE A 612 2.50 -44.46 6.32
N MET A 613 3.22 -43.40 6.73
CA MET A 613 2.63 -42.07 6.82
C MET A 613 3.59 -41.04 6.25
N HIS A 614 3.04 -40.13 5.42
CA HIS A 614 3.78 -39.03 4.83
C HIS A 614 3.75 -37.87 5.81
N TYR A 615 4.95 -37.40 6.23
CA TYR A 615 5.02 -36.27 7.16
C TYR A 615 5.23 -34.97 6.39
N GLU A 616 4.14 -34.19 6.36
CA GLU A 616 3.96 -32.80 5.98
C GLU A 616 3.72 -32.74 4.48
N ALA B 25 49.17 -54.58 15.63
CA ALA B 25 47.90 -54.70 16.38
C ALA B 25 48.22 -54.72 17.89
N LYS B 26 48.49 -55.89 18.48
CA LYS B 26 48.33 -56.08 19.92
C LYS B 26 49.65 -55.88 20.66
N MET B 27 49.64 -54.96 21.65
CA MET B 27 50.81 -54.71 22.49
C MET B 27 50.30 -54.17 23.83
N ARG B 28 51.19 -54.06 24.82
CA ARG B 28 50.79 -53.54 26.11
C ARG B 28 50.58 -52.04 25.96
N ALA B 29 49.72 -51.46 26.82
CA ALA B 29 49.52 -50.02 26.81
C ALA B 29 50.87 -49.28 26.90
N VAL B 30 51.82 -49.79 27.69
CA VAL B 30 53.09 -49.09 27.84
C VAL B 30 53.91 -49.17 26.53
N ASP B 31 53.74 -50.25 25.75
CA ASP B 31 54.43 -50.36 24.47
C ASP B 31 53.88 -49.32 23.50
N ALA B 32 52.53 -49.15 23.51
CA ALA B 32 51.90 -48.10 22.73
C ALA B 32 52.41 -46.73 23.16
N ALA B 33 52.57 -46.51 24.47
CA ALA B 33 53.09 -45.26 24.99
C ALA B 33 54.45 -44.90 24.41
N MET B 34 55.35 -45.90 24.27
CA MET B 34 56.68 -45.67 23.71
C MET B 34 56.57 -45.14 22.26
N TYR B 35 55.70 -45.75 21.43
CA TYR B 35 55.51 -45.25 20.08
C TYR B 35 54.98 -43.81 20.11
N VAL B 36 54.04 -43.49 21.04
CA VAL B 36 53.51 -42.14 21.12
C VAL B 36 54.67 -41.18 21.48
N LEU B 37 55.47 -41.51 22.49
CA LEU B 37 56.54 -40.63 22.91
C LEU B 37 57.54 -40.43 21.76
N GLU B 38 57.88 -41.50 21.04
CA GLU B 38 58.75 -41.41 19.87
C GLU B 38 58.20 -40.43 18.83
N LYS B 39 56.93 -40.63 18.45
CA LYS B 39 56.28 -39.79 17.44
C LYS B 39 56.16 -38.33 17.92
N GLU B 40 56.09 -38.11 19.23
CA GLU B 40 56.03 -36.77 19.80
C GLU B 40 57.43 -36.18 20.01
N GLY B 41 58.49 -36.89 19.62
CA GLY B 41 59.83 -36.32 19.55
C GLY B 41 60.68 -36.58 20.80
N ILE B 42 60.21 -37.41 21.75
CA ILE B 42 60.99 -37.70 22.96
C ILE B 42 62.17 -38.61 22.60
N THR B 43 63.35 -38.25 23.10
CA THR B 43 64.55 -39.08 22.93
C THR B 43 65.26 -39.33 24.27
N THR B 44 64.78 -38.66 25.34
CA THR B 44 65.47 -38.64 26.63
C THR B 44 64.45 -38.65 27.75
N ALA B 45 64.80 -39.36 28.84
CA ALA B 45 64.03 -39.35 30.06
C ALA B 45 64.97 -39.41 31.26
N PHE B 46 64.55 -38.77 32.35
CA PHE B 46 65.27 -38.75 33.61
C PHE B 46 64.36 -39.40 34.62
N GLY B 47 64.87 -40.32 35.46
CA GLY B 47 63.94 -41.02 36.30
C GLY B 47 64.58 -41.87 37.39
N VAL B 48 63.68 -42.46 38.20
CA VAL B 48 64.00 -43.46 39.19
C VAL B 48 62.94 -44.54 39.09
N PRO B 49 63.30 -45.77 38.69
CA PRO B 49 62.34 -46.85 38.65
C PRO B 49 61.89 -47.34 40.03
N GLY B 50 60.76 -48.04 40.02
CA GLY B 50 60.24 -48.78 41.17
C GLY B 50 59.27 -49.81 40.63
N ALA B 51 58.81 -50.69 41.51
CA ALA B 51 57.98 -51.81 41.11
C ALA B 51 56.77 -51.34 40.31
N ALA B 52 56.14 -50.24 40.70
CA ALA B 52 54.85 -49.80 40.13
C ALA B 52 55.02 -49.27 38.70
N ILE B 53 56.22 -48.80 38.32
CA ILE B 53 56.48 -48.23 37.00
C ILE B 53 57.38 -49.16 36.17
N ASN B 54 57.72 -50.34 36.68
CA ASN B 54 58.55 -51.30 35.93
C ASN B 54 57.97 -51.66 34.55
N PRO B 55 56.64 -51.82 34.34
CA PRO B 55 56.13 -52.13 33.00
C PRO B 55 56.56 -51.06 31.98
N PHE B 56 56.51 -49.78 32.38
CA PHE B 56 56.94 -48.69 31.51
C PHE B 56 58.44 -48.81 31.17
N TYR B 57 59.26 -49.10 32.20
CA TYR B 57 60.68 -49.29 31.98
C TYR B 57 60.92 -50.48 31.04
N SER B 58 60.20 -51.59 31.25
CA SER B 58 60.21 -52.74 30.35
C SER B 58 59.93 -52.34 28.89
N ALA B 59 58.90 -51.51 28.66
CA ALA B 59 58.53 -51.07 27.32
C ALA B 59 59.63 -50.19 26.72
N MET B 60 60.19 -49.28 27.54
CA MET B 60 61.28 -48.42 27.14
C MET B 60 62.52 -49.23 26.71
N ARG B 61 62.82 -50.30 27.44
CA ARG B 61 63.90 -51.20 27.06
C ARG B 61 63.63 -51.90 25.73
N LYS B 62 62.45 -52.50 25.54
CA LYS B 62 62.13 -53.19 24.30
C LYS B 62 62.20 -52.21 23.12
N HIS B 63 61.66 -51.01 23.30
CA HIS B 63 61.52 -50.06 22.19
C HIS B 63 62.89 -49.47 21.82
N GLY B 64 63.67 -49.03 22.81
CA GLY B 64 65.06 -48.67 22.57
C GLY B 64 65.24 -47.23 22.07
N GLY B 65 64.20 -46.41 21.87
CA GLY B 65 64.44 -45.09 21.29
C GLY B 65 64.76 -43.96 22.29
N ILE B 66 64.72 -44.25 23.61
CA ILE B 66 64.84 -43.23 24.64
C ILE B 66 66.05 -43.51 25.53
N ARG B 67 66.96 -42.54 25.63
CA ARG B 67 68.06 -42.58 26.57
C ARG B 67 67.55 -42.24 27.99
N HIS B 68 67.65 -43.19 28.94
CA HIS B 68 67.28 -42.97 30.32
C HIS B 68 68.49 -42.50 31.11
N ILE B 69 68.33 -41.46 31.94
CA ILE B 69 69.33 -41.05 32.90
C ILE B 69 68.76 -41.24 34.30
N LEU B 70 69.46 -42.08 35.07
CA LEU B 70 69.03 -42.44 36.43
C LEU B 70 69.49 -41.37 37.42
N ALA B 71 68.52 -40.71 38.07
CA ALA B 71 68.80 -39.69 39.07
C ALA B 71 69.05 -40.33 40.44
N ARG B 72 69.59 -39.52 41.37
CA ARG B 72 69.87 -39.99 42.72
C ARG B 72 68.97 -39.29 43.74
N HIS B 73 67.83 -38.81 43.23
CA HIS B 73 66.69 -38.27 43.97
C HIS B 73 65.62 -38.03 42.90
N VAL B 74 64.36 -38.42 43.16
CA VAL B 74 63.31 -38.15 42.20
C VAL B 74 63.24 -36.65 41.92
N GLU B 75 63.41 -35.82 42.94
CA GLU B 75 63.41 -34.37 42.73
C GLU B 75 64.46 -34.00 41.72
N GLY B 76 65.62 -34.67 41.78
CA GLY B 76 66.68 -34.42 40.82
C GLY B 76 66.25 -34.76 39.39
N ALA B 77 65.59 -35.92 39.20
CA ALA B 77 65.07 -36.24 37.86
C ALA B 77 64.12 -35.14 37.37
N SER B 78 63.31 -34.62 38.29
CA SER B 78 62.26 -33.68 37.90
C SER B 78 62.87 -32.36 37.46
N HIS B 79 63.98 -31.92 38.08
CA HIS B 79 64.61 -30.67 37.68
C HIS B 79 65.53 -30.86 36.48
N MET B 80 66.07 -32.07 36.28
CA MET B 80 66.71 -32.41 35.02
C MET B 80 65.75 -32.23 33.85
N ALA B 81 64.50 -32.72 34.01
CA ALA B 81 63.48 -32.57 32.99
C ALA B 81 63.26 -31.08 32.67
N GLU B 82 63.17 -30.23 33.72
CA GLU B 82 63.05 -28.79 33.55
C GLU B 82 64.21 -28.20 32.73
N GLY B 83 65.44 -28.56 33.09
CA GLY B 83 66.60 -28.04 32.37
C GLY B 83 66.59 -28.44 30.91
N TYR B 84 66.21 -29.70 30.64
CA TYR B 84 66.14 -30.24 29.29
C TYR B 84 65.13 -29.43 28.44
N THR B 85 63.97 -29.16 29.02
CA THR B 85 62.96 -28.39 28.32
C THR B 85 63.52 -27.00 27.98
N ARG B 86 64.17 -26.37 28.96
CA ARG B 86 64.53 -24.97 28.85
C ARG B 86 65.68 -24.75 27.88
N ALA B 87 66.48 -25.81 27.64
CA ALA B 87 67.68 -25.76 26.82
C ALA B 87 67.39 -25.35 25.38
N THR B 88 66.32 -25.93 24.78
CA THR B 88 66.13 -25.84 23.34
C THR B 88 64.63 -25.75 23.06
N ALA B 89 64.22 -24.79 22.21
CA ALA B 89 62.83 -24.63 21.81
C ALA B 89 62.27 -25.95 21.27
N GLY B 90 61.09 -26.36 21.76
CA GLY B 90 60.43 -27.59 21.32
C GLY B 90 60.68 -28.80 22.22
N ASN B 91 61.74 -28.71 23.05
CA ASN B 91 62.11 -29.81 23.94
C ASN B 91 61.05 -29.98 25.03
N ILE B 92 60.79 -31.24 25.42
CA ILE B 92 59.95 -31.51 26.57
C ILE B 92 60.67 -32.58 27.40
N GLY B 93 61.21 -32.14 28.53
CA GLY B 93 61.81 -33.07 29.49
C GLY B 93 60.77 -34.02 30.06
N VAL B 94 61.20 -35.28 30.25
CA VAL B 94 60.35 -36.34 30.78
C VAL B 94 60.99 -36.84 32.07
N CYS B 95 60.14 -36.95 33.12
CA CYS B 95 60.53 -37.40 34.44
C CYS B 95 59.68 -38.63 34.82
N LEU B 96 60.36 -39.76 35.12
CA LEU B 96 59.67 -40.99 35.46
C LEU B 96 59.86 -41.31 36.95
N GLY B 97 58.85 -41.90 37.57
CA GLY B 97 58.97 -42.37 38.94
C GLY B 97 57.93 -43.43 39.24
N THR B 98 58.10 -44.02 40.43
CA THR B 98 57.17 -45.04 40.89
C THR B 98 55.95 -44.39 41.55
N SER B 99 55.18 -45.17 42.32
CA SER B 99 53.98 -44.68 42.98
C SER B 99 54.39 -43.94 44.26
N GLY B 100 53.39 -43.44 44.98
CA GLY B 100 53.54 -42.97 46.34
C GLY B 100 54.47 -41.77 46.38
N PRO B 101 55.59 -41.87 47.12
CA PRO B 101 56.44 -40.68 47.34
C PRO B 101 57.20 -40.17 46.12
N ALA B 102 57.27 -40.95 45.04
CA ALA B 102 57.94 -40.46 43.84
C ALA B 102 57.15 -39.26 43.31
N GLY B 103 55.81 -39.43 43.20
CA GLY B 103 54.96 -38.34 42.71
C GLY B 103 55.02 -37.10 43.61
N THR B 104 55.01 -37.31 44.94
CA THR B 104 55.05 -36.19 45.87
C THR B 104 56.39 -35.49 45.76
N ASP B 105 57.45 -36.22 45.32
CA ASP B 105 58.76 -35.64 45.14
C ASP B 105 58.86 -34.87 43.83
N MET B 106 57.81 -34.92 42.99
CA MET B 106 57.83 -34.20 41.71
C MET B 106 57.06 -32.87 41.80
N ILE B 107 56.39 -32.63 42.92
CA ILE B 107 55.48 -31.49 43.01
C ILE B 107 56.26 -30.18 42.88
N THR B 108 57.44 -30.10 43.46
CA THR B 108 58.21 -28.86 43.40
C THR B 108 58.57 -28.51 41.96
N ALA B 109 59.00 -29.50 41.17
CA ALA B 109 59.27 -29.28 39.75
C ALA B 109 58.01 -28.89 38.96
N LEU B 110 56.87 -29.53 39.24
CA LEU B 110 55.65 -29.21 38.54
C LEU B 110 55.32 -27.74 38.80
N TYR B 111 55.40 -27.33 40.08
CA TYR B 111 55.25 -25.94 40.48
C TYR B 111 56.21 -25.03 39.70
N SER B 112 57.51 -25.29 39.71
CA SER B 112 58.50 -24.46 39.04
C SER B 112 58.21 -24.37 37.54
N ALA B 113 57.94 -25.51 36.89
CA ALA B 113 57.62 -25.53 35.47
C ALA B 113 56.36 -24.69 35.18
N SER B 114 55.26 -24.95 35.92
CA SER B 114 54.04 -24.15 35.80
C SER B 114 54.37 -22.68 35.93
N ALA B 115 55.10 -22.34 37.00
CA ALA B 115 55.33 -20.98 37.43
C ALA B 115 56.01 -20.17 36.33
N ASP B 116 56.91 -20.83 35.58
CA ASP B 116 57.67 -20.20 34.50
C ASP B 116 57.09 -20.44 33.09
N SER B 117 55.86 -21.00 32.99
CA SER B 117 55.15 -21.28 31.73
C SER B 117 55.97 -22.21 30.83
N ILE B 118 56.59 -23.26 31.41
CA ILE B 118 57.32 -24.23 30.61
C ILE B 118 56.82 -25.64 30.96
N PRO B 119 56.83 -26.56 29.97
CA PRO B 119 56.38 -27.93 30.20
C PRO B 119 57.45 -28.93 30.62
N ILE B 120 57.03 -29.84 31.54
CA ILE B 120 57.67 -31.14 31.69
C ILE B 120 56.55 -32.16 31.69
N LEU B 121 56.87 -33.41 31.26
CA LEU B 121 55.95 -34.52 31.37
C LEU B 121 56.45 -35.44 32.48
N CYS B 122 55.65 -35.53 33.55
CA CYS B 122 55.90 -36.47 34.63
C CYS B 122 55.00 -37.69 34.46
N ILE B 123 55.61 -38.87 34.58
CA ILE B 123 54.91 -40.15 34.53
C ILE B 123 55.18 -40.92 35.83
N THR B 124 54.09 -41.27 36.52
CA THR B 124 54.20 -42.04 37.75
C THR B 124 53.51 -43.39 37.58
N GLY B 125 54.10 -44.42 38.21
CA GLY B 125 53.38 -45.66 38.44
C GLY B 125 52.39 -45.51 39.57
N GLN B 126 51.42 -46.43 39.63
CA GLN B 126 50.33 -46.35 40.56
C GLN B 126 49.85 -47.76 40.87
N ALA B 127 49.19 -47.92 42.03
CA ALA B 127 48.55 -49.18 42.40
C ALA B 127 47.52 -49.56 41.34
N PRO B 128 47.17 -50.87 41.20
CA PRO B 128 46.12 -51.29 40.30
C PRO B 128 44.79 -50.58 40.65
N ARG B 129 43.95 -50.39 39.64
CA ARG B 129 42.71 -49.65 39.78
C ARG B 129 41.82 -50.15 40.92
N ALA B 130 41.63 -51.47 41.06
CA ALA B 130 40.75 -52.02 42.08
C ALA B 130 41.26 -51.76 43.50
N ARG B 131 42.49 -51.25 43.64
CA ARG B 131 43.13 -51.14 44.93
C ARG B 131 43.31 -49.66 45.33
N LEU B 132 42.81 -48.73 44.50
CA LEU B 132 43.09 -47.30 44.67
C LEU B 132 42.52 -46.68 45.98
N HIS B 133 41.44 -47.24 46.53
CA HIS B 133 40.84 -46.69 47.74
C HIS B 133 41.13 -47.57 48.97
N LYS B 134 42.10 -48.49 48.85
CA LYS B 134 42.29 -49.58 49.79
C LYS B 134 43.59 -49.41 50.59
N GLU B 135 44.20 -48.23 50.58
CA GLU B 135 45.45 -47.97 51.29
C GLU B 135 46.55 -48.96 50.92
N ASP B 136 46.60 -49.39 49.64
CA ASP B 136 47.73 -50.17 49.17
C ASP B 136 49.03 -49.44 49.47
N PHE B 137 50.09 -50.21 49.71
CA PHE B 137 51.44 -49.70 49.89
C PHE B 137 51.75 -48.66 48.82
N GLN B 138 52.23 -47.48 49.23
CA GLN B 138 52.63 -46.41 48.33
C GLN B 138 51.54 -45.97 47.33
N ALA B 139 50.25 -46.10 47.66
CA ALA B 139 49.21 -45.57 46.81
C ALA B 139 48.77 -44.21 47.35
N VAL B 140 48.91 -43.16 46.55
CA VAL B 140 48.53 -41.81 46.93
C VAL B 140 47.69 -41.15 45.83
N ASP B 141 46.85 -40.20 46.23
CA ASP B 141 46.02 -39.45 45.29
C ASP B 141 46.84 -38.33 44.64
N ILE B 142 47.79 -38.70 43.78
CA ILE B 142 48.69 -37.75 43.14
C ILE B 142 47.91 -36.84 42.19
N GLU B 143 46.77 -37.31 41.64
CA GLU B 143 45.92 -36.50 40.76
C GLU B 143 45.51 -35.23 41.52
N ALA B 144 45.04 -35.39 42.78
CA ALA B 144 44.54 -34.28 43.59
C ALA B 144 45.70 -33.38 44.01
N ILE B 145 46.87 -33.96 44.29
CA ILE B 145 47.98 -33.18 44.80
C ILE B 145 48.59 -32.30 43.73
N ALA B 146 48.68 -32.86 42.52
CA ALA B 146 49.36 -32.21 41.40
C ALA B 146 48.43 -31.27 40.62
N LYS B 147 47.11 -31.41 40.78
CA LYS B 147 46.14 -30.60 40.04
C LYS B 147 46.51 -29.11 40.10
N PRO B 148 46.81 -28.52 41.28
CA PRO B 148 47.06 -27.08 41.33
C PRO B 148 48.33 -26.62 40.63
N VAL B 149 49.26 -27.51 40.26
CA VAL B 149 50.53 -27.10 39.68
C VAL B 149 50.77 -27.79 38.32
N SER B 150 49.70 -28.10 37.60
CA SER B 150 49.80 -28.74 36.30
C SER B 150 48.66 -28.29 35.38
N LYS B 151 48.86 -28.34 34.05
CA LYS B 151 47.75 -28.13 33.12
C LYS B 151 46.84 -29.35 33.06
N MET B 152 47.38 -30.55 33.33
CA MET B 152 46.58 -31.74 33.49
C MET B 152 47.35 -32.67 34.42
N ALA B 153 46.63 -33.30 35.35
CA ALA B 153 47.15 -34.35 36.21
C ALA B 153 46.08 -35.44 36.25
N VAL B 154 46.40 -36.64 35.72
CA VAL B 154 45.35 -37.62 35.48
C VAL B 154 45.88 -39.04 35.81
N THR B 155 45.09 -39.80 36.57
CA THR B 155 45.22 -41.23 36.73
C THR B 155 44.44 -41.89 35.60
N VAL B 156 45.14 -42.61 34.73
CA VAL B 156 44.53 -43.19 33.54
C VAL B 156 43.81 -44.47 33.96
N ARG B 157 42.50 -44.56 33.63
CA ARG B 157 41.63 -45.57 34.19
C ARG B 157 41.38 -46.70 33.20
N GLU B 158 41.84 -46.59 31.94
CA GLU B 158 41.74 -47.68 30.98
C GLU B 158 43.03 -47.73 30.15
N ALA B 159 43.46 -48.94 29.82
CA ALA B 159 44.68 -49.15 29.02
C ALA B 159 44.58 -48.46 27.66
N ALA B 160 43.40 -48.52 27.03
CA ALA B 160 43.19 -47.95 25.69
C ALA B 160 43.36 -46.42 25.72
N LEU B 161 43.19 -45.78 26.89
CA LEU B 161 43.32 -44.33 27.00
C LEU B 161 44.76 -43.89 27.20
N VAL B 162 45.68 -44.82 27.51
CA VAL B 162 47.06 -44.41 27.75
C VAL B 162 47.58 -43.56 26.55
N PRO B 163 47.53 -44.05 25.29
CA PRO B 163 48.00 -43.23 24.16
C PRO B 163 47.23 -41.92 23.94
N ARG B 164 45.91 -41.92 24.24
CA ARG B 164 45.09 -40.73 24.11
C ARG B 164 45.40 -39.69 25.19
N VAL B 165 45.68 -40.13 26.41
CA VAL B 165 46.02 -39.17 27.44
C VAL B 165 47.37 -38.51 27.11
N LEU B 166 48.33 -39.29 26.58
CA LEU B 166 49.63 -38.75 26.21
C LEU B 166 49.46 -37.81 25.02
N GLN B 167 48.56 -38.16 24.09
CA GLN B 167 48.31 -37.33 22.92
C GLN B 167 47.79 -35.96 23.36
N GLN B 168 46.80 -35.97 24.27
CA GLN B 168 46.25 -34.75 24.84
C GLN B 168 47.31 -33.99 25.63
N ALA B 169 48.14 -34.71 26.39
CA ALA B 169 49.21 -34.10 27.16
C ALA B 169 50.11 -33.22 26.31
N PHE B 170 50.56 -33.73 25.15
CA PHE B 170 51.47 -32.98 24.29
C PHE B 170 50.76 -31.75 23.70
N HIS B 171 49.48 -31.88 23.30
CA HIS B 171 48.71 -30.72 22.91
C HIS B 171 48.75 -29.63 24.00
N LEU B 172 48.48 -30.03 25.25
CA LEU B 172 48.37 -29.06 26.34
C LEU B 172 49.72 -28.45 26.70
N MET B 173 50.78 -29.26 26.68
CA MET B 173 52.11 -28.75 27.02
C MET B 173 52.61 -27.70 25.99
N ARG B 174 52.16 -27.79 24.74
CA ARG B 174 52.65 -26.94 23.66
CA ARG B 174 52.65 -26.94 23.66
C ARG B 174 51.72 -25.74 23.44
N SER B 175 50.43 -25.86 23.85
CA SER B 175 49.40 -24.90 23.45
C SER B 175 49.22 -23.79 24.49
N GLY B 176 48.69 -22.64 24.02
CA GLY B 176 48.33 -21.56 24.92
C GLY B 176 49.55 -21.12 25.75
N ARG B 177 49.30 -20.84 27.03
CA ARG B 177 50.38 -20.70 28.00
C ARG B 177 50.93 -22.09 28.35
N PRO B 178 52.19 -22.45 27.98
CA PRO B 178 52.69 -23.79 28.22
C PRO B 178 52.76 -24.09 29.71
N GLY B 179 52.67 -25.39 30.00
CA GLY B 179 52.77 -25.84 31.38
C GLY B 179 52.90 -27.35 31.40
N PRO B 180 53.20 -27.92 32.58
CA PRO B 180 53.47 -29.34 32.70
C PRO B 180 52.25 -30.22 32.88
N VAL B 181 52.45 -31.52 32.67
CA VAL B 181 51.41 -32.52 32.80
C VAL B 181 51.98 -33.69 33.60
N LEU B 182 51.14 -34.23 34.48
CA LEU B 182 51.45 -35.49 35.15
C LEU B 182 50.47 -36.57 34.71
N VAL B 183 51.03 -37.72 34.29
CA VAL B 183 50.25 -38.90 33.89
C VAL B 183 50.60 -40.03 34.87
N ASP B 184 49.56 -40.54 35.53
CA ASP B 184 49.67 -41.52 36.59
C ASP B 184 49.07 -42.82 36.06
N LEU B 185 49.87 -43.90 36.09
CA LEU B 185 49.55 -45.14 35.37
C LEU B 185 49.39 -46.31 36.34
N PRO B 186 48.14 -46.74 36.64
CA PRO B 186 47.93 -47.94 37.43
C PRO B 186 48.64 -49.12 36.77
N PHE B 187 49.24 -49.97 37.60
CA PHE B 187 50.01 -51.11 37.14
C PHE B 187 49.24 -51.96 36.11
N ASP B 188 47.98 -52.30 36.43
CA ASP B 188 47.17 -53.17 35.58
C ASP B 188 46.90 -52.49 34.24
N VAL B 189 46.78 -51.15 34.27
CA VAL B 189 46.55 -50.35 33.06
C VAL B 189 47.79 -50.41 32.16
N GLN B 190 48.98 -50.39 32.76
CA GLN B 190 50.20 -50.41 32.00
C GLN B 190 50.36 -51.73 31.21
N VAL B 191 50.10 -52.86 31.86
CA VAL B 191 50.41 -54.19 31.32
C VAL B 191 49.31 -54.73 30.43
N ALA B 192 48.07 -54.21 30.50
CA ALA B 192 46.97 -54.71 29.66
C ALA B 192 47.28 -54.50 28.17
N GLU B 193 46.84 -55.46 27.35
CA GLU B 193 47.01 -55.38 25.91
C GLU B 193 45.91 -54.50 25.29
N ILE B 194 46.34 -53.71 24.29
CA ILE B 194 45.43 -52.92 23.48
C ILE B 194 45.83 -53.12 22.01
N GLU B 195 44.93 -52.72 21.10
CA GLU B 195 45.20 -52.64 19.67
C GLU B 195 45.74 -51.24 19.39
N PHE B 196 46.93 -51.13 18.81
CA PHE B 196 47.51 -49.83 18.54
C PHE B 196 48.30 -49.91 17.23
N ASP B 197 47.97 -49.02 16.28
CA ASP B 197 48.67 -48.92 15.01
C ASP B 197 49.56 -47.66 15.03
N PRO B 198 50.89 -47.81 15.22
CA PRO B 198 51.79 -46.67 15.26
C PRO B 198 51.70 -45.80 14.01
N ASP B 199 51.49 -46.43 12.85
CA ASP B 199 51.43 -45.69 11.59
C ASP B 199 50.23 -44.74 11.54
N MET B 200 49.17 -44.96 12.36
CA MET B 200 47.98 -44.12 12.30
C MET B 200 48.03 -43.02 13.37
N TYR B 201 49.08 -43.00 14.21
CA TYR B 201 49.16 -42.01 15.29
C TYR B 201 49.68 -40.69 14.73
N GLU B 202 48.99 -39.58 15.01
CA GLU B 202 49.44 -38.24 14.65
C GLU B 202 49.32 -37.29 15.83
N PRO B 203 50.36 -36.50 16.14
CA PRO B 203 50.27 -35.49 17.16
C PRO B 203 49.10 -34.57 16.82
N LEU B 204 48.45 -34.02 17.84
CA LEU B 204 47.38 -33.04 17.63
C LEU B 204 47.97 -31.69 17.22
N PRO B 205 47.15 -30.83 16.55
CA PRO B 205 47.51 -29.43 16.33
C PRO B 205 47.67 -28.71 17.66
N VAL B 206 48.50 -27.68 17.61
CA VAL B 206 48.87 -26.83 18.72
C VAL B 206 48.06 -25.55 18.59
N TYR B 207 47.35 -25.16 19.66
CA TYR B 207 46.57 -23.92 19.69
C TYR B 207 47.49 -22.78 20.14
N LYS B 208 47.60 -21.74 19.30
CA LYS B 208 48.28 -20.49 19.64
C LYS B 208 47.46 -19.37 19.02
N PRO B 209 46.87 -18.44 19.80
CA PRO B 209 46.19 -17.29 19.20
C PRO B 209 47.23 -16.37 18.54
N ALA B 210 46.86 -15.70 17.44
CA ALA B 210 47.69 -14.72 16.74
C ALA B 210 46.98 -13.36 16.76
N ALA B 211 47.74 -12.28 16.98
CA ALA B 211 47.21 -10.93 16.88
C ALA B 211 46.74 -10.64 15.46
N SER B 212 45.68 -9.84 15.33
CA SER B 212 45.25 -9.32 14.04
C SER B 212 46.13 -8.12 13.64
N ARG B 213 46.16 -7.83 12.34
CA ARG B 213 46.84 -6.63 11.84
C ARG B 213 46.29 -5.38 12.55
N MET B 214 44.96 -5.30 12.79
CA MET B 214 44.40 -4.11 13.42
C MET B 214 45.04 -3.86 14.79
N GLN B 215 45.22 -4.94 15.60
CA GLN B 215 45.80 -4.83 16.91
C GLN B 215 47.23 -4.27 16.81
N ILE B 216 48.01 -4.88 15.94
CA ILE B 216 49.45 -4.58 15.81
C ILE B 216 49.65 -3.16 15.28
N GLU B 217 48.79 -2.71 14.37
CA GLU B 217 48.88 -1.35 13.84
C GLU B 217 48.65 -0.33 14.96
N LYS B 218 47.65 -0.58 15.83
CA LYS B 218 47.36 0.31 16.94
C LYS B 218 48.58 0.39 17.86
N ALA B 219 49.16 -0.78 18.15
CA ALA B 219 50.34 -0.89 18.99
C ALA B 219 51.47 -0.04 18.43
N VAL B 220 51.75 -0.15 17.14
CA VAL B 220 52.86 0.57 16.53
C VAL B 220 52.54 2.07 16.46
N GLU B 221 51.28 2.47 16.25
CA GLU B 221 50.91 3.88 16.27
C GLU B 221 51.19 4.46 17.66
N MET B 222 50.87 3.68 18.73
CA MET B 222 51.14 4.16 20.09
C MET B 222 52.65 4.29 20.33
N LEU B 223 53.42 3.30 19.86
CA LEU B 223 54.87 3.30 20.00
C LEU B 223 55.50 4.54 19.34
N ILE B 224 55.03 4.87 18.12
CA ILE B 224 55.48 6.01 17.32
C ILE B 224 55.25 7.32 18.08
N GLN B 225 54.16 7.44 18.84
CA GLN B 225 53.85 8.64 19.59
C GLN B 225 54.72 8.79 20.85
N ALA B 226 55.31 7.70 21.38
CA ALA B 226 56.13 7.79 22.58
C ALA B 226 57.44 8.52 22.26
N GLU B 227 57.94 9.31 23.20
CA GLU B 227 59.20 10.02 23.04
C GLU B 227 60.39 9.24 23.62
N ARG B 228 60.13 8.36 24.61
CA ARG B 228 61.17 7.62 25.31
C ARG B 228 60.66 6.21 25.62
N PRO B 229 60.29 5.41 24.58
CA PRO B 229 59.81 4.05 24.80
C PRO B 229 60.92 3.04 25.10
N VAL B 230 60.54 1.97 25.82
CA VAL B 230 61.37 0.77 25.92
C VAL B 230 60.48 -0.44 25.58
N ILE B 231 61.13 -1.49 25.03
CA ILE B 231 60.51 -2.80 24.88
C ILE B 231 60.92 -3.62 26.08
N VAL B 232 59.96 -4.21 26.79
CA VAL B 232 60.32 -5.17 27.85
C VAL B 232 60.03 -6.55 27.27
N ALA B 233 61.11 -7.29 27.02
CA ALA B 233 61.06 -8.57 26.31
C ALA B 233 61.11 -9.68 27.34
N GLY B 234 60.02 -10.44 27.45
CA GLY B 234 59.85 -11.44 28.50
C GLY B 234 60.14 -12.85 28.01
N GLY B 235 59.95 -13.80 28.94
CA GLY B 235 60.17 -15.21 28.67
C GLY B 235 59.29 -15.78 27.57
N GLY B 236 58.12 -15.15 27.33
CA GLY B 236 57.26 -15.50 26.20
C GLY B 236 57.95 -15.40 24.84
N VAL B 237 58.87 -14.42 24.69
CA VAL B 237 59.63 -14.24 23.45
C VAL B 237 60.46 -15.52 23.21
N ILE B 238 61.06 -16.04 24.28
CA ILE B 238 61.91 -17.22 24.19
C ILE B 238 61.06 -18.48 24.03
N ASN B 239 59.98 -18.55 24.80
CA ASN B 239 59.01 -19.63 24.68
C ASN B 239 58.58 -19.80 23.23
N ALA B 240 58.31 -18.69 22.55
CA ALA B 240 57.79 -18.69 21.19
C ALA B 240 58.89 -18.90 20.15
N ASP B 241 60.17 -18.93 20.61
CA ASP B 241 61.32 -19.06 19.74
C ASP B 241 61.42 -17.84 18.80
N ALA B 242 61.20 -16.61 19.33
CA ALA B 242 61.05 -15.41 18.52
C ALA B 242 62.15 -14.38 18.82
N ALA B 243 63.32 -14.81 19.33
CA ALA B 243 64.39 -13.89 19.71
C ALA B 243 64.86 -13.05 18.52
N ALA B 244 65.07 -13.69 17.34
CA ALA B 244 65.58 -12.96 16.19
C ALA B 244 64.60 -11.87 15.76
N LEU B 245 63.29 -12.18 15.77
CA LEU B 245 62.24 -11.21 15.41
C LEU B 245 62.16 -10.09 16.44
N LEU B 246 62.37 -10.41 17.74
CA LEU B 246 62.38 -9.37 18.77
C LEU B 246 63.48 -8.33 18.48
N GLN B 247 64.69 -8.82 18.23
CA GLN B 247 65.84 -7.97 17.91
C GLN B 247 65.58 -7.21 16.62
N GLN B 248 65.02 -7.86 15.60
CA GLN B 248 64.73 -7.17 14.35
C GLN B 248 63.75 -6.00 14.55
N PHE B 249 62.68 -6.25 15.32
CA PHE B 249 61.70 -5.20 15.60
C PHE B 249 62.34 -4.02 16.36
N ALA B 250 63.16 -4.33 17.38
CA ALA B 250 63.88 -3.29 18.13
C ALA B 250 64.78 -2.45 17.19
N GLU B 251 65.50 -3.15 16.30
CA GLU B 251 66.39 -2.50 15.35
C GLU B 251 65.62 -1.59 14.38
N LEU B 252 64.50 -2.07 13.82
CA LEU B 252 63.74 -1.27 12.85
C LEU B 252 63.20 -0.01 13.53
N THR B 253 62.80 -0.09 14.80
CA THR B 253 62.13 1.01 15.45
C THR B 253 63.13 1.85 16.24
N SER B 254 64.34 1.31 16.40
CA SER B 254 65.39 1.99 17.16
C SER B 254 64.95 2.14 18.62
N VAL B 255 64.35 1.08 19.19
CA VAL B 255 63.78 1.14 20.53
C VAL B 255 64.61 0.27 21.47
N PRO B 256 65.12 0.87 22.57
CA PRO B 256 65.87 0.12 23.57
C PRO B 256 65.07 -1.06 24.18
N VAL B 257 65.79 -2.16 24.45
CA VAL B 257 65.20 -3.39 24.94
C VAL B 257 65.74 -3.66 26.34
N ILE B 258 64.77 -3.88 27.25
CA ILE B 258 64.97 -4.36 28.60
C ILE B 258 64.41 -5.78 28.69
N PRO B 259 65.28 -6.80 28.72
CA PRO B 259 64.81 -8.15 28.99
C PRO B 259 64.38 -8.27 30.45
N THR B 260 63.30 -9.01 30.69
CA THR B 260 63.05 -9.53 32.03
C THR B 260 64.10 -10.60 32.31
N LEU B 261 64.16 -11.08 33.56
CA LEU B 261 65.13 -12.11 33.88
C LEU B 261 64.88 -13.35 33.00
N MET B 262 63.60 -13.60 32.67
CA MET B 262 63.25 -14.79 31.86
C MET B 262 63.38 -14.52 30.34
N GLY B 263 63.49 -13.26 29.93
CA GLY B 263 63.75 -12.91 28.54
C GLY B 263 65.23 -12.68 28.25
N TRP B 264 66.06 -12.72 29.30
CA TRP B 264 67.49 -12.42 29.21
C TRP B 264 68.13 -13.35 28.17
N GLY B 265 68.77 -12.72 27.18
CA GLY B 265 69.44 -13.44 26.12
C GLY B 265 68.69 -13.34 24.79
N CYS B 266 67.46 -12.83 24.80
CA CYS B 266 66.68 -12.80 23.57
C CYS B 266 67.21 -11.72 22.63
N ILE B 267 67.98 -10.76 23.18
CA ILE B 267 68.84 -9.86 22.42
C ILE B 267 70.22 -9.91 23.08
N PRO B 268 71.35 -9.93 22.33
CA PRO B 268 72.66 -10.04 22.98
C PRO B 268 72.93 -8.87 23.92
N ASP B 269 73.61 -9.15 25.04
CA ASP B 269 73.99 -8.09 25.98
C ASP B 269 74.92 -7.02 25.41
N ASP B 270 75.62 -7.32 24.29
CA ASP B 270 76.44 -6.33 23.61
C ASP B 270 75.73 -5.69 22.42
N HIS B 271 74.42 -5.88 22.29
CA HIS B 271 73.67 -5.14 21.28
C HIS B 271 73.58 -3.68 21.71
N GLU B 272 73.64 -2.74 20.73
CA GLU B 272 73.57 -1.33 21.06
C GLU B 272 72.21 -0.94 21.65
N LEU B 273 71.16 -1.75 21.41
CA LEU B 273 69.83 -1.45 21.96
C LEU B 273 69.54 -2.18 23.28
N MET B 274 70.44 -3.07 23.74
CA MET B 274 70.20 -3.74 25.01
C MET B 274 70.48 -2.76 26.16
N ALA B 275 69.43 -2.44 26.95
CA ALA B 275 69.49 -1.26 27.82
C ALA B 275 69.64 -1.66 29.28
N GLY B 276 69.78 -2.96 29.52
CA GLY B 276 69.93 -3.48 30.87
C GLY B 276 68.66 -4.18 31.35
N MET B 277 68.75 -4.73 32.57
CA MET B 277 67.63 -5.34 33.25
C MET B 277 67.13 -4.44 34.39
N VAL B 278 65.86 -4.67 34.73
CA VAL B 278 65.07 -3.86 35.64
C VAL B 278 64.60 -4.73 36.79
N GLY B 279 64.51 -4.11 37.97
CA GLY B 279 63.85 -4.76 39.11
C GLY B 279 64.48 -4.45 40.47
N LEU B 280 64.10 -5.27 41.46
CA LEU B 280 64.46 -5.03 42.85
C LEU B 280 65.77 -5.72 43.22
N GLN B 281 66.16 -6.75 42.45
CA GLN B 281 67.33 -7.57 42.76
C GLN B 281 68.17 -7.81 41.50
N THR B 282 67.66 -8.64 40.58
CA THR B 282 68.41 -9.03 39.37
C THR B 282 68.25 -7.94 38.34
N ALA B 283 68.95 -6.82 38.55
CA ALA B 283 68.71 -5.59 37.83
C ALA B 283 69.97 -4.74 37.88
N HIS B 284 70.03 -3.78 36.93
CA HIS B 284 71.11 -2.83 36.78
C HIS B 284 70.66 -1.45 37.25
N ARG B 285 71.59 -0.68 37.82
CA ARG B 285 71.31 0.71 38.11
C ARG B 285 70.87 1.44 36.84
N TYR B 286 71.53 1.14 35.70
CA TYR B 286 71.23 1.81 34.44
C TYR B 286 69.87 1.36 33.88
N GLY B 287 69.53 0.08 34.11
CA GLY B 287 68.25 -0.47 33.69
C GLY B 287 67.10 0.24 34.39
N ASN B 288 67.18 0.31 35.73
CA ASN B 288 66.14 0.97 36.53
C ASN B 288 66.02 2.46 36.17
N ALA B 289 67.17 3.14 36.00
CA ALA B 289 67.12 4.55 35.66
C ALA B 289 66.50 4.77 34.28
N THR B 290 66.80 3.91 33.30
CA THR B 290 66.20 3.98 31.96
C THR B 290 64.67 3.78 32.04
N LEU B 291 64.22 2.75 32.78
CA LEU B 291 62.79 2.50 32.94
C LEU B 291 62.11 3.74 33.52
N LEU B 292 62.66 4.28 34.62
CA LEU B 292 62.03 5.42 35.28
C LEU B 292 62.05 6.67 34.41
N ALA B 293 63.01 6.80 33.46
CA ALA B 293 63.03 7.94 32.52
C ALA B 293 62.07 7.74 31.33
N SER B 294 61.65 6.49 31.04
CA SER B 294 60.88 6.17 29.84
C SER B 294 59.45 6.72 29.99
N ASP B 295 58.74 6.88 28.85
CA ASP B 295 57.33 7.28 28.85
C ASP B 295 56.46 6.17 28.25
N MET B 296 57.03 4.98 27.96
CA MET B 296 56.27 3.83 27.49
C MET B 296 57.03 2.54 27.77
N VAL B 297 56.30 1.55 28.29
CA VAL B 297 56.75 0.16 28.32
C VAL B 297 55.93 -0.65 27.32
N PHE B 298 56.63 -1.17 26.29
CA PHE B 298 56.07 -2.03 25.27
C PHE B 298 56.42 -3.48 25.62
N GLY B 299 55.54 -4.15 26.37
CA GLY B 299 55.78 -5.46 26.94
C GLY B 299 55.37 -6.58 25.98
N ILE B 300 56.36 -7.41 25.63
CA ILE B 300 56.17 -8.55 24.72
C ILE B 300 56.56 -9.83 25.44
N GLY B 301 55.54 -10.66 25.73
CA GLY B 301 55.75 -11.97 26.34
C GLY B 301 56.26 -11.89 27.79
N ASN B 302 55.98 -10.76 28.47
CA ASN B 302 56.34 -10.55 29.86
C ASN B 302 55.04 -10.62 30.68
N ARG B 303 55.16 -10.48 32.02
CA ARG B 303 53.98 -10.50 32.88
C ARG B 303 54.10 -9.54 34.08
N PHE B 304 55.10 -8.64 34.09
CA PHE B 304 55.21 -7.63 35.15
C PHE B 304 55.26 -8.30 36.53
N ALA B 305 56.27 -9.16 36.72
CA ALA B 305 56.50 -9.83 38.01
C ALA B 305 56.79 -8.78 39.10
N ASN B 306 56.37 -9.08 40.35
CA ASN B 306 56.53 -8.09 41.42
C ASN B 306 58.02 -7.75 41.67
N ARG B 307 58.94 -8.71 41.47
CA ARG B 307 60.37 -8.42 41.67
C ARG B 307 60.98 -7.66 40.49
N HIS B 308 60.21 -7.51 39.40
CA HIS B 308 60.54 -6.66 38.27
C HIS B 308 60.01 -5.24 38.47
N THR B 309 58.78 -5.10 39.00
CA THR B 309 58.07 -3.83 39.03
C THR B 309 58.26 -3.05 40.33
N GLY B 310 58.42 -3.74 41.47
CA GLY B 310 58.06 -3.13 42.74
C GLY B 310 56.59 -2.74 42.71
N SER B 311 56.21 -1.63 43.36
CA SER B 311 54.81 -1.17 43.32
C SER B 311 54.46 -0.75 41.90
N VAL B 312 53.36 -1.32 41.38
CA VAL B 312 52.97 -1.09 40.00
C VAL B 312 52.66 0.39 39.78
N GLU B 313 52.15 1.09 40.81
CA GLU B 313 51.88 2.53 40.72
C GLU B 313 53.16 3.27 40.29
N LYS B 314 54.31 2.90 40.88
CA LYS B 314 55.58 3.56 40.58
C LYS B 314 56.08 3.10 39.20
N TYR B 315 55.99 1.79 38.91
CA TYR B 315 56.44 1.27 37.62
C TYR B 315 55.71 1.91 36.43
N THR B 316 54.39 2.18 36.56
CA THR B 316 53.59 2.74 35.46
C THR B 316 53.50 4.26 35.48
N GLU B 317 54.00 4.95 36.53
CA GLU B 317 53.81 6.40 36.63
C GLU B 317 54.36 7.09 35.38
N GLY B 318 53.51 7.83 34.66
CA GLY B 318 53.93 8.64 33.52
C GLY B 318 54.21 7.80 32.25
N ARG B 319 53.81 6.52 32.25
CA ARG B 319 54.14 5.64 31.13
C ARG B 319 52.88 5.00 30.53
N LYS B 320 52.78 5.01 29.20
CA LYS B 320 51.85 4.13 28.50
C LYS B 320 52.36 2.69 28.57
N ILE B 321 51.44 1.71 28.65
CA ILE B 321 51.78 0.29 28.81
C ILE B 321 51.08 -0.52 27.71
N VAL B 322 51.88 -1.23 26.90
CA VAL B 322 51.39 -2.22 25.97
C VAL B 322 51.80 -3.58 26.55
N HIS B 323 50.88 -4.55 26.45
CA HIS B 323 51.15 -5.90 26.95
C HIS B 323 50.65 -6.91 25.93
N ILE B 324 51.60 -7.66 25.33
CA ILE B 324 51.28 -8.77 24.44
C ILE B 324 51.62 -10.07 25.17
N ASP B 325 50.62 -10.97 25.29
CA ASP B 325 50.69 -12.19 26.05
C ASP B 325 49.81 -13.22 25.35
N ILE B 326 50.24 -14.49 25.32
CA ILE B 326 49.43 -15.57 24.73
C ILE B 326 48.20 -15.88 25.58
N GLU B 327 48.20 -15.51 26.86
CA GLU B 327 47.16 -15.91 27.81
C GLU B 327 46.29 -14.71 28.17
N PRO B 328 44.99 -14.72 27.86
CA PRO B 328 44.14 -13.57 28.13
C PRO B 328 44.16 -13.12 29.60
N THR B 329 44.11 -14.07 30.54
CA THR B 329 43.95 -13.76 31.96
C THR B 329 45.28 -13.34 32.59
N GLN B 330 46.36 -13.25 31.79
CA GLN B 330 47.58 -12.63 32.25
C GLN B 330 47.55 -11.12 32.03
N ILE B 331 46.60 -10.67 31.20
CA ILE B 331 46.54 -9.26 30.80
C ILE B 331 45.57 -8.50 31.71
N GLY B 332 46.12 -7.61 32.57
CA GLY B 332 45.34 -6.91 33.58
C GLY B 332 45.38 -7.61 34.94
N ARG B 333 46.24 -8.63 35.08
CA ARG B 333 46.28 -9.41 36.30
C ARG B 333 46.94 -8.61 37.43
N VAL B 334 48.04 -7.88 37.10
CA VAL B 334 48.77 -7.10 38.11
C VAL B 334 48.81 -5.62 37.75
N LEU B 335 48.76 -5.27 36.47
CA LEU B 335 48.50 -3.87 36.11
C LEU B 335 47.61 -3.77 34.88
N CYS B 336 46.96 -2.62 34.74
CA CYS B 336 46.06 -2.36 33.64
CA CYS B 336 46.06 -2.37 33.63
C CYS B 336 46.83 -1.77 32.46
N PRO B 337 47.00 -2.49 31.33
CA PRO B 337 47.73 -1.89 30.19
C PRO B 337 46.85 -0.88 29.48
N ASP B 338 47.47 0.06 28.76
CA ASP B 338 46.75 0.95 27.87
C ASP B 338 46.24 0.17 26.67
N LEU B 339 46.97 -0.88 26.27
CA LEU B 339 46.60 -1.76 25.17
C LEU B 339 47.16 -3.15 25.46
N GLY B 340 46.26 -4.12 25.54
CA GLY B 340 46.58 -5.51 25.76
C GLY B 340 46.15 -6.33 24.53
N ILE B 341 47.03 -7.24 24.11
CA ILE B 341 46.87 -8.01 22.89
C ILE B 341 47.17 -9.47 23.24
N VAL B 342 46.19 -10.34 22.99
CA VAL B 342 46.33 -11.76 23.14
C VAL B 342 46.99 -12.31 21.87
N SER B 343 48.22 -12.80 22.02
CA SER B 343 48.94 -13.34 20.87
C SER B 343 50.14 -14.14 21.33
N ASP B 344 50.41 -15.23 20.59
CA ASP B 344 51.74 -15.84 20.58
C ASP B 344 52.75 -14.76 20.20
N ALA B 345 53.94 -14.75 20.84
CA ALA B 345 54.93 -13.70 20.64
C ALA B 345 55.56 -13.79 19.23
N LYS B 346 55.68 -15.01 18.67
CA LYS B 346 56.18 -15.11 17.30
C LYS B 346 55.20 -14.54 16.28
N ALA B 347 53.90 -14.89 16.41
CA ALA B 347 52.90 -14.36 15.51
C ALA B 347 52.87 -12.83 15.60
N ALA B 348 52.91 -12.30 16.84
CA ALA B 348 52.86 -10.86 17.08
C ALA B 348 54.08 -10.14 16.48
N LEU B 349 55.27 -10.73 16.67
CA LEU B 349 56.52 -10.09 16.22
C LEU B 349 56.66 -10.16 14.71
N THR B 350 56.14 -11.24 14.08
CA THR B 350 56.07 -11.32 12.62
C THR B 350 55.33 -10.11 12.06
N LEU B 351 54.16 -9.82 12.60
CA LEU B 351 53.32 -8.71 12.17
C LEU B 351 53.89 -7.36 12.60
N LEU B 352 54.49 -7.29 13.81
CA LEU B 352 55.14 -6.04 14.24
C LEU B 352 56.27 -5.63 13.28
N VAL B 353 57.09 -6.60 12.85
CA VAL B 353 58.18 -6.36 11.91
C VAL B 353 57.60 -5.88 10.58
N GLU B 354 56.55 -6.55 10.10
CA GLU B 354 55.94 -6.23 8.82
C GLU B 354 55.35 -4.81 8.83
N VAL B 355 54.64 -4.46 9.91
CA VAL B 355 54.06 -3.13 10.07
C VAL B 355 55.16 -2.07 10.24
N ALA B 356 56.19 -2.35 11.03
CA ALA B 356 57.33 -1.44 11.18
C ALA B 356 58.01 -1.16 9.85
N GLN B 357 58.18 -2.18 8.98
CA GLN B 357 58.75 -1.99 7.66
C GLN B 357 57.88 -1.07 6.81
N GLU B 358 56.55 -1.25 6.90
CA GLU B 358 55.63 -0.39 6.16
C GLU B 358 55.77 1.05 6.64
N MET B 359 55.84 1.25 7.95
CA MET B 359 55.99 2.58 8.53
C MET B 359 57.31 3.23 8.12
N GLN B 360 58.40 2.43 8.07
CA GLN B 360 59.72 2.91 7.68
C GLN B 360 59.69 3.38 6.22
N LYS B 361 59.09 2.58 5.35
CA LYS B 361 58.96 2.88 3.94
C LYS B 361 58.12 4.14 3.73
N ALA B 362 57.12 4.37 4.59
CA ALA B 362 56.30 5.58 4.53
C ALA B 362 56.97 6.77 5.24
N GLY B 363 58.18 6.62 5.81
CA GLY B 363 58.84 7.68 6.56
C GLY B 363 58.10 8.07 7.85
N ARG B 364 57.44 7.11 8.53
CA ARG B 364 56.59 7.43 9.68
C ARG B 364 57.25 7.01 11.00
N LEU B 365 58.35 6.24 10.97
CA LEU B 365 59.07 5.86 12.20
C LEU B 365 59.97 7.02 12.64
N PRO B 366 59.81 7.58 13.88
CA PRO B 366 60.68 8.65 14.34
C PRO B 366 62.09 8.13 14.59
N CSO B 367 63.04 9.06 14.47
CA CSO B 367 64.45 8.86 14.76
CB CSO B 367 65.23 9.93 14.00
SG CSO B 367 66.96 10.11 14.52
C CSO B 367 64.61 8.90 16.29
O CSO B 367 64.06 9.80 16.93
OD CSO B 367 67.61 8.71 13.91
H CSO B 367 62.79 9.89 14.18
HA CSO B 367 64.71 7.97 14.44
HB2 CSO B 367 64.78 10.78 14.10
HB3 CSO B 367 65.21 9.70 13.05
HD CSO B 367 68.36 8.49 13.99
N ARG B 368 65.33 7.97 16.88
CA ARG B 368 65.40 7.89 18.33
C ARG B 368 66.85 7.99 18.82
N LYS B 369 67.72 8.70 18.08
CA LYS B 369 69.15 8.70 18.40
C LYS B 369 69.40 9.30 19.79
N GLU B 370 68.66 10.36 20.11
CA GLU B 370 68.86 11.07 21.37
C GLU B 370 68.49 10.18 22.57
N TRP B 371 67.32 9.51 22.50
CA TRP B 371 66.88 8.62 23.57
C TRP B 371 67.81 7.40 23.70
N VAL B 372 68.20 6.79 22.58
CA VAL B 372 69.10 5.64 22.60
C VAL B 372 70.44 6.06 23.22
N ALA B 373 70.97 7.23 22.83
CA ALA B 373 72.22 7.73 23.40
C ALA B 373 72.12 7.90 24.92
N ASP B 374 70.98 8.44 25.38
CA ASP B 374 70.68 8.67 26.80
C ASP B 374 70.78 7.35 27.57
N CYS B 375 70.21 6.27 26.99
CA CYS B 375 70.22 4.95 27.61
C CYS B 375 71.66 4.38 27.66
N GLN B 376 72.43 4.59 26.57
CA GLN B 376 73.81 4.15 26.46
C GLN B 376 74.73 4.87 27.45
N GLN B 377 74.51 6.17 27.67
CA GLN B 377 75.28 6.90 28.67
C GLN B 377 75.09 6.38 30.08
N ARG B 378 73.83 6.05 30.46
CA ARG B 378 73.59 5.45 31.76
C ARG B 378 74.39 4.15 31.88
N LYS B 379 74.47 3.37 30.78
CA LYS B 379 75.17 2.09 30.78
C LYS B 379 76.67 2.24 30.98
N ARG B 380 77.23 3.38 30.58
CA ARG B 380 78.63 3.64 30.85
C ARG B 380 78.95 4.13 32.25
N THR B 381 77.94 4.59 33.00
CA THR B 381 78.14 5.41 34.19
C THR B 381 77.66 4.68 35.46
N LEU B 382 76.44 4.12 35.42
CA LEU B 382 75.72 3.67 36.60
C LEU B 382 76.06 2.20 36.84
N LEU B 383 77.29 1.94 37.33
CA LEU B 383 77.83 0.58 37.45
C LEU B 383 78.00 0.14 38.92
N ARG B 384 78.44 -1.12 39.12
CA ARG B 384 78.86 -1.63 40.42
C ARG B 384 80.28 -2.22 40.32
N LYS B 385 81.13 -1.95 41.31
CA LYS B 385 82.49 -2.49 41.28
C LYS B 385 82.53 -4.03 41.32
N THR B 386 83.42 -4.62 40.51
CA THR B 386 83.68 -6.05 40.51
C THR B 386 85.16 -6.31 40.77
N HIS B 387 86.05 -5.33 40.54
CA HIS B 387 87.47 -5.62 40.47
C HIS B 387 88.08 -5.47 41.87
N PHE B 388 87.83 -6.47 42.74
CA PHE B 388 88.29 -6.49 44.13
C PHE B 388 89.41 -7.51 44.27
N ASP B 389 90.53 -7.10 44.89
CA ASP B 389 91.67 -7.96 45.14
C ASP B 389 91.61 -8.55 46.55
N ASN B 390 90.50 -8.33 47.25
CA ASN B 390 90.33 -8.75 48.64
C ASN B 390 90.48 -10.26 48.79
N VAL B 391 91.11 -10.63 49.93
CA VAL B 391 91.10 -11.98 50.50
C VAL B 391 90.58 -11.87 51.94
N PRO B 392 89.49 -12.56 52.34
CA PRO B 392 88.76 -13.47 51.47
C PRO B 392 88.03 -12.78 50.30
N VAL B 393 87.63 -13.62 49.33
CA VAL B 393 87.17 -13.17 48.04
C VAL B 393 85.82 -12.45 48.16
N LYS B 394 85.68 -11.34 47.42
CA LYS B 394 84.39 -10.72 47.19
C LYS B 394 83.66 -11.37 46.03
N PRO B 395 82.35 -11.72 46.18
CA PRO B 395 81.64 -12.47 45.14
C PRO B 395 81.65 -11.75 43.80
N GLN B 396 81.56 -10.40 43.85
CA GLN B 396 81.56 -9.58 42.64
C GLN B 396 82.74 -9.94 41.73
N ARG B 397 83.93 -10.17 42.30
CA ARG B 397 85.12 -10.54 41.52
C ARG B 397 84.96 -11.87 40.77
N VAL B 398 84.22 -12.82 41.35
CA VAL B 398 84.02 -14.12 40.72
C VAL B 398 83.33 -13.91 39.36
N TYR B 399 82.29 -13.07 39.30
CA TYR B 399 81.51 -12.89 38.09
C TYR B 399 82.36 -12.21 37.03
N GLU B 400 83.22 -11.26 37.45
CA GLU B 400 84.15 -10.63 36.52
C GLU B 400 85.01 -11.72 35.84
N GLU B 401 85.58 -12.63 36.66
CA GLU B 401 86.49 -13.64 36.12
C GLU B 401 85.72 -14.61 35.22
N MET B 402 84.46 -14.91 35.56
CA MET B 402 83.64 -15.78 34.72
C MET B 402 83.44 -15.15 33.34
N ASN B 403 83.11 -13.83 33.30
CA ASN B 403 82.95 -13.15 32.01
C ASN B 403 84.22 -13.22 31.17
N LYS B 404 85.39 -13.12 31.82
CA LYS B 404 86.65 -13.15 31.09
C LYS B 404 86.99 -14.59 30.63
N ALA B 405 86.72 -15.60 31.46
CA ALA B 405 87.20 -16.95 31.17
C ALA B 405 86.34 -17.65 30.12
N PHE B 406 85.02 -17.40 30.05
CA PHE B 406 84.13 -18.17 29.17
C PHE B 406 83.87 -17.38 27.88
N GLY B 407 83.43 -18.06 26.82
CA GLY B 407 83.14 -17.37 25.57
C GLY B 407 81.72 -16.79 25.58
N ARG B 408 81.34 -16.10 24.50
CA ARG B 408 80.01 -15.53 24.36
C ARG B 408 78.95 -16.62 24.17
N ASP B 409 79.39 -17.87 23.92
CA ASP B 409 78.49 -19.01 23.78
C ASP B 409 78.19 -19.68 25.13
N VAL B 410 78.69 -19.10 26.21
CA VAL B 410 78.44 -19.64 27.54
C VAL B 410 76.94 -19.71 27.85
N CYS B 411 76.54 -20.77 28.58
CA CYS B 411 75.15 -20.98 28.98
C CYS B 411 75.14 -21.14 30.49
N TYR B 412 74.56 -20.15 31.22
CA TYR B 412 74.55 -20.19 32.66
C TYR B 412 73.28 -20.86 33.19
N VAL B 413 73.43 -21.61 34.31
CA VAL B 413 72.33 -22.26 34.99
C VAL B 413 72.42 -21.91 36.47
N THR B 414 71.31 -21.42 37.07
CA THR B 414 71.35 -20.96 38.46
C THR B 414 69.92 -20.92 39.01
N THR B 415 69.78 -20.72 40.33
CA THR B 415 68.51 -20.80 41.03
C THR B 415 68.19 -19.48 41.75
N ALA B 416 68.76 -19.29 42.96
CA ALA B 416 68.38 -18.21 43.84
C ALA B 416 69.38 -18.14 45.00
N GLY B 417 69.51 -16.93 45.55
CA GLY B 417 70.49 -16.60 46.57
C GLY B 417 71.26 -15.36 46.15
N LEU B 418 72.12 -14.85 47.04
CA LEU B 418 73.01 -13.75 46.66
C LEU B 418 73.88 -14.20 45.48
N SER B 419 74.22 -15.50 45.47
CA SER B 419 74.97 -16.14 44.40
C SER B 419 74.35 -15.81 43.03
N GLN B 420 73.02 -16.06 42.91
CA GLN B 420 72.26 -15.89 41.67
C GLN B 420 71.93 -14.41 41.40
N ILE B 421 71.61 -13.62 42.45
CA ILE B 421 71.27 -12.22 42.27
C ILE B 421 72.47 -11.46 41.69
N ALA B 422 73.62 -11.57 42.37
CA ALA B 422 74.82 -10.86 41.93
C ALA B 422 75.26 -11.37 40.56
N ALA B 423 75.05 -12.67 40.31
CA ALA B 423 75.35 -13.23 38.98
C ALA B 423 74.54 -12.52 37.88
N ALA B 424 73.25 -12.29 38.15
CA ALA B 424 72.36 -11.66 37.18
C ALA B 424 72.73 -10.18 37.02
N GLN B 425 73.27 -9.55 38.09
CA GLN B 425 73.72 -8.16 38.01
C GLN B 425 75.01 -7.99 37.22
N MET B 426 75.85 -9.05 37.14
CA MET B 426 77.26 -8.91 36.78
C MET B 426 77.73 -9.82 35.64
N LEU B 427 77.05 -10.97 35.40
CA LEU B 427 77.41 -11.80 34.25
C LEU B 427 76.74 -11.24 32.99
N HIS B 428 77.21 -11.67 31.82
CA HIS B 428 76.61 -11.32 30.53
C HIS B 428 76.31 -12.57 29.70
N VAL B 429 75.18 -12.53 28.99
CA VAL B 429 74.77 -13.59 28.06
C VAL B 429 74.40 -12.95 26.70
N PHE B 430 74.53 -13.77 25.64
CA PHE B 430 74.53 -13.29 24.27
C PHE B 430 73.57 -14.08 23.36
N LYS B 431 72.85 -15.09 23.88
CA LYS B 431 72.06 -16.00 23.04
C LYS B 431 70.85 -16.43 23.87
N ASP B 432 69.71 -16.66 23.21
CA ASP B 432 68.52 -17.06 23.94
C ASP B 432 68.74 -18.51 24.42
N ARG B 433 68.23 -18.77 25.64
CA ARG B 433 68.35 -20.06 26.31
C ARG B 433 69.80 -20.27 26.78
N HIS B 434 70.52 -19.15 27.00
CA HIS B 434 71.83 -19.18 27.64
C HIS B 434 71.80 -18.57 29.05
N TRP B 435 70.62 -18.16 29.54
CA TRP B 435 70.35 -17.98 30.96
C TRP B 435 69.20 -18.90 31.33
N ILE B 436 69.51 -19.94 32.13
CA ILE B 436 68.55 -20.98 32.49
C ILE B 436 68.35 -20.91 34.00
N ASN B 437 67.20 -20.38 34.42
CA ASN B 437 66.98 -19.96 35.78
C ASN B 437 65.49 -20.15 36.08
N CYS B 438 65.18 -20.81 37.20
CA CYS B 438 63.82 -20.96 37.69
C CYS B 438 63.38 -19.67 38.41
N GLY B 439 62.96 -18.66 37.63
CA GLY B 439 62.80 -17.30 38.12
C GLY B 439 61.64 -17.06 39.07
N GLN B 440 60.54 -17.82 38.92
CA GLN B 440 59.35 -17.56 39.74
C GLN B 440 59.34 -18.37 41.04
N ALA B 441 59.85 -19.62 41.01
CA ALA B 441 59.79 -20.51 42.18
C ALA B 441 61.12 -20.61 42.94
N GLY B 442 62.27 -20.48 42.25
CA GLY B 442 63.58 -20.54 42.90
C GLY B 442 63.80 -21.72 43.87
N PRO B 443 63.42 -23.00 43.56
CA PRO B 443 63.66 -24.09 44.52
C PRO B 443 65.14 -24.44 44.71
N LEU B 444 65.65 -24.33 45.94
CA LEU B 444 67.04 -24.72 46.18
C LEU B 444 67.23 -26.20 45.78
N GLY B 445 68.42 -26.49 45.23
CA GLY B 445 68.74 -27.83 44.73
C GLY B 445 68.55 -27.92 43.22
N TRP B 446 67.92 -26.88 42.62
CA TRP B 446 67.53 -26.97 41.20
C TRP B 446 68.76 -26.97 40.29
N THR B 447 69.84 -26.26 40.69
CA THR B 447 70.90 -25.93 39.74
C THR B 447 71.65 -27.14 39.20
N ILE B 448 72.13 -28.05 40.07
CA ILE B 448 72.89 -29.22 39.61
C ILE B 448 72.05 -30.04 38.63
N PRO B 449 70.86 -30.56 39.00
CA PRO B 449 70.08 -31.35 38.03
C PRO B 449 69.67 -30.56 36.80
N ALA B 450 69.26 -29.27 36.93
CA ALA B 450 68.91 -28.50 35.74
C ALA B 450 70.10 -28.44 34.77
N ALA B 451 71.33 -28.23 35.29
CA ALA B 451 72.51 -28.17 34.44
C ALA B 451 72.76 -29.50 33.73
N LEU B 452 72.65 -30.61 34.45
CA LEU B 452 72.77 -31.92 33.83
C LEU B 452 71.71 -32.11 32.74
N GLY B 453 70.47 -31.62 32.96
CA GLY B 453 69.44 -31.71 31.94
C GLY B 453 69.77 -30.87 30.70
N VAL B 454 70.35 -29.67 30.89
CA VAL B 454 70.73 -28.86 29.74
C VAL B 454 71.78 -29.59 28.94
N CYS B 455 72.76 -30.19 29.64
CA CYS B 455 73.87 -30.89 29.02
C CYS B 455 73.34 -32.08 28.23
N ALA B 456 72.35 -32.80 28.79
CA ALA B 456 71.74 -33.93 28.12
C ALA B 456 71.02 -33.44 26.86
N ALA B 457 70.36 -32.27 26.92
CA ALA B 457 69.68 -31.70 25.76
C ALA B 457 70.67 -31.32 24.67
N ASP B 458 71.86 -30.86 25.07
CA ASP B 458 72.80 -30.32 24.10
C ASP B 458 74.22 -30.57 24.63
N PRO B 459 74.83 -31.71 24.23
CA PRO B 459 76.20 -32.06 24.60
C PRO B 459 77.30 -31.12 24.09
N LYS B 460 76.96 -30.20 23.16
CA LYS B 460 77.90 -29.21 22.68
C LYS B 460 77.74 -27.90 23.45
N ARG B 461 76.71 -27.77 24.29
CA ARG B 461 76.55 -26.52 25.01
C ARG B 461 77.65 -26.37 26.07
N ASN B 462 78.19 -25.12 26.20
CA ASN B 462 79.14 -24.78 27.23
CA ASN B 462 79.16 -24.74 27.21
C ASN B 462 78.41 -24.33 28.48
N VAL B 463 78.11 -25.32 29.35
CA VAL B 463 77.27 -25.06 30.50
C VAL B 463 78.14 -24.71 31.71
N VAL B 464 77.77 -23.61 32.38
CA VAL B 464 78.41 -23.15 33.60
C VAL B 464 77.29 -22.84 34.59
N ALA B 465 77.26 -23.58 35.71
CA ALA B 465 76.30 -23.39 36.78
C ALA B 465 76.91 -22.44 37.81
N ILE B 466 76.01 -21.72 38.52
CA ILE B 466 76.34 -20.91 39.69
C ILE B 466 75.43 -21.29 40.85
N SER B 467 76.03 -21.69 41.98
CA SER B 467 75.33 -21.98 43.23
C SER B 467 76.07 -21.29 44.38
N GLY B 468 75.30 -20.86 45.40
CA GLY B 468 75.83 -20.73 46.74
C GLY B 468 75.98 -22.13 47.38
N ASP B 469 76.57 -22.17 48.58
CA ASP B 469 76.81 -23.41 49.29
C ASP B 469 75.49 -24.14 49.62
N PHE B 470 74.46 -23.40 50.06
CA PHE B 470 73.21 -24.02 50.49
C PHE B 470 72.51 -24.70 49.33
N ASP B 471 72.29 -23.96 48.23
CA ASP B 471 71.72 -24.48 46.99
C ASP B 471 72.44 -25.76 46.62
N PHE B 472 73.77 -25.68 46.62
CA PHE B 472 74.63 -26.77 46.17
C PHE B 472 74.41 -28.05 47.00
N GLN B 473 74.15 -27.88 48.31
CA GLN B 473 73.99 -29.01 49.22
C GLN B 473 72.66 -29.75 49.05
N PHE B 474 71.56 -29.06 48.74
CA PHE B 474 70.23 -29.68 48.73
C PHE B 474 70.26 -30.98 47.93
N LEU B 475 70.74 -30.92 46.68
CA LEU B 475 70.73 -32.08 45.79
C LEU B 475 72.16 -32.40 45.32
N ILE B 476 73.10 -32.29 46.26
CA ILE B 476 74.53 -32.47 46.01
C ILE B 476 74.82 -33.83 45.40
N GLU B 477 74.00 -34.84 45.74
CA GLU B 477 74.28 -36.20 45.28
C GLU B 477 74.13 -36.34 43.75
N GLU B 478 73.42 -35.40 43.10
CA GLU B 478 73.20 -35.43 41.67
C GLU B 478 74.51 -35.27 40.91
N LEU B 479 75.58 -34.78 41.58
CA LEU B 479 76.88 -34.76 40.96
C LEU B 479 77.28 -36.15 40.46
N ALA B 480 76.90 -37.20 41.20
CA ALA B 480 77.28 -38.57 40.87
C ALA B 480 76.56 -39.08 39.62
N VAL B 481 75.44 -38.46 39.26
CA VAL B 481 74.77 -38.73 37.99
C VAL B 481 75.67 -38.26 36.83
N GLY B 482 76.24 -37.06 36.97
CA GLY B 482 77.22 -36.57 36.00
C GLY B 482 78.48 -37.43 35.93
N ALA B 483 78.94 -37.98 37.08
CA ALA B 483 80.07 -38.90 37.07
C ALA B 483 79.69 -40.19 36.34
N GLN B 484 78.52 -40.77 36.67
CA GLN B 484 78.18 -42.09 36.19
C GLN B 484 77.95 -42.06 34.67
N PHE B 485 77.24 -41.02 34.18
CA PHE B 485 76.90 -40.89 32.78
C PHE B 485 77.89 -40.03 31.99
N ASN B 486 78.98 -39.54 32.62
CA ASN B 486 79.99 -38.72 31.93
C ASN B 486 79.31 -37.53 31.25
N ILE B 487 78.70 -36.67 32.08
CA ILE B 487 78.03 -35.47 31.63
C ILE B 487 78.85 -34.28 32.15
N PRO B 488 79.77 -33.71 31.34
CA PRO B 488 80.62 -32.63 31.83
C PRO B 488 80.04 -31.21 31.76
N TYR B 489 80.29 -30.46 32.84
CA TYR B 489 80.03 -29.03 32.86
C TYR B 489 80.86 -28.45 34.01
N ILE B 490 80.91 -27.12 34.14
CA ILE B 490 81.65 -26.45 35.21
C ILE B 490 80.63 -25.86 36.19
N HIS B 491 80.78 -26.22 37.48
CA HIS B 491 79.92 -25.70 38.53
C HIS B 491 80.71 -24.74 39.41
N VAL B 492 80.40 -23.45 39.29
CA VAL B 492 80.95 -22.41 40.13
C VAL B 492 80.15 -22.37 41.43
N LEU B 493 80.87 -22.60 42.54
CA LEU B 493 80.28 -22.70 43.88
C LEU B 493 80.88 -21.56 44.72
N VAL B 494 80.03 -20.58 45.07
CA VAL B 494 80.48 -19.42 45.83
C VAL B 494 80.04 -19.62 47.29
N ASN B 495 81.05 -19.91 48.15
CA ASN B 495 80.81 -20.44 49.49
C ASN B 495 81.07 -19.36 50.55
N ASN B 496 79.98 -18.90 51.21
CA ASN B 496 80.07 -17.97 52.35
C ASN B 496 79.67 -18.64 53.67
N ALA B 497 79.48 -19.99 53.67
CA ALA B 497 79.00 -20.76 54.85
C ALA B 497 77.77 -20.10 55.51
N TYR B 498 76.84 -19.67 54.64
CA TYR B 498 75.67 -18.87 54.99
C TYR B 498 74.54 -19.13 54.00
N LEU B 499 73.30 -19.00 54.51
CA LEU B 499 72.14 -18.62 53.70
C LEU B 499 72.20 -17.10 53.52
N GLY B 500 73.07 -16.64 52.61
CA GLY B 500 73.43 -15.24 52.53
C GLY B 500 72.22 -14.34 52.33
N LEU B 501 71.35 -14.72 51.38
CA LEU B 501 70.20 -13.88 51.06
C LEU B 501 69.27 -13.77 52.26
N ILE B 502 69.10 -14.87 53.01
CA ILE B 502 68.24 -14.85 54.19
C ILE B 502 68.87 -13.98 55.29
N ARG B 503 70.19 -14.11 55.55
CA ARG B 503 70.88 -13.22 56.47
C ARG B 503 70.58 -11.78 56.09
N GLN B 504 70.77 -11.45 54.79
CA GLN B 504 70.55 -10.08 54.34
C GLN B 504 69.10 -9.65 54.61
N SER B 505 68.10 -10.49 54.27
CA SER B 505 66.70 -10.14 54.53
C SER B 505 66.41 -9.98 56.03
N GLN B 506 67.20 -10.61 56.92
CA GLN B 506 66.97 -10.56 58.36
C GLN B 506 67.47 -9.24 58.98
N ARG B 507 68.17 -8.40 58.21
CA ARG B 507 68.59 -7.09 58.69
C ARG B 507 67.37 -6.26 59.14
N ALA B 508 66.25 -6.43 58.41
CA ALA B 508 64.99 -5.76 58.71
C ALA B 508 64.51 -6.16 60.12
N PHE B 509 64.92 -7.35 60.62
CA PHE B 509 64.49 -7.82 61.95
C PHE B 509 65.61 -7.68 62.98
N ASP B 510 66.68 -6.97 62.59
CA ASP B 510 67.85 -6.76 63.43
CA ASP B 510 67.84 -6.75 63.44
C ASP B 510 68.33 -8.09 64.03
N MET B 511 68.51 -9.10 63.17
CA MET B 511 69.01 -10.37 63.67
C MET B 511 69.82 -11.07 62.59
N ASP B 512 70.57 -12.09 63.05
CA ASP B 512 71.31 -13.03 62.21
C ASP B 512 71.09 -14.39 62.89
N TYR B 513 70.11 -15.16 62.40
CA TYR B 513 69.46 -16.19 63.21
C TYR B 513 69.10 -17.40 62.33
N CYS B 514 69.74 -18.54 62.60
CA CYS B 514 69.47 -19.80 61.92
C CYS B 514 69.81 -19.74 60.45
N VAL B 515 70.90 -19.00 60.11
CA VAL B 515 71.29 -18.83 58.71
C VAL B 515 72.76 -19.20 58.45
N GLN B 516 73.51 -19.56 59.50
CA GLN B 516 74.92 -19.90 59.39
C GLN B 516 75.11 -21.40 59.21
N LEU B 517 76.01 -21.80 58.30
CA LEU B 517 76.25 -23.20 57.96
C LEU B 517 77.65 -23.65 58.41
N ALA B 518 78.41 -22.75 59.06
CA ALA B 518 79.80 -22.97 59.43
C ALA B 518 79.89 -23.91 60.62
N PHE B 519 80.95 -24.72 60.63
CA PHE B 519 81.39 -25.49 61.79
C PHE B 519 82.85 -25.91 61.54
N GLU B 520 83.52 -26.27 62.64
CA GLU B 520 84.87 -26.81 62.56
C GLU B 520 84.77 -28.25 62.04
N ASN B 521 85.18 -28.45 60.79
CA ASN B 521 85.13 -29.76 60.16
C ASN B 521 86.28 -30.58 60.71
N ILE B 522 85.94 -31.62 61.51
CA ILE B 522 86.95 -32.41 62.22
C ILE B 522 87.88 -33.14 61.25
N ASN B 523 87.49 -33.28 59.98
CA ASN B 523 88.28 -33.99 58.99
C ASN B 523 89.08 -33.04 58.08
N SER B 524 88.84 -31.72 58.15
CA SER B 524 89.32 -30.76 57.15
C SER B 524 89.56 -29.40 57.80
N SER B 525 90.74 -29.24 58.42
CA SER B 525 91.16 -27.95 58.95
C SER B 525 91.32 -26.90 57.83
N GLU B 526 91.58 -27.33 56.58
CA GLU B 526 91.85 -26.41 55.47
C GLU B 526 90.60 -25.63 55.02
N VAL B 527 89.36 -26.02 55.45
CA VAL B 527 88.18 -25.20 55.14
C VAL B 527 87.94 -24.13 56.20
N ASN B 528 88.81 -24.05 57.23
CA ASN B 528 88.90 -22.89 58.11
C ASN B 528 87.56 -22.61 58.79
N GLY B 529 86.83 -23.66 59.19
CA GLY B 529 85.60 -23.49 59.96
C GLY B 529 84.37 -23.18 59.10
N TYR B 530 84.53 -23.30 57.77
CA TYR B 530 83.41 -23.07 56.84
C TYR B 530 82.49 -24.28 56.78
N GLY B 531 82.78 -25.38 57.51
CA GLY B 531 81.86 -26.50 57.58
C GLY B 531 82.12 -27.55 56.49
N VAL B 532 81.15 -27.75 55.59
CA VAL B 532 81.26 -28.80 54.58
C VAL B 532 82.49 -28.55 53.70
N ASP B 533 83.24 -29.64 53.46
CA ASP B 533 84.37 -29.68 52.53
C ASP B 533 83.85 -30.15 51.17
N HIS B 534 83.55 -29.19 50.30
CA HIS B 534 82.88 -29.44 49.02
C HIS B 534 83.79 -30.18 48.04
N VAL B 535 85.11 -30.02 48.19
CA VAL B 535 86.07 -30.74 47.37
C VAL B 535 86.00 -32.24 47.68
N LYS B 536 86.09 -32.62 48.96
CA LYS B 536 86.02 -34.04 49.31
C LYS B 536 84.67 -34.63 48.92
N VAL B 537 83.56 -33.92 49.16
CA VAL B 537 82.25 -34.43 48.76
C VAL B 537 82.20 -34.61 47.23
N ALA B 538 82.61 -33.60 46.45
CA ALA B 538 82.51 -33.69 45.00
C ALA B 538 83.38 -34.83 44.50
N GLU B 539 84.59 -34.98 45.05
CA GLU B 539 85.50 -36.04 44.63
C GLU B 539 84.96 -37.42 45.04
N GLY B 540 84.34 -37.52 46.23
CA GLY B 540 83.67 -38.75 46.65
C GLY B 540 82.53 -39.15 45.72
N LEU B 541 81.85 -38.14 45.15
CA LEU B 541 80.77 -38.40 44.20
C LEU B 541 81.29 -38.61 42.77
N GLY B 542 82.62 -38.63 42.58
CA GLY B 542 83.23 -39.05 41.31
C GLY B 542 83.55 -37.90 40.34
N CYS B 543 83.44 -36.66 40.82
CA CYS B 543 83.68 -35.45 40.03
C CYS B 543 85.07 -34.88 40.36
N LYS B 544 85.47 -33.83 39.61
CA LYS B 544 86.70 -33.13 39.95
C LYS B 544 86.32 -31.85 40.68
N ALA B 545 87.27 -31.29 41.47
CA ALA B 545 86.96 -30.08 42.22
C ALA B 545 88.24 -29.30 42.50
N ILE B 546 88.15 -27.97 42.44
CA ILE B 546 89.27 -27.07 42.75
C ILE B 546 88.76 -26.02 43.73
N ARG B 547 89.50 -25.80 44.82
CA ARG B 547 89.15 -24.74 45.77
C ARG B 547 90.07 -23.54 45.56
N VAL B 548 89.46 -22.35 45.54
CA VAL B 548 90.16 -21.08 45.31
C VAL B 548 89.96 -20.17 46.54
N PHE B 549 91.07 -19.62 47.07
CA PHE B 549 91.01 -18.72 48.22
C PHE B 549 91.31 -17.28 47.81
N LYS B 550 92.08 -17.12 46.74
CA LYS B 550 92.57 -15.82 46.33
C LYS B 550 92.00 -15.46 44.97
N PRO B 551 91.64 -14.17 44.76
CA PRO B 551 91.00 -13.75 43.51
C PRO B 551 91.83 -13.99 42.25
N GLU B 552 93.17 -13.87 42.33
CA GLU B 552 94.05 -14.08 41.18
C GLU B 552 94.17 -15.57 40.80
N ASP B 553 93.69 -16.49 41.67
CA ASP B 553 93.65 -17.91 41.36
C ASP B 553 92.38 -18.35 40.64
N ILE B 554 91.35 -17.48 40.52
CA ILE B 554 90.09 -17.88 39.89
C ILE B 554 90.30 -18.20 38.40
N ALA B 555 90.97 -17.29 37.66
CA ALA B 555 91.17 -17.49 36.22
C ALA B 555 91.90 -18.81 35.94
N PRO B 556 93.07 -19.12 36.55
CA PRO B 556 93.71 -20.42 36.35
C PRO B 556 92.86 -21.64 36.71
N ALA B 557 92.04 -21.50 37.76
CA ALA B 557 91.11 -22.56 38.15
C ALA B 557 90.15 -22.87 37.01
N PHE B 558 89.58 -21.84 36.36
CA PHE B 558 88.67 -22.04 35.23
C PHE B 558 89.40 -22.71 34.06
N GLU B 559 90.63 -22.32 33.74
CA GLU B 559 91.41 -22.96 32.67
C GLU B 559 91.66 -24.45 32.96
N GLN B 560 92.04 -24.76 34.21
CA GLN B 560 92.25 -26.12 34.65
C GLN B 560 90.95 -26.93 34.54
N ALA B 561 89.81 -26.32 34.92
CA ALA B 561 88.51 -26.98 34.86
C ALA B 561 88.17 -27.41 33.43
N LYS B 562 88.50 -26.54 32.46
CA LYS B 562 88.25 -26.87 31.08
C LYS B 562 89.06 -28.09 30.67
N ALA B 563 90.33 -28.13 31.09
CA ALA B 563 91.24 -29.20 30.73
C ALA B 563 90.78 -30.53 31.34
N LEU B 564 90.38 -30.49 32.63
CA LEU B 564 89.84 -31.66 33.33
C LEU B 564 88.54 -32.18 32.66
N MET B 565 87.63 -31.27 32.28
CA MET B 565 86.38 -31.66 31.66
C MET B 565 86.66 -32.43 30.39
N ALA B 566 87.57 -31.89 29.55
CA ALA B 566 87.84 -32.47 28.25
C ALA B 566 88.37 -33.90 28.37
N GLN B 567 89.26 -34.11 29.36
CA GLN B 567 89.87 -35.41 29.56
C GLN B 567 88.89 -36.35 30.29
N TYR B 568 88.30 -35.96 31.44
CA TYR B 568 87.56 -36.91 32.27
C TYR B 568 86.06 -36.94 31.97
N ARG B 569 85.51 -35.89 31.35
CA ARG B 569 84.10 -35.84 30.97
C ARG B 569 83.19 -36.09 32.17
N VAL B 570 83.47 -35.35 33.26
CA VAL B 570 82.62 -35.31 34.45
C VAL B 570 82.47 -33.85 34.86
N PRO B 571 81.47 -33.53 35.71
CA PRO B 571 81.37 -32.19 36.28
C PRO B 571 82.70 -31.83 36.96
N VAL B 572 83.07 -30.55 36.85
CA VAL B 572 84.19 -29.99 37.60
C VAL B 572 83.66 -28.82 38.44
N VAL B 573 83.80 -28.91 39.76
CA VAL B 573 83.35 -27.90 40.70
C VAL B 573 84.51 -26.96 41.00
N VAL B 574 84.27 -25.64 40.82
CA VAL B 574 85.24 -24.62 41.20
C VAL B 574 84.63 -23.85 42.38
N GLU B 575 85.17 -24.12 43.58
CA GLU B 575 84.67 -23.55 44.79
C GLU B 575 85.53 -22.34 45.16
N VAL B 576 84.88 -21.19 45.31
CA VAL B 576 85.54 -19.97 45.75
C VAL B 576 85.08 -19.69 47.18
N ILE B 577 86.08 -19.58 48.06
CA ILE B 577 85.83 -19.26 49.45
C ILE B 577 85.66 -17.75 49.55
N LEU B 578 84.42 -17.33 49.85
CA LEU B 578 84.07 -15.90 49.89
C LEU B 578 84.25 -15.39 51.31
N GLU B 579 84.35 -14.06 51.48
CA GLU B 579 84.09 -13.45 52.76
C GLU B 579 82.68 -13.90 53.22
N ARG B 580 82.50 -13.96 54.53
CA ARG B 580 81.27 -14.50 55.13
C ARG B 580 80.07 -13.62 54.77
N VAL B 581 80.25 -12.30 54.78
CA VAL B 581 79.12 -11.38 54.73
C VAL B 581 79.39 -10.32 53.65
N THR B 582 78.52 -10.32 52.62
CA THR B 582 78.48 -9.28 51.58
C THR B 582 77.01 -8.95 51.31
N ASN B 583 76.63 -7.68 51.50
CA ASN B 583 75.25 -7.24 51.21
C ASN B 583 75.17 -6.80 49.74
N ILE B 584 74.38 -7.55 48.98
CA ILE B 584 74.24 -7.34 47.54
C ILE B 584 73.17 -6.26 47.34
N SER B 585 73.29 -5.48 46.27
CA SER B 585 72.40 -4.35 46.03
C SER B 585 70.98 -4.84 45.76
N MET B 586 70.01 -4.23 46.45
CA MET B 586 68.60 -4.56 46.23
C MET B 586 67.72 -3.58 46.99
N GLY B 587 66.42 -3.55 46.66
CA GLY B 587 65.51 -2.66 47.38
C GLY B 587 64.07 -3.09 47.16
N SER B 588 63.10 -2.28 47.61
CA SER B 588 61.68 -2.63 47.53
C SER B 588 60.98 -1.92 46.37
N GLU B 589 61.68 -0.92 45.79
CA GLU B 589 61.21 -0.18 44.63
C GLU B 589 62.38 0.10 43.66
N LEU B 590 62.04 0.38 42.39
CA LEU B 590 63.05 0.65 41.36
C LEU B 590 63.89 1.85 41.77
N ASP B 591 63.28 2.81 42.48
CA ASP B 591 63.94 4.06 42.83
C ASP B 591 64.57 4.03 44.23
N ASN B 592 64.64 2.86 44.90
CA ASN B 592 65.25 2.86 46.23
C ASN B 592 66.15 1.64 46.42
N VAL B 593 66.69 1.07 45.34
CA VAL B 593 67.65 -0.02 45.43
C VAL B 593 68.90 0.49 46.14
N MET B 594 69.25 -0.16 47.27
CA MET B 594 70.33 0.28 48.12
C MET B 594 71.65 -0.34 47.61
N GLU B 595 72.70 0.48 47.52
CA GLU B 595 74.04 0.06 47.12
C GLU B 595 74.91 -0.04 48.37
N PHE B 596 75.07 -1.26 48.91
CA PHE B 596 75.88 -1.43 50.11
C PHE B 596 77.36 -1.48 49.77
N GLU B 597 77.71 -2.29 48.75
CA GLU B 597 79.06 -2.43 48.22
C GLU B 597 79.37 -1.27 47.29
N ASP B 598 80.68 -1.07 47.03
CA ASP B 598 81.15 0.05 46.21
C ASP B 598 80.47 0.08 44.84
N ILE B 599 79.93 1.24 44.46
CA ILE B 599 79.49 1.45 43.09
C ILE B 599 80.74 1.71 42.23
N ALA B 600 80.55 1.81 40.92
CA ALA B 600 81.62 2.14 39.98
C ALA B 600 81.04 3.06 38.91
N ASP B 601 81.89 3.92 38.35
CA ASP B 601 81.48 4.76 37.24
C ASP B 601 82.43 4.61 36.05
N ASN B 602 83.30 3.59 36.04
CA ASN B 602 84.26 3.46 34.93
C ASN B 602 84.74 2.01 34.88
N ALA B 603 85.40 1.67 33.76
CA ALA B 603 85.78 0.30 33.40
C ALA B 603 86.88 -0.29 34.31
N ALA B 604 87.76 0.53 34.92
CA ALA B 604 88.80 -0.03 35.76
C ALA B 604 88.18 -0.78 36.94
N ASP B 605 87.01 -0.32 37.41
CA ASP B 605 86.35 -0.94 38.54
C ASP B 605 85.33 -2.02 38.13
N ALA B 606 84.76 -1.85 36.93
CA ALA B 606 83.79 -2.80 36.38
C ALA B 606 84.20 -3.16 34.95
N PRO B 607 85.30 -3.92 34.79
CA PRO B 607 85.92 -4.13 33.48
C PRO B 607 85.15 -4.99 32.49
N THR B 608 84.07 -5.67 32.92
CA THR B 608 83.50 -6.70 32.05
C THR B 608 82.12 -6.30 31.53
N GLU B 609 81.67 -5.06 31.76
CA GLU B 609 80.51 -4.55 31.01
C GLU B 609 80.81 -4.68 29.50
N THR B 610 79.75 -4.91 28.69
CA THR B 610 79.95 -5.20 27.28
C THR B 610 80.48 -3.98 26.53
N CYS B 611 80.24 -2.78 27.06
CA CYS B 611 80.78 -1.58 26.42
C CYS B 611 82.31 -1.58 26.45
N PHE B 612 82.88 -2.29 27.44
CA PHE B 612 84.29 -2.13 27.84
C PHE B 612 85.22 -3.26 27.36
N MET B 613 84.59 -4.33 26.88
CA MET B 613 85.22 -5.61 26.63
C MET B 613 84.52 -6.24 25.43
N HIS B 614 85.31 -6.77 24.48
CA HIS B 614 84.77 -7.56 23.38
C HIS B 614 84.51 -8.99 23.84
N TYR B 615 83.29 -9.50 23.69
CA TYR B 615 83.00 -10.89 24.02
C TYR B 615 83.09 -11.77 22.78
N GLU B 616 84.21 -12.51 22.72
CA GLU B 616 84.53 -13.65 21.89
C GLU B 616 85.06 -13.18 20.56
N ALA C 25 11.32 36.34 -11.17
CA ALA C 25 10.27 36.07 -10.16
C ALA C 25 8.90 36.27 -10.81
N LYS C 26 8.45 37.53 -10.92
CA LYS C 26 7.03 37.84 -11.04
C LYS C 26 6.58 37.97 -12.50
N MET C 27 5.58 37.17 -12.91
CA MET C 27 5.05 37.17 -14.25
C MET C 27 3.60 36.68 -14.22
N ARG C 28 2.87 36.82 -15.33
CA ARG C 28 1.50 36.34 -15.41
C ARG C 28 1.52 34.81 -15.47
N ALA C 29 0.45 34.18 -14.97
CA ALA C 29 0.27 32.73 -15.10
C ALA C 29 0.53 32.30 -16.55
N VAL C 30 0.06 33.09 -17.54
CA VAL C 30 0.23 32.67 -18.95
C VAL C 30 1.69 32.78 -19.41
N ASP C 31 2.46 33.73 -18.84
CA ASP C 31 3.89 33.84 -19.14
C ASP C 31 4.60 32.59 -18.60
N ALA C 32 4.27 32.19 -17.35
CA ALA C 32 4.79 30.96 -16.77
C ALA C 32 4.45 29.76 -17.69
N ALA C 33 3.21 29.70 -18.18
CA ALA C 33 2.76 28.64 -19.09
C ALA C 33 3.64 28.52 -20.33
N MET C 34 4.11 29.65 -20.91
CA MET C 34 4.98 29.60 -22.08
C MET C 34 6.30 28.91 -21.74
N TYR C 35 6.85 29.21 -20.56
CA TYR C 35 8.09 28.56 -20.14
C TYR C 35 7.88 27.06 -19.95
N VAL C 36 6.72 26.67 -19.39
CA VAL C 36 6.40 25.25 -19.22
C VAL C 36 6.30 24.59 -20.60
N LEU C 37 5.53 25.19 -21.53
CA LEU C 37 5.37 24.60 -22.85
C LEU C 37 6.72 24.45 -23.57
N GLU C 38 7.57 25.48 -23.47
CA GLU C 38 8.90 25.45 -24.07
C GLU C 38 9.70 24.26 -23.52
N LYS C 39 9.75 24.14 -22.17
CA LYS C 39 10.52 23.08 -21.52
C LYS C 39 9.92 21.71 -21.79
N GLU C 40 8.63 21.64 -22.11
CA GLU C 40 7.98 20.37 -22.41
C GLU C 40 8.09 20.06 -23.89
N GLY C 41 8.82 20.86 -24.67
CA GLY C 41 9.13 20.52 -26.05
C GLY C 41 8.20 21.16 -27.10
N ILE C 42 7.25 22.00 -26.70
CA ILE C 42 6.29 22.53 -27.66
C ILE C 42 6.98 23.62 -28.51
N THR C 43 6.85 23.54 -29.85
CA THR C 43 7.36 24.59 -30.73
C THR C 43 6.28 25.10 -31.70
N THR C 44 5.09 24.45 -31.70
CA THR C 44 4.03 24.74 -32.62
C THR C 44 2.68 24.72 -31.89
N ALA C 45 1.76 25.62 -32.33
CA ALA C 45 0.37 25.59 -31.90
C ALA C 45 -0.53 25.94 -33.08
N PHE C 46 -1.73 25.32 -33.11
CA PHE C 46 -2.76 25.60 -34.09
C PHE C 46 -3.93 26.21 -33.31
N GLY C 47 -4.53 27.31 -33.79
CA GLY C 47 -5.56 27.93 -32.98
C GLY C 47 -6.38 29.00 -33.70
N VAL C 48 -7.36 29.48 -32.94
CA VAL C 48 -8.19 30.61 -33.26
C VAL C 48 -8.33 31.45 -32.00
N PRO C 49 -7.75 32.67 -31.97
CA PRO C 49 -7.87 33.54 -30.80
C PRO C 49 -9.30 34.07 -30.60
N GLY C 50 -9.52 34.61 -29.40
CA GLY C 50 -10.72 35.31 -29.02
C GLY C 50 -10.46 36.09 -27.72
N ALA C 51 -11.41 36.92 -27.32
CA ALA C 51 -11.21 37.81 -26.18
C ALA C 51 -10.75 37.03 -24.92
N ALA C 52 -11.33 35.84 -24.68
CA ALA C 52 -11.12 35.10 -23.43
C ALA C 52 -9.74 34.45 -23.36
N ILE C 53 -9.12 34.19 -24.53
CA ILE C 53 -7.81 33.54 -24.60
C ILE C 53 -6.71 34.54 -25.06
N ASN C 54 -7.04 35.82 -25.20
CA ASN C 54 -6.04 36.82 -25.58
C ASN C 54 -4.84 36.90 -24.64
N PRO C 55 -4.98 36.74 -23.30
CA PRO C 55 -3.80 36.83 -22.43
C PRO C 55 -2.75 35.78 -22.80
N PHE C 56 -3.22 34.57 -23.17
CA PHE C 56 -2.34 33.49 -23.57
C PHE C 56 -1.62 33.84 -24.87
N TYR C 57 -2.36 34.38 -25.86
CA TYR C 57 -1.78 34.86 -27.10
C TYR C 57 -0.72 35.94 -26.82
N SER C 58 -1.03 36.89 -25.93
CA SER C 58 -0.12 37.95 -25.50
C SER C 58 1.18 37.35 -24.97
N ALA C 59 1.08 36.30 -24.13
CA ALA C 59 2.23 35.64 -23.54
C ALA C 59 3.07 34.93 -24.61
N MET C 60 2.38 34.28 -25.54
CA MET C 60 2.99 33.55 -26.64
C MET C 60 3.78 34.54 -27.51
N ARG C 61 3.22 35.73 -27.75
CA ARG C 61 3.90 36.75 -28.51
C ARG C 61 5.17 37.24 -27.80
N LYS C 62 5.07 37.60 -26.51
CA LYS C 62 6.21 38.05 -25.73
C LYS C 62 7.30 36.97 -25.69
N HIS C 63 6.92 35.71 -25.52
CA HIS C 63 7.91 34.66 -25.32
C HIS C 63 8.61 34.33 -26.65
N GLY C 64 7.84 34.20 -27.74
CA GLY C 64 8.42 34.00 -29.05
C GLY C 64 8.85 32.57 -29.39
N GLY C 65 8.66 31.56 -28.53
CA GLY C 65 9.20 30.23 -28.87
C GLY C 65 8.27 29.36 -29.74
N ILE C 66 7.02 29.79 -29.96
CA ILE C 66 6.01 28.91 -30.55
C ILE C 66 5.53 29.52 -31.87
N ARG C 67 5.59 28.73 -32.94
CA ARG C 67 4.94 29.11 -34.19
C ARG C 67 3.43 28.86 -34.08
N HIS C 68 2.62 29.91 -34.25
CA HIS C 68 1.17 29.77 -34.30
C HIS C 68 0.68 29.67 -35.74
N ILE C 69 -0.18 28.66 -36.01
CA ILE C 69 -0.88 28.56 -37.28
C ILE C 69 -2.38 28.81 -37.04
N LEU C 70 -2.89 29.85 -37.75
CA LEU C 70 -4.27 30.31 -37.60
C LEU C 70 -5.16 29.45 -38.50
N ALA C 71 -6.07 28.67 -37.88
CA ALA C 71 -7.04 27.85 -38.61
C ALA C 71 -8.23 28.71 -39.05
N ARG C 72 -9.07 28.13 -39.94
CA ARG C 72 -10.28 28.80 -40.40
C ARG C 72 -11.56 28.07 -39.91
N HIS C 73 -11.38 27.32 -38.80
CA HIS C 73 -12.43 26.63 -38.05
C HIS C 73 -11.70 26.07 -36.83
N VAL C 74 -12.29 26.21 -35.62
CA VAL C 74 -11.65 25.65 -34.44
C VAL C 74 -11.47 24.12 -34.61
N GLU C 75 -12.44 23.45 -35.30
CA GLU C 75 -12.33 22.02 -35.56
C GLU C 75 -11.08 21.72 -36.38
N GLY C 76 -10.80 22.56 -37.38
CA GLY C 76 -9.56 22.50 -38.17
C GLY C 76 -8.31 22.57 -37.29
N ALA C 77 -8.24 23.55 -36.37
CA ALA C 77 -7.08 23.64 -35.49
C ALA C 77 -6.92 22.32 -34.71
N SER C 78 -8.05 21.75 -34.25
CA SER C 78 -8.04 20.57 -33.39
C SER C 78 -7.52 19.35 -34.15
N HIS C 79 -7.89 19.20 -35.43
CA HIS C 79 -7.39 18.09 -36.24
C HIS C 79 -5.97 18.30 -36.72
N MET C 80 -5.55 19.56 -36.92
CA MET C 80 -4.14 19.88 -37.19
C MET C 80 -3.29 19.39 -36.02
N ALA C 81 -3.76 19.64 -34.78
CA ALA C 81 -3.02 19.20 -33.59
C ALA C 81 -2.86 17.68 -33.63
N GLU C 82 -3.95 16.95 -33.99
CA GLU C 82 -3.91 15.49 -34.12
C GLU C 82 -2.83 15.04 -35.14
N GLY C 83 -2.84 15.66 -36.34
CA GLY C 83 -1.85 15.39 -37.40
C GLY C 83 -0.40 15.57 -36.92
N TYR C 84 -0.17 16.67 -36.21
CA TYR C 84 1.13 17.03 -35.70
C TYR C 84 1.59 15.94 -34.72
N THR C 85 0.71 15.52 -33.81
CA THR C 85 1.06 14.48 -32.85
C THR C 85 1.48 13.19 -33.60
N ARG C 86 0.62 12.78 -34.52
CA ARG C 86 0.76 11.49 -35.18
C ARG C 86 2.00 11.44 -36.10
N ALA C 87 2.49 12.61 -36.58
CA ALA C 87 3.59 12.67 -37.57
C ALA C 87 4.89 12.04 -37.04
N THR C 88 5.23 12.31 -35.76
CA THR C 88 6.58 12.04 -35.23
C THR C 88 6.48 11.66 -33.75
N ALA C 89 7.09 10.53 -33.36
CA ALA C 89 7.05 10.03 -31.99
C ALA C 89 7.50 11.15 -31.05
N GLY C 90 6.75 11.39 -29.94
CA GLY C 90 7.10 12.42 -28.97
C GLY C 90 6.40 13.76 -29.23
N ASN C 91 5.86 13.97 -30.44
CA ASN C 91 5.12 15.20 -30.74
C ASN C 91 3.84 15.26 -29.91
N ILE C 92 3.48 16.48 -29.46
CA ILE C 92 2.17 16.76 -28.86
C ILE C 92 1.64 18.06 -29.50
N GLY C 93 0.64 17.87 -30.38
CA GLY C 93 -0.04 18.95 -31.05
C GLY C 93 -0.85 19.76 -30.05
N VAL C 94 -0.75 21.10 -30.18
CA VAL C 94 -1.45 22.01 -29.29
C VAL C 94 -2.52 22.72 -30.13
N CYS C 95 -3.75 22.72 -29.59
CA CYS C 95 -4.91 23.44 -30.16
C CYS C 95 -5.38 24.52 -29.17
N LEU C 96 -5.37 25.81 -29.59
CA LEU C 96 -5.81 26.92 -28.75
C LEU C 96 -7.18 27.46 -29.21
N GLY C 97 -8.03 27.83 -28.25
CA GLY C 97 -9.29 28.47 -28.59
C GLY C 97 -9.82 29.38 -27.49
N THR C 98 -10.91 30.12 -27.80
CA THR C 98 -11.53 31.01 -26.83
C THR C 98 -12.52 30.19 -25.97
N SER C 99 -13.41 30.91 -25.27
CA SER C 99 -14.42 30.28 -24.44
C SER C 99 -15.59 29.76 -25.29
N GLY C 100 -16.57 29.16 -24.61
CA GLY C 100 -17.87 28.86 -25.20
C GLY C 100 -17.72 27.90 -26.37
N PRO C 101 -18.13 28.31 -27.59
CA PRO C 101 -18.22 27.36 -28.72
C PRO C 101 -16.86 26.85 -29.25
N ALA C 102 -15.74 27.51 -28.91
CA ALA C 102 -14.41 27.03 -29.29
C ALA C 102 -14.18 25.65 -28.63
N GLY C 103 -14.38 25.52 -27.32
CA GLY C 103 -14.21 24.24 -26.64
C GLY C 103 -15.17 23.17 -27.20
N THR C 104 -16.44 23.54 -27.46
CA THR C 104 -17.40 22.57 -27.98
C THR C 104 -17.00 22.14 -29.39
N ASP C 105 -16.27 23.01 -30.11
CA ASP C 105 -15.76 22.69 -31.44
C ASP C 105 -14.52 21.78 -31.37
N MET C 106 -13.98 21.52 -30.15
CA MET C 106 -12.79 20.68 -30.01
C MET C 106 -13.14 19.25 -29.62
N ILE C 107 -14.41 18.99 -29.29
CA ILE C 107 -14.81 17.72 -28.72
C ILE C 107 -14.57 16.56 -29.72
N THR C 108 -14.86 16.82 -30.99
CA THR C 108 -14.70 15.76 -31.99
C THR C 108 -13.23 15.31 -32.02
N ALA C 109 -12.27 16.26 -31.90
CA ALA C 109 -10.85 15.90 -31.94
C ALA C 109 -10.42 15.21 -30.65
N LEU C 110 -10.93 15.64 -29.49
CA LEU C 110 -10.61 15.02 -28.23
C LEU C 110 -11.07 13.56 -28.28
N TYR C 111 -12.28 13.35 -28.80
CA TYR C 111 -12.80 12.01 -29.04
C TYR C 111 -11.85 11.21 -29.96
N SER C 112 -11.52 11.73 -31.16
CA SER C 112 -10.70 11.01 -32.13
C SER C 112 -9.31 10.68 -31.54
N ALA C 113 -8.68 11.67 -30.87
CA ALA C 113 -7.39 11.47 -30.21
C ALA C 113 -7.48 10.39 -29.12
N SER C 114 -8.42 10.52 -28.17
CA SER C 114 -8.69 9.49 -27.17
C SER C 114 -8.81 8.10 -27.81
N ALA C 115 -9.69 8.02 -28.85
CA ALA C 115 -10.14 6.76 -29.44
C ALA C 115 -8.95 6.00 -30.05
N ASP C 116 -7.92 6.74 -30.52
CA ASP C 116 -6.72 6.17 -31.14
C ASP C 116 -5.51 6.15 -30.19
N SER C 117 -5.74 6.44 -28.89
CA SER C 117 -4.68 6.46 -27.86
C SER C 117 -3.54 7.42 -28.19
N ILE C 118 -3.86 8.60 -28.74
CA ILE C 118 -2.82 9.60 -28.99
C ILE C 118 -3.22 10.90 -28.29
N PRO C 119 -2.23 11.68 -27.80
CA PRO C 119 -2.48 12.98 -27.16
C PRO C 119 -2.54 14.19 -28.09
N ILE C 120 -3.47 15.10 -27.77
CA ILE C 120 -3.34 16.51 -28.11
C ILE C 120 -3.55 17.29 -26.82
N LEU C 121 -2.99 18.50 -26.73
CA LEU C 121 -3.29 19.44 -25.66
C LEU C 121 -4.19 20.54 -26.22
N CYS C 122 -5.45 20.58 -25.73
CA CYS C 122 -6.36 21.70 -26.00
C CYS C 122 -6.32 22.67 -24.83
N ILE C 123 -6.26 23.97 -25.18
CA ILE C 123 -6.27 25.07 -24.23
C ILE C 123 -7.37 26.05 -24.65
N THR C 124 -8.35 26.24 -23.73
CA THR C 124 -9.47 27.13 -23.96
C THR C 124 -9.41 28.29 -22.95
N GLY C 125 -9.77 29.49 -23.43
CA GLY C 125 -10.09 30.59 -22.55
C GLY C 125 -11.45 30.36 -21.92
N GLN C 126 -11.73 31.09 -20.83
CA GLN C 126 -12.95 30.92 -20.04
C GLN C 126 -13.27 32.26 -19.40
N ALA C 127 -14.54 32.44 -19.02
CA ALA C 127 -14.98 33.58 -18.23
C ALA C 127 -14.25 33.63 -16.87
N PRO C 128 -14.13 34.81 -16.23
CA PRO C 128 -13.52 34.90 -14.91
C PRO C 128 -14.22 33.96 -13.92
N ARG C 129 -13.45 33.46 -12.94
CA ARG C 129 -13.95 32.55 -11.92
C ARG C 129 -15.27 32.98 -11.29
N ALA C 130 -15.37 34.25 -10.88
CA ALA C 130 -16.53 34.76 -10.16
C ALA C 130 -17.80 34.77 -11.05
N ARG C 131 -17.65 34.52 -12.36
CA ARG C 131 -18.77 34.66 -13.27
C ARG C 131 -19.20 33.32 -13.88
N LEU C 132 -18.61 32.22 -13.39
CA LEU C 132 -18.76 30.92 -14.02
C LEU C 132 -20.19 30.38 -13.90
N HIS C 133 -20.94 30.79 -12.86
CA HIS C 133 -22.30 30.30 -12.64
C HIS C 133 -23.35 31.36 -13.05
N LYS C 134 -22.93 32.41 -13.77
CA LYS C 134 -23.75 33.60 -13.98
C LYS C 134 -24.20 33.76 -15.44
N GLU C 135 -24.11 32.71 -16.26
CA GLU C 135 -24.42 32.74 -17.69
C GLU C 135 -23.72 33.89 -18.43
N ASP C 136 -22.44 34.16 -18.09
CA ASP C 136 -21.63 35.12 -18.83
C ASP C 136 -21.64 34.71 -20.28
N PHE C 137 -21.54 35.71 -21.17
CA PHE C 137 -21.40 35.47 -22.60
C PHE C 137 -20.38 34.36 -22.85
N GLN C 138 -20.75 33.34 -23.62
CA GLN C 138 -19.83 32.29 -24.05
C GLN C 138 -19.16 31.55 -22.89
N ALA C 139 -19.81 31.46 -21.71
CA ALA C 139 -19.30 30.65 -20.62
C ALA C 139 -20.02 29.29 -20.67
N VAL C 140 -19.27 28.19 -20.82
CA VAL C 140 -19.86 26.86 -20.89
C VAL C 140 -19.05 25.93 -19.97
N ASP C 141 -19.73 24.89 -19.45
CA ASP C 141 -19.06 23.91 -18.60
C ASP C 141 -18.29 22.89 -19.44
N ILE C 142 -17.17 23.33 -20.04
CA ILE C 142 -16.38 22.52 -20.95
C ILE C 142 -15.72 21.36 -20.19
N GLU C 143 -15.46 21.54 -18.89
CA GLU C 143 -14.89 20.51 -18.05
C GLU C 143 -15.80 19.27 -18.11
N ALA C 144 -17.12 19.45 -17.91
CA ALA C 144 -18.11 18.38 -17.89
C ALA C 144 -18.31 17.78 -19.29
N ILE C 145 -18.28 18.61 -20.34
CA ILE C 145 -18.48 18.12 -21.69
C ILE C 145 -17.29 17.27 -22.18
N ALA C 146 -16.07 17.68 -21.84
CA ALA C 146 -14.85 17.07 -22.36
C ALA C 146 -14.36 15.90 -21.48
N LYS C 147 -14.88 15.78 -20.25
CA LYS C 147 -14.44 14.73 -19.33
C LYS C 147 -14.53 13.34 -19.99
N PRO C 148 -15.63 12.97 -20.70
CA PRO C 148 -15.73 11.63 -21.27
C PRO C 148 -14.76 11.31 -22.41
N VAL C 149 -14.07 12.31 -22.99
CA VAL C 149 -13.19 12.07 -24.14
C VAL C 149 -11.80 12.65 -23.89
N SER C 150 -11.35 12.68 -22.63
CA SER C 150 -10.03 13.17 -22.28
C SER C 150 -9.48 12.39 -21.09
N LYS C 151 -8.14 12.35 -20.96
CA LYS C 151 -7.51 11.83 -19.74
C LYS C 151 -7.65 12.82 -18.60
N MET C 152 -7.70 14.13 -18.93
CA MET C 152 -8.00 15.14 -17.91
C MET C 152 -8.62 16.32 -18.64
N ALA C 153 -9.68 16.88 -18.05
CA ALA C 153 -10.31 18.12 -18.52
C ALA C 153 -10.56 18.98 -17.29
N VAL C 154 -9.94 20.16 -17.22
CA VAL C 154 -9.91 20.88 -15.95
C VAL C 154 -9.96 22.39 -16.22
N THR C 155 -10.87 23.05 -15.50
CA THR C 155 -10.90 24.50 -15.36
C THR C 155 -9.95 24.86 -14.21
N VAL C 156 -8.86 25.59 -14.53
CA VAL C 156 -7.85 25.94 -13.54
C VAL C 156 -8.36 27.10 -12.68
N ARG C 157 -8.37 26.89 -11.36
CA ARG C 157 -9.07 27.78 -10.43
C ARG C 157 -8.12 28.77 -9.74
N GLU C 158 -6.80 28.58 -9.88
CA GLU C 158 -5.82 29.47 -9.29
C GLU C 158 -4.69 29.70 -10.30
N ALA C 159 -4.22 30.95 -10.37
CA ALA C 159 -3.09 31.32 -11.22
C ALA C 159 -1.88 30.41 -10.96
N ALA C 160 -1.54 30.17 -9.68
CA ALA C 160 -0.38 29.38 -9.30
C ALA C 160 -0.48 27.94 -9.81
N LEU C 161 -1.71 27.44 -10.06
CA LEU C 161 -1.88 26.06 -10.52
C LEU C 161 -1.68 25.91 -12.03
N VAL C 162 -1.69 27.01 -12.79
CA VAL C 162 -1.58 26.94 -14.25
C VAL C 162 -0.34 26.12 -14.67
N PRO C 163 0.90 26.45 -14.22
CA PRO C 163 2.07 25.62 -14.52
C PRO C 163 1.94 24.16 -14.04
N ARG C 164 1.28 23.93 -12.87
CA ARG C 164 1.22 22.59 -12.29
C ARG C 164 0.22 21.71 -13.04
N VAL C 165 -0.89 22.31 -13.48
CA VAL C 165 -1.86 21.60 -14.30
C VAL C 165 -1.21 21.21 -15.63
N LEU C 166 -0.46 22.16 -16.23
CA LEU C 166 0.22 21.84 -17.48
C LEU C 166 1.25 20.73 -17.26
N GLN C 167 2.02 20.81 -16.16
CA GLN C 167 3.01 19.79 -15.82
C GLN C 167 2.36 18.39 -15.74
N GLN C 168 1.22 18.30 -15.01
CA GLN C 168 0.47 17.05 -14.88
C GLN C 168 -0.09 16.61 -16.25
N ALA C 169 -0.57 17.58 -17.04
CA ALA C 169 -1.07 17.32 -18.38
C ALA C 169 -0.05 16.53 -19.20
N PHE C 170 1.21 16.98 -19.23
CA PHE C 170 2.23 16.33 -20.05
C PHE C 170 2.54 14.93 -19.52
N HIS C 171 2.56 14.74 -18.18
CA HIS C 171 2.72 13.40 -17.62
C HIS C 171 1.61 12.49 -18.17
N LEU C 172 0.35 12.97 -18.10
CA LEU C 172 -0.79 12.12 -18.44
C LEU C 172 -0.75 11.81 -19.94
N MET C 173 -0.40 12.80 -20.75
CA MET C 173 -0.44 12.64 -22.19
C MET C 173 0.58 11.60 -22.67
N ARG C 174 1.70 11.46 -21.95
CA ARG C 174 2.79 10.56 -22.34
C ARG C 174 2.72 9.18 -21.65
N SER C 175 1.97 9.08 -20.52
CA SER C 175 2.04 7.91 -19.64
C SER C 175 0.92 6.90 -19.98
N GLY C 176 1.17 5.63 -19.60
CA GLY C 176 0.18 4.56 -19.75
C GLY C 176 -0.37 4.51 -21.18
N ARG C 177 -1.69 4.33 -21.30
CA ARG C 177 -2.34 4.51 -22.59
C ARG C 177 -2.44 6.00 -22.88
N PRO C 178 -1.72 6.53 -23.89
CA PRO C 178 -1.76 7.97 -24.16
C PRO C 178 -3.17 8.45 -24.49
N GLY C 179 -3.41 9.74 -24.23
CA GLY C 179 -4.69 10.37 -24.54
C GLY C 179 -4.58 11.88 -24.34
N PRO C 180 -5.62 12.64 -24.77
CA PRO C 180 -5.56 14.09 -24.80
C PRO C 180 -5.99 14.74 -23.50
N VAL C 181 -5.68 16.04 -23.40
CA VAL C 181 -6.00 16.78 -22.21
C VAL C 181 -6.58 18.10 -22.67
N LEU C 182 -7.57 18.61 -21.92
CA LEU C 182 -8.07 19.97 -22.11
C LEU C 182 -7.86 20.76 -20.84
N VAL C 183 -7.25 21.95 -21.01
CA VAL C 183 -6.94 22.88 -19.93
C VAL C 183 -7.70 24.18 -20.22
N ASP C 184 -8.65 24.50 -19.31
CA ASP C 184 -9.58 25.61 -19.46
C ASP C 184 -9.17 26.73 -18.49
N LEU C 185 -8.91 27.94 -19.03
CA LEU C 185 -8.23 29.00 -18.29
C LEU C 185 -9.14 30.22 -18.12
N PRO C 186 -9.74 30.41 -16.92
CA PRO C 186 -10.48 31.65 -16.64
C PRO C 186 -9.57 32.84 -16.90
N PHE C 187 -10.13 33.89 -17.50
CA PHE C 187 -9.40 35.10 -17.90
C PHE C 187 -8.63 35.69 -16.74
N ASP C 188 -9.27 35.77 -15.56
CA ASP C 188 -8.63 36.38 -14.39
C ASP C 188 -7.44 35.52 -13.93
N VAL C 189 -7.55 34.20 -14.14
CA VAL C 189 -6.52 33.24 -13.76
C VAL C 189 -5.30 33.44 -14.66
N GLN C 190 -5.54 33.75 -15.94
CA GLN C 190 -4.50 33.89 -16.92
C GLN C 190 -3.62 35.10 -16.61
N VAL C 191 -4.26 36.22 -16.26
CA VAL C 191 -3.57 37.51 -16.15
C VAL C 191 -3.02 37.75 -14.73
N ALA C 192 -3.48 37.02 -13.71
CA ALA C 192 -2.91 37.14 -12.37
C ALA C 192 -1.40 36.84 -12.36
N GLU C 193 -0.66 37.60 -11.52
CA GLU C 193 0.78 37.44 -11.39
C GLU C 193 1.09 36.33 -10.38
N ILE C 194 2.08 35.50 -10.73
CA ILE C 194 2.63 34.51 -9.82
C ILE C 194 4.15 34.62 -9.83
N GLU C 195 4.78 33.97 -8.86
CA GLU C 195 6.23 33.83 -8.86
C GLU C 195 6.57 32.49 -9.49
N PHE C 196 7.45 32.52 -10.49
CA PHE C 196 7.79 31.33 -11.24
C PHE C 196 9.23 31.44 -11.68
N ASP C 197 9.99 30.38 -11.41
CA ASP C 197 11.40 30.32 -11.74
C ASP C 197 11.56 29.25 -12.82
N PRO C 198 11.71 29.66 -14.10
CA PRO C 198 11.82 28.70 -15.21
C PRO C 198 12.94 27.68 -14.98
N ASP C 199 14.05 28.10 -14.36
CA ASP C 199 15.21 27.26 -14.14
C ASP C 199 14.89 26.12 -13.17
N MET C 200 13.83 26.24 -12.35
CA MET C 200 13.49 25.19 -11.41
C MET C 200 12.46 24.22 -12.01
N TYR C 201 11.92 24.51 -13.21
CA TYR C 201 10.85 23.68 -13.77
C TYR C 201 11.45 22.42 -14.41
N GLU C 202 10.90 21.24 -14.09
CA GLU C 202 11.32 20.00 -14.71
C GLU C 202 10.07 19.18 -15.06
N PRO C 203 9.98 18.66 -16.30
CA PRO C 203 8.91 17.72 -16.65
C PRO C 203 8.90 16.56 -15.64
N LEU C 204 7.72 16.02 -15.38
CA LEU C 204 7.58 14.85 -14.54
C LEU C 204 8.08 13.60 -15.27
N PRO C 205 8.39 12.51 -14.52
CA PRO C 205 8.65 11.21 -15.12
C PRO C 205 7.40 10.72 -15.83
N VAL C 206 7.64 9.84 -16.81
CA VAL C 206 6.60 9.18 -17.58
C VAL C 206 6.40 7.77 -17.02
N TYR C 207 5.15 7.38 -16.71
CA TYR C 207 4.83 6.03 -16.26
C TYR C 207 4.60 5.12 -17.48
N LYS C 208 5.36 4.03 -17.55
CA LYS C 208 5.16 3.00 -18.57
C LYS C 208 5.48 1.64 -17.93
N PRO C 209 4.51 0.74 -17.73
CA PRO C 209 4.85 -0.60 -17.21
C PRO C 209 5.66 -1.39 -18.24
N ALA C 210 6.56 -2.26 -17.75
CA ALA C 210 7.44 -3.07 -18.57
C ALA C 210 7.24 -4.54 -18.21
N ALA C 211 7.10 -5.41 -19.23
CA ALA C 211 7.01 -6.86 -19.06
C ALA C 211 8.22 -7.39 -18.30
N SER C 212 8.00 -8.37 -17.41
CA SER C 212 9.09 -9.12 -16.80
C SER C 212 9.65 -10.13 -17.81
N ARG C 213 10.89 -10.59 -17.57
CA ARG C 213 11.49 -11.66 -18.36
C ARG C 213 10.60 -12.91 -18.30
N MET C 214 9.99 -13.19 -17.15
CA MET C 214 9.18 -14.41 -17.01
C MET C 214 8.00 -14.37 -17.97
N GLN C 215 7.35 -13.20 -18.11
CA GLN C 215 6.22 -13.01 -19.02
C GLN C 215 6.68 -13.29 -20.46
N ILE C 216 7.80 -12.67 -20.83
CA ILE C 216 8.28 -12.71 -22.21
C ILE C 216 8.73 -14.13 -22.58
N GLU C 217 9.37 -14.83 -21.63
CA GLU C 217 9.83 -16.20 -21.89
C GLU C 217 8.64 -17.13 -22.15
N LYS C 218 7.55 -16.98 -21.38
CA LYS C 218 6.34 -17.77 -21.60
C LYS C 218 5.77 -17.47 -22.99
N ALA C 219 5.71 -16.18 -23.37
CA ALA C 219 5.19 -15.76 -24.66
C ALA C 219 5.97 -16.41 -25.81
N VAL C 220 7.31 -16.39 -25.69
CA VAL C 220 8.16 -16.95 -26.75
C VAL C 220 8.05 -18.49 -26.77
N GLU C 221 7.92 -19.14 -25.60
CA GLU C 221 7.72 -20.59 -25.53
C GLU C 221 6.43 -20.97 -26.26
N MET C 222 5.37 -20.17 -26.09
CA MET C 222 4.10 -20.41 -26.78
C MET C 222 4.27 -20.23 -28.29
N LEU C 223 5.00 -19.19 -28.70
CA LEU C 223 5.23 -18.89 -30.11
C LEU C 223 5.96 -20.04 -30.80
N ILE C 224 7.02 -20.55 -30.15
CA ILE C 224 7.79 -21.70 -30.61
C ILE C 224 6.90 -22.93 -30.84
N GLN C 225 5.87 -23.15 -29.99
CA GLN C 225 4.95 -24.29 -30.09
C GLN C 225 3.99 -24.14 -31.27
N ALA C 226 3.69 -22.91 -31.73
CA ALA C 226 2.79 -22.70 -32.85
C ALA C 226 3.45 -23.16 -34.15
N GLU C 227 2.67 -23.76 -35.06
CA GLU C 227 3.14 -24.20 -36.36
C GLU C 227 2.90 -23.14 -37.44
N ARG C 228 1.90 -22.27 -37.24
CA ARG C 228 1.49 -21.29 -38.25
C ARG C 228 1.15 -19.96 -37.56
N PRO C 229 2.10 -19.35 -36.81
CA PRO C 229 1.82 -18.10 -36.09
C PRO C 229 1.88 -16.88 -37.00
N VAL C 230 1.14 -15.85 -36.61
CA VAL C 230 1.29 -14.51 -37.15
C VAL C 230 1.45 -13.55 -35.96
N ILE C 231 2.20 -12.47 -36.17
CA ILE C 231 2.26 -11.32 -35.27
C ILE C 231 1.26 -10.30 -35.82
N VAL C 232 0.32 -9.86 -34.98
CA VAL C 232 -0.54 -8.71 -35.29
C VAL C 232 0.03 -7.49 -34.55
N ALA C 233 0.61 -6.56 -35.34
CA ALA C 233 1.33 -5.38 -34.88
C ALA C 233 0.39 -4.18 -34.94
N GLY C 234 0.01 -3.68 -33.76
CA GLY C 234 -0.93 -2.59 -33.64
C GLY C 234 -0.29 -1.21 -33.49
N GLY C 235 -1.15 -0.20 -33.34
CA GLY C 235 -0.73 1.18 -33.18
C GLY C 235 0.14 1.41 -31.96
N GLY C 236 0.01 0.54 -30.94
CA GLY C 236 0.88 0.59 -29.76
C GLY C 236 2.37 0.49 -30.11
N VAL C 237 2.69 -0.29 -31.16
CA VAL C 237 4.07 -0.45 -31.63
C VAL C 237 4.59 0.91 -32.06
N ILE C 238 3.79 1.64 -32.85
CA ILE C 238 4.16 2.95 -33.38
C ILE C 238 4.17 3.99 -32.25
N ASN C 239 3.14 3.93 -31.40
CA ASN C 239 3.03 4.78 -30.22
C ASN C 239 4.33 4.72 -29.41
N ALA C 240 4.89 3.50 -29.24
CA ALA C 240 6.05 3.24 -28.39
C ALA C 240 7.35 3.51 -29.14
N ASP C 241 7.24 3.91 -30.42
CA ASP C 241 8.39 4.16 -31.27
C ASP C 241 9.23 2.87 -31.38
N ALA C 242 8.56 1.71 -31.60
CA ALA C 242 9.22 0.41 -31.54
C ALA C 242 9.19 -0.35 -32.88
N ALA C 243 9.04 0.36 -34.03
CA ALA C 243 8.90 -0.28 -35.34
C ALA C 243 10.11 -1.17 -35.71
N ALA C 244 11.34 -0.66 -35.47
CA ALA C 244 12.57 -1.36 -35.81
C ALA C 244 12.68 -2.66 -35.00
N LEU C 245 12.30 -2.59 -33.71
CA LEU C 245 12.33 -3.79 -32.86
C LEU C 245 11.26 -4.79 -33.29
N LEU C 246 10.07 -4.33 -33.69
CA LEU C 246 9.02 -5.22 -34.16
C LEU C 246 9.54 -6.05 -35.35
N GLN C 247 10.15 -5.35 -36.31
CA GLN C 247 10.68 -5.96 -37.51
C GLN C 247 11.80 -6.94 -37.15
N GLN C 248 12.72 -6.53 -36.27
CA GLN C 248 13.81 -7.38 -35.81
C GLN C 248 13.29 -8.68 -35.14
N PHE C 249 12.24 -8.59 -34.30
CA PHE C 249 11.65 -9.74 -33.64
C PHE C 249 11.04 -10.73 -34.64
N ALA C 250 10.30 -10.18 -35.64
CA ALA C 250 9.67 -10.96 -36.70
C ALA C 250 10.75 -11.68 -37.52
N GLU C 251 11.84 -10.96 -37.81
CA GLU C 251 12.95 -11.52 -38.60
C GLU C 251 13.69 -12.65 -37.84
N LEU C 252 13.98 -12.43 -36.55
CA LEU C 252 14.64 -13.45 -35.74
C LEU C 252 13.79 -14.72 -35.63
N THR C 253 12.46 -14.58 -35.53
CA THR C 253 11.57 -15.72 -35.34
C THR C 253 11.03 -16.25 -36.68
N SER C 254 11.24 -15.49 -37.77
CA SER C 254 10.75 -15.88 -39.09
C SER C 254 9.21 -15.97 -39.07
N VAL C 255 8.54 -14.99 -38.40
CA VAL C 255 7.10 -15.02 -38.21
C VAL C 255 6.45 -13.91 -39.03
N PRO C 256 5.50 -14.26 -39.95
CA PRO C 256 4.76 -13.25 -40.71
C PRO C 256 4.06 -12.22 -39.83
N VAL C 257 4.04 -10.97 -40.34
CA VAL C 257 3.48 -9.83 -39.64
C VAL C 257 2.26 -9.30 -40.39
N ILE C 258 1.15 -9.20 -39.65
CA ILE C 258 -0.08 -8.53 -40.09
C ILE C 258 -0.26 -7.24 -39.28
N PRO C 259 0.01 -6.05 -39.87
CA PRO C 259 -0.29 -4.81 -39.20
C PRO C 259 -1.80 -4.58 -39.12
N THR C 260 -2.29 -4.07 -37.98
CA THR C 260 -3.62 -3.47 -37.94
C THR C 260 -3.54 -2.21 -38.80
N LEU C 261 -4.69 -1.63 -39.12
CA LEU C 261 -4.69 -0.34 -39.81
C LEU C 261 -3.79 0.68 -39.11
N MET C 262 -3.78 0.68 -37.75
CA MET C 262 -3.07 1.68 -36.94
C MET C 262 -1.59 1.33 -36.77
N GLY C 263 -1.25 0.06 -37.05
CA GLY C 263 0.14 -0.42 -37.02
C GLY C 263 0.79 -0.41 -38.41
N TRP C 264 -0.02 -0.10 -39.45
CA TRP C 264 0.45 -0.15 -40.83
C TRP C 264 1.65 0.77 -41.00
N GLY C 265 2.73 0.19 -41.56
CA GLY C 265 4.00 0.90 -41.72
C GLY C 265 5.07 0.49 -40.71
N CYS C 266 4.71 -0.23 -39.63
CA CYS C 266 5.70 -0.56 -38.62
C CYS C 266 6.69 -1.62 -39.13
N ILE C 267 6.32 -2.29 -40.23
CA ILE C 267 7.21 -3.10 -41.06
C ILE C 267 6.91 -2.73 -42.52
N PRO C 268 7.92 -2.54 -43.39
CA PRO C 268 7.62 -2.12 -44.76
C PRO C 268 6.75 -3.14 -45.50
N ASP C 269 5.90 -2.63 -46.40
CA ASP C 269 4.98 -3.45 -47.19
C ASP C 269 5.72 -4.38 -48.14
N ASP C 270 7.00 -4.08 -48.48
CA ASP C 270 7.80 -4.96 -49.34
C ASP C 270 8.72 -5.88 -48.55
N HIS C 271 8.60 -5.91 -47.20
CA HIS C 271 9.31 -6.89 -46.39
C HIS C 271 8.74 -8.29 -46.66
N GLU C 272 9.63 -9.28 -46.74
CA GLU C 272 9.23 -10.62 -47.07
C GLU C 272 8.28 -11.18 -45.99
N LEU C 273 8.24 -10.63 -44.78
CA LEU C 273 7.38 -11.16 -43.71
C LEU C 273 6.08 -10.37 -43.59
N MET C 274 5.92 -9.30 -44.37
CA MET C 274 4.69 -8.50 -44.27
C MET C 274 3.61 -9.27 -45.01
N ALA C 275 2.59 -9.75 -44.30
CA ALA C 275 1.66 -10.75 -44.82
C ALA C 275 0.31 -10.14 -45.23
N GLY C 276 0.22 -8.82 -45.14
CA GLY C 276 -1.00 -8.10 -45.51
C GLY C 276 -1.77 -7.63 -44.28
N MET C 277 -2.93 -7.01 -44.53
CA MET C 277 -3.81 -6.54 -43.46
C MET C 277 -5.09 -7.38 -43.45
N VAL C 278 -5.76 -7.34 -42.29
CA VAL C 278 -6.89 -8.20 -41.97
C VAL C 278 -8.08 -7.33 -41.58
N GLY C 279 -9.28 -7.81 -41.87
CA GLY C 279 -10.50 -7.19 -41.37
C GLY C 279 -11.63 -7.22 -42.40
N LEU C 280 -12.63 -6.35 -42.16
CA LEU C 280 -13.91 -6.41 -42.85
C LEU C 280 -13.90 -5.45 -44.04
N GLN C 281 -12.99 -4.46 -44.03
CA GLN C 281 -12.96 -3.38 -45.02
C GLN C 281 -11.53 -3.07 -45.48
N THR C 282 -10.70 -2.46 -44.59
CA THR C 282 -9.32 -2.09 -44.89
C THR C 282 -8.44 -3.32 -44.68
N ALA C 283 -8.52 -4.24 -45.65
CA ALA C 283 -7.95 -5.58 -45.51
C ALA C 283 -7.70 -6.17 -46.90
N HIS C 284 -6.84 -7.19 -46.93
CA HIS C 284 -6.47 -7.88 -48.17
C HIS C 284 -7.06 -9.28 -48.14
N ARG C 285 -7.37 -9.81 -49.32
CA ARG C 285 -7.81 -11.19 -49.49
C ARG C 285 -6.78 -12.16 -48.90
N TYR C 286 -5.50 -11.85 -49.13
CA TYR C 286 -4.40 -12.69 -48.66
C TYR C 286 -4.20 -12.56 -47.15
N GLY C 287 -4.40 -11.34 -46.62
CA GLY C 287 -4.36 -11.07 -45.20
C GLY C 287 -5.38 -11.93 -44.44
N ASN C 288 -6.64 -11.85 -44.87
CA ASN C 288 -7.73 -12.60 -44.23
C ASN C 288 -7.45 -14.10 -44.34
N ALA C 289 -7.03 -14.58 -45.54
CA ALA C 289 -6.80 -16.01 -45.73
C ALA C 289 -5.64 -16.50 -44.84
N THR C 290 -4.60 -15.67 -44.69
CA THR C 290 -3.46 -16.02 -43.82
C THR C 290 -3.93 -16.11 -42.36
N LEU C 291 -4.76 -15.15 -41.92
CA LEU C 291 -5.22 -15.12 -40.53
C LEU C 291 -6.02 -16.40 -40.26
N LEU C 292 -6.98 -16.70 -41.15
CA LEU C 292 -7.83 -17.87 -41.01
C LEU C 292 -7.03 -19.18 -41.06
N ALA C 293 -5.87 -19.21 -41.73
CA ALA C 293 -5.03 -20.40 -41.81
C ALA C 293 -4.08 -20.51 -40.60
N SER C 294 -3.86 -19.40 -39.86
CA SER C 294 -2.93 -19.37 -38.74
C SER C 294 -3.46 -20.15 -37.54
N ASP C 295 -2.54 -20.59 -36.64
CA ASP C 295 -2.88 -21.31 -35.41
C ASP C 295 -2.48 -20.50 -34.17
N MET C 296 -1.98 -19.26 -34.38
CA MET C 296 -1.68 -18.36 -33.28
C MET C 296 -1.67 -16.93 -33.81
N VAL C 297 -2.27 -16.02 -33.01
CA VAL C 297 -2.13 -14.58 -33.20
C VAL C 297 -1.32 -14.06 -32.01
N PHE C 298 -0.13 -13.52 -32.34
CA PHE C 298 0.74 -12.87 -31.37
C PHE C 298 0.53 -11.35 -31.44
N GLY C 299 -0.36 -10.84 -30.60
CA GLY C 299 -0.81 -9.45 -30.66
C GLY C 299 0.09 -8.53 -29.84
N ILE C 300 0.68 -7.51 -30.51
CA ILE C 300 1.61 -6.57 -29.88
C ILE C 300 1.10 -5.16 -30.14
N GLY C 301 0.56 -4.53 -29.07
CA GLY C 301 0.14 -3.14 -29.13
C GLY C 301 -1.11 -2.94 -29.99
N ASN C 302 -1.92 -4.01 -30.10
CA ASN C 302 -3.18 -4.02 -30.83
C ASN C 302 -4.31 -4.14 -29.80
N ARG C 303 -5.58 -4.07 -30.26
CA ARG C 303 -6.71 -4.20 -29.33
C ARG C 303 -7.88 -4.97 -29.94
N PHE C 304 -7.69 -5.65 -31.09
CA PHE C 304 -8.73 -6.49 -31.67
C PHE C 304 -10.02 -5.70 -31.96
N ALA C 305 -9.89 -4.63 -32.77
CA ALA C 305 -11.02 -3.77 -33.12
C ALA C 305 -12.04 -4.60 -33.89
N ASN C 306 -13.34 -4.26 -33.75
CA ASN C 306 -14.41 -5.07 -34.32
C ASN C 306 -14.29 -5.12 -35.86
N ARG C 307 -13.83 -4.04 -36.51
CA ARG C 307 -13.68 -4.06 -37.97
C ARG C 307 -12.42 -4.81 -38.43
N HIS C 308 -11.55 -5.19 -37.46
CA HIS C 308 -10.41 -6.07 -37.69
C HIS C 308 -10.81 -7.54 -37.52
N THR C 309 -11.66 -7.83 -36.51
CA THR C 309 -11.96 -9.21 -36.10
C THR C 309 -13.19 -9.81 -36.78
N GLY C 310 -14.18 -8.98 -37.16
CA GLY C 310 -15.56 -9.47 -37.21
C GLY C 310 -15.95 -10.13 -35.88
N SER C 311 -16.74 -11.20 -35.91
CA SER C 311 -17.05 -11.98 -34.72
C SER C 311 -15.77 -12.57 -34.13
N VAL C 312 -15.54 -12.31 -32.83
CA VAL C 312 -14.31 -12.80 -32.18
C VAL C 312 -14.30 -14.33 -32.14
N GLU C 313 -15.48 -14.99 -32.09
CA GLU C 313 -15.56 -16.45 -32.13
C GLU C 313 -14.83 -16.98 -33.38
N LYS C 314 -15.03 -16.30 -34.53
CA LYS C 314 -14.47 -16.73 -35.80
C LYS C 314 -12.99 -16.33 -35.85
N TYR C 315 -12.66 -15.14 -35.35
CA TYR C 315 -11.28 -14.67 -35.36
C TYR C 315 -10.36 -15.60 -34.54
N THR C 316 -10.84 -16.11 -33.39
CA THR C 316 -10.01 -16.87 -32.48
C THR C 316 -10.13 -18.38 -32.71
N GLU C 317 -11.00 -18.83 -33.62
CA GLU C 317 -11.26 -20.26 -33.80
C GLU C 317 -9.96 -20.99 -34.14
N GLY C 318 -9.57 -21.98 -33.32
CA GLY C 318 -8.37 -22.80 -33.55
C GLY C 318 -7.03 -22.07 -33.34
N ARG C 319 -7.05 -20.90 -32.70
CA ARG C 319 -5.84 -20.08 -32.56
C ARG C 319 -5.56 -19.76 -31.09
N LYS C 320 -4.32 -19.95 -30.65
CA LYS C 320 -3.82 -19.35 -29.43
C LYS C 320 -3.70 -17.84 -29.64
N ILE C 321 -4.03 -17.04 -28.61
CA ILE C 321 -3.95 -15.58 -28.65
C ILE C 321 -3.00 -15.11 -27.54
N VAL C 322 -1.94 -14.40 -27.96
CA VAL C 322 -1.13 -13.59 -27.06
C VAL C 322 -1.54 -12.14 -27.30
N HIS C 323 -1.63 -11.36 -26.20
CA HIS C 323 -1.97 -9.94 -26.29
C HIS C 323 -1.07 -9.13 -25.34
N ILE C 324 -0.23 -8.27 -25.92
CA ILE C 324 0.62 -7.35 -25.18
C ILE C 324 0.08 -5.94 -25.37
N ASP C 325 -0.30 -5.30 -24.24
CA ASP C 325 -0.91 -3.97 -24.25
C ASP C 325 -0.39 -3.19 -23.04
N ILE C 326 -0.16 -1.86 -23.20
CA ILE C 326 0.26 -1.04 -22.06
C ILE C 326 -0.85 -0.87 -21.02
N GLU C 327 -2.12 -1.08 -21.43
CA GLU C 327 -3.30 -0.82 -20.62
C GLU C 327 -3.95 -2.12 -20.12
N PRO C 328 -3.97 -2.38 -18.80
CA PRO C 328 -4.48 -3.66 -18.29
C PRO C 328 -5.93 -3.90 -18.76
N THR C 329 -6.76 -2.85 -18.73
CA THR C 329 -8.19 -3.04 -18.95
C THR C 329 -8.51 -3.12 -20.45
N GLN C 330 -7.48 -3.10 -21.33
CA GLN C 330 -7.62 -3.45 -22.75
C GLN C 330 -7.52 -4.96 -23.00
N ILE C 331 -7.00 -5.69 -22.02
CA ILE C 331 -6.70 -7.11 -22.15
C ILE C 331 -7.90 -7.90 -21.61
N GLY C 332 -8.65 -8.58 -22.50
CA GLY C 332 -9.84 -9.30 -22.10
C GLY C 332 -11.12 -8.51 -22.36
N ARG C 333 -10.98 -7.33 -23.00
CA ARG C 333 -12.10 -6.41 -23.20
C ARG C 333 -13.06 -6.94 -24.25
N VAL C 334 -12.53 -7.46 -25.37
CA VAL C 334 -13.32 -8.00 -26.47
C VAL C 334 -13.03 -9.48 -26.72
N LEU C 335 -11.84 -10.00 -26.36
CA LEU C 335 -11.63 -11.44 -26.36
C LEU C 335 -10.65 -11.82 -25.26
N CYS C 336 -10.77 -13.06 -24.77
CA CYS C 336 -9.89 -13.60 -23.75
C CYS C 336 -8.60 -14.10 -24.40
N PRO C 337 -7.41 -13.51 -24.14
CA PRO C 337 -6.17 -14.10 -24.65
C PRO C 337 -5.78 -15.33 -23.84
N ASP C 338 -5.02 -16.25 -24.46
CA ASP C 338 -4.37 -17.33 -23.75
C ASP C 338 -3.32 -16.76 -22.82
N LEU C 339 -2.65 -15.68 -23.25
CA LEU C 339 -1.66 -14.99 -22.45
C LEU C 339 -1.71 -13.49 -22.71
N GLY C 340 -1.96 -12.75 -21.62
CA GLY C 340 -2.02 -11.30 -21.64
C GLY C 340 -0.91 -10.72 -20.77
N ILE C 341 -0.20 -9.74 -21.34
CA ILE C 341 0.95 -9.12 -20.71
C ILE C 341 0.72 -7.62 -20.79
N VAL C 342 0.76 -6.98 -19.61
CA VAL C 342 0.75 -5.53 -19.50
C VAL C 342 2.17 -5.00 -19.71
N SER C 343 2.39 -4.31 -20.84
CA SER C 343 3.71 -3.73 -21.12
C SER C 343 3.63 -2.67 -22.21
N ASP C 344 4.47 -1.63 -22.04
CA ASP C 344 4.92 -0.78 -23.13
C ASP C 344 5.47 -1.69 -24.24
N ALA C 345 5.14 -1.38 -25.50
CA ALA C 345 5.52 -2.23 -26.63
C ALA C 345 7.04 -2.20 -26.88
N LYS C 346 7.72 -1.06 -26.59
CA LYS C 346 9.18 -1.02 -26.73
C LYS C 346 9.86 -1.87 -25.65
N ALA C 347 9.40 -1.76 -24.39
CA ALA C 347 9.97 -2.56 -23.31
C ALA C 347 9.79 -4.05 -23.62
N ALA C 348 8.58 -4.42 -24.06
CA ALA C 348 8.23 -5.77 -24.45
C ALA C 348 9.12 -6.29 -25.59
N LEU C 349 9.28 -5.49 -26.65
CA LEU C 349 10.01 -5.92 -27.85
C LEU C 349 11.52 -5.99 -27.60
N THR C 350 12.06 -5.13 -26.72
CA THR C 350 13.45 -5.24 -26.30
C THR C 350 13.72 -6.63 -25.73
N LEU C 351 12.85 -7.08 -24.81
CA LEU C 351 12.99 -8.36 -24.15
C LEU C 351 12.66 -9.52 -25.09
N LEU C 352 11.65 -9.34 -25.96
CA LEU C 352 11.30 -10.38 -26.93
C LEU C 352 12.50 -10.67 -27.86
N VAL C 353 13.17 -9.61 -28.34
CA VAL C 353 14.36 -9.70 -29.18
C VAL C 353 15.49 -10.43 -28.43
N GLU C 354 15.78 -10.02 -27.19
CA GLU C 354 16.82 -10.61 -26.36
C GLU C 354 16.54 -12.11 -26.13
N VAL C 355 15.30 -12.47 -25.76
CA VAL C 355 14.93 -13.86 -25.55
C VAL C 355 15.01 -14.66 -26.85
N ALA C 356 14.53 -14.11 -27.96
CA ALA C 356 14.60 -14.76 -29.26
C ALA C 356 16.04 -15.06 -29.65
N GLN C 357 16.97 -14.10 -29.40
CA GLN C 357 18.39 -14.28 -29.66
C GLN C 357 18.98 -15.43 -28.84
N GLU C 358 18.59 -15.54 -27.56
CA GLU C 358 18.99 -16.64 -26.68
C GLU C 358 18.47 -17.97 -27.23
N MET C 359 17.20 -17.99 -27.69
CA MET C 359 16.59 -19.20 -28.22
C MET C 359 17.29 -19.63 -29.50
N GLN C 360 17.69 -18.66 -30.33
CA GLN C 360 18.36 -18.89 -31.60
C GLN C 360 19.73 -19.53 -31.34
N LYS C 361 20.48 -18.93 -30.41
CA LYS C 361 21.78 -19.43 -29.99
C LYS C 361 21.67 -20.84 -29.41
N ALA C 362 20.57 -21.17 -28.72
CA ALA C 362 20.35 -22.52 -28.18
C ALA C 362 19.76 -23.50 -29.21
N GLY C 363 19.61 -23.08 -30.48
CA GLY C 363 18.98 -23.90 -31.52
C GLY C 363 17.51 -24.24 -31.25
N ARG C 364 16.74 -23.37 -30.59
CA ARG C 364 15.39 -23.72 -30.16
C ARG C 364 14.31 -23.01 -30.99
N LEU C 365 14.68 -22.09 -31.89
CA LEU C 365 13.71 -21.44 -32.75
C LEU C 365 13.40 -22.34 -33.94
N PRO C 366 12.14 -22.76 -34.19
CA PRO C 366 11.84 -23.57 -35.37
C PRO C 366 12.03 -22.77 -36.67
N CSO C 367 12.37 -23.51 -37.74
CA CSO C 367 12.44 -23.01 -39.10
CB CSO C 367 13.33 -23.95 -39.90
SG CSO C 367 13.34 -23.74 -41.71
C CSO C 367 11.01 -22.92 -39.62
O CSO C 367 10.25 -23.85 -39.42
OD CSO C 367 14.04 -22.24 -41.87
H CSO C 367 12.58 -24.38 -37.60
HA CSO C 367 12.85 -22.11 -39.09
HB2 CSO C 367 13.06 -24.87 -39.72
HB3 CSO C 367 14.26 -23.85 -39.59
HD CSO C 367 14.12 -22.04 -42.63
N ARG C 368 10.62 -21.82 -40.28
CA ARG C 368 9.24 -21.63 -40.65
C ARG C 368 9.09 -21.39 -42.16
N LYS C 369 10.01 -21.96 -42.96
CA LYS C 369 10.06 -21.69 -44.40
C LYS C 369 8.73 -22.03 -45.09
N GLU C 370 8.12 -23.16 -44.71
CA GLU C 370 6.89 -23.60 -45.34
C GLU C 370 5.72 -22.66 -45.08
N TRP C 371 5.53 -22.26 -43.81
CA TRP C 371 4.44 -21.37 -43.46
C TRP C 371 4.65 -20.00 -44.10
N VAL C 372 5.87 -19.45 -44.02
CA VAL C 372 6.22 -18.17 -44.64
C VAL C 372 5.92 -18.23 -46.14
N ALA C 373 6.38 -19.31 -46.82
CA ALA C 373 6.14 -19.55 -48.25
C ALA C 373 4.64 -19.57 -48.58
N ASP C 374 3.83 -20.32 -47.79
CA ASP C 374 2.38 -20.32 -47.89
C ASP C 374 1.78 -18.92 -47.81
N CYS C 375 2.25 -18.07 -46.87
CA CYS C 375 1.71 -16.72 -46.72
C CYS C 375 2.03 -15.87 -47.96
N GLN C 376 3.26 -16.01 -48.47
CA GLN C 376 3.76 -15.27 -49.63
C GLN C 376 3.02 -15.71 -50.89
N GLN C 377 2.77 -17.03 -51.05
CA GLN C 377 1.93 -17.59 -52.11
C GLN C 377 0.53 -16.96 -52.18
N ARG C 378 -0.14 -16.80 -51.03
CA ARG C 378 -1.43 -16.13 -50.97
C ARG C 378 -1.34 -14.66 -51.41
N LYS C 379 -0.25 -13.99 -50.96
CA LYS C 379 0.01 -12.58 -51.24
C LYS C 379 0.24 -12.30 -52.74
N ARG C 380 0.67 -13.36 -53.40
CA ARG C 380 1.04 -13.36 -54.80
C ARG C 380 -0.19 -13.56 -55.70
N THR C 381 -1.22 -14.26 -55.17
CA THR C 381 -2.34 -14.74 -55.97
C THR C 381 -3.67 -14.07 -55.61
N LEU C 382 -3.93 -13.70 -54.34
CA LEU C 382 -5.28 -13.32 -53.90
C LEU C 382 -5.42 -11.80 -53.94
N LEU C 383 -5.60 -11.26 -55.15
CA LEU C 383 -5.47 -9.82 -55.39
C LEU C 383 -6.81 -9.25 -55.87
N ARG C 384 -6.81 -7.93 -56.08
CA ARG C 384 -7.91 -7.14 -56.61
C ARG C 384 -7.40 -6.31 -57.78
N LYS C 385 -8.17 -6.30 -58.88
CA LYS C 385 -7.80 -5.50 -60.05
C LYS C 385 -7.77 -3.99 -59.70
N THR C 386 -6.70 -3.31 -60.21
CA THR C 386 -6.56 -1.86 -60.21
C THR C 386 -6.45 -1.28 -61.62
N HIS C 387 -6.01 -2.08 -62.61
CA HIS C 387 -5.63 -1.51 -63.90
C HIS C 387 -6.84 -1.40 -64.85
N PHE C 388 -7.65 -0.38 -64.61
CA PHE C 388 -8.88 -0.12 -65.37
C PHE C 388 -8.69 1.08 -66.29
N ASP C 389 -9.01 0.92 -67.59
CA ASP C 389 -8.91 1.99 -68.57
C ASP C 389 -10.26 2.70 -68.74
N ASN C 390 -11.25 2.34 -67.92
CA ASN C 390 -12.59 2.90 -67.99
C ASN C 390 -12.58 4.42 -67.82
N VAL C 391 -13.55 5.02 -68.55
CA VAL C 391 -14.01 6.40 -68.40
C VAL C 391 -15.54 6.30 -68.27
N PRO C 392 -16.17 6.86 -67.22
CA PRO C 392 -15.45 7.52 -66.12
C PRO C 392 -14.55 6.59 -65.31
N VAL C 393 -13.65 7.20 -64.53
CA VAL C 393 -12.55 6.50 -63.90
C VAL C 393 -13.07 5.59 -62.77
N LYS C 394 -12.47 4.39 -62.68
CA LYS C 394 -12.62 3.51 -61.54
C LYS C 394 -11.62 3.86 -60.46
N PRO C 395 -12.08 3.99 -59.19
CA PRO C 395 -11.22 4.48 -58.11
C PRO C 395 -9.97 3.61 -57.90
N GLN C 396 -10.08 2.30 -58.16
CA GLN C 396 -8.96 1.38 -58.00
C GLN C 396 -7.75 1.85 -58.82
N ARG C 397 -7.99 2.40 -60.03
CA ARG C 397 -6.91 2.86 -60.91
C ARG C 397 -6.16 4.05 -60.30
N VAL C 398 -6.85 4.87 -59.48
CA VAL C 398 -6.23 6.04 -58.89
C VAL C 398 -5.11 5.60 -57.95
N TYR C 399 -5.40 4.57 -57.12
CA TYR C 399 -4.42 4.06 -56.15
C TYR C 399 -3.20 3.46 -56.85
N GLU C 400 -3.43 2.77 -57.98
CA GLU C 400 -2.34 2.24 -58.80
C GLU C 400 -1.42 3.39 -59.21
N GLU C 401 -2.02 4.49 -59.71
CA GLU C 401 -1.26 5.63 -60.22
C GLU C 401 -0.50 6.35 -59.09
N MET C 402 -1.12 6.38 -57.90
CA MET C 402 -0.47 6.96 -56.74
C MET C 402 0.77 6.16 -56.37
N ASN C 403 0.66 4.81 -56.32
CA ASN C 403 1.80 3.96 -56.00
C ASN C 403 2.95 4.20 -56.98
N LYS C 404 2.62 4.38 -58.26
CA LYS C 404 3.63 4.61 -59.30
C LYS C 404 4.24 6.01 -59.18
N ALA C 405 3.43 7.04 -58.84
CA ALA C 405 3.88 8.44 -58.92
C ALA C 405 4.73 8.84 -57.72
N PHE C 406 4.46 8.29 -56.52
CA PHE C 406 5.13 8.75 -55.31
C PHE C 406 6.26 7.78 -54.91
N GLY C 407 7.13 8.25 -54.03
CA GLY C 407 8.25 7.43 -53.61
C GLY C 407 7.84 6.52 -52.45
N ARG C 408 8.79 5.67 -52.00
CA ARG C 408 8.55 4.79 -50.87
C ARG C 408 8.49 5.62 -49.59
N ASP C 409 8.92 6.90 -49.65
CA ASP C 409 8.88 7.78 -48.48
C ASP C 409 7.57 8.59 -48.40
N VAL C 410 6.60 8.30 -49.28
CA VAL C 410 5.30 8.97 -49.26
C VAL C 410 4.63 8.74 -47.90
N CYS C 411 3.91 9.77 -47.44
CA CYS C 411 3.17 9.75 -46.20
C CYS C 411 1.70 10.04 -46.54
N TYR C 412 0.82 9.05 -46.32
CA TYR C 412 -0.59 9.20 -46.68
C TYR C 412 -1.39 9.62 -45.46
N VAL C 413 -2.35 10.52 -45.71
CA VAL C 413 -3.28 11.04 -44.70
C VAL C 413 -4.69 10.92 -45.22
N THR C 414 -5.56 10.29 -44.43
CA THR C 414 -6.94 10.04 -44.86
C THR C 414 -7.84 9.81 -43.63
N THR C 415 -9.16 9.69 -43.89
CA THR C 415 -10.15 9.60 -42.83
C THR C 415 -11.01 8.33 -42.98
N ALA C 416 -12.00 8.40 -43.86
CA ALA C 416 -13.04 7.37 -43.96
C ALA C 416 -13.87 7.62 -45.23
N GLY C 417 -14.48 6.54 -45.74
CA GLY C 417 -15.21 6.54 -47.00
C GLY C 417 -14.70 5.40 -47.88
N LEU C 418 -15.37 5.15 -49.02
CA LEU C 418 -14.83 4.23 -50.02
C LEU C 418 -13.44 4.69 -50.48
N SER C 419 -13.25 6.01 -50.51
CA SER C 419 -11.96 6.66 -50.77
C SER C 419 -10.85 6.02 -49.94
N GLN C 420 -11.07 6.00 -48.61
CA GLN C 420 -10.07 5.57 -47.63
C GLN C 420 -10.00 4.03 -47.60
N ILE C 421 -11.16 3.34 -47.72
CA ILE C 421 -11.14 1.89 -47.60
C ILE C 421 -10.33 1.28 -48.75
N ALA C 422 -10.66 1.68 -49.99
CA ALA C 422 -9.98 1.17 -51.17
C ALA C 422 -8.51 1.59 -51.14
N ALA C 423 -8.24 2.81 -50.67
CA ALA C 423 -6.87 3.29 -50.48
C ALA C 423 -6.05 2.31 -49.61
N ALA C 424 -6.64 1.90 -48.49
CA ALA C 424 -6.00 0.98 -47.54
C ALA C 424 -5.82 -0.40 -48.18
N GLN C 425 -6.72 -0.77 -49.10
CA GLN C 425 -6.63 -2.05 -49.78
C GLN C 425 -5.53 -2.09 -50.84
N MET C 426 -5.15 -0.92 -51.38
CA MET C 426 -4.47 -0.85 -52.66
C MET C 426 -3.20 0.02 -52.66
N LEU C 427 -3.08 0.99 -51.73
CA LEU C 427 -1.83 1.75 -51.62
C LEU C 427 -0.84 0.91 -50.82
N HIS C 428 0.44 1.32 -50.86
CA HIS C 428 1.52 0.72 -50.07
C HIS C 428 2.31 1.78 -49.32
N VAL C 429 2.67 1.46 -48.06
CA VAL C 429 3.51 2.29 -47.22
C VAL C 429 4.70 1.47 -46.69
N PHE C 430 5.79 2.18 -46.36
CA PHE C 430 7.09 1.54 -46.14
C PHE C 430 7.80 2.02 -44.87
N LYS C 431 7.19 2.92 -44.10
CA LYS C 431 7.82 3.55 -42.92
C LYS C 431 6.72 3.79 -41.88
N ASP C 432 7.06 3.73 -40.58
CA ASP C 432 6.06 4.00 -39.56
C ASP C 432 5.74 5.50 -39.56
N ARG C 433 4.46 5.83 -39.29
CA ARG C 433 3.92 7.19 -39.32
C ARG C 433 3.82 7.70 -40.76
N HIS C 434 3.75 6.76 -41.74
CA HIS C 434 3.48 7.08 -43.15
C HIS C 434 2.07 6.64 -43.58
N TRP C 435 1.29 6.13 -42.61
CA TRP C 435 -0.16 6.04 -42.73
C TRP C 435 -0.75 6.76 -41.51
N ILE C 436 -1.34 7.93 -41.78
CA ILE C 436 -1.89 8.80 -40.75
C ILE C 436 -3.41 8.84 -40.95
N ASN C 437 -4.14 8.17 -40.06
CA ASN C 437 -5.55 7.87 -40.27
C ASN C 437 -6.23 7.79 -38.91
N CYS C 438 -7.35 8.51 -38.74
CA CYS C 438 -8.19 8.45 -37.55
C CYS C 438 -9.05 7.18 -37.58
N GLY C 439 -8.43 6.02 -37.29
CA GLY C 439 -9.06 4.74 -37.54
C GLY C 439 -10.33 4.41 -36.72
N GLN C 440 -10.44 4.94 -35.51
CA GLN C 440 -11.51 4.52 -34.60
C GLN C 440 -12.71 5.48 -34.69
N ALA C 441 -12.46 6.80 -34.89
CA ALA C 441 -13.55 7.78 -34.97
C ALA C 441 -13.92 8.21 -36.41
N GLY C 442 -12.96 8.25 -37.34
CA GLY C 442 -13.20 8.67 -38.73
C GLY C 442 -14.08 9.91 -38.92
N PRO C 443 -13.82 11.05 -38.21
CA PRO C 443 -14.59 12.28 -38.42
C PRO C 443 -14.33 12.94 -39.77
N LEU C 444 -15.37 13.08 -40.58
CA LEU C 444 -15.23 13.74 -41.86
C LEU C 444 -14.72 15.17 -41.64
N GLY C 445 -13.85 15.61 -42.57
CA GLY C 445 -13.19 16.90 -42.47
C GLY C 445 -11.78 16.79 -41.88
N TRP C 446 -11.46 15.63 -41.29
CA TRP C 446 -10.17 15.44 -40.61
C TRP C 446 -8.98 15.59 -41.57
N THR C 447 -9.17 15.24 -42.86
CA THR C 447 -8.04 14.95 -43.74
C THR C 447 -7.21 16.22 -44.02
N ILE C 448 -7.86 17.29 -44.51
CA ILE C 448 -7.14 18.52 -44.83
C ILE C 448 -6.34 19.03 -43.62
N PRO C 449 -6.98 19.36 -42.47
CA PRO C 449 -6.23 19.88 -41.32
C PRO C 449 -5.18 18.89 -40.79
N ALA C 450 -5.48 17.58 -40.74
CA ALA C 450 -4.48 16.60 -40.29
C ALA C 450 -3.23 16.66 -41.18
N ALA C 451 -3.43 16.75 -42.50
CA ALA C 451 -2.32 16.81 -43.44
C ALA C 451 -1.49 18.08 -43.19
N LEU C 452 -2.15 19.22 -42.99
CA LEU C 452 -1.45 20.46 -42.70
C LEU C 452 -0.65 20.32 -41.41
N GLY C 453 -1.22 19.63 -40.41
CA GLY C 453 -0.52 19.34 -39.15
C GLY C 453 0.74 18.49 -39.33
N VAL C 454 0.65 17.44 -40.15
CA VAL C 454 1.80 16.59 -40.46
C VAL C 454 2.88 17.46 -41.13
N CYS C 455 2.47 18.30 -42.11
CA CYS C 455 3.45 19.13 -42.84
C CYS C 455 4.14 20.11 -41.89
N ALA C 456 3.37 20.70 -40.95
CA ALA C 456 3.95 21.57 -39.93
C ALA C 456 4.93 20.82 -39.03
N ALA C 457 4.63 19.57 -38.67
CA ALA C 457 5.52 18.75 -37.86
C ALA C 457 6.83 18.46 -38.63
N ASP C 458 6.73 18.24 -39.94
CA ASP C 458 7.88 17.78 -40.72
C ASP C 458 7.81 18.38 -42.13
N PRO C 459 8.42 19.56 -42.34
CA PRO C 459 8.44 20.22 -43.64
C PRO C 459 9.15 19.46 -44.75
N LYS C 460 9.88 18.39 -44.43
CA LYS C 460 10.49 17.57 -45.46
C LYS C 460 9.64 16.35 -45.80
N ARG C 461 8.51 16.14 -45.10
CA ARG C 461 7.69 14.97 -45.38
C ARG C 461 6.98 15.15 -46.71
N ASN C 462 6.92 14.04 -47.48
CA ASN C 462 6.21 13.91 -48.73
CA ASN C 462 6.18 13.94 -48.74
C ASN C 462 4.73 13.54 -48.47
N VAL C 463 3.92 14.53 -48.07
CA VAL C 463 2.54 14.28 -47.65
C VAL C 463 1.61 14.29 -48.87
N VAL C 464 0.79 13.23 -48.93
CA VAL C 464 -0.26 13.04 -49.93
C VAL C 464 -1.53 12.62 -49.19
N ALA C 465 -2.59 13.47 -49.26
CA ALA C 465 -3.89 13.16 -48.67
C ALA C 465 -4.78 12.45 -49.70
N ILE C 466 -5.73 11.69 -49.18
CA ILE C 466 -6.80 11.06 -49.93
C ILE C 466 -8.14 11.39 -49.25
N SER C 467 -9.04 12.02 -50.02
CA SER C 467 -10.41 12.34 -49.60
C SER C 467 -11.37 11.97 -50.73
N GLY C 468 -12.56 11.53 -50.32
CA GLY C 468 -13.74 11.63 -51.18
C GLY C 468 -14.24 13.07 -51.17
N ASP C 469 -15.27 13.33 -51.98
CA ASP C 469 -15.82 14.67 -52.15
C ASP C 469 -16.46 15.18 -50.84
N PHE C 470 -17.18 14.31 -50.11
CA PHE C 470 -17.87 14.75 -48.90
C PHE C 470 -16.87 15.12 -47.78
N ASP C 471 -15.95 14.20 -47.43
CA ASP C 471 -14.83 14.47 -46.54
C ASP C 471 -14.21 15.84 -46.86
N PHE C 472 -13.91 16.06 -48.14
CA PHE C 472 -13.18 17.22 -48.62
C PHE C 472 -13.93 18.52 -48.36
N GLN C 473 -15.26 18.45 -48.43
CA GLN C 473 -16.13 19.60 -48.28
C GLN C 473 -16.27 20.05 -46.82
N PHE C 474 -16.28 19.09 -45.85
CA PHE C 474 -16.58 19.45 -44.45
C PHE C 474 -15.77 20.67 -44.02
N LEU C 475 -14.43 20.57 -44.18
CA LEU C 475 -13.52 21.60 -43.67
C LEU C 475 -12.66 22.10 -44.83
N ILE C 476 -13.33 22.30 -45.99
CA ILE C 476 -12.69 22.69 -47.24
C ILE C 476 -11.89 23.99 -47.07
N GLU C 477 -12.35 24.88 -46.16
CA GLU C 477 -11.78 26.21 -45.99
C GLU C 477 -10.35 26.14 -45.46
N GLU C 478 -9.98 25.03 -44.82
CA GLU C 478 -8.64 24.87 -44.26
C GLU C 478 -7.56 24.86 -45.35
N LEU C 479 -7.95 24.68 -46.63
CA LEU C 479 -7.01 24.84 -47.75
C LEU C 479 -6.36 26.23 -47.72
N ALA C 480 -7.13 27.26 -47.27
CA ALA C 480 -6.64 28.63 -47.25
C ALA C 480 -5.57 28.83 -46.18
N VAL C 481 -5.54 27.96 -45.19
CA VAL C 481 -4.49 27.96 -44.18
C VAL C 481 -3.18 27.56 -44.85
N GLY C 482 -3.25 26.52 -45.70
CA GLY C 482 -2.11 26.08 -46.49
C GLY C 482 -1.61 27.17 -47.41
N ALA C 483 -2.54 27.93 -48.03
CA ALA C 483 -2.19 29.03 -48.92
C ALA C 483 -1.53 30.16 -48.12
N GLN C 484 -2.15 30.57 -46.98
CA GLN C 484 -1.65 31.71 -46.23
C GLN C 484 -0.28 31.40 -45.65
N PHE C 485 -0.07 30.18 -45.12
CA PHE C 485 1.17 29.83 -44.42
C PHE C 485 2.17 29.13 -45.34
N ASN C 486 1.85 28.97 -46.65
CA ASN C 486 2.70 28.25 -47.59
C ASN C 486 3.10 26.87 -47.06
N ILE C 487 2.09 26.02 -46.87
CA ILE C 487 2.26 24.64 -46.41
C ILE C 487 1.89 23.70 -47.57
N PRO C 488 2.87 23.24 -48.37
CA PRO C 488 2.59 22.44 -49.56
C PRO C 488 2.43 20.95 -49.27
N TYR C 489 1.42 20.36 -49.93
CA TYR C 489 1.22 18.92 -49.98
C TYR C 489 0.32 18.64 -51.19
N ILE C 490 0.16 17.36 -51.57
CA ILE C 490 -0.75 16.98 -52.64
C ILE C 490 -2.00 16.36 -52.01
N HIS C 491 -3.18 16.86 -52.40
CA HIS C 491 -4.44 16.29 -51.94
C HIS C 491 -5.15 15.60 -53.10
N VAL C 492 -5.24 14.27 -53.05
CA VAL C 492 -5.94 13.48 -54.04
C VAL C 492 -7.42 13.42 -53.60
N LEU C 493 -8.27 13.91 -54.53
CA LEU C 493 -9.70 14.03 -54.31
C LEU C 493 -10.39 13.13 -55.33
N VAL C 494 -11.03 12.06 -54.82
CA VAL C 494 -11.73 11.11 -55.67
C VAL C 494 -13.22 11.39 -55.54
N ASN C 495 -13.79 11.97 -56.62
CA ASN C 495 -15.13 12.56 -56.63
C ASN C 495 -16.15 11.68 -57.36
N ASN C 496 -17.11 11.14 -56.60
CA ASN C 496 -18.22 10.37 -57.15
C ASN C 496 -19.56 11.09 -56.96
N ALA C 497 -19.57 12.34 -56.46
CA ALA C 497 -20.79 13.12 -56.18
C ALA C 497 -21.76 12.30 -55.32
N TYR C 498 -21.18 11.63 -54.32
CA TYR C 498 -21.85 10.66 -53.46
C TYR C 498 -21.17 10.60 -52.08
N LEU C 499 -22.00 10.35 -51.05
CA LEU C 499 -21.58 9.66 -49.84
C LEU C 499 -21.48 8.17 -50.20
N GLY C 500 -20.40 7.78 -50.90
CA GLY C 500 -20.29 6.47 -51.50
C GLY C 500 -20.44 5.31 -50.52
N LEU C 501 -19.71 5.36 -49.40
CA LEU C 501 -19.76 4.29 -48.42
C LEU C 501 -21.19 4.16 -47.87
N ILE C 502 -21.90 5.29 -47.72
CA ILE C 502 -23.24 5.23 -47.15
C ILE C 502 -24.20 4.63 -48.17
N ARG C 503 -24.10 5.05 -49.44
CA ARG C 503 -24.86 4.41 -50.50
C ARG C 503 -24.66 2.88 -50.41
N GLN C 504 -23.39 2.45 -50.29
CA GLN C 504 -23.09 1.04 -50.28
C GLN C 504 -23.78 0.37 -49.09
N SER C 505 -23.64 0.95 -47.89
CA SER C 505 -24.24 0.37 -46.70
C SER C 505 -25.78 0.30 -46.79
N GLN C 506 -26.39 1.16 -47.64
CA GLN C 506 -27.85 1.26 -47.80
C GLN C 506 -28.40 0.15 -48.72
N ARG C 507 -27.52 -0.63 -49.38
CA ARG C 507 -27.98 -1.76 -50.21
C ARG C 507 -28.76 -2.77 -49.36
N ALA C 508 -28.35 -2.97 -48.11
CA ALA C 508 -29.03 -3.83 -47.15
C ALA C 508 -30.45 -3.33 -46.90
N PHE C 509 -30.73 -2.04 -47.13
CA PHE C 509 -32.07 -1.49 -46.97
C PHE C 509 -32.78 -1.28 -48.31
N ASP C 510 -32.21 -1.83 -49.41
CA ASP C 510 -32.76 -1.67 -50.75
C ASP C 510 -33.10 -0.23 -51.09
N MET C 511 -32.19 0.69 -50.85
CA MET C 511 -32.45 2.07 -51.16
C MET C 511 -31.15 2.75 -51.50
N ASP C 512 -31.33 3.94 -52.06
CA ASP C 512 -30.30 4.93 -52.28
C ASP C 512 -30.98 6.25 -51.96
N TYR C 513 -30.70 6.82 -50.78
CA TYR C 513 -31.58 7.81 -50.16
C TYR C 513 -30.75 8.81 -49.34
N CYS C 514 -30.77 10.08 -49.75
CA CYS C 514 -30.10 11.20 -49.09
C CYS C 514 -28.59 11.02 -49.09
N VAL C 515 -28.04 10.45 -50.19
CA VAL C 515 -26.59 10.21 -50.22
C VAL C 515 -25.94 10.81 -51.47
N GLN C 516 -26.72 11.53 -52.27
CA GLN C 516 -26.22 12.10 -53.53
C GLN C 516 -25.94 13.59 -53.34
N LEU C 517 -24.79 14.05 -53.86
CA LEU C 517 -24.35 15.43 -53.76
C LEU C 517 -24.39 16.16 -55.12
N ALA C 518 -24.86 15.47 -56.18
CA ALA C 518 -24.86 15.97 -57.55
C ALA C 518 -25.91 17.07 -57.73
N PHE C 519 -25.55 18.05 -58.59
CA PHE C 519 -26.48 19.04 -59.14
C PHE C 519 -25.83 19.67 -60.36
N GLU C 520 -26.64 20.31 -61.18
CA GLU C 520 -26.16 21.05 -62.34
C GLU C 520 -25.57 22.37 -61.85
N ASN C 521 -24.24 22.46 -61.84
CA ASN C 521 -23.59 23.67 -61.38
C ASN C 521 -23.82 24.80 -62.38
N ILE C 522 -24.56 25.84 -61.94
CA ILE C 522 -24.92 26.96 -62.80
C ILE C 522 -23.69 27.75 -63.24
N ASN C 523 -22.52 27.53 -62.60
CA ASN C 523 -21.29 28.22 -63.01
C ASN C 523 -20.31 27.33 -63.76
N SER C 524 -20.60 26.02 -63.89
CA SER C 524 -19.64 25.05 -64.40
C SER C 524 -20.35 23.89 -65.09
N SER C 525 -20.67 24.07 -66.39
CA SER C 525 -21.22 22.95 -67.16
C SER C 525 -20.19 21.83 -67.31
N GLU C 526 -18.89 22.16 -67.14
CA GLU C 526 -17.80 21.21 -67.37
C GLU C 526 -17.74 20.14 -66.27
N VAL C 527 -18.41 20.34 -65.11
CA VAL C 527 -18.47 19.29 -64.09
C VAL C 527 -19.61 18.31 -64.36
N ASN C 528 -20.40 18.51 -65.43
CA ASN C 528 -21.34 17.50 -65.94
C ASN C 528 -22.33 17.06 -64.84
N GLY C 529 -22.85 18.00 -64.05
CA GLY C 529 -23.86 17.66 -63.05
C GLY C 529 -23.31 16.99 -61.79
N TYR C 530 -21.98 17.04 -61.57
CA TYR C 530 -21.34 16.48 -60.37
C TYR C 530 -21.47 17.40 -59.16
N GLY C 531 -22.04 18.60 -59.36
CA GLY C 531 -22.29 19.52 -58.25
C GLY C 531 -21.13 20.50 -58.07
N VAL C 532 -20.47 20.42 -56.91
CA VAL C 532 -19.41 21.35 -56.53
C VAL C 532 -18.23 21.24 -57.53
N ASP C 533 -17.76 22.44 -57.92
CA ASP C 533 -16.55 22.61 -58.71
C ASP C 533 -15.38 22.82 -57.75
N HIS C 534 -14.64 21.72 -57.51
CA HIS C 534 -13.58 21.72 -56.49
C HIS C 534 -12.34 22.50 -56.95
N VAL C 535 -12.16 22.60 -58.28
CA VAL C 535 -11.07 23.40 -58.86
C VAL C 535 -11.30 24.88 -58.55
N LYS C 536 -12.49 25.42 -58.88
CA LYS C 536 -12.79 26.82 -58.58
C LYS C 536 -12.69 27.10 -57.06
N VAL C 537 -13.22 26.18 -56.22
CA VAL C 537 -13.16 26.35 -54.77
C VAL C 537 -11.69 26.39 -54.33
N ALA C 538 -10.91 25.38 -54.76
CA ALA C 538 -9.51 25.30 -54.32
C ALA C 538 -8.75 26.57 -54.74
N GLU C 539 -8.94 27.02 -55.99
CA GLU C 539 -8.26 28.20 -56.50
C GLU C 539 -8.73 29.47 -55.75
N GLY C 540 -10.04 29.55 -55.44
CA GLY C 540 -10.55 30.65 -54.65
C GLY C 540 -9.90 30.75 -53.26
N LEU C 541 -9.62 29.59 -52.66
CA LEU C 541 -8.96 29.46 -51.38
C LEU C 541 -7.44 29.65 -51.49
N GLY C 542 -6.92 29.93 -52.69
CA GLY C 542 -5.51 30.32 -52.85
C GLY C 542 -4.56 29.17 -53.21
N CYS C 543 -5.14 28.01 -53.56
CA CYS C 543 -4.39 26.78 -53.83
C CYS C 543 -4.42 26.47 -55.33
N LYS C 544 -3.70 25.42 -55.74
CA LYS C 544 -3.72 25.01 -57.14
C LYS C 544 -4.57 23.73 -57.22
N ALA C 545 -5.16 23.50 -58.41
CA ALA C 545 -6.00 22.32 -58.59
C ALA C 545 -5.99 21.87 -60.05
N ILE C 546 -6.14 20.56 -60.26
CA ILE C 546 -6.14 19.90 -61.56
C ILE C 546 -7.28 18.89 -61.52
N ARG C 547 -8.17 18.94 -62.52
CA ARG C 547 -9.23 17.96 -62.69
C ARG C 547 -8.83 16.96 -63.80
N VAL C 548 -9.03 15.67 -63.51
CA VAL C 548 -8.73 14.55 -64.39
C VAL C 548 -10.03 13.77 -64.67
N PHE C 549 -10.29 13.48 -65.95
CA PHE C 549 -11.48 12.74 -66.37
C PHE C 549 -11.12 11.34 -66.89
N LYS C 550 -9.87 11.18 -67.36
CA LYS C 550 -9.43 9.97 -68.04
C LYS C 550 -8.26 9.34 -67.28
N PRO C 551 -8.21 8.00 -67.16
CA PRO C 551 -7.22 7.34 -66.30
C PRO C 551 -5.75 7.57 -66.72
N GLU C 552 -5.52 7.76 -68.03
CA GLU C 552 -4.18 7.99 -68.57
C GLU C 552 -3.71 9.42 -68.27
N ASP C 553 -4.62 10.32 -67.84
CA ASP C 553 -4.27 11.68 -67.44
C ASP C 553 -3.89 11.80 -65.94
N ILE C 554 -4.08 10.73 -65.13
CA ILE C 554 -3.72 10.78 -63.73
C ILE C 554 -2.20 10.95 -63.53
N ALA C 555 -1.36 10.09 -64.14
CA ALA C 555 0.09 10.18 -63.97
C ALA C 555 0.62 11.58 -64.30
N PRO C 556 0.30 12.16 -65.48
CA PRO C 556 0.77 13.52 -65.79
C PRO C 556 0.25 14.59 -64.79
N ALA C 557 -0.95 14.40 -64.27
CA ALA C 557 -1.52 15.30 -63.28
C ALA C 557 -0.68 15.31 -62.00
N PHE C 558 -0.29 14.10 -61.50
CA PHE C 558 0.63 13.98 -60.37
C PHE C 558 1.97 14.65 -60.62
N GLU C 559 2.52 14.54 -61.85
CA GLU C 559 3.80 15.17 -62.18
C GLU C 559 3.64 16.69 -62.13
N GLN C 560 2.54 17.19 -62.68
CA GLN C 560 2.29 18.61 -62.72
C GLN C 560 2.09 19.16 -61.30
N ALA C 561 1.37 18.42 -60.45
CA ALA C 561 1.14 18.79 -59.06
C ALA C 561 2.47 18.97 -58.32
N LYS C 562 3.44 18.08 -58.56
CA LYS C 562 4.74 18.21 -57.92
C LYS C 562 5.43 19.50 -58.33
N ALA C 563 5.35 19.84 -59.62
CA ALA C 563 5.99 21.05 -60.12
C ALA C 563 5.29 22.28 -59.54
N LEU C 564 3.94 22.28 -59.47
CA LEU C 564 3.18 23.40 -58.92
C LEU C 564 3.47 23.60 -57.42
N MET C 565 3.56 22.50 -56.67
CA MET C 565 4.00 22.56 -55.27
C MET C 565 5.36 23.24 -55.13
N ALA C 566 6.35 22.79 -55.91
CA ALA C 566 7.69 23.33 -55.84
C ALA C 566 7.70 24.83 -56.16
N GLN C 567 6.86 25.22 -57.12
CA GLN C 567 6.85 26.59 -57.60
C GLN C 567 6.07 27.51 -56.65
N TYR C 568 4.88 27.12 -56.19
CA TYR C 568 4.01 28.03 -55.45
C TYR C 568 4.04 27.78 -53.94
N ARG C 569 4.46 26.57 -53.52
CA ARG C 569 4.54 26.20 -52.12
C ARG C 569 3.18 26.39 -51.42
N VAL C 570 2.13 25.84 -52.05
CA VAL C 570 0.78 25.77 -51.50
C VAL C 570 0.24 24.35 -51.74
N PRO C 571 -0.87 23.95 -51.06
CA PRO C 571 -1.53 22.68 -51.40
C PRO C 571 -1.93 22.66 -52.88
N VAL C 572 -1.81 21.49 -53.48
CA VAL C 572 -2.26 21.23 -54.84
C VAL C 572 -3.27 20.08 -54.78
N VAL C 573 -4.49 20.35 -55.26
CA VAL C 573 -5.55 19.35 -55.29
C VAL C 573 -5.56 18.67 -56.67
N VAL C 574 -5.52 17.33 -56.68
CA VAL C 574 -5.76 16.57 -57.91
C VAL C 574 -7.10 15.85 -57.75
N GLU C 575 -8.12 16.38 -58.44
CA GLU C 575 -9.46 15.84 -58.45
C GLU C 575 -9.65 14.87 -59.62
N VAL C 576 -10.03 13.63 -59.29
CA VAL C 576 -10.33 12.60 -60.26
C VAL C 576 -11.85 12.40 -60.24
N ILE C 577 -12.46 12.60 -61.42
CA ILE C 577 -13.88 12.35 -61.59
C ILE C 577 -14.05 10.84 -61.75
N LEU C 578 -14.69 10.23 -60.74
CA LEU C 578 -14.94 8.79 -60.73
C LEU C 578 -16.30 8.51 -61.35
N GLU C 579 -16.53 7.26 -61.78
CA GLU C 579 -17.88 6.76 -61.98
C GLU C 579 -18.66 6.95 -60.67
N ARG C 580 -19.97 7.11 -60.80
CA ARG C 580 -20.79 7.47 -59.65
C ARG C 580 -20.80 6.36 -58.59
N VAL C 581 -20.81 5.09 -59.05
CA VAL C 581 -21.13 3.94 -58.22
C VAL C 581 -20.10 2.84 -58.48
N THR C 582 -19.33 2.53 -57.43
CA THR C 582 -18.42 1.42 -57.34
C THR C 582 -18.57 0.81 -55.94
N ASN C 583 -18.85 -0.49 -55.92
CA ASN C 583 -18.94 -1.20 -54.65
C ASN C 583 -17.57 -1.78 -54.31
N ILE C 584 -17.00 -1.25 -53.22
CA ILE C 584 -15.69 -1.69 -52.74
C ILE C 584 -15.85 -2.99 -51.94
N SER C 585 -14.83 -3.86 -51.99
CA SER C 585 -14.90 -5.17 -51.33
C SER C 585 -14.96 -4.99 -49.80
N MET C 586 -15.93 -5.68 -49.17
CA MET C 586 -16.09 -5.66 -47.72
C MET C 586 -17.10 -6.73 -47.35
N GLY C 587 -17.14 -7.08 -46.06
CA GLY C 587 -18.11 -8.05 -45.55
C GLY C 587 -18.22 -7.95 -44.03
N SER C 588 -19.00 -8.87 -43.45
CA SER C 588 -19.32 -8.88 -42.01
C SER C 588 -18.42 -9.83 -41.23
N GLU C 589 -17.68 -10.70 -41.93
CA GLU C 589 -16.70 -11.61 -41.34
C GLU C 589 -15.47 -11.71 -42.25
N LEU C 590 -14.34 -12.21 -41.68
CA LEU C 590 -13.10 -12.40 -42.42
C LEU C 590 -13.32 -13.38 -43.57
N ASP C 591 -14.22 -14.37 -43.37
CA ASP C 591 -14.46 -15.41 -44.36
C ASP C 591 -15.66 -15.11 -45.25
N ASN C 592 -16.12 -13.85 -45.28
CA ASN C 592 -17.37 -13.45 -45.91
C ASN C 592 -17.26 -12.09 -46.63
N VAL C 593 -16.03 -11.61 -46.86
CA VAL C 593 -15.79 -10.37 -47.58
C VAL C 593 -16.19 -10.57 -49.04
N MET C 594 -17.11 -9.73 -49.51
CA MET C 594 -17.62 -9.82 -50.86
C MET C 594 -16.75 -9.03 -51.85
N GLU C 595 -16.45 -9.67 -52.99
CA GLU C 595 -15.74 -9.03 -54.07
C GLU C 595 -16.74 -8.65 -55.17
N PHE C 596 -17.14 -7.37 -55.21
CA PHE C 596 -18.10 -6.90 -56.20
C PHE C 596 -17.38 -6.60 -57.52
N GLU C 597 -16.25 -5.91 -57.42
CA GLU C 597 -15.41 -5.54 -58.55
C GLU C 597 -14.48 -6.71 -58.88
N ASP C 598 -13.87 -6.69 -60.06
CA ASP C 598 -12.99 -7.78 -60.51
C ASP C 598 -11.84 -8.00 -59.52
N ILE C 599 -11.63 -9.27 -59.16
CA ILE C 599 -10.42 -9.76 -58.50
C ILE C 599 -9.32 -9.89 -59.57
N ALA C 600 -8.10 -10.26 -59.11
CA ALA C 600 -6.97 -10.54 -59.98
C ALA C 600 -6.11 -11.64 -59.34
N ASP C 601 -5.43 -12.45 -60.18
CA ASP C 601 -4.43 -13.43 -59.74
C ASP C 601 -3.06 -13.24 -60.42
N ASN C 602 -2.92 -12.10 -61.10
CA ASN C 602 -1.76 -11.79 -61.91
C ASN C 602 -1.46 -10.31 -61.81
N ALA C 603 -0.17 -9.99 -62.04
CA ALA C 603 0.37 -8.66 -61.86
C ALA C 603 -0.19 -7.68 -62.89
N ALA C 604 -0.51 -8.14 -64.14
CA ALA C 604 -1.00 -7.21 -65.16
C ALA C 604 -2.23 -6.44 -64.66
N ASP C 605 -3.11 -7.10 -63.90
CA ASP C 605 -4.35 -6.51 -63.41
C ASP C 605 -4.13 -5.73 -62.11
N ALA C 606 -3.10 -6.12 -61.32
CA ALA C 606 -2.74 -5.49 -60.05
C ALA C 606 -1.23 -5.24 -59.98
N PRO C 607 -0.72 -4.33 -60.85
CA PRO C 607 0.73 -4.22 -61.10
C PRO C 607 1.59 -3.55 -60.01
N THR C 608 0.94 -2.94 -58.99
CA THR C 608 1.68 -2.20 -57.94
C THR C 608 1.75 -2.96 -56.61
N GLU C 609 1.32 -4.24 -56.55
CA GLU C 609 1.64 -5.09 -55.42
C GLU C 609 3.16 -5.13 -55.29
N THR C 610 3.68 -5.17 -54.05
CA THR C 610 5.11 -5.03 -53.80
C THR C 610 5.86 -6.23 -54.40
N CYS C 611 5.15 -7.37 -54.52
CA CYS C 611 5.71 -8.56 -55.13
C CYS C 611 6.14 -8.30 -56.58
N PHE C 612 5.46 -7.36 -57.25
CA PHE C 612 5.62 -7.15 -58.70
C PHE C 612 6.38 -5.86 -59.01
N MET C 613 6.53 -4.98 -58.02
CA MET C 613 7.02 -3.64 -58.26
C MET C 613 7.99 -3.24 -57.15
N HIS C 614 9.16 -2.72 -57.57
CA HIS C 614 10.20 -2.19 -56.70
C HIS C 614 9.82 -0.77 -56.33
N TYR C 615 9.71 -0.47 -55.03
CA TYR C 615 9.39 0.87 -54.56
C TYR C 615 10.67 1.64 -54.20
N GLU C 616 11.01 2.58 -55.09
CA GLU C 616 11.98 3.66 -55.00
C GLU C 616 13.36 3.15 -55.35
N ALA D 25 -5.90 -23.29 -15.52
CA ALA D 25 -6.65 -22.74 -16.67
C ALA D 25 -7.99 -22.17 -16.18
N LYS D 26 -9.07 -22.97 -16.19
CA LYS D 26 -10.44 -22.45 -16.16
C LYS D 26 -10.95 -22.33 -14.73
N MET D 27 -11.39 -21.13 -14.35
CA MET D 27 -12.04 -20.87 -13.07
C MET D 27 -13.01 -19.70 -13.24
N ARG D 28 -13.84 -19.44 -12.21
CA ARG D 28 -14.76 -18.31 -12.27
C ARG D 28 -13.95 -17.00 -12.17
N ALA D 29 -14.48 -15.90 -12.71
CA ALA D 29 -13.83 -14.61 -12.55
C ALA D 29 -13.53 -14.31 -11.08
N VAL D 30 -14.46 -14.66 -10.17
CA VAL D 30 -14.25 -14.39 -8.75
C VAL D 30 -13.11 -15.25 -8.20
N ASP D 31 -12.90 -16.47 -8.74
CA ASP D 31 -11.82 -17.31 -8.26
C ASP D 31 -10.48 -16.66 -8.65
N ALA D 32 -10.43 -16.15 -9.91
CA ALA D 32 -9.26 -15.41 -10.38
C ALA D 32 -9.03 -14.21 -9.46
N ALA D 33 -10.10 -13.49 -9.12
CA ALA D 33 -10.03 -12.34 -8.22
C ALA D 33 -9.31 -12.69 -6.90
N MET D 34 -9.59 -13.87 -6.30
CA MET D 34 -8.98 -14.24 -5.03
C MET D 34 -7.46 -14.38 -5.19
N TYR D 35 -7.02 -14.99 -6.30
CA TYR D 35 -5.60 -15.11 -6.59
C TYR D 35 -4.97 -13.73 -6.73
N VAL D 36 -5.67 -12.78 -7.41
CA VAL D 36 -5.14 -11.44 -7.57
C VAL D 36 -5.01 -10.78 -6.20
N LEU D 37 -6.07 -10.85 -5.36
CA LEU D 37 -6.02 -10.26 -4.03
C LEU D 37 -4.88 -10.86 -3.19
N GLU D 38 -4.69 -12.17 -3.24
CA GLU D 38 -3.62 -12.86 -2.53
C GLU D 38 -2.26 -12.30 -2.96
N LYS D 39 -2.03 -12.27 -4.28
CA LYS D 39 -0.77 -11.79 -4.84
C LYS D 39 -0.57 -10.29 -4.59
N GLU D 40 -1.64 -9.52 -4.35
CA GLU D 40 -1.53 -8.10 -4.06
C GLU D 40 -1.40 -7.86 -2.55
N GLY D 41 -1.30 -8.95 -1.76
CA GLY D 41 -0.99 -8.86 -0.34
C GLY D 41 -2.21 -8.80 0.59
N ILE D 42 -3.44 -8.97 0.07
CA ILE D 42 -4.65 -8.92 0.89
C ILE D 42 -4.73 -10.19 1.75
N THR D 43 -5.00 -10.01 3.06
CA THR D 43 -5.23 -11.13 3.97
C THR D 43 -6.54 -10.95 4.78
N THR D 44 -7.19 -9.78 4.65
CA THR D 44 -8.33 -9.39 5.48
C THR D 44 -9.35 -8.63 4.64
N ALA D 45 -10.63 -8.86 4.95
CA ALA D 45 -11.73 -8.13 4.34
C ALA D 45 -12.81 -7.91 5.40
N PHE D 46 -13.48 -6.76 5.30
CA PHE D 46 -14.59 -6.38 6.18
C PHE D 46 -15.80 -6.26 5.26
N GLY D 47 -16.94 -6.81 5.66
CA GLY D 47 -18.05 -6.80 4.73
C GLY D 47 -19.37 -7.26 5.33
N VAL D 48 -20.38 -7.19 4.45
CA VAL D 48 -21.72 -7.68 4.64
C VAL D 48 -22.14 -8.34 3.32
N PRO D 49 -22.34 -9.67 3.32
CA PRO D 49 -22.77 -10.38 2.12
C PRO D 49 -24.22 -10.07 1.75
N GLY D 50 -24.55 -10.40 0.50
CA GLY D 50 -25.91 -10.38 -0.02
C GLY D 50 -25.93 -11.21 -1.29
N ALA D 51 -27.13 -11.48 -1.82
CA ALA D 51 -27.31 -12.33 -3.00
C ALA D 51 -26.39 -11.93 -4.16
N ALA D 52 -26.23 -10.62 -4.42
CA ALA D 52 -25.52 -10.15 -5.61
C ALA D 52 -23.99 -10.36 -5.50
N ILE D 53 -23.45 -10.47 -4.28
CA ILE D 53 -22.01 -10.63 -4.08
C ILE D 53 -21.68 -12.04 -3.55
N ASN D 54 -22.68 -12.92 -3.42
CA ASN D 54 -22.45 -14.29 -2.97
C ASN D 54 -21.37 -15.02 -3.80
N PRO D 55 -21.26 -14.88 -5.15
CA PRO D 55 -20.22 -15.60 -5.90
C PRO D 55 -18.82 -15.27 -5.38
N PHE D 56 -18.59 -13.98 -5.07
CA PHE D 56 -17.33 -13.53 -4.51
C PHE D 56 -17.08 -14.21 -3.15
N TYR D 57 -18.11 -14.25 -2.30
CA TYR D 57 -17.99 -14.89 -0.99
C TYR D 57 -17.66 -16.37 -1.17
N SER D 58 -18.34 -17.02 -2.12
CA SER D 58 -18.09 -18.42 -2.47
C SER D 58 -16.60 -18.60 -2.84
N ALA D 59 -16.05 -17.73 -3.69
CA ALA D 59 -14.65 -17.81 -4.10
C ALA D 59 -13.72 -17.63 -2.89
N MET D 60 -14.03 -16.66 -2.03
CA MET D 60 -13.26 -16.38 -0.82
C MET D 60 -13.24 -17.61 0.12
N ARG D 61 -14.39 -18.30 0.25
CA ARG D 61 -14.48 -19.54 1.00
C ARG D 61 -13.61 -20.65 0.42
N LYS D 62 -13.71 -20.91 -0.89
CA LYS D 62 -12.91 -21.95 -1.55
C LYS D 62 -11.41 -21.63 -1.44
N HIS D 63 -11.01 -20.36 -1.62
CA HIS D 63 -9.59 -20.02 -1.67
C HIS D 63 -8.99 -20.06 -0.26
N GLY D 64 -9.67 -19.51 0.74
CA GLY D 64 -9.25 -19.65 2.11
C GLY D 64 -8.19 -18.64 2.58
N GLY D 65 -7.62 -17.77 1.71
CA GLY D 65 -6.50 -16.96 2.17
C GLY D 65 -6.87 -15.66 2.91
N ILE D 66 -8.16 -15.32 3.00
CA ILE D 66 -8.62 -14.01 3.50
C ILE D 66 -9.55 -14.22 4.70
N ARG D 67 -9.20 -13.58 5.82
CA ARG D 67 -10.06 -13.51 7.00
C ARG D 67 -11.16 -12.47 6.77
N HIS D 68 -12.43 -12.89 6.79
CA HIS D 68 -13.56 -11.99 6.64
C HIS D 68 -14.08 -11.60 8.03
N ILE D 69 -14.32 -10.30 8.27
CA ILE D 69 -14.98 -9.82 9.47
C ILE D 69 -16.31 -9.20 9.07
N LEU D 70 -17.39 -9.80 9.60
CA LEU D 70 -18.77 -9.39 9.33
C LEU D 70 -19.13 -8.18 10.19
N ALA D 71 -19.32 -7.04 9.51
CA ALA D 71 -19.80 -5.81 10.13
C ALA D 71 -21.32 -5.83 10.39
N ARG D 72 -21.80 -4.91 11.24
CA ARG D 72 -23.23 -4.81 11.55
C ARG D 72 -23.83 -3.50 11.00
N HIS D 73 -23.16 -2.98 9.97
CA HIS D 73 -23.59 -1.88 9.10
C HIS D 73 -22.56 -1.84 7.98
N VAL D 74 -23.00 -1.65 6.73
CA VAL D 74 -22.03 -1.58 5.62
C VAL D 74 -21.08 -0.39 5.83
N GLU D 75 -21.60 0.72 6.34
CA GLU D 75 -20.75 1.85 6.66
C GLU D 75 -19.66 1.42 7.66
N GLY D 76 -20.01 0.55 8.63
CA GLY D 76 -19.05 0.02 9.59
C GLY D 76 -17.90 -0.73 8.92
N ALA D 77 -18.22 -1.65 7.99
CA ALA D 77 -17.21 -2.35 7.20
C ALA D 77 -16.31 -1.35 6.47
N SER D 78 -16.89 -0.28 5.93
CA SER D 78 -16.16 0.68 5.11
C SER D 78 -15.14 1.46 5.95
N HIS D 79 -15.49 1.77 7.21
CA HIS D 79 -14.58 2.49 8.08
C HIS D 79 -13.54 1.55 8.72
N MET D 80 -13.93 0.28 8.94
CA MET D 80 -12.95 -0.75 9.30
C MET D 80 -11.83 -0.85 8.25
N ALA D 81 -12.23 -0.81 6.96
CA ALA D 81 -11.24 -0.86 5.89
C ALA D 81 -10.28 0.34 5.99
N GLU D 82 -10.82 1.53 6.28
CA GLU D 82 -10.02 2.74 6.45
C GLU D 82 -9.01 2.56 7.58
N GLY D 83 -9.48 2.06 8.73
CA GLY D 83 -8.60 1.88 9.89
C GLY D 83 -7.47 0.91 9.56
N TYR D 84 -7.82 -0.17 8.85
CA TYR D 84 -6.87 -1.22 8.51
C TYR D 84 -5.76 -0.63 7.62
N THR D 85 -6.14 0.19 6.64
CA THR D 85 -5.19 0.86 5.76
C THR D 85 -4.25 1.74 6.59
N ARG D 86 -4.85 2.54 7.49
CA ARG D 86 -4.11 3.59 8.18
C ARG D 86 -3.14 3.01 9.21
N ALA D 87 -3.40 1.80 9.71
CA ALA D 87 -2.62 1.15 10.75
C ALA D 87 -1.15 0.97 10.35
N THR D 88 -0.89 0.50 9.11
CA THR D 88 0.43 0.02 8.73
C THR D 88 0.72 0.37 7.27
N ALA D 89 1.91 0.96 7.01
CA ALA D 89 2.35 1.30 5.65
C ALA D 89 2.18 0.10 4.72
N GLY D 90 1.48 0.30 3.58
CA GLY D 90 1.34 -0.75 2.56
C GLY D 90 0.02 -1.50 2.64
N ASN D 91 -0.65 -1.43 3.81
CA ASN D 91 -1.96 -2.06 4.02
C ASN D 91 -3.01 -1.41 3.12
N ILE D 92 -3.96 -2.24 2.65
CA ILE D 92 -5.12 -1.77 1.90
C ILE D 92 -6.33 -2.52 2.45
N GLY D 93 -7.15 -1.78 3.20
CA GLY D 93 -8.39 -2.32 3.73
C GLY D 93 -9.36 -2.59 2.57
N VAL D 94 -10.06 -3.73 2.67
CA VAL D 94 -11.02 -4.19 1.67
C VAL D 94 -12.39 -4.25 2.36
N CYS D 95 -13.38 -3.63 1.68
CA CYS D 95 -14.76 -3.55 2.11
C CYS D 95 -15.66 -4.18 1.04
N LEU D 96 -16.42 -5.23 1.43
CA LEU D 96 -17.30 -5.96 0.53
C LEU D 96 -18.77 -5.66 0.86
N GLY D 97 -19.60 -5.56 -0.16
CA GLY D 97 -21.03 -5.49 0.04
C GLY D 97 -21.79 -5.93 -1.21
N THR D 98 -23.12 -5.99 -1.05
CA THR D 98 -24.02 -6.38 -2.13
C THR D 98 -24.32 -5.18 -3.05
N SER D 99 -25.39 -5.33 -3.87
CA SER D 99 -25.80 -4.31 -4.81
C SER D 99 -26.57 -3.21 -4.07
N GLY D 100 -27.00 -2.18 -4.81
CA GLY D 100 -28.00 -1.23 -4.34
C GLY D 100 -27.49 -0.46 -3.14
N PRO D 101 -28.18 -0.52 -1.98
CA PRO D 101 -27.83 0.35 -0.83
C PRO D 101 -26.50 0.04 -0.14
N ALA D 102 -25.90 -1.13 -0.38
CA ALA D 102 -24.58 -1.42 0.18
C ALA D 102 -23.58 -0.40 -0.37
N GLY D 103 -23.54 -0.25 -1.71
CA GLY D 103 -22.64 0.73 -2.33
C GLY D 103 -22.88 2.17 -1.82
N THR D 104 -24.14 2.58 -1.73
CA THR D 104 -24.46 3.94 -1.30
C THR D 104 -24.04 4.14 0.16
N ASP D 105 -24.02 3.05 0.95
CA ASP D 105 -23.56 3.08 2.33
C ASP D 105 -22.02 3.13 2.40
N MET D 106 -21.32 3.00 1.26
CA MET D 106 -19.85 3.06 1.25
C MET D 106 -19.31 4.45 0.88
N ILE D 107 -20.20 5.36 0.42
CA ILE D 107 -19.79 6.63 -0.18
C ILE D 107 -19.09 7.50 0.87
N THR D 108 -19.54 7.47 2.13
CA THR D 108 -18.94 8.29 3.17
C THR D 108 -17.48 7.87 3.44
N ALA D 109 -17.21 6.55 3.45
CA ALA D 109 -15.83 6.06 3.56
C ALA D 109 -14.96 6.41 2.32
N LEU D 110 -15.52 6.29 1.12
CA LEU D 110 -14.75 6.61 -0.09
C LEU D 110 -14.34 8.10 -0.05
N TYR D 111 -15.30 8.96 0.33
CA TYR D 111 -15.03 10.37 0.59
C TYR D 111 -13.90 10.56 1.62
N SER D 112 -14.01 9.95 2.82
CA SER D 112 -13.04 10.11 3.90
C SER D 112 -11.64 9.64 3.44
N ALA D 113 -11.60 8.46 2.80
CA ALA D 113 -10.35 7.90 2.32
C ALA D 113 -9.71 8.84 1.28
N SER D 114 -10.47 9.20 0.24
CA SER D 114 -10.03 10.19 -0.75
C SER D 114 -9.47 11.44 -0.07
N ALA D 115 -10.25 11.96 0.89
CA ALA D 115 -10.01 13.28 1.44
C ALA D 115 -8.69 13.32 2.20
N ASP D 116 -8.32 12.18 2.78
CA ASP D 116 -7.07 12.02 3.53
C ASP D 116 -5.93 11.37 2.72
N SER D 117 -6.12 11.13 1.41
CA SER D 117 -5.09 10.57 0.52
C SER D 117 -4.69 9.14 0.93
N ILE D 118 -5.68 8.32 1.32
CA ILE D 118 -5.41 6.94 1.67
C ILE D 118 -6.37 6.05 0.90
N PRO D 119 -5.90 4.83 0.50
CA PRO D 119 -6.75 3.87 -0.22
C PRO D 119 -7.54 2.90 0.66
N ILE D 120 -8.79 2.65 0.24
CA ILE D 120 -9.49 1.41 0.52
C ILE D 120 -9.96 0.84 -0.82
N LEU D 121 -10.14 -0.49 -0.88
CA LEU D 121 -10.77 -1.14 -2.01
C LEU D 121 -12.18 -1.58 -1.60
N CYS D 122 -13.20 -0.97 -2.24
CA CYS D 122 -14.59 -1.38 -2.10
C CYS D 122 -14.98 -2.27 -3.28
N ILE D 123 -15.59 -3.40 -2.98
CA ILE D 123 -16.13 -4.31 -3.98
C ILE D 123 -17.62 -4.53 -3.71
N THR D 124 -18.43 -4.28 -4.74
CA THR D 124 -19.88 -4.38 -4.65
C THR D 124 -20.38 -5.41 -5.66
N GLY D 125 -21.40 -6.18 -5.26
CA GLY D 125 -22.18 -6.94 -6.22
C GLY D 125 -23.10 -6.00 -7.00
N GLN D 126 -23.59 -6.50 -8.14
CA GLN D 126 -24.41 -5.74 -9.08
C GLN D 126 -25.35 -6.72 -9.78
N ALA D 127 -26.48 -6.19 -10.28
CA ALA D 127 -27.38 -6.95 -11.14
C ALA D 127 -26.64 -7.42 -12.39
N PRO D 128 -27.11 -8.49 -13.07
CA PRO D 128 -26.50 -8.94 -14.31
C PRO D 128 -26.50 -7.82 -15.35
N ARG D 129 -25.48 -7.86 -16.23
CA ARG D 129 -25.27 -6.84 -17.25
C ARG D 129 -26.54 -6.51 -18.04
N ALA D 130 -27.26 -7.53 -18.54
CA ALA D 130 -28.43 -7.32 -19.38
C ALA D 130 -29.58 -6.64 -18.62
N ARG D 131 -29.47 -6.48 -17.30
CA ARG D 131 -30.58 -5.97 -16.50
C ARG D 131 -30.26 -4.58 -15.92
N LEU D 132 -29.13 -3.97 -16.33
CA LEU D 132 -28.61 -2.79 -15.66
C LEU D 132 -29.48 -1.55 -15.90
N HIS D 133 -30.27 -1.49 -16.98
CA HIS D 133 -31.09 -0.32 -17.30
C HIS D 133 -32.58 -0.62 -17.05
N LYS D 134 -32.87 -1.71 -16.33
CA LYS D 134 -34.20 -2.30 -16.26
C LYS D 134 -34.83 -2.17 -14.87
N GLU D 135 -34.26 -1.31 -14.01
CA GLU D 135 -34.76 -1.14 -12.64
C GLU D 135 -34.87 -2.46 -11.89
N ASP D 136 -33.92 -3.38 -12.10
CA ASP D 136 -33.83 -4.60 -11.31
C ASP D 136 -33.75 -4.21 -9.83
N PHE D 137 -34.38 -5.02 -8.97
CA PHE D 137 -34.25 -4.92 -7.52
C PHE D 137 -32.81 -4.55 -7.15
N GLN D 138 -32.65 -3.50 -6.34
CA GLN D 138 -31.34 -3.09 -5.79
C GLN D 138 -30.26 -2.87 -6.87
N ALA D 139 -30.62 -2.42 -8.07
CA ALA D 139 -29.64 -2.06 -9.08
C ALA D 139 -29.52 -0.54 -9.07
N VAL D 140 -28.30 -0.03 -8.84
CA VAL D 140 -28.07 1.40 -8.80
C VAL D 140 -26.79 1.71 -9.59
N ASP D 141 -26.72 2.92 -10.16
CA ASP D 141 -25.53 3.37 -10.86
C ASP D 141 -24.45 3.85 -9.87
N ILE D 142 -23.87 2.89 -9.14
CA ILE D 142 -22.84 3.19 -8.15
C ILE D 142 -21.59 3.78 -8.82
N GLU D 143 -21.30 3.41 -10.09
CA GLU D 143 -20.18 3.98 -10.83
C GLU D 143 -20.27 5.51 -10.86
N ALA D 144 -21.47 6.05 -11.17
CA ALA D 144 -21.72 7.49 -11.26
C ALA D 144 -21.64 8.13 -9.87
N ILE D 145 -22.17 7.44 -8.85
CA ILE D 145 -22.26 8.04 -7.52
C ILE D 145 -20.88 8.17 -6.89
N ALA D 146 -20.04 7.12 -7.08
CA ALA D 146 -18.75 6.97 -6.41
C ALA D 146 -17.63 7.71 -7.16
N LYS D 147 -17.86 8.02 -8.44
CA LYS D 147 -16.84 8.66 -9.27
C LYS D 147 -16.21 9.90 -8.61
N PRO D 148 -17.00 10.86 -8.03
CA PRO D 148 -16.40 12.05 -7.43
C PRO D 148 -15.56 11.79 -6.19
N VAL D 149 -15.63 10.58 -5.60
CA VAL D 149 -14.91 10.33 -4.33
C VAL D 149 -13.99 9.10 -4.44
N SER D 150 -13.46 8.83 -5.64
CA SER D 150 -12.62 7.66 -5.85
C SER D 150 -11.61 7.94 -6.96
N LYS D 151 -10.45 7.26 -6.95
CA LYS D 151 -9.55 7.36 -8.11
C LYS D 151 -10.08 6.53 -9.28
N MET D 152 -10.89 5.52 -8.99
CA MET D 152 -11.57 4.76 -10.03
C MET D 152 -12.81 4.15 -9.39
N ALA D 153 -13.93 4.22 -10.11
CA ALA D 153 -15.16 3.54 -9.75
C ALA D 153 -15.67 2.92 -11.03
N VAL D 154 -15.75 1.58 -11.11
CA VAL D 154 -16.00 0.93 -12.40
C VAL D 154 -16.91 -0.30 -12.19
N THR D 155 -17.94 -0.38 -13.04
CA THR D 155 -18.73 -1.60 -13.23
C THR D 155 -18.01 -2.43 -14.28
N VAL D 156 -17.55 -3.62 -13.89
CA VAL D 156 -16.78 -4.48 -14.79
C VAL D 156 -17.73 -5.20 -15.74
N ARG D 157 -17.49 -5.07 -17.05
CA ARG D 157 -18.46 -5.43 -18.06
C ARG D 157 -18.12 -6.77 -18.71
N GLU D 158 -16.94 -7.35 -18.42
CA GLU D 158 -16.55 -8.67 -18.90
C GLU D 158 -15.83 -9.43 -17.78
N ALA D 159 -16.10 -10.75 -17.71
CA ALA D 159 -15.46 -11.65 -16.75
C ALA D 159 -13.93 -11.58 -16.82
N ALA D 160 -13.38 -11.60 -18.05
CA ALA D 160 -11.93 -11.57 -18.28
C ALA D 160 -11.27 -10.29 -17.76
N LEU D 161 -12.03 -9.17 -17.63
CA LEU D 161 -11.50 -7.92 -17.10
C LEU D 161 -11.46 -7.86 -15.58
N VAL D 162 -12.14 -8.77 -14.87
CA VAL D 162 -12.14 -8.71 -13.41
C VAL D 162 -10.70 -8.66 -12.86
N PRO D 163 -9.80 -9.62 -13.19
CA PRO D 163 -8.41 -9.55 -12.71
C PRO D 163 -7.64 -8.29 -13.13
N ARG D 164 -7.92 -7.79 -14.36
CA ARG D 164 -7.23 -6.63 -14.91
C ARG D 164 -7.70 -5.35 -14.23
N VAL D 165 -9.00 -5.24 -13.94
CA VAL D 165 -9.52 -4.10 -13.20
C VAL D 165 -8.93 -4.06 -11.78
N LEU D 166 -8.81 -5.23 -11.11
CA LEU D 166 -8.19 -5.27 -9.78
C LEU D 166 -6.71 -4.92 -9.87
N GLN D 167 -6.03 -5.42 -10.91
CA GLN D 167 -4.62 -5.12 -11.12
C GLN D 167 -4.39 -3.61 -11.25
N GLN D 168 -5.21 -2.95 -12.08
CA GLN D 168 -5.17 -1.50 -12.27
C GLN D 168 -5.51 -0.80 -10.95
N ALA D 169 -6.52 -1.32 -10.24
CA ALA D 169 -6.95 -0.74 -8.98
C ALA D 169 -5.76 -0.59 -8.02
N PHE D 170 -4.97 -1.67 -7.84
CA PHE D 170 -3.87 -1.65 -6.90
C PHE D 170 -2.81 -0.63 -7.33
N HIS D 171 -2.51 -0.56 -8.64
CA HIS D 171 -1.63 0.47 -9.15
C HIS D 171 -2.10 1.87 -8.71
N LEU D 172 -3.40 2.15 -8.89
CA LEU D 172 -3.96 3.48 -8.62
C LEU D 172 -3.97 3.80 -7.13
N MET D 173 -4.31 2.79 -6.31
CA MET D 173 -4.35 2.98 -4.87
C MET D 173 -2.96 3.31 -4.29
N ARG D 174 -1.88 2.79 -4.91
CA ARG D 174 -0.53 2.91 -4.39
CA ARG D 174 -0.52 2.91 -4.38
C ARG D 174 0.22 4.08 -5.01
N SER D 175 -0.24 4.54 -6.21
CA SER D 175 0.57 5.46 -7.01
C SER D 175 0.13 6.90 -6.74
N GLY D 176 1.04 7.83 -7.07
CA GLY D 176 0.78 9.27 -6.99
C GLY D 176 0.22 9.66 -5.62
N ARG D 177 -0.79 10.53 -5.64
CA ARG D 177 -1.59 10.79 -4.45
C ARG D 177 -2.50 9.58 -4.22
N PRO D 178 -2.30 8.78 -3.14
CA PRO D 178 -3.14 7.60 -2.94
C PRO D 178 -4.60 7.99 -2.76
N GLY D 179 -5.46 7.04 -3.12
CA GLY D 179 -6.89 7.21 -2.95
C GLY D 179 -7.60 5.89 -3.21
N PRO D 180 -8.92 5.82 -2.93
CA PRO D 180 -9.66 4.56 -2.94
C PRO D 180 -10.24 4.20 -4.31
N VAL D 181 -10.66 2.95 -4.43
CA VAL D 181 -11.23 2.45 -5.67
C VAL D 181 -12.48 1.65 -5.31
N LEU D 182 -13.53 1.81 -6.14
CA LEU D 182 -14.69 0.93 -6.07
C LEU D 182 -14.78 0.08 -7.34
N VAL D 183 -14.92 -1.24 -7.13
CA VAL D 183 -15.08 -2.22 -8.20
C VAL D 183 -16.46 -2.88 -8.05
N ASP D 184 -17.32 -2.72 -9.07
CA ASP D 184 -18.70 -3.15 -9.06
C ASP D 184 -18.81 -4.34 -10.02
N LEU D 185 -19.33 -5.47 -9.50
CA LEU D 185 -19.24 -6.77 -10.17
C LEU D 185 -20.64 -7.31 -10.48
N PRO D 186 -21.13 -7.19 -11.75
CA PRO D 186 -22.37 -7.84 -12.16
C PRO D 186 -22.30 -9.33 -11.86
N PHE D 187 -23.42 -9.86 -11.34
CA PHE D 187 -23.52 -11.25 -10.94
C PHE D 187 -23.01 -12.21 -12.03
N ASP D 188 -23.47 -11.99 -13.27
CA ASP D 188 -23.14 -12.87 -14.40
C ASP D 188 -21.64 -12.81 -14.71
N VAL D 189 -21.04 -11.60 -14.56
CA VAL D 189 -19.60 -11.39 -14.70
C VAL D 189 -18.81 -12.19 -13.63
N GLN D 190 -19.31 -12.23 -12.38
CA GLN D 190 -18.64 -12.92 -11.30
C GLN D 190 -18.52 -14.43 -11.55
N VAL D 191 -19.60 -15.06 -12.03
CA VAL D 191 -19.71 -16.52 -12.11
C VAL D 191 -19.15 -17.06 -13.43
N ALA D 192 -18.99 -16.23 -14.47
CA ALA D 192 -18.51 -16.71 -15.76
C ALA D 192 -17.09 -17.27 -15.64
N GLU D 193 -16.80 -18.33 -16.38
CA GLU D 193 -15.49 -18.96 -16.40
C GLU D 193 -14.53 -18.18 -17.31
N ILE D 194 -13.28 -18.09 -16.88
CA ILE D 194 -12.20 -17.48 -17.65
C ILE D 194 -10.97 -18.38 -17.49
N GLU D 195 -10.01 -18.21 -18.42
CA GLU D 195 -8.67 -18.78 -18.33
C GLU D 195 -7.83 -17.81 -17.50
N PHE D 196 -7.20 -18.30 -16.43
CA PHE D 196 -6.35 -17.46 -15.59
C PHE D 196 -5.24 -18.32 -15.03
N ASP D 197 -3.99 -17.89 -15.25
CA ASP D 197 -2.83 -18.58 -14.70
C ASP D 197 -2.26 -17.73 -13.56
N PRO D 198 -2.50 -18.14 -12.28
CA PRO D 198 -2.02 -17.35 -11.14
C PRO D 198 -0.50 -17.16 -11.18
N ASP D 199 0.23 -18.14 -11.73
CA ASP D 199 1.69 -18.05 -11.79
C ASP D 199 2.16 -16.90 -12.69
N MET D 200 1.32 -16.46 -13.65
CA MET D 200 1.71 -15.40 -14.59
C MET D 200 1.24 -14.03 -14.12
N TYR D 201 0.50 -13.95 -13.01
CA TYR D 201 0.03 -12.66 -12.50
C TYR D 201 1.17 -11.96 -11.74
N GLU D 202 1.43 -10.68 -12.07
CA GLU D 202 2.37 -9.84 -11.35
C GLU D 202 1.75 -8.46 -11.09
N PRO D 203 1.84 -7.94 -9.85
CA PRO D 203 1.39 -6.58 -9.56
C PRO D 203 2.09 -5.61 -10.50
N LEU D 204 1.41 -4.51 -10.85
CA LEU D 204 2.02 -3.48 -11.69
C LEU D 204 3.04 -2.67 -10.90
N PRO D 205 4.00 -2.00 -11.59
CA PRO D 205 4.88 -1.01 -10.95
C PRO D 205 4.04 0.14 -10.41
N VAL D 206 4.54 0.79 -9.36
CA VAL D 206 3.91 1.91 -8.69
C VAL D 206 4.55 3.19 -9.23
N TYR D 207 3.76 4.20 -9.60
CA TYR D 207 4.31 5.49 -10.02
C TYR D 207 4.42 6.42 -8.81
N LYS D 208 5.65 6.89 -8.57
CA LYS D 208 5.93 7.90 -7.56
C LYS D 208 7.01 8.83 -8.13
N PRO D 209 6.71 10.13 -8.40
CA PRO D 209 7.77 11.06 -8.83
C PRO D 209 8.76 11.31 -7.69
N ALA D 210 10.00 11.61 -8.05
CA ALA D 210 11.10 11.83 -7.14
C ALA D 210 11.75 13.15 -7.50
N ALA D 211 12.03 13.99 -6.50
CA ALA D 211 12.72 15.26 -6.69
C ALA D 211 14.13 15.00 -7.25
N SER D 212 14.60 15.91 -8.11
CA SER D 212 15.97 15.93 -8.56
C SER D 212 16.87 16.53 -7.46
N ARG D 213 18.19 16.22 -7.52
CA ARG D 213 19.19 16.85 -6.66
C ARG D 213 19.10 18.38 -6.77
N MET D 214 18.88 18.92 -7.98
CA MET D 214 18.85 20.38 -8.16
C MET D 214 17.73 21.00 -7.32
N GLN D 215 16.55 20.37 -7.31
CA GLN D 215 15.42 20.83 -6.52
C GLN D 215 15.80 20.89 -5.04
N ILE D 216 16.38 19.77 -4.55
CA ILE D 216 16.63 19.57 -3.13
C ILE D 216 17.75 20.50 -2.65
N GLU D 217 18.77 20.73 -3.49
CA GLU D 217 19.82 21.68 -3.17
C GLU D 217 19.26 23.09 -3.01
N LYS D 218 18.34 23.52 -3.89
CA LYS D 218 17.77 24.85 -3.80
C LYS D 218 16.98 24.97 -2.49
N ALA D 219 16.18 23.92 -2.18
CA ALA D 219 15.39 23.87 -0.95
C ALA D 219 16.29 24.07 0.28
N VAL D 220 17.39 23.32 0.35
CA VAL D 220 18.27 23.35 1.51
C VAL D 220 19.02 24.70 1.57
N GLU D 221 19.36 25.30 0.40
CA GLU D 221 20.00 26.62 0.37
C GLU D 221 19.05 27.65 0.97
N MET D 222 17.76 27.58 0.58
CA MET D 222 16.74 28.47 1.14
C MET D 222 16.63 28.29 2.67
N LEU D 223 16.62 27.03 3.12
CA LEU D 223 16.52 26.69 4.55
C LEU D 223 17.68 27.29 5.36
N ILE D 224 18.91 27.13 4.85
CA ILE D 224 20.14 27.68 5.44
C ILE D 224 20.04 29.20 5.62
N GLN D 225 19.43 29.92 4.67
CA GLN D 225 19.24 31.37 4.75
C GLN D 225 18.20 31.79 5.81
N ALA D 226 17.25 30.91 6.19
CA ALA D 226 16.23 31.27 7.17
C ALA D 226 16.84 31.37 8.57
N GLU D 227 16.35 32.31 9.39
CA GLU D 227 16.82 32.53 10.75
C GLU D 227 16.00 31.77 11.78
N ARG D 228 14.71 31.52 11.46
CA ARG D 228 13.77 30.92 12.39
C ARG D 228 12.85 29.97 11.62
N PRO D 229 13.42 28.93 10.95
CA PRO D 229 12.60 28.03 10.14
C PRO D 229 11.88 26.97 10.99
N VAL D 230 10.75 26.49 10.47
CA VAL D 230 10.11 25.27 10.99
C VAL D 230 9.83 24.35 9.80
N ILE D 231 9.92 23.05 10.05
CA ILE D 231 9.41 22.00 9.17
C ILE D 231 7.97 21.72 9.57
N VAL D 232 7.03 21.82 8.61
CA VAL D 232 5.69 21.30 8.82
C VAL D 232 5.62 19.95 8.11
N ALA D 233 5.57 18.89 8.93
CA ALA D 233 5.55 17.51 8.46
C ALA D 233 4.11 17.01 8.37
N GLY D 234 3.66 16.69 7.15
CA GLY D 234 2.27 16.33 6.92
C GLY D 234 2.07 14.82 6.79
N GLY D 235 0.81 14.44 6.55
CA GLY D 235 0.43 13.05 6.32
C GLY D 235 1.21 12.36 5.19
N GLY D 236 1.67 13.12 4.21
CA GLY D 236 2.48 12.57 3.12
C GLY D 236 3.77 11.88 3.62
N VAL D 237 4.37 12.39 4.71
CA VAL D 237 5.53 11.75 5.34
C VAL D 237 5.17 10.32 5.80
N ILE D 238 4.03 10.18 6.48
CA ILE D 238 3.54 8.89 6.95
C ILE D 238 3.09 8.00 5.78
N ASN D 239 2.34 8.60 4.82
CA ASN D 239 1.93 7.89 3.61
C ASN D 239 3.15 7.25 2.92
N ALA D 240 4.28 7.96 2.88
CA ALA D 240 5.49 7.54 2.18
C ALA D 240 6.34 6.61 3.05
N ASP D 241 5.91 6.38 4.31
CA ASP D 241 6.65 5.58 5.28
C ASP D 241 8.04 6.19 5.54
N ALA D 242 8.13 7.53 5.76
CA ALA D 242 9.39 8.25 5.77
C ALA D 242 9.63 8.97 7.10
N ALA D 243 9.01 8.49 8.21
CA ALA D 243 9.07 9.18 9.49
C ALA D 243 10.52 9.28 10.00
N ALA D 244 11.27 8.17 9.90
CA ALA D 244 12.64 8.10 10.40
C ALA D 244 13.52 9.12 9.67
N LEU D 245 13.32 9.28 8.34
CA LEU D 245 14.11 10.21 7.54
C LEU D 245 13.70 11.66 7.87
N LEU D 246 12.40 11.90 8.12
CA LEU D 246 11.93 13.23 8.52
C LEU D 246 12.65 13.67 9.80
N GLN D 247 12.65 12.79 10.81
CA GLN D 247 13.33 13.07 12.09
C GLN D 247 14.83 13.26 11.86
N GLN D 248 15.44 12.42 11.01
CA GLN D 248 16.87 12.52 10.77
C GLN D 248 17.23 13.86 10.10
N PHE D 249 16.43 14.29 9.12
CA PHE D 249 16.63 15.58 8.46
C PHE D 249 16.50 16.74 9.46
N ALA D 250 15.50 16.68 10.35
CA ALA D 250 15.29 17.73 11.33
C ALA D 250 16.49 17.80 12.29
N GLU D 251 17.00 16.63 12.70
CA GLU D 251 18.13 16.53 13.61
C GLU D 251 19.41 17.09 12.98
N LEU D 252 19.70 16.69 11.72
CA LEU D 252 20.87 17.18 10.99
C LEU D 252 20.85 18.70 10.83
N THR D 253 19.67 19.29 10.60
CA THR D 253 19.57 20.72 10.34
C THR D 253 19.24 21.50 11.62
N SER D 254 18.94 20.78 12.71
CA SER D 254 18.57 21.40 13.98
C SER D 254 17.33 22.28 13.79
N VAL D 255 16.33 21.78 13.02
CA VAL D 255 15.15 22.58 12.68
C VAL D 255 13.94 22.01 13.41
N PRO D 256 13.22 22.85 14.21
CA PRO D 256 11.97 22.44 14.86
C PRO D 256 10.94 21.91 13.86
N VAL D 257 10.18 20.90 14.31
CA VAL D 257 9.14 20.24 13.52
C VAL D 257 7.78 20.48 14.18
N ILE D 258 6.86 20.98 13.36
CA ILE D 258 5.43 21.08 13.61
C ILE D 258 4.72 20.04 12.74
N PRO D 259 4.22 18.93 13.31
CA PRO D 259 3.39 18.00 12.55
C PRO D 259 2.01 18.60 12.31
N THR D 260 1.44 18.37 11.11
CA THR D 260 0.02 18.59 10.93
C THR D 260 -0.69 17.51 11.74
N LEU D 261 -2.01 17.63 11.90
CA LEU D 261 -2.73 16.59 12.61
C LEU D 261 -2.52 15.22 11.94
N MET D 262 -2.38 15.23 10.60
CA MET D 262 -2.21 13.99 9.83
C MET D 262 -0.76 13.52 9.80
N GLY D 263 0.18 14.40 10.13
CA GLY D 263 1.58 14.03 10.28
C GLY D 263 1.97 13.71 11.73
N TRP D 264 1.02 13.90 12.67
CA TRP D 264 1.27 13.70 14.09
C TRP D 264 1.78 12.27 14.35
N GLY D 265 2.94 12.20 15.02
CA GLY D 265 3.60 10.95 15.32
C GLY D 265 4.80 10.65 14.42
N CYS D 266 5.04 11.44 13.35
CA CYS D 266 6.16 11.16 12.44
C CYS D 266 7.49 11.51 13.10
N ILE D 267 7.42 12.33 14.18
CA ILE D 267 8.51 12.56 15.11
C ILE D 267 7.92 12.43 16.52
N PRO D 268 8.60 11.75 17.47
CA PRO D 268 7.99 11.57 18.81
C PRO D 268 7.73 12.90 19.51
N ASP D 269 6.60 12.97 20.24
CA ASP D 269 6.22 14.19 20.94
C ASP D 269 7.23 14.62 21.99
N ASP D 270 8.08 13.69 22.49
CA ASP D 270 9.13 14.02 23.46
C ASP D 270 10.49 14.27 22.77
N HIS D 271 10.53 14.35 21.44
CA HIS D 271 11.73 14.76 20.73
C HIS D 271 12.02 16.23 21.04
N GLU D 272 13.31 16.57 21.21
CA GLU D 272 13.67 17.94 21.56
C GLU D 272 13.32 18.93 20.43
N LEU D 273 13.15 18.47 19.17
CA LEU D 273 12.76 19.35 18.06
C LEU D 273 11.26 19.36 17.80
N MET D 274 10.47 18.53 18.48
CA MET D 274 9.03 18.57 18.27
C MET D 274 8.44 19.83 18.95
N ALA D 275 7.88 20.75 18.14
CA ALA D 275 7.59 22.11 18.59
C ALA D 275 6.09 22.32 18.84
N GLY D 276 5.28 21.25 18.67
CA GLY D 276 3.85 21.30 18.88
C GLY D 276 3.08 21.31 17.56
N MET D 277 1.76 21.38 17.68
CA MET D 277 0.86 21.45 16.53
C MET D 277 0.26 22.85 16.40
N VAL D 278 -0.18 23.17 15.16
CA VAL D 278 -0.59 24.50 14.72
C VAL D 278 -2.02 24.39 14.17
N GLY D 279 -2.82 25.43 14.41
CA GLY D 279 -4.13 25.55 13.80
C GLY D 279 -5.17 26.25 14.68
N LEU D 280 -6.44 26.09 14.26
CA LEU D 280 -7.58 26.79 14.85
C LEU D 280 -8.22 25.99 15.98
N GLN D 281 -7.95 24.68 16.06
CA GLN D 281 -8.60 23.76 16.99
C GLN D 281 -7.59 22.76 17.57
N THR D 282 -7.15 21.78 16.77
CA THR D 282 -6.25 20.71 17.19
C THR D 282 -4.82 21.26 17.16
N ALA D 283 -4.52 22.13 18.12
CA ALA D 283 -3.29 22.94 18.11
C ALA D 283 -2.91 23.32 19.53
N HIS D 284 -1.62 23.71 19.67
CA HIS D 284 -1.04 24.14 20.92
C HIS D 284 -0.82 25.66 20.89
N ARG D 285 -0.97 26.29 22.06
CA ARG D 285 -0.67 27.71 22.21
C ARG D 285 0.79 27.95 21.78
N TYR D 286 1.70 27.04 22.21
CA TYR D 286 3.12 27.13 21.88
C TYR D 286 3.39 26.88 20.39
N GLY D 287 2.63 25.97 19.78
CA GLY D 287 2.76 25.69 18.36
C GLY D 287 2.39 26.89 17.49
N ASN D 288 1.21 27.48 17.75
CA ASN D 288 0.78 28.70 17.06
C ASN D 288 1.78 29.84 17.25
N ALA D 289 2.27 30.04 18.49
CA ALA D 289 3.21 31.12 18.78
C ALA D 289 4.53 30.91 18.04
N THR D 290 5.03 29.66 17.96
CA THR D 290 6.24 29.32 17.22
C THR D 290 6.06 29.61 15.72
N LEU D 291 4.94 29.18 15.14
CA LEU D 291 4.66 29.42 13.72
C LEU D 291 4.69 30.92 13.42
N LEU D 292 3.98 31.72 14.24
CA LEU D 292 3.88 33.16 14.04
C LEU D 292 5.24 33.83 14.25
N ALA D 293 6.14 33.22 15.06
CA ALA D 293 7.51 33.74 15.25
C ALA D 293 8.47 33.33 14.12
N SER D 294 8.17 32.26 13.37
CA SER D 294 9.09 31.70 12.38
C SER D 294 9.20 32.61 11.14
N ASP D 295 10.31 32.46 10.35
CA ASP D 295 10.46 33.19 9.10
C ASP D 295 10.46 32.25 7.88
N MET D 296 10.20 30.96 8.10
CA MET D 296 10.05 30.01 7.02
C MET D 296 9.23 28.81 7.48
N VAL D 297 8.33 28.36 6.61
CA VAL D 297 7.66 27.07 6.72
C VAL D 297 8.17 26.15 5.60
N PHE D 298 8.86 25.07 6.02
CA PHE D 298 9.39 24.03 5.14
C PHE D 298 8.40 22.84 5.18
N GLY D 299 7.44 22.87 4.26
CA GLY D 299 6.33 21.92 4.23
C GLY D 299 6.69 20.66 3.46
N ILE D 300 6.64 19.52 4.17
CA ILE D 300 6.93 18.22 3.59
C ILE D 300 5.70 17.32 3.73
N GLY D 301 5.05 17.04 2.58
CA GLY D 301 3.91 16.13 2.55
C GLY D 301 2.70 16.66 3.31
N ASN D 302 2.60 18.00 3.43
CA ASN D 302 1.43 18.69 3.97
C ASN D 302 0.64 19.35 2.83
N ARG D 303 -0.50 20.00 3.14
CA ARG D 303 -1.29 20.68 2.12
C ARG D 303 -1.92 22.00 2.59
N PHE D 304 -1.48 22.52 3.76
CA PHE D 304 -1.98 23.79 4.28
C PHE D 304 -3.51 23.81 4.40
N ALA D 305 -4.07 22.85 5.17
CA ALA D 305 -5.51 22.78 5.39
C ALA D 305 -6.02 24.06 6.09
N ASN D 306 -7.26 24.47 5.77
CA ASN D 306 -7.77 25.74 6.29
C ASN D 306 -7.80 25.75 7.83
N ARG D 307 -8.07 24.60 8.49
CA ARG D 307 -8.10 24.55 9.96
C ARG D 307 -6.68 24.51 10.58
N HIS D 308 -5.66 24.31 9.73
CA HIS D 308 -4.26 24.48 10.10
C HIS D 308 -3.81 25.93 9.95
N THR D 309 -4.22 26.62 8.86
CA THR D 309 -3.67 27.93 8.49
C THR D 309 -4.46 29.13 9.02
N GLY D 310 -5.78 29.00 9.18
CA GLY D 310 -6.68 30.14 9.08
C GLY D 310 -6.46 30.86 7.75
N SER D 311 -6.56 32.20 7.77
CA SER D 311 -6.30 33.00 6.58
C SER D 311 -4.84 32.83 6.17
N VAL D 312 -4.66 32.45 4.89
CA VAL D 312 -3.33 32.12 4.41
C VAL D 312 -2.45 33.38 4.40
N GLU D 313 -3.07 34.57 4.25
CA GLU D 313 -2.34 35.84 4.34
C GLU D 313 -1.60 35.94 5.68
N LYS D 314 -2.28 35.53 6.76
CA LYS D 314 -1.73 35.60 8.10
C LYS D 314 -0.69 34.50 8.30
N TYR D 315 -0.97 33.29 7.79
CA TYR D 315 -0.10 32.14 7.98
C TYR D 315 1.26 32.36 7.28
N THR D 316 1.23 33.02 6.10
CA THR D 316 2.44 33.24 5.31
C THR D 316 3.12 34.58 5.59
N GLU D 317 2.54 35.45 6.43
CA GLU D 317 3.07 36.79 6.62
C GLU D 317 4.51 36.71 7.14
N GLY D 318 5.45 37.32 6.38
CA GLY D 318 6.88 37.39 6.73
C GLY D 318 7.60 36.03 6.67
N ARG D 319 7.04 35.06 5.96
CA ARG D 319 7.61 33.73 5.91
C ARG D 319 7.81 33.27 4.46
N LYS D 320 9.02 32.72 4.17
CA LYS D 320 9.25 31.90 3.01
C LYS D 320 8.50 30.57 3.18
N ILE D 321 7.95 30.05 2.07
CA ILE D 321 7.20 28.77 2.07
C ILE D 321 7.87 27.82 1.06
N VAL D 322 8.27 26.64 1.54
CA VAL D 322 8.64 25.52 0.70
C VAL D 322 7.50 24.51 0.84
N HIS D 323 7.13 23.87 -0.28
CA HIS D 323 6.10 22.85 -0.28
C HIS D 323 6.54 21.68 -1.17
N ILE D 324 6.75 20.51 -0.53
CA ILE D 324 7.02 19.26 -1.23
C ILE D 324 5.79 18.36 -1.10
N ASP D 325 5.25 17.94 -2.25
CA ASP D 325 4.01 17.18 -2.36
C ASP D 325 4.18 16.23 -3.55
N ILE D 326 3.60 15.01 -3.46
CA ILE D 326 3.66 14.05 -4.56
C ILE D 326 2.75 14.47 -5.73
N GLU D 327 1.79 15.38 -5.46
CA GLU D 327 0.74 15.74 -6.38
C GLU D 327 0.96 17.16 -6.89
N PRO D 328 1.26 17.37 -8.19
CA PRO D 328 1.50 18.72 -8.73
C PRO D 328 0.38 19.73 -8.43
N THR D 329 -0.89 19.30 -8.57
CA THR D 329 -2.04 20.21 -8.46
C THR D 329 -2.40 20.49 -6.98
N GLN D 330 -1.61 19.96 -6.01
CA GLN D 330 -1.72 20.35 -4.62
C GLN D 330 -0.86 21.57 -4.31
N ILE D 331 0.07 21.90 -5.24
CA ILE D 331 1.10 22.91 -5.01
C ILE D 331 0.64 24.22 -5.64
N GLY D 332 0.30 25.20 -4.78
CA GLY D 332 -0.30 26.47 -5.23
C GLY D 332 -1.84 26.48 -5.18
N ARG D 333 -2.43 25.42 -4.61
CA ARG D 333 -3.88 25.26 -4.57
C ARG D 333 -4.54 26.23 -3.59
N VAL D 334 -3.90 26.41 -2.40
CA VAL D 334 -4.44 27.32 -1.38
C VAL D 334 -3.45 28.44 -1.03
N LEU D 335 -2.15 28.26 -1.29
CA LEU D 335 -1.19 29.36 -1.20
C LEU D 335 -0.01 29.14 -2.17
N CYS D 336 0.64 30.24 -2.58
CA CYS D 336 1.77 30.18 -3.47
C CYS D 336 3.07 29.96 -2.71
N PRO D 337 3.76 28.81 -2.84
CA PRO D 337 5.03 28.63 -2.15
C PRO D 337 6.11 29.44 -2.87
N ASP D 338 7.18 29.77 -2.14
CA ASP D 338 8.36 30.35 -2.73
C ASP D 338 9.09 29.30 -3.56
N LEU D 339 8.99 28.02 -3.17
CA LEU D 339 9.54 26.89 -3.91
C LEU D 339 8.64 25.68 -3.71
N GLY D 340 8.15 25.13 -4.83
CA GLY D 340 7.27 23.96 -4.81
C GLY D 340 7.94 22.81 -5.54
N ILE D 341 7.97 21.62 -4.93
CA ILE D 341 8.68 20.48 -5.48
C ILE D 341 7.71 19.29 -5.51
N VAL D 342 7.58 18.69 -6.69
CA VAL D 342 6.77 17.49 -6.84
C VAL D 342 7.66 16.30 -6.50
N SER D 343 7.33 15.62 -5.40
CA SER D 343 8.07 14.43 -5.03
C SER D 343 7.32 13.60 -4.00
N ASP D 344 7.46 12.26 -4.11
CA ASP D 344 7.25 11.36 -2.99
C ASP D 344 8.10 11.85 -1.80
N ALA D 345 7.54 11.78 -0.59
CA ALA D 345 8.19 12.33 0.60
C ALA D 345 9.43 11.51 1.00
N LYS D 346 9.42 10.19 0.79
CA LYS D 346 10.59 9.38 1.09
C LYS D 346 11.73 9.69 0.10
N ALA D 347 11.44 9.75 -1.21
CA ALA D 347 12.43 10.12 -2.22
C ALA D 347 13.04 11.48 -1.87
N ALA D 348 12.19 12.47 -1.54
CA ALA D 348 12.64 13.82 -1.23
C ALA D 348 13.53 13.83 0.03
N LEU D 349 13.09 13.12 1.09
CA LEU D 349 13.81 13.11 2.36
C LEU D 349 15.14 12.35 2.26
N THR D 350 15.22 11.30 1.42
CA THR D 350 16.48 10.60 1.19
C THR D 350 17.52 11.60 0.68
N LEU D 351 17.13 12.41 -0.31
CA LEU D 351 18.00 13.41 -0.91
C LEU D 351 18.24 14.58 0.04
N LEU D 352 17.22 14.98 0.82
CA LEU D 352 17.37 16.07 1.78
C LEU D 352 18.42 15.73 2.84
N VAL D 353 18.37 14.48 3.35
CA VAL D 353 19.33 13.95 4.31
C VAL D 353 20.75 13.95 3.70
N GLU D 354 20.86 13.46 2.47
CA GLU D 354 22.14 13.38 1.78
C GLU D 354 22.77 14.76 1.57
N VAL D 355 21.98 15.72 1.08
CA VAL D 355 22.40 17.10 0.87
C VAL D 355 22.73 17.78 2.20
N ALA D 356 21.91 17.59 3.24
CA ALA D 356 22.17 18.14 4.57
C ALA D 356 23.52 17.66 5.11
N GLN D 357 23.83 16.36 4.93
CA GLN D 357 25.10 15.78 5.35
C GLN D 357 26.28 16.41 4.62
N GLU D 358 26.11 16.66 3.31
CA GLU D 358 27.16 17.32 2.52
C GLU D 358 27.38 18.74 3.04
N MET D 359 26.30 19.46 3.33
CA MET D 359 26.38 20.82 3.86
C MET D 359 27.06 20.82 5.24
N GLN D 360 26.76 19.80 6.07
CA GLN D 360 27.31 19.69 7.42
C GLN D 360 28.82 19.47 7.33
N LYS D 361 29.22 18.54 6.46
CA LYS D 361 30.62 18.22 6.25
C LYS D 361 31.39 19.44 5.71
N ALA D 362 30.73 20.28 4.89
CA ALA D 362 31.33 21.52 4.38
C ALA D 362 31.21 22.68 5.37
N GLY D 363 30.68 22.47 6.58
CA GLY D 363 30.51 23.53 7.58
C GLY D 363 29.52 24.62 7.15
N ARG D 364 28.46 24.27 6.40
CA ARG D 364 27.59 25.27 5.81
C ARG D 364 26.20 25.31 6.47
N LEU D 365 25.92 24.36 7.39
CA LEU D 365 24.66 24.35 8.14
C LEU D 365 24.78 25.29 9.34
N PRO D 366 23.94 26.34 9.47
CA PRO D 366 24.02 27.22 10.63
C PRO D 366 23.59 26.51 11.91
N CSO D 367 24.12 27.04 13.04
CA CSO D 367 23.78 26.58 14.37
CB CSO D 367 24.96 26.90 15.29
SG CSO D 367 24.64 26.72 17.07
C CSO D 367 22.46 27.23 14.77
O CSO D 367 22.30 28.43 14.57
OD CSO D 367 24.49 25.09 17.31
H CSO D 367 24.72 27.72 12.96
HA CSO D 367 23.66 25.60 14.35
HB2 CSO D 367 25.24 27.82 15.11
HB3 CSO D 367 25.70 26.31 15.05
HD CSO D 367 24.29 24.71 17.91
N ARG D 368 21.49 26.45 15.29
CA ARG D 368 20.16 26.99 15.54
C ARG D 368 19.78 26.89 17.02
N LYS D 369 20.76 26.91 17.93
CA LYS D 369 20.52 26.67 19.36
C LYS D 369 19.54 27.69 19.94
N GLU D 370 19.68 28.95 19.53
CA GLU D 370 18.91 30.02 20.10
C GLU D 370 17.43 29.92 19.71
N TRP D 371 17.17 29.63 18.41
CA TRP D 371 15.80 29.48 17.90
C TRP D 371 15.15 28.22 18.49
N VAL D 372 15.90 27.11 18.56
CA VAL D 372 15.39 25.87 19.15
C VAL D 372 14.99 26.14 20.62
N ALA D 373 15.89 26.82 21.38
CA ALA D 373 15.62 27.16 22.77
C ALA D 373 14.35 28.01 22.91
N ASP D 374 14.15 29.00 22.00
CA ASP D 374 12.97 29.83 21.99
CA ASP D 374 12.97 29.86 21.95
C ASP D 374 11.70 28.98 21.87
N CYS D 375 11.72 27.99 20.95
CA CYS D 375 10.58 27.11 20.72
C CYS D 375 10.30 26.25 21.98
N GLN D 376 11.36 25.75 22.64
CA GLN D 376 11.25 24.93 23.85
C GLN D 376 10.72 25.72 25.06
N GLN D 377 11.11 26.99 25.19
CA GLN D 377 10.57 27.86 26.22
C GLN D 377 9.08 28.07 26.11
N ARG D 378 8.60 28.28 24.88
CA ARG D 378 7.17 28.41 24.66
C ARG D 378 6.47 27.15 25.13
N LYS D 379 7.09 25.97 24.85
CA LYS D 379 6.53 24.66 25.21
C LYS D 379 6.39 24.47 26.72
N ARG D 380 7.27 25.12 27.49
CA ARG D 380 7.11 25.05 28.92
C ARG D 380 6.10 26.01 29.54
N THR D 381 5.73 27.06 28.80
CA THR D 381 5.00 28.18 29.37
C THR D 381 3.55 28.25 28.86
N LEU D 382 3.34 28.05 27.55
CA LEU D 382 2.07 28.37 26.91
C LEU D 382 1.17 27.14 26.91
N LEU D 383 0.60 26.82 28.09
CA LEU D 383 -0.09 25.54 28.32
C LEU D 383 -1.59 25.76 28.63
N ARG D 384 -2.31 24.63 28.81
CA ARG D 384 -3.71 24.64 29.22
C ARG D 384 -3.87 23.67 30.39
N LYS D 385 -4.69 24.06 31.39
CA LYS D 385 -4.85 23.24 32.58
C LYS D 385 -5.57 21.93 32.24
N THR D 386 -5.10 20.83 32.83
CA THR D 386 -5.72 19.53 32.74
C THR D 386 -6.11 19.01 34.13
N HIS D 387 -5.40 19.45 35.19
CA HIS D 387 -5.48 18.79 36.49
C HIS D 387 -6.66 19.36 37.28
N PHE D 388 -7.88 18.92 36.93
CA PHE D 388 -9.10 19.38 37.59
C PHE D 388 -9.65 18.26 38.49
N ASP D 389 -10.00 18.60 39.73
CA ASP D 389 -10.62 17.64 40.65
C ASP D 389 -12.15 17.77 40.60
N ASN D 390 -12.66 18.56 39.65
CA ASN D 390 -14.10 18.84 39.57
C ASN D 390 -14.94 17.57 39.39
N VAL D 391 -16.13 17.62 40.02
CA VAL D 391 -17.24 16.71 39.80
C VAL D 391 -18.47 17.56 39.51
N PRO D 392 -19.18 17.41 38.37
CA PRO D 392 -18.79 16.46 37.32
C PRO D 392 -17.47 16.78 36.61
N VAL D 393 -16.97 15.77 35.87
CA VAL D 393 -15.59 15.70 35.41
C VAL D 393 -15.38 16.73 34.29
N LYS D 394 -14.22 17.40 34.36
CA LYS D 394 -13.73 18.19 33.24
C LYS D 394 -13.01 17.32 32.23
N PRO D 395 -13.34 17.44 30.91
CA PRO D 395 -12.76 16.57 29.89
C PRO D 395 -11.22 16.59 29.86
N GLN D 396 -10.65 17.79 30.09
CA GLN D 396 -9.19 17.97 30.15
C GLN D 396 -8.53 16.93 31.06
N ARG D 397 -9.13 16.63 32.21
CA ARG D 397 -8.58 15.67 33.17
C ARG D 397 -8.54 14.23 32.59
N VAL D 398 -9.51 13.87 31.73
CA VAL D 398 -9.52 12.56 31.11
C VAL D 398 -8.21 12.35 30.33
N TYR D 399 -7.79 13.35 29.53
CA TYR D 399 -6.63 13.24 28.67
C TYR D 399 -5.36 13.10 29.50
N GLU D 400 -5.28 13.86 30.62
CA GLU D 400 -4.19 13.70 31.59
C GLU D 400 -4.11 12.23 32.05
N GLU D 401 -5.25 11.63 32.41
CA GLU D 401 -5.23 10.28 32.99
C GLU D 401 -4.88 9.26 31.91
N MET D 402 -5.30 9.54 30.66
CA MET D 402 -4.96 8.66 29.55
C MET D 402 -3.44 8.68 29.35
N ASN D 403 -2.80 9.87 29.39
CA ASN D 403 -1.34 9.97 29.20
C ASN D 403 -0.60 9.20 30.30
N LYS D 404 -1.14 9.19 31.52
CA LYS D 404 -0.52 8.48 32.63
C LYS D 404 -0.72 6.97 32.51
N ALA D 405 -1.93 6.52 32.14
CA ALA D 405 -2.29 5.10 32.19
C ALA D 405 -1.64 4.29 31.07
N PHE D 406 -1.47 4.84 29.85
CA PHE D 406 -1.06 4.06 28.68
C PHE D 406 0.43 4.28 28.42
N GLY D 407 1.05 3.40 27.64
CA GLY D 407 2.48 3.53 27.37
C GLY D 407 2.74 4.43 26.17
N ARG D 408 4.03 4.64 25.86
CA ARG D 408 4.40 5.45 24.71
C ARG D 408 4.06 4.73 23.40
N ASP D 409 3.76 3.41 23.45
CA ASP D 409 3.33 2.66 22.27
C ASP D 409 1.80 2.75 22.02
N VAL D 410 1.07 3.54 22.82
CA VAL D 410 -0.37 3.70 22.64
C VAL D 410 -0.67 4.19 21.22
N CYS D 411 -1.81 3.69 20.68
CA CYS D 411 -2.30 4.07 19.36
C CYS D 411 -3.73 4.60 19.51
N TYR D 412 -3.91 5.92 19.29
CA TYR D 412 -5.20 6.55 19.47
C TYR D 412 -5.97 6.57 18.16
N VAL D 413 -7.31 6.35 18.27
CA VAL D 413 -8.23 6.39 17.14
C VAL D 413 -9.39 7.30 17.51
N THR D 414 -9.71 8.30 16.66
CA THR D 414 -10.75 9.28 16.99
C THR D 414 -11.25 9.96 15.72
N THR D 415 -12.35 10.74 15.83
CA THR D 415 -13.03 11.33 14.68
C THR D 415 -13.09 12.85 14.80
N ALA D 416 -14.09 13.37 15.52
CA ALA D 416 -14.39 14.80 15.60
C ALA D 416 -15.38 15.07 16.74
N GLY D 417 -15.33 16.31 17.22
CA GLY D 417 -16.05 16.75 18.40
C GLY D 417 -15.09 17.44 19.35
N LEU D 418 -15.62 18.02 20.44
CA LEU D 418 -14.78 18.52 21.51
C LEU D 418 -13.93 17.38 22.07
N SER D 419 -14.52 16.17 22.13
CA SER D 419 -13.83 14.92 22.47
C SER D 419 -12.48 14.81 21.75
N GLN D 420 -12.52 14.92 20.40
CA GLN D 420 -11.31 14.76 19.56
C GLN D 420 -10.41 16.02 19.59
N ILE D 421 -11.00 17.22 19.59
CA ILE D 421 -10.19 18.43 19.56
C ILE D 421 -9.32 18.50 20.83
N ALA D 422 -9.98 18.37 22.00
CA ALA D 422 -9.26 18.46 23.27
C ALA D 422 -8.25 17.31 23.36
N ALA D 423 -8.59 16.13 22.83
CA ALA D 423 -7.67 14.99 22.78
C ALA D 423 -6.38 15.35 22.03
N ALA D 424 -6.54 16.03 20.87
CA ALA D 424 -5.40 16.43 20.03
C ALA D 424 -4.58 17.52 20.74
N GLN D 425 -5.24 18.36 21.56
CA GLN D 425 -4.56 19.40 22.33
C GLN D 425 -3.76 18.84 23.50
N MET D 426 -4.18 17.67 24.04
CA MET D 426 -3.71 17.27 25.36
C MET D 426 -3.11 15.85 25.43
N LEU D 427 -3.40 14.94 24.48
CA LEU D 427 -2.75 13.62 24.47
C LEU D 427 -1.38 13.76 23.80
N HIS D 428 -0.53 12.72 23.98
CA HIS D 428 0.77 12.62 23.35
C HIS D 428 0.93 11.25 22.66
N VAL D 429 1.59 11.30 21.48
CA VAL D 429 1.91 10.12 20.68
C VAL D 429 3.40 10.19 20.28
N PHE D 430 3.97 8.99 20.08
CA PHE D 430 5.42 8.81 20.00
C PHE D 430 5.87 8.04 18.75
N LYS D 431 4.93 7.60 17.89
CA LYS D 431 5.23 6.66 16.81
C LYS D 431 4.30 6.98 15.65
N ASP D 432 4.78 6.80 14.41
CA ASP D 432 3.92 7.10 13.27
C ASP D 432 2.84 6.02 13.21
N ARG D 433 1.63 6.45 12.79
CA ARG D 433 0.45 5.60 12.69
C ARG D 433 -0.07 5.29 14.09
N HIS D 434 0.25 6.16 15.06
CA HIS D 434 -0.30 6.03 16.42
C HIS D 434 -1.30 7.15 16.73
N TRP D 435 -1.56 8.02 15.73
CA TRP D 435 -2.74 8.88 15.71
C TRP D 435 -3.51 8.57 14.43
N ILE D 436 -4.67 7.93 14.58
CA ILE D 436 -5.47 7.44 13.46
C ILE D 436 -6.78 8.22 13.50
N ASN D 437 -6.90 9.19 12.56
CA ASN D 437 -7.95 10.19 12.65
C ASN D 437 -8.32 10.57 11.22
N CYS D 438 -9.63 10.60 10.95
CA CYS D 438 -10.18 11.06 9.67
C CYS D 438 -10.25 12.59 9.68
N GLY D 439 -9.11 13.23 9.44
CA GLY D 439 -8.95 14.67 9.67
C GLY D 439 -9.70 15.62 8.72
N GLN D 440 -9.93 15.21 7.46
CA GLN D 440 -10.53 16.10 6.47
C GLN D 440 -12.06 15.97 6.44
N ALA D 441 -12.58 14.73 6.62
CA ALA D 441 -14.02 14.46 6.53
C ALA D 441 -14.72 14.35 7.89
N GLY D 442 -14.05 13.82 8.93
CA GLY D 442 -14.62 13.69 10.26
C GLY D 442 -16.02 13.06 10.31
N PRO D 443 -16.34 11.96 9.59
CA PRO D 443 -17.67 11.34 9.66
C PRO D 443 -17.96 10.68 11.01
N LEU D 444 -18.98 11.17 11.73
CA LEU D 444 -19.37 10.56 13.00
C LEU D 444 -19.70 9.07 12.77
N GLY D 445 -19.34 8.23 13.77
CA GLY D 445 -19.49 6.80 13.70
C GLY D 445 -18.20 6.10 13.30
N TRP D 446 -17.21 6.89 12.81
CA TRP D 446 -15.99 6.31 12.26
C TRP D 446 -15.16 5.58 13.33
N THR D 447 -15.23 6.04 14.59
CA THR D 447 -14.21 5.67 15.57
C THR D 447 -14.25 4.19 15.93
N ILE D 448 -15.43 3.63 16.23
CA ILE D 448 -15.54 2.24 16.64
C ILE D 448 -15.05 1.35 15.51
N PRO D 449 -15.61 1.40 14.28
CA PRO D 449 -15.12 0.53 13.22
C PRO D 449 -13.64 0.75 12.84
N ALA D 450 -13.20 2.02 12.77
CA ALA D 450 -11.80 2.28 12.46
C ALA D 450 -10.88 1.60 13.50
N ALA D 451 -11.25 1.67 14.79
CA ALA D 451 -10.46 1.03 15.84
C ALA D 451 -10.42 -0.49 15.66
N LEU D 452 -11.57 -1.10 15.36
CA LEU D 452 -11.59 -2.55 15.05
C LEU D 452 -10.68 -2.87 13.86
N GLY D 453 -10.67 -2.01 12.83
CA GLY D 453 -9.83 -2.21 11.66
C GLY D 453 -8.34 -2.13 11.99
N VAL D 454 -7.94 -1.15 12.81
CA VAL D 454 -6.57 -1.09 13.29
C VAL D 454 -6.20 -2.38 14.02
N CYS D 455 -7.07 -2.84 14.93
CA CYS D 455 -6.80 -4.04 15.72
C CYS D 455 -6.66 -5.27 14.82
N ALA D 456 -7.52 -5.37 13.79
CA ALA D 456 -7.43 -6.46 12.82
C ALA D 456 -6.10 -6.42 12.07
N ALA D 457 -5.64 -5.20 11.70
CA ALA D 457 -4.35 -5.00 11.03
C ALA D 457 -3.18 -5.43 11.91
N ASP D 458 -3.25 -5.15 13.22
CA ASP D 458 -2.14 -5.38 14.12
C ASP D 458 -2.68 -5.79 15.49
N PRO D 459 -2.86 -7.11 15.72
CA PRO D 459 -3.35 -7.63 17.01
C PRO D 459 -2.46 -7.32 18.21
N LYS D 460 -1.22 -6.86 17.99
CA LYS D 460 -0.34 -6.49 19.09
C LYS D 460 -0.42 -4.99 19.36
N ARG D 461 -1.19 -4.22 18.57
CA ARG D 461 -1.28 -2.78 18.77
C ARG D 461 -2.14 -2.52 20.02
N ASN D 462 -1.68 -1.53 20.81
CA ASN D 462 -2.34 -1.06 22.00
CA ASN D 462 -2.37 -1.08 22.00
C ASN D 462 -3.31 0.06 21.64
N VAL D 463 -4.52 -0.33 21.19
CA VAL D 463 -5.44 0.62 20.60
C VAL D 463 -6.33 1.20 21.70
N VAL D 464 -6.45 2.54 21.70
CA VAL D 464 -7.33 3.29 22.61
C VAL D 464 -8.08 4.31 21.75
N ALA D 465 -9.42 4.15 21.68
CA ALA D 465 -10.27 5.08 20.94
C ALA D 465 -10.74 6.19 21.89
N ILE D 466 -11.07 7.35 21.29
CA ILE D 466 -11.73 8.45 21.98
C ILE D 466 -12.96 8.87 21.16
N SER D 467 -14.15 8.81 21.80
CA SER D 467 -15.42 9.29 21.25
C SER D 467 -16.14 10.16 22.29
N GLY D 468 -16.84 11.21 21.82
CA GLY D 468 -17.98 11.78 22.52
C GLY D 468 -19.19 10.84 22.40
N ASP D 469 -20.27 11.16 23.14
CA ASP D 469 -21.47 10.34 23.16
C ASP D 469 -22.10 10.21 21.76
N PHE D 470 -22.17 11.32 21.00
CA PHE D 470 -22.87 11.30 19.70
C PHE D 470 -22.14 10.44 18.67
N ASP D 471 -20.83 10.68 18.47
CA ASP D 471 -19.97 9.84 17.64
C ASP D 471 -20.19 8.37 17.99
N PHE D 472 -20.18 8.06 19.30
CA PHE D 472 -20.20 6.70 19.81
C PHE D 472 -21.52 6.02 19.41
N GLN D 473 -22.62 6.80 19.37
CA GLN D 473 -23.95 6.26 19.08
C GLN D 473 -24.16 5.91 17.60
N PHE D 474 -23.61 6.71 16.66
CA PHE D 474 -23.86 6.55 15.23
C PHE D 474 -23.78 5.08 14.79
N LEU D 475 -22.65 4.41 15.10
CA LEU D 475 -22.39 3.03 14.69
C LEU D 475 -22.06 2.17 15.91
N ILE D 476 -22.82 2.40 16.99
CA ILE D 476 -22.64 1.76 18.30
C ILE D 476 -22.68 0.24 18.14
N GLU D 477 -23.50 -0.24 17.18
CA GLU D 477 -23.70 -1.69 17.03
C GLU D 477 -22.42 -2.44 16.64
N GLU D 478 -21.44 -1.71 16.12
CA GLU D 478 -20.17 -2.30 15.71
C GLU D 478 -19.39 -2.84 16.91
N LEU D 479 -19.74 -2.41 18.15
CA LEU D 479 -19.16 -3.06 19.33
C LEU D 479 -19.36 -4.58 19.31
N ALA D 480 -20.51 -5.05 18.79
CA ALA D 480 -20.86 -6.46 18.76
C ALA D 480 -19.95 -7.24 17.78
N VAL D 481 -19.34 -6.52 16.82
CA VAL D 481 -18.35 -7.11 15.93
C VAL D 481 -17.11 -7.49 16.75
N GLY D 482 -16.68 -6.54 17.60
CA GLY D 482 -15.61 -6.78 18.55
C GLY D 482 -15.88 -7.95 19.50
N ALA D 483 -17.14 -8.08 19.96
CA ALA D 483 -17.55 -9.18 20.83
C ALA D 483 -17.50 -10.50 20.06
N GLN D 484 -18.07 -10.52 18.84
CA GLN D 484 -18.20 -11.76 18.08
C GLN D 484 -16.82 -12.28 17.68
N PHE D 485 -15.92 -11.40 17.23
CA PHE D 485 -14.62 -11.80 16.70
C PHE D 485 -13.50 -11.68 17.75
N ASN D 486 -13.86 -11.35 19.01
CA ASN D 486 -12.88 -11.19 20.08
C ASN D 486 -11.75 -10.25 19.65
N ILE D 487 -12.11 -8.98 19.41
CA ILE D 487 -11.18 -7.94 18.97
C ILE D 487 -11.07 -6.93 20.10
N PRO D 488 -10.10 -7.10 21.02
CA PRO D 488 -10.02 -6.21 22.19
C PRO D 488 -9.31 -4.87 21.92
N TYR D 489 -9.88 -3.82 22.54
CA TYR D 489 -9.29 -2.49 22.60
C TYR D 489 -10.04 -1.72 23.69
N ILE D 490 -9.53 -0.55 24.07
CA ILE D 490 -10.20 0.29 25.08
C ILE D 490 -10.81 1.50 24.39
N HIS D 491 -12.11 1.72 24.64
CA HIS D 491 -12.83 2.84 24.07
C HIS D 491 -13.15 3.83 25.19
N VAL D 492 -12.46 4.98 25.18
CA VAL D 492 -12.76 6.06 26.10
C VAL D 492 -13.93 6.85 25.54
N LEU D 493 -15.01 6.93 26.33
CA LEU D 493 -16.25 7.58 25.95
C LEU D 493 -16.45 8.76 26.90
N VAL D 494 -16.37 10.00 26.38
CA VAL D 494 -16.49 11.20 27.20
C VAL D 494 -17.88 11.78 26.91
N ASN D 495 -18.77 11.66 27.92
CA ASN D 495 -20.20 11.86 27.73
C ASN D 495 -20.66 13.15 28.42
N ASN D 496 -21.10 14.13 27.60
CA ASN D 496 -21.69 15.39 28.07
C ASN D 496 -23.18 15.52 27.69
N ALA D 497 -23.79 14.44 27.16
CA ALA D 497 -25.19 14.43 26.68
C ALA D 497 -25.50 15.60 25.73
N TYR D 498 -24.54 15.86 24.82
CA TYR D 498 -24.50 17.02 23.94
C TYR D 498 -23.72 16.68 22.65
N LEU D 499 -24.16 17.30 21.55
CA LEU D 499 -23.30 17.62 20.42
C LEU D 499 -22.47 18.84 20.84
N GLY D 500 -21.43 18.61 21.67
CA GLY D 500 -20.72 19.68 22.36
C GLY D 500 -20.10 20.70 21.39
N LEU D 501 -19.42 20.20 20.32
CA LEU D 501 -18.77 21.10 19.37
C LEU D 501 -19.79 21.98 18.65
N ILE D 502 -21.00 21.42 18.39
CA ILE D 502 -22.05 22.17 17.70
C ILE D 502 -22.65 23.20 18.65
N ARG D 503 -22.88 22.84 19.92
CA ARG D 503 -23.30 23.81 20.95
C ARG D 503 -22.32 24.98 20.93
N GLN D 504 -21.03 24.66 21.02
CA GLN D 504 -20.00 25.70 21.04
C GLN D 504 -20.08 26.59 19.78
N SER D 505 -20.16 26.00 18.57
CA SER D 505 -20.28 26.78 17.34
C SER D 505 -21.54 27.69 17.31
N GLN D 506 -22.62 27.27 17.99
CA GLN D 506 -23.87 28.04 18.00
C GLN D 506 -23.80 29.27 18.90
N ARG D 507 -22.72 29.44 19.68
CA ARG D 507 -22.56 30.65 20.48
C ARG D 507 -22.57 31.90 19.59
N ALA D 508 -22.02 31.79 18.36
CA ALA D 508 -21.99 32.87 17.38
C ALA D 508 -23.41 33.24 16.94
N PHE D 509 -24.39 32.31 17.10
CA PHE D 509 -25.78 32.57 16.76
C PHE D 509 -26.63 32.83 18.01
N ASP D 510 -25.95 32.89 19.14
CA ASP D 510 -26.54 33.26 20.41
C ASP D 510 -27.68 32.30 20.77
N MET D 511 -27.45 30.99 20.57
CA MET D 511 -28.48 29.98 20.81
C MET D 511 -27.83 28.66 21.25
N ASP D 512 -28.71 27.76 21.74
CA ASP D 512 -28.37 26.39 22.10
C ASP D 512 -29.58 25.58 21.65
N TYR D 513 -29.49 24.97 20.47
CA TYR D 513 -30.68 24.58 19.73
C TYR D 513 -30.43 23.26 18.97
N CYS D 514 -31.19 22.21 19.34
CA CYS D 514 -31.17 20.90 18.68
C CYS D 514 -29.81 20.23 18.85
N VAL D 515 -29.18 20.43 20.04
CA VAL D 515 -27.85 19.86 20.25
C VAL D 515 -27.77 19.01 21.54
N GLN D 516 -28.86 18.95 22.30
CA GLN D 516 -28.90 18.18 23.54
C GLN D 516 -29.42 16.77 23.31
N LEU D 517 -28.77 15.79 23.95
CA LEU D 517 -29.12 14.37 23.84
C LEU D 517 -29.70 13.81 25.15
N ALA D 518 -29.83 14.66 26.18
CA ALA D 518 -30.24 14.25 27.51
C ALA D 518 -31.75 13.95 27.55
N PHE D 519 -32.11 12.98 28.39
CA PHE D 519 -33.49 12.66 28.73
C PHE D 519 -33.44 11.76 29.98
N GLU D 520 -34.58 11.72 30.69
CA GLU D 520 -34.74 10.87 31.87
C GLU D 520 -34.92 9.43 31.41
N ASN D 521 -33.86 8.62 31.59
CA ASN D 521 -33.88 7.24 31.15
C ASN D 521 -34.76 6.45 32.12
N ILE D 522 -35.92 5.97 31.64
CA ILE D 522 -36.88 5.27 32.50
C ILE D 522 -36.31 3.99 33.09
N ASN D 523 -35.24 3.45 32.47
CA ASN D 523 -34.62 2.20 32.90
C ASN D 523 -33.38 2.43 33.79
N SER D 524 -32.86 3.68 33.87
CA SER D 524 -31.58 3.96 34.50
C SER D 524 -31.60 5.33 35.15
N SER D 525 -32.06 5.39 36.39
CA SER D 525 -31.95 6.62 37.17
C SER D 525 -30.47 7.00 37.42
N GLU D 526 -29.54 6.03 37.34
CA GLU D 526 -28.15 6.24 37.72
C GLU D 526 -27.39 7.09 36.67
N VAL D 527 -27.97 7.29 35.46
CA VAL D 527 -27.34 8.17 34.46
C VAL D 527 -27.80 9.62 34.64
N ASN D 528 -28.70 9.89 35.63
CA ASN D 528 -29.01 11.23 36.10
C ASN D 528 -29.48 12.14 34.96
N GLY D 529 -30.35 11.65 34.09
CA GLY D 529 -30.90 12.47 33.02
C GLY D 529 -29.97 12.66 31.81
N TYR D 530 -28.84 11.93 31.76
CA TYR D 530 -27.92 12.04 30.62
C TYR D 530 -28.40 11.23 29.40
N GLY D 531 -29.53 10.53 29.51
CA GLY D 531 -30.17 9.86 28.38
C GLY D 531 -29.68 8.42 28.24
N VAL D 532 -29.00 8.13 27.12
CA VAL D 532 -28.54 6.77 26.87
C VAL D 532 -27.62 6.28 28.00
N ASP D 533 -27.88 5.03 28.42
CA ASP D 533 -27.04 4.24 29.32
C ASP D 533 -26.05 3.40 28.49
N HIS D 534 -24.83 3.91 28.32
CA HIS D 534 -23.83 3.33 27.44
C HIS D 534 -23.29 2.02 28.00
N VAL D 535 -23.29 1.86 29.33
CA VAL D 535 -22.88 0.62 29.97
C VAL D 535 -23.84 -0.51 29.59
N LYS D 536 -25.17 -0.29 29.73
CA LYS D 536 -26.13 -1.34 29.40
C LYS D 536 -26.05 -1.66 27.90
N VAL D 537 -25.93 -0.63 27.05
CA VAL D 537 -25.86 -0.86 25.60
C VAL D 537 -24.59 -1.66 25.27
N ALA D 538 -23.42 -1.24 25.78
CA ALA D 538 -22.17 -1.96 25.53
C ALA D 538 -22.24 -3.41 26.02
N GLU D 539 -22.77 -3.65 27.21
CA GLU D 539 -22.91 -5.00 27.76
C GLU D 539 -23.91 -5.83 26.92
N GLY D 540 -25.00 -5.18 26.47
CA GLY D 540 -25.98 -5.83 25.61
C GLY D 540 -25.33 -6.32 24.31
N LEU D 541 -24.39 -5.52 23.79
CA LEU D 541 -23.67 -5.83 22.56
C LEU D 541 -22.49 -6.80 22.80
N GLY D 542 -22.28 -7.27 24.04
CA GLY D 542 -21.34 -8.35 24.29
C GLY D 542 -19.98 -7.90 24.83
N CYS D 543 -19.84 -6.58 25.09
CA CYS D 543 -18.59 -5.98 25.54
C CYS D 543 -18.61 -5.72 27.06
N LYS D 544 -17.47 -5.23 27.59
CA LYS D 544 -17.41 -4.81 28.98
C LYS D 544 -17.51 -3.28 29.01
N ALA D 545 -17.97 -2.73 30.16
CA ALA D 545 -18.07 -1.28 30.29
C ALA D 545 -17.96 -0.86 31.75
N ILE D 546 -17.34 0.30 31.98
CA ILE D 546 -17.12 0.88 33.31
C ILE D 546 -17.50 2.35 33.21
N ARG D 547 -18.37 2.80 34.10
CA ARG D 547 -18.75 4.21 34.15
C ARG D 547 -17.99 4.88 35.29
N VAL D 548 -17.44 6.09 35.03
CA VAL D 548 -16.70 6.89 36.00
C VAL D 548 -17.38 8.26 36.16
N PHE D 549 -17.62 8.66 37.42
CA PHE D 549 -18.21 9.97 37.73
C PHE D 549 -17.20 10.93 38.37
N LYS D 550 -16.15 10.38 39.00
CA LYS D 550 -15.19 11.18 39.75
C LYS D 550 -13.81 11.08 39.10
N PRO D 551 -13.03 12.17 39.04
CA PRO D 551 -11.73 12.16 38.33
C PRO D 551 -10.70 11.16 38.89
N GLU D 552 -10.72 10.93 40.22
CA GLU D 552 -9.78 10.02 40.88
C GLU D 552 -10.13 8.55 40.58
N ASP D 553 -11.32 8.29 39.99
CA ASP D 553 -11.72 6.94 39.61
C ASP D 553 -11.30 6.61 38.17
N ILE D 554 -10.78 7.56 37.38
CA ILE D 554 -10.42 7.32 35.98
C ILE D 554 -9.24 6.34 35.90
N ALA D 555 -8.13 6.63 36.61
CA ALA D 555 -6.94 5.77 36.60
C ALA D 555 -7.30 4.31 36.94
N PRO D 556 -7.98 3.99 38.06
CA PRO D 556 -8.36 2.59 38.35
C PRO D 556 -9.27 1.95 37.29
N ALA D 557 -10.18 2.74 36.70
CA ALA D 557 -11.01 2.27 35.59
C ALA D 557 -10.15 1.77 34.42
N PHE D 558 -9.11 2.55 34.03
CA PHE D 558 -8.20 2.14 32.97
C PHE D 558 -7.46 0.85 33.33
N GLU D 559 -7.01 0.69 34.59
CA GLU D 559 -6.32 -0.52 35.02
C GLU D 559 -7.24 -1.73 34.91
N GLN D 560 -8.49 -1.59 35.37
CA GLN D 560 -9.48 -2.65 35.31
C GLN D 560 -9.79 -2.99 33.84
N ALA D 561 -9.85 -1.98 32.97
CA ALA D 561 -10.10 -2.21 31.54
C ALA D 561 -9.03 -3.12 30.94
N LYS D 562 -7.77 -2.86 31.25
CA LYS D 562 -6.67 -3.69 30.78
C LYS D 562 -6.86 -5.15 31.21
N ALA D 563 -7.25 -5.37 32.48
CA ALA D 563 -7.43 -6.70 33.05
C ALA D 563 -8.58 -7.42 32.32
N LEU D 564 -9.67 -6.70 32.10
CA LEU D 564 -10.84 -7.29 31.45
C LEU D 564 -10.53 -7.65 29.98
N MET D 565 -9.85 -6.75 29.26
CA MET D 565 -9.43 -7.01 27.89
C MET D 565 -8.64 -8.31 27.82
N ALA D 566 -7.64 -8.47 28.71
CA ALA D 566 -6.71 -9.59 28.66
C ALA D 566 -7.47 -10.91 28.83
N GLN D 567 -8.45 -10.91 29.75
CA GLN D 567 -9.23 -12.09 30.06
C GLN D 567 -10.31 -12.34 28.99
N TYR D 568 -11.16 -11.35 28.67
CA TYR D 568 -12.36 -11.58 27.85
C TYR D 568 -12.11 -11.31 26.35
N ARG D 569 -11.07 -10.55 26.00
CA ARG D 569 -10.70 -10.31 24.61
C ARG D 569 -11.89 -9.73 23.82
N VAL D 570 -12.49 -8.67 24.39
CA VAL D 570 -13.56 -7.91 23.78
C VAL D 570 -13.28 -6.42 24.05
N PRO D 571 -13.90 -5.49 23.27
CA PRO D 571 -13.79 -4.08 23.60
C PRO D 571 -14.25 -3.83 25.04
N VAL D 572 -13.55 -2.90 25.70
CA VAL D 572 -13.92 -2.38 27.01
C VAL D 572 -14.13 -0.88 26.88
N VAL D 573 -15.34 -0.43 27.20
CA VAL D 573 -15.73 0.97 27.15
C VAL D 573 -15.53 1.56 28.54
N VAL D 574 -14.75 2.65 28.61
CA VAL D 574 -14.65 3.45 29.84
C VAL D 574 -15.38 4.76 29.59
N GLU D 575 -16.58 4.89 30.17
CA GLU D 575 -17.40 6.07 30.02
C GLU D 575 -17.13 7.02 31.19
N VAL D 576 -16.78 8.27 30.87
CA VAL D 576 -16.62 9.32 31.87
C VAL D 576 -17.81 10.26 31.70
N ILE D 577 -18.57 10.43 32.79
CA ILE D 577 -19.63 11.42 32.86
C ILE D 577 -19.00 12.80 33.05
N LEU D 578 -19.07 13.64 32.00
CA LEU D 578 -18.51 14.99 32.00
C LEU D 578 -19.57 15.99 32.46
N GLU D 579 -19.10 17.17 32.89
CA GLU D 579 -19.98 18.33 32.96
C GLU D 579 -20.61 18.54 31.58
N ARG D 580 -21.84 19.06 31.59
CA ARG D 580 -22.61 19.24 30.36
C ARG D 580 -21.90 20.19 29.40
N VAL D 581 -21.30 21.28 29.92
CA VAL D 581 -20.82 22.37 29.06
C VAL D 581 -19.37 22.72 29.42
N THR D 582 -18.45 22.52 28.48
CA THR D 582 -17.08 23.01 28.52
C THR D 582 -16.72 23.58 27.13
N ASN D 583 -16.29 24.87 27.09
CA ASN D 583 -15.84 25.48 25.85
C ASN D 583 -14.33 25.25 25.68
N ILE D 584 -14.00 24.48 24.64
CA ILE D 584 -12.64 24.09 24.34
C ILE D 584 -12.00 25.22 23.53
N SER D 585 -10.69 25.41 23.69
CA SER D 585 -9.96 26.52 23.10
C SER D 585 -9.94 26.37 21.58
N MET D 586 -10.31 27.44 20.87
CA MET D 586 -10.32 27.47 19.42
C MET D 586 -10.56 28.90 18.92
N GLY D 587 -10.26 29.14 17.64
CA GLY D 587 -10.49 30.47 17.06
C GLY D 587 -10.52 30.39 15.53
N SER D 588 -10.62 31.56 14.86
CA SER D 588 -10.71 31.65 13.41
C SER D 588 -9.34 31.96 12.76
N GLU D 589 -8.36 32.33 13.61
CA GLU D 589 -6.99 32.61 13.18
C GLU D 589 -6.01 32.06 14.22
N LEU D 590 -4.74 31.82 13.80
CA LEU D 590 -3.68 31.34 14.69
C LEU D 590 -3.51 32.29 15.88
N ASP D 591 -3.69 33.59 15.61
CA ASP D 591 -3.41 34.66 16.56
C ASP D 591 -4.66 35.06 17.35
N ASN D 592 -5.79 34.34 17.25
CA ASN D 592 -6.99 34.75 18.01
C ASN D 592 -7.72 33.54 18.60
N VAL D 593 -7.01 32.42 18.80
CA VAL D 593 -7.55 31.25 19.48
C VAL D 593 -7.93 31.65 20.91
N MET D 594 -9.23 31.51 21.24
CA MET D 594 -9.79 31.94 22.52
C MET D 594 -9.59 30.82 23.56
N GLU D 595 -9.05 31.20 24.73
CA GLU D 595 -8.87 30.31 25.88
C GLU D 595 -10.05 30.51 26.86
N PHE D 596 -11.06 29.62 26.80
CA PHE D 596 -12.21 29.80 27.68
C PHE D 596 -11.92 29.18 29.04
N GLU D 597 -11.36 27.96 29.01
CA GLU D 597 -10.98 27.23 30.21
C GLU D 597 -9.62 27.74 30.68
N ASP D 598 -9.28 27.47 31.97
CA ASP D 598 -8.03 27.96 32.56
C ASP D 598 -6.83 27.52 31.73
N ILE D 599 -5.98 28.49 31.39
CA ILE D 599 -4.64 28.18 30.87
C ILE D 599 -3.78 27.68 32.04
N ALA D 600 -2.54 27.31 31.73
CA ALA D 600 -1.55 26.87 32.70
C ALA D 600 -0.18 27.34 32.22
N ASP D 601 0.72 27.60 33.16
CA ASP D 601 2.10 27.96 32.83
C ASP D 601 3.09 27.06 33.58
N ASN D 602 2.60 25.96 34.18
CA ASN D 602 3.50 25.07 34.92
C ASN D 602 2.91 23.67 35.01
N ALA D 603 3.76 22.71 35.40
CA ALA D 603 3.48 21.27 35.39
C ALA D 603 2.42 20.84 36.42
N ALA D 604 2.27 21.55 37.56
CA ALA D 604 1.27 21.14 38.54
C ALA D 604 -0.14 21.19 37.92
N ASP D 605 -0.36 22.14 37.00
CA ASP D 605 -1.64 22.30 36.32
C ASP D 605 -1.77 21.47 35.04
N ALA D 606 -0.64 21.18 34.39
CA ALA D 606 -0.56 20.47 33.10
C ALA D 606 0.55 19.42 33.19
N PRO D 607 0.36 18.40 34.07
CA PRO D 607 1.46 17.48 34.42
C PRO D 607 1.98 16.51 33.35
N THR D 608 1.26 16.37 32.23
CA THR D 608 1.55 15.30 31.28
C THR D 608 2.15 15.83 29.97
N GLU D 609 2.51 17.12 29.90
CA GLU D 609 3.40 17.58 28.84
C GLU D 609 4.68 16.74 28.89
N THR D 610 5.29 16.49 27.71
CA THR D 610 6.41 15.56 27.59
C THR D 610 7.64 16.12 28.30
N CYS D 611 7.73 17.44 28.44
CA CYS D 611 8.82 18.07 29.16
C CYS D 611 8.81 17.66 30.65
N PHE D 612 7.62 17.30 31.16
CA PHE D 612 7.34 17.21 32.60
C PHE D 612 7.29 15.78 33.14
N MET D 613 7.23 14.83 32.19
CA MET D 613 6.95 13.43 32.49
C MET D 613 7.68 12.55 31.46
N HIS D 614 8.36 11.49 31.94
CA HIS D 614 8.96 10.44 31.11
C HIS D 614 7.84 9.55 30.58
N TYR D 615 7.72 9.43 29.26
CA TYR D 615 6.77 8.48 28.70
C TYR D 615 7.52 7.22 28.32
N GLU D 616 7.36 6.16 29.08
CA GLU D 616 7.93 4.96 28.55
C GLU D 616 6.95 4.04 27.87
N ALA E 25 -50.14 -3.15 -36.62
CA ALA E 25 -49.55 -3.43 -35.30
C ALA E 25 -48.02 -3.34 -35.40
N LYS E 26 -47.41 -4.33 -36.07
CA LYS E 26 -45.99 -4.63 -35.94
C LYS E 26 -45.17 -3.87 -36.97
N MET E 27 -44.18 -3.10 -36.48
CA MET E 27 -43.32 -2.28 -37.29
C MET E 27 -42.00 -2.08 -36.52
N ARG E 28 -40.95 -1.61 -37.20
CA ARG E 28 -39.70 -1.31 -36.52
C ARG E 28 -39.92 -0.13 -35.59
N ALA E 29 -39.12 -0.04 -34.52
CA ALA E 29 -39.08 1.13 -33.64
C ALA E 29 -38.96 2.43 -34.45
N VAL E 30 -38.13 2.44 -35.50
CA VAL E 30 -37.94 3.65 -36.29
C VAL E 30 -39.19 4.01 -37.11
N ASP E 31 -39.98 2.99 -37.54
CA ASP E 31 -41.26 3.26 -38.22
C ASP E 31 -42.23 3.90 -37.24
N ALA E 32 -42.25 3.41 -35.99
CA ALA E 32 -43.07 4.05 -34.96
C ALA E 32 -42.62 5.49 -34.74
N ALA E 33 -41.31 5.71 -34.71
CA ALA E 33 -40.73 7.04 -34.54
C ALA E 33 -41.25 8.03 -35.59
N MET E 34 -41.40 7.58 -36.86
CA MET E 34 -41.88 8.46 -37.92
C MET E 34 -43.30 8.92 -37.62
N TYR E 35 -44.16 8.01 -37.15
CA TYR E 35 -45.52 8.38 -36.79
C TYR E 35 -45.54 9.39 -35.64
N VAL E 36 -44.64 9.18 -34.64
CA VAL E 36 -44.51 10.12 -33.53
C VAL E 36 -44.12 11.50 -34.06
N LEU E 37 -43.08 11.56 -34.91
CA LEU E 37 -42.59 12.84 -35.41
C LEU E 37 -43.68 13.57 -36.20
N GLU E 38 -44.40 12.84 -37.06
CA GLU E 38 -45.52 13.40 -37.82
C GLU E 38 -46.56 14.01 -36.86
N LYS E 39 -46.98 13.23 -35.86
CA LYS E 39 -48.02 13.68 -34.94
C LYS E 39 -47.53 14.83 -34.07
N GLU E 40 -46.21 14.99 -33.88
CA GLU E 40 -45.64 16.10 -33.14
C GLU E 40 -45.37 17.30 -34.04
N GLY E 41 -45.77 17.22 -35.32
CA GLY E 41 -45.73 18.36 -36.24
C GLY E 41 -44.44 18.48 -37.07
N ILE E 42 -43.53 17.50 -37.00
CA ILE E 42 -42.28 17.58 -37.75
C ILE E 42 -42.56 17.36 -39.23
N THR E 43 -42.02 18.25 -40.10
CA THR E 43 -42.16 18.13 -41.54
C THR E 43 -40.79 18.23 -42.24
N THR E 44 -39.73 18.58 -41.47
CA THR E 44 -38.41 18.85 -42.01
C THR E 44 -37.33 18.26 -41.10
N ALA E 45 -36.24 17.79 -41.72
CA ALA E 45 -35.05 17.36 -40.97
C ALA E 45 -33.82 17.77 -41.79
N PHE E 46 -32.75 18.11 -41.04
CA PHE E 46 -31.45 18.41 -41.61
C PHE E 46 -30.51 17.33 -41.11
N GLY E 47 -29.64 16.78 -41.98
CA GLY E 47 -28.84 15.68 -41.49
C GLY E 47 -27.76 15.19 -42.47
N VAL E 48 -27.04 14.20 -41.96
CA VAL E 48 -26.00 13.48 -42.66
C VAL E 48 -26.15 12.01 -42.25
N PRO E 49 -26.56 11.14 -43.20
CA PRO E 49 -26.67 9.71 -42.91
C PRO E 49 -25.30 9.04 -42.70
N GLY E 50 -25.38 7.87 -42.06
CA GLY E 50 -24.28 6.94 -41.92
C GLY E 50 -24.84 5.56 -41.61
N ALA E 51 -23.97 4.56 -41.58
CA ALA E 51 -24.44 3.19 -41.40
C ALA E 51 -25.31 3.05 -40.15
N ALA E 52 -24.93 3.72 -39.05
CA ALA E 52 -25.56 3.48 -37.75
C ALA E 52 -26.97 4.07 -37.69
N ILE E 53 -27.27 5.08 -38.53
CA ILE E 53 -28.58 5.74 -38.57
C ILE E 53 -29.38 5.38 -39.83
N ASN E 54 -28.88 4.46 -40.66
CA ASN E 54 -29.59 4.06 -41.87
C ASN E 54 -31.00 3.52 -41.59
N PRO E 55 -31.28 2.77 -40.50
CA PRO E 55 -32.64 2.28 -40.25
C PRO E 55 -33.64 3.43 -40.15
N PHE E 56 -33.25 4.50 -39.46
CA PHE E 56 -34.06 5.71 -39.34
C PHE E 56 -34.34 6.34 -40.71
N TYR E 57 -33.27 6.46 -41.54
CA TYR E 57 -33.41 6.97 -42.90
C TYR E 57 -34.36 6.07 -43.71
N SER E 58 -34.21 4.74 -43.58
CA SER E 58 -35.11 3.81 -44.23
C SER E 58 -36.57 4.12 -43.87
N ALA E 59 -36.85 4.33 -42.56
CA ALA E 59 -38.19 4.54 -42.05
C ALA E 59 -38.76 5.87 -42.59
N MET E 60 -37.89 6.89 -42.63
CA MET E 60 -38.22 8.21 -43.15
C MET E 60 -38.56 8.12 -44.65
N ARG E 61 -37.83 7.30 -45.41
CA ARG E 61 -38.16 7.07 -46.81
C ARG E 61 -39.53 6.38 -46.99
N LYS E 62 -39.79 5.28 -46.25
CA LYS E 62 -41.06 4.58 -46.31
C LYS E 62 -42.21 5.49 -45.92
N HIS E 63 -42.06 6.29 -44.86
CA HIS E 63 -43.17 7.08 -44.34
C HIS E 63 -43.47 8.25 -45.27
N GLY E 64 -42.43 8.97 -45.74
CA GLY E 64 -42.60 10.01 -46.73
C GLY E 64 -43.12 11.36 -46.21
N GLY E 65 -43.34 11.56 -44.91
CA GLY E 65 -43.85 12.86 -44.45
C GLY E 65 -42.80 13.96 -44.22
N ILE E 66 -41.49 13.64 -44.27
CA ILE E 66 -40.47 14.57 -43.80
C ILE E 66 -39.52 14.90 -44.96
N ARG E 67 -39.38 16.18 -45.26
CA ARG E 67 -38.38 16.66 -46.21
C ARG E 67 -37.00 16.64 -45.52
N HIS E 68 -36.06 15.89 -46.10
CA HIS E 68 -34.70 15.86 -45.58
C HIS E 68 -33.82 16.78 -46.42
N ILE E 69 -33.00 17.58 -45.73
CA ILE E 69 -31.97 18.40 -46.38
C ILE E 69 -30.60 17.86 -45.92
N LEU E 70 -29.80 17.46 -46.92
CA LEU E 70 -28.47 16.93 -46.74
C LEU E 70 -27.47 18.05 -46.57
N ALA E 71 -26.90 18.16 -45.37
CA ALA E 71 -25.87 19.14 -45.05
C ALA E 71 -24.48 18.64 -45.49
N ARG E 72 -23.52 19.58 -45.56
CA ARG E 72 -22.16 19.24 -45.98
C ARG E 72 -21.19 19.39 -44.81
N HIS E 73 -21.77 19.36 -43.59
CA HIS E 73 -21.06 19.17 -42.33
C HIS E 73 -22.16 18.84 -41.33
N VAL E 74 -21.92 17.90 -40.40
CA VAL E 74 -22.92 17.63 -39.37
C VAL E 74 -23.22 18.90 -38.58
N GLU E 75 -22.20 19.73 -38.33
CA GLU E 75 -22.37 21.01 -37.64
C GLU E 75 -23.34 21.90 -38.41
N GLY E 76 -23.23 21.88 -39.75
CA GLY E 76 -24.17 22.59 -40.61
C GLY E 76 -25.63 22.18 -40.36
N ALA E 77 -25.88 20.86 -40.36
CA ALA E 77 -27.22 20.33 -40.10
C ALA E 77 -27.74 20.86 -38.75
N SER E 78 -26.84 20.88 -37.77
CA SER E 78 -27.21 21.21 -36.39
C SER E 78 -27.66 22.68 -36.29
N HIS E 79 -26.95 23.59 -37.00
CA HIS E 79 -27.30 25.01 -37.03
C HIS E 79 -28.49 25.29 -37.93
N MET E 80 -28.69 24.49 -38.99
CA MET E 80 -29.90 24.57 -39.82
C MET E 80 -31.14 24.32 -38.93
N ALA E 81 -31.01 23.34 -38.03
CA ALA E 81 -32.10 22.99 -37.14
C ALA E 81 -32.40 24.19 -36.21
N GLU E 82 -31.34 24.86 -35.72
CA GLU E 82 -31.49 26.05 -34.89
C GLU E 82 -32.24 27.15 -35.63
N GLY E 83 -31.83 27.45 -36.88
CA GLY E 83 -32.46 28.47 -37.70
C GLY E 83 -33.95 28.17 -37.92
N TYR E 84 -34.26 26.87 -38.18
CA TYR E 84 -35.61 26.39 -38.44
C TYR E 84 -36.49 26.64 -37.21
N THR E 85 -35.95 26.29 -36.03
CA THR E 85 -36.67 26.53 -34.78
C THR E 85 -36.99 28.03 -34.62
N ARG E 86 -35.95 28.87 -34.77
CA ARG E 86 -36.01 30.29 -34.44
C ARG E 86 -36.91 31.05 -35.43
N ALA E 87 -37.14 30.51 -36.64
CA ALA E 87 -37.89 31.19 -37.70
C ALA E 87 -39.35 31.46 -37.32
N THR E 88 -40.01 30.47 -36.67
CA THR E 88 -41.47 30.50 -36.50
C THR E 88 -41.84 29.86 -35.16
N ALA E 89 -42.73 30.51 -34.39
CA ALA E 89 -43.16 29.98 -33.09
C ALA E 89 -43.74 28.57 -33.27
N GLY E 90 -43.29 27.64 -32.42
CA GLY E 90 -43.78 26.26 -32.47
C GLY E 90 -42.84 25.33 -33.25
N ASN E 91 -41.97 25.88 -34.12
CA ASN E 91 -41.06 25.05 -34.92
C ASN E 91 -40.03 24.35 -34.03
N ILE E 92 -39.70 23.09 -34.44
CA ILE E 92 -38.63 22.33 -33.81
C ILE E 92 -37.79 21.73 -34.93
N GLY E 93 -36.64 22.36 -35.17
CA GLY E 93 -35.61 21.85 -36.06
C GLY E 93 -35.08 20.50 -35.56
N VAL E 94 -34.97 19.56 -36.52
CA VAL E 94 -34.46 18.22 -36.31
C VAL E 94 -33.15 18.10 -37.08
N CYS E 95 -32.13 17.59 -36.36
CA CYS E 95 -30.79 17.32 -36.87
C CYS E 95 -30.51 15.81 -36.71
N LEU E 96 -30.24 15.10 -37.83
CA LEU E 96 -29.94 13.67 -37.81
C LEU E 96 -28.45 13.46 -38.10
N GLY E 97 -27.87 12.45 -37.43
CA GLY E 97 -26.51 12.03 -37.72
C GLY E 97 -26.27 10.58 -37.31
N THR E 98 -25.08 10.08 -37.68
CA THR E 98 -24.69 8.72 -37.39
C THR E 98 -24.07 8.68 -35.98
N SER E 99 -23.36 7.58 -35.68
CA SER E 99 -22.70 7.41 -34.38
C SER E 99 -21.40 8.20 -34.35
N GLY E 100 -20.71 8.08 -33.21
CA GLY E 100 -19.35 8.57 -33.07
C GLY E 100 -19.27 10.06 -33.30
N PRO E 101 -18.47 10.51 -34.32
CA PRO E 101 -18.17 11.93 -34.48
C PRO E 101 -19.35 12.82 -34.92
N ALA E 102 -20.43 12.22 -35.45
CA ALA E 102 -21.61 13.01 -35.79
C ALA E 102 -22.16 13.69 -34.51
N GLY E 103 -22.34 12.91 -33.43
CA GLY E 103 -22.83 13.46 -32.18
C GLY E 103 -21.91 14.56 -31.63
N THR E 104 -20.60 14.29 -31.62
CA THR E 104 -19.64 15.24 -31.10
C THR E 104 -19.68 16.53 -31.93
N ASP E 105 -20.03 16.42 -33.22
CA ASP E 105 -20.19 17.59 -34.09
C ASP E 105 -21.49 18.35 -33.84
N MET E 106 -22.41 17.81 -33.00
CA MET E 106 -23.68 18.48 -32.70
C MET E 106 -23.60 19.26 -31.38
N ILE E 107 -22.52 19.08 -30.61
CA ILE E 107 -22.43 19.65 -29.27
C ILE E 107 -22.51 21.17 -29.35
N THR E 108 -21.85 21.78 -30.34
CA THR E 108 -21.86 23.24 -30.42
C THR E 108 -23.28 23.79 -30.61
N ALA E 109 -24.13 23.10 -31.40
CA ALA E 109 -25.51 23.53 -31.59
C ALA E 109 -26.37 23.30 -30.36
N LEU E 110 -26.15 22.16 -29.69
CA LEU E 110 -26.85 21.87 -28.43
C LEU E 110 -26.57 22.98 -27.42
N TYR E 111 -25.28 23.37 -27.32
CA TYR E 111 -24.85 24.46 -26.47
C TYR E 111 -25.56 25.75 -26.86
N SER E 112 -25.47 26.18 -28.13
CA SER E 112 -26.08 27.41 -28.62
C SER E 112 -27.61 27.44 -28.37
N ALA E 113 -28.29 26.32 -28.68
CA ALA E 113 -29.73 26.22 -28.47
C ALA E 113 -30.08 26.34 -26.98
N SER E 114 -29.43 25.54 -26.11
CA SER E 114 -29.57 25.65 -24.66
C SER E 114 -29.40 27.10 -24.22
N ALA E 115 -28.28 27.69 -24.64
CA ALA E 115 -27.82 28.98 -24.17
C ALA E 115 -28.88 30.05 -24.42
N ASP E 116 -29.63 29.90 -25.53
CA ASP E 116 -30.64 30.88 -25.97
C ASP E 116 -32.07 30.45 -25.61
N SER E 117 -32.23 29.37 -24.82
CA SER E 117 -33.53 28.83 -24.41
C SER E 117 -34.40 28.46 -25.61
N ILE E 118 -33.83 27.83 -26.65
CA ILE E 118 -34.64 27.33 -27.76
C ILE E 118 -34.34 25.85 -27.99
N PRO E 119 -35.34 25.07 -28.47
CA PRO E 119 -35.14 23.65 -28.75
C PRO E 119 -34.72 23.30 -30.19
N ILE E 120 -33.83 22.28 -30.26
CA ILE E 120 -33.68 21.43 -31.43
C ILE E 120 -33.73 19.98 -30.93
N LEU E 121 -34.15 19.07 -31.84
CA LEU E 121 -34.09 17.65 -31.58
C LEU E 121 -32.96 17.04 -32.43
N CYS E 122 -31.92 16.55 -31.72
CA CYS E 122 -30.83 15.82 -32.33
C CYS E 122 -31.08 14.33 -32.17
N ILE E 123 -30.94 13.59 -33.29
CA ILE E 123 -31.09 12.15 -33.30
C ILE E 123 -29.82 11.54 -33.90
N THR E 124 -29.15 10.69 -33.11
CA THR E 124 -27.91 10.03 -33.49
C THR E 124 -28.09 8.51 -33.55
N GLY E 125 -27.48 7.87 -34.56
CA GLY E 125 -27.27 6.42 -34.55
C GLY E 125 -26.21 6.05 -33.49
N GLN E 126 -26.17 4.77 -33.14
CA GLN E 126 -25.31 4.27 -32.08
C GLN E 126 -25.04 2.80 -32.37
N ALA E 127 -23.91 2.28 -31.85
CA ALA E 127 -23.58 0.86 -31.92
C ALA E 127 -24.67 0.06 -31.21
N PRO E 128 -24.84 -1.25 -31.56
CA PRO E 128 -25.79 -2.11 -30.89
C PRO E 128 -25.53 -2.13 -29.37
N ARG E 129 -26.59 -2.31 -28.59
CA ARG E 129 -26.53 -2.25 -27.14
C ARG E 129 -25.42 -3.14 -26.56
N ALA E 130 -25.28 -4.37 -27.07
CA ALA E 130 -24.36 -5.35 -26.52
C ALA E 130 -22.91 -4.94 -26.75
N ARG E 131 -22.67 -3.92 -27.59
CA ARG E 131 -21.33 -3.57 -28.01
C ARG E 131 -20.89 -2.20 -27.46
N LEU E 132 -21.72 -1.61 -26.59
CA LEU E 132 -21.52 -0.23 -26.17
C LEU E 132 -20.25 -0.04 -25.33
N HIS E 133 -19.78 -1.11 -24.64
CA HIS E 133 -18.62 -1.03 -23.77
C HIS E 133 -17.38 -1.68 -24.42
N LYS E 134 -17.46 -1.98 -25.73
CA LYS E 134 -16.48 -2.85 -26.38
C LYS E 134 -15.59 -2.09 -27.39
N GLU E 135 -15.59 -0.75 -27.36
CA GLU E 135 -14.82 0.07 -28.30
C GLU E 135 -15.17 -0.24 -29.75
N ASP E 136 -16.46 -0.53 -30.03
CA ASP E 136 -16.93 -0.68 -31.40
C ASP E 136 -16.57 0.58 -32.19
N PHE E 137 -16.30 0.39 -33.49
CA PHE E 137 -16.06 1.49 -34.43
C PHE E 137 -17.07 2.60 -34.18
N GLN E 138 -16.58 3.84 -33.95
CA GLN E 138 -17.43 5.02 -33.82
C GLN E 138 -18.51 4.88 -32.71
N ALA E 139 -18.23 4.14 -31.63
CA ALA E 139 -19.13 4.14 -30.48
C ALA E 139 -18.59 5.13 -29.44
N VAL E 140 -19.36 6.19 -29.12
CA VAL E 140 -18.97 7.18 -28.12
C VAL E 140 -20.11 7.36 -27.11
N ASP E 141 -19.74 7.76 -25.88
CA ASP E 141 -20.73 8.04 -24.85
C ASP E 141 -21.30 9.45 -25.04
N ILE E 142 -22.15 9.57 -26.07
CA ILE E 142 -22.74 10.86 -26.42
C ILE E 142 -23.69 11.35 -25.32
N GLU E 143 -24.30 10.41 -24.58
CA GLU E 143 -25.21 10.73 -23.47
C GLU E 143 -24.47 11.59 -22.43
N ALA E 144 -23.27 11.13 -22.01
CA ALA E 144 -22.42 11.87 -21.06
C ALA E 144 -21.93 13.21 -21.63
N ILE E 145 -21.53 13.24 -22.92
CA ILE E 145 -20.97 14.44 -23.51
C ILE E 145 -22.03 15.56 -23.61
N ALA E 146 -23.25 15.19 -24.03
CA ALA E 146 -24.32 16.11 -24.38
C ALA E 146 -25.14 16.53 -23.14
N LYS E 147 -25.02 15.78 -22.03
CA LYS E 147 -25.80 16.03 -20.82
C LYS E 147 -25.72 17.51 -20.38
N PRO E 148 -24.52 18.14 -20.34
CA PRO E 148 -24.42 19.50 -19.81
C PRO E 148 -25.06 20.55 -20.71
N VAL E 149 -25.41 20.21 -21.97
CA VAL E 149 -25.93 21.21 -22.91
C VAL E 149 -27.27 20.77 -23.51
N SER E 150 -28.05 20.01 -22.73
CA SER E 150 -29.33 19.51 -23.21
C SER E 150 -30.32 19.38 -22.04
N LYS E 151 -31.64 19.45 -22.34
CA LYS E 151 -32.65 19.16 -21.32
C LYS E 151 -32.74 17.67 -21.06
N MET E 152 -32.43 16.86 -22.08
CA MET E 152 -32.33 15.42 -21.95
C MET E 152 -31.41 14.91 -23.06
N ALA E 153 -30.49 14.01 -22.69
CA ALA E 153 -29.64 13.30 -23.64
C ALA E 153 -29.67 11.84 -23.22
N VAL E 154 -30.17 10.97 -24.09
CA VAL E 154 -30.50 9.61 -23.67
C VAL E 154 -30.23 8.64 -24.82
N THR E 155 -29.43 7.59 -24.51
CA THR E 155 -29.34 6.37 -25.27
C THR E 155 -30.52 5.47 -24.92
N VAL E 156 -31.38 5.21 -25.92
CA VAL E 156 -32.60 4.44 -25.73
C VAL E 156 -32.22 2.96 -25.73
N ARG E 157 -32.61 2.25 -24.65
CA ARG E 157 -32.15 0.91 -24.36
C ARG E 157 -33.15 -0.17 -24.77
N GLU E 158 -34.39 0.22 -25.13
CA GLU E 158 -35.40 -0.71 -25.61
C GLU E 158 -36.14 -0.12 -26.81
N ALA E 159 -36.44 -0.97 -27.80
CA ALA E 159 -37.21 -0.61 -28.99
C ALA E 159 -38.55 0.04 -28.60
N ALA E 160 -39.28 -0.57 -27.65
CA ALA E 160 -40.57 -0.08 -27.20
C ALA E 160 -40.47 1.33 -26.61
N LEU E 161 -39.30 1.73 -26.06
CA LEU E 161 -39.11 3.05 -25.46
C LEU E 161 -38.89 4.17 -26.49
N VAL E 162 -38.55 3.81 -27.74
CA VAL E 162 -38.24 4.83 -28.75
C VAL E 162 -39.40 5.85 -28.86
N PRO E 163 -40.68 5.45 -29.11
CA PRO E 163 -41.80 6.39 -29.15
C PRO E 163 -41.98 7.19 -27.86
N ARG E 164 -41.72 6.56 -26.69
CA ARG E 164 -41.92 7.19 -25.40
C ARG E 164 -40.83 8.24 -25.11
N VAL E 165 -39.58 7.94 -25.48
CA VAL E 165 -38.52 8.91 -25.29
C VAL E 165 -38.78 10.15 -26.17
N LEU E 166 -39.20 9.93 -27.42
CA LEU E 166 -39.55 11.05 -28.30
C LEU E 166 -40.75 11.85 -27.74
N GLN E 167 -41.75 11.14 -27.20
CA GLN E 167 -42.92 11.78 -26.61
C GLN E 167 -42.49 12.72 -25.46
N GLN E 168 -41.64 12.21 -24.55
CA GLN E 168 -41.07 12.98 -23.45
C GLN E 168 -40.21 14.12 -23.99
N ALA E 169 -39.37 13.84 -25.02
CA ALA E 169 -38.52 14.85 -25.65
C ALA E 169 -39.33 16.11 -26.02
N PHE E 170 -40.48 15.94 -26.71
CA PHE E 170 -41.30 17.04 -27.18
C PHE E 170 -41.87 17.80 -25.98
N HIS E 171 -42.30 17.09 -24.93
CA HIS E 171 -42.79 17.73 -23.72
C HIS E 171 -41.71 18.66 -23.17
N LEU E 172 -40.47 18.15 -23.05
CA LEU E 172 -39.38 18.91 -22.44
C LEU E 172 -39.01 20.11 -23.32
N MET E 173 -38.98 19.90 -24.64
CA MET E 173 -38.57 20.95 -25.55
C MET E 173 -39.51 22.17 -25.51
N ARG E 174 -40.79 21.93 -25.23
CA ARG E 174 -41.83 22.96 -25.27
C ARG E 174 -42.11 23.54 -23.87
N SER E 175 -41.70 22.80 -22.80
CA SER E 175 -42.15 23.11 -21.43
C SER E 175 -41.13 23.98 -20.69
N GLY E 176 -41.62 24.74 -19.70
CA GLY E 176 -40.71 25.49 -18.83
C GLY E 176 -39.79 26.38 -19.66
N ARG E 177 -38.52 26.47 -19.26
CA ARG E 177 -37.52 27.12 -20.10
C ARG E 177 -37.18 26.16 -21.24
N PRO E 178 -37.51 26.50 -22.51
CA PRO E 178 -37.22 25.59 -23.62
C PRO E 178 -35.72 25.32 -23.77
N GLY E 179 -35.44 24.14 -24.34
CA GLY E 179 -34.09 23.66 -24.54
C GLY E 179 -34.07 22.42 -25.44
N PRO E 180 -32.87 22.05 -25.94
CA PRO E 180 -32.74 20.95 -26.88
C PRO E 180 -32.66 19.58 -26.22
N VAL E 181 -32.88 18.54 -27.03
CA VAL E 181 -32.81 17.16 -26.56
C VAL E 181 -32.04 16.39 -27.61
N LEU E 182 -31.17 15.47 -27.15
CA LEU E 182 -30.54 14.48 -28.01
C LEU E 182 -31.06 13.10 -27.65
N VAL E 183 -31.49 12.38 -28.70
CA VAL E 183 -31.94 10.99 -28.61
C VAL E 183 -30.97 10.11 -29.42
N ASP E 184 -30.33 9.14 -28.72
CA ASP E 184 -29.27 8.30 -29.27
C ASP E 184 -29.81 6.88 -29.42
N LEU E 185 -29.75 6.34 -30.65
CA LEU E 185 -30.51 5.15 -31.03
C LEU E 185 -29.58 4.00 -31.43
N PRO E 186 -29.32 3.01 -30.52
CA PRO E 186 -28.57 1.80 -30.89
C PRO E 186 -29.22 1.15 -32.12
N PHE E 187 -28.38 0.73 -33.08
CA PHE E 187 -28.81 0.09 -34.32
C PHE E 187 -29.85 -1.00 -34.08
N ASP E 188 -29.59 -1.91 -33.12
CA ASP E 188 -30.45 -3.06 -32.87
C ASP E 188 -31.81 -2.57 -32.35
N VAL E 189 -31.80 -1.48 -31.54
CA VAL E 189 -33.00 -0.86 -31.03
C VAL E 189 -33.84 -0.27 -32.18
N GLN E 190 -33.20 0.33 -33.18
CA GLN E 190 -33.91 0.96 -34.29
C GLN E 190 -34.69 -0.08 -35.10
N VAL E 191 -34.06 -1.24 -35.38
CA VAL E 191 -34.59 -2.23 -36.31
C VAL E 191 -35.52 -3.23 -35.62
N ALA E 192 -35.48 -3.37 -34.29
CA ALA E 192 -36.36 -4.30 -33.59
C ALA E 192 -37.83 -3.93 -33.80
N GLU E 193 -38.70 -4.95 -33.94
CA GLU E 193 -40.12 -4.71 -34.16
C GLU E 193 -40.83 -4.50 -32.83
N ILE E 194 -41.76 -3.54 -32.81
CA ILE E 194 -42.67 -3.35 -31.69
C ILE E 194 -44.09 -3.31 -32.25
N GLU E 195 -45.08 -3.35 -31.35
CA GLU E 195 -46.45 -3.08 -31.70
C GLU E 195 -46.77 -1.62 -31.38
N PHE E 196 -47.27 -0.90 -32.38
CA PHE E 196 -47.53 0.52 -32.24
C PHE E 196 -48.79 0.88 -33.00
N ASP E 197 -49.68 1.61 -32.34
CA ASP E 197 -50.93 2.04 -32.95
C ASP E 197 -50.85 3.56 -33.04
N PRO E 198 -50.58 4.09 -34.26
CA PRO E 198 -50.46 5.52 -34.46
C PRO E 198 -51.70 6.29 -33.99
N ASP E 199 -52.89 5.68 -34.15
CA ASP E 199 -54.14 6.34 -33.79
C ASP E 199 -54.27 6.55 -32.28
N MET E 200 -53.51 5.79 -31.47
CA MET E 200 -53.55 5.96 -30.02
C MET E 200 -52.47 6.93 -29.50
N TYR E 201 -51.59 7.44 -30.39
CA TYR E 201 -50.51 8.32 -29.95
C TYR E 201 -51.06 9.74 -29.80
N GLU E 202 -50.81 10.37 -28.64
CA GLU E 202 -51.15 11.78 -28.40
C GLU E 202 -49.96 12.51 -27.76
N PRO E 203 -49.60 13.71 -28.27
CA PRO E 203 -48.57 14.53 -27.63
C PRO E 203 -48.92 14.75 -26.16
N LEU E 204 -47.91 14.89 -25.28
CA LEU E 204 -48.16 15.18 -23.87
C LEU E 204 -48.58 16.65 -23.72
N PRO E 205 -49.22 17.03 -22.59
CA PRO E 205 -49.44 18.45 -22.28
C PRO E 205 -48.12 19.16 -22.09
N VAL E 206 -48.12 20.49 -22.31
CA VAL E 206 -46.95 21.35 -22.12
C VAL E 206 -47.08 22.07 -20.78
N TYR E 207 -46.04 22.03 -19.94
CA TYR E 207 -46.02 22.73 -18.65
C TYR E 207 -45.50 24.15 -18.88
N LYS E 208 -46.33 25.13 -18.51
CA LYS E 208 -45.92 26.53 -18.44
C LYS E 208 -46.57 27.16 -17.20
N PRO E 209 -45.81 27.64 -16.19
CA PRO E 209 -46.45 28.37 -15.08
C PRO E 209 -46.98 29.72 -15.58
N ALA E 210 -48.02 30.22 -14.90
CA ALA E 210 -48.72 31.46 -15.22
C ALA E 210 -48.76 32.31 -13.95
N ALA E 211 -48.49 33.62 -14.11
CA ALA E 211 -48.60 34.58 -13.01
C ALA E 211 -50.05 34.68 -12.49
N SER E 212 -50.20 34.78 -11.17
CA SER E 212 -51.50 35.08 -10.58
C SER E 212 -51.85 36.56 -10.81
N ARG E 213 -53.14 36.89 -10.76
CA ARG E 213 -53.58 38.28 -10.78
C ARG E 213 -52.88 39.09 -9.68
N MET E 214 -52.66 38.50 -8.48
CA MET E 214 -52.05 39.22 -7.37
C MET E 214 -50.63 39.68 -7.71
N GLN E 215 -49.85 38.81 -8.38
CA GLN E 215 -48.50 39.14 -8.83
C GLN E 215 -48.54 40.35 -9.78
N ILE E 216 -49.43 40.26 -10.79
CA ILE E 216 -49.48 41.21 -11.89
C ILE E 216 -49.98 42.57 -11.38
N GLU E 217 -50.93 42.56 -10.44
CA GLU E 217 -51.44 43.79 -9.84
C GLU E 217 -50.33 44.55 -9.11
N LYS E 218 -49.47 43.83 -8.36
CA LYS E 218 -48.37 44.44 -7.64
C LYS E 218 -47.37 45.05 -8.62
N ALA E 219 -47.09 44.32 -9.70
CA ALA E 219 -46.16 44.75 -10.74
C ALA E 219 -46.64 46.08 -11.34
N VAL E 220 -47.94 46.15 -11.67
CA VAL E 220 -48.49 47.33 -12.31
C VAL E 220 -48.57 48.49 -11.32
N GLU E 221 -48.86 48.23 -10.02
CA GLU E 221 -48.80 49.26 -8.98
C GLU E 221 -47.40 49.88 -8.92
N MET E 222 -46.35 49.05 -8.98
CA MET E 222 -44.97 49.50 -8.96
C MET E 222 -44.66 50.37 -10.19
N LEU E 223 -45.12 49.92 -11.38
CA LEU E 223 -44.92 50.63 -12.64
C LEU E 223 -45.59 52.01 -12.63
N ILE E 224 -46.82 52.08 -12.12
CA ILE E 224 -47.57 53.34 -11.95
C ILE E 224 -46.76 54.34 -11.12
N GLN E 225 -46.03 53.86 -10.12
CA GLN E 225 -45.26 54.72 -9.22
C GLN E 225 -43.93 55.18 -9.78
N ALA E 226 -43.40 54.51 -10.81
CA ALA E 226 -42.20 54.98 -11.48
C ALA E 226 -42.49 56.26 -12.27
N GLU E 227 -41.51 57.19 -12.25
CA GLU E 227 -41.56 58.43 -13.01
C GLU E 227 -40.97 58.28 -14.41
N ARG E 228 -40.00 57.35 -14.54
CA ARG E 228 -39.25 57.19 -15.79
C ARG E 228 -38.99 55.70 -16.02
N PRO E 229 -40.04 54.87 -16.15
CA PRO E 229 -39.86 53.43 -16.37
C PRO E 229 -39.50 53.11 -17.82
N VAL E 230 -38.80 51.98 -17.98
CA VAL E 230 -38.65 51.32 -19.27
C VAL E 230 -39.05 49.86 -19.10
N ILE E 231 -39.69 49.30 -20.14
CA ILE E 231 -39.84 47.86 -20.31
C ILE E 231 -38.60 47.34 -21.03
N VAL E 232 -37.91 46.33 -20.46
CA VAL E 232 -36.91 45.57 -21.20
C VAL E 232 -37.55 44.23 -21.63
N ALA E 233 -37.79 44.11 -22.94
CA ALA E 233 -38.50 42.98 -23.53
C ALA E 233 -37.48 41.99 -24.10
N GLY E 234 -37.43 40.79 -23.50
CA GLY E 234 -36.40 39.80 -23.84
C GLY E 234 -36.92 38.74 -24.82
N GLY E 235 -36.01 37.80 -25.10
CA GLY E 235 -36.28 36.67 -25.98
C GLY E 235 -37.45 35.81 -25.51
N GLY E 236 -37.73 35.84 -24.19
CA GLY E 236 -38.87 35.13 -23.63
C GLY E 236 -40.21 35.62 -24.20
N VAL E 237 -40.31 36.92 -24.54
CA VAL E 237 -41.50 37.47 -25.18
C VAL E 237 -41.72 36.77 -26.53
N ILE E 238 -40.64 36.61 -27.32
CA ILE E 238 -40.68 36.00 -28.64
C ILE E 238 -40.92 34.49 -28.51
N ASN E 239 -40.25 33.87 -27.51
CA ASN E 239 -40.34 32.44 -27.25
C ASN E 239 -41.81 32.09 -26.98
N ALA E 240 -42.51 32.94 -26.21
CA ALA E 240 -43.92 32.80 -25.83
C ALA E 240 -44.90 33.23 -26.92
N ASP E 241 -44.37 33.72 -28.06
CA ASP E 241 -45.17 34.25 -29.16
C ASP E 241 -46.08 35.37 -28.66
N ALA E 242 -45.51 36.32 -27.89
CA ALA E 242 -46.28 37.33 -27.18
C ALA E 242 -45.96 38.75 -27.64
N ALA E 243 -45.40 38.92 -28.86
CA ALA E 243 -44.96 40.24 -29.35
C ALA E 243 -46.10 41.28 -29.39
N ALA E 244 -47.27 40.87 -29.94
CA ALA E 244 -48.40 41.79 -30.08
C ALA E 244 -48.88 42.23 -28.69
N LEU E 245 -48.85 41.32 -27.70
CA LEU E 245 -49.28 41.66 -26.33
C LEU E 245 -48.28 42.61 -25.67
N LEU E 246 -46.98 42.39 -25.92
CA LEU E 246 -45.92 43.24 -25.37
C LEU E 246 -46.14 44.69 -25.83
N GLN E 247 -46.39 44.84 -27.15
CA GLN E 247 -46.62 46.15 -27.75
C GLN E 247 -47.87 46.79 -27.18
N GLN E 248 -48.94 45.99 -27.05
CA GLN E 248 -50.21 46.48 -26.54
C GLN E 248 -50.06 47.02 -25.11
N PHE E 249 -49.32 46.30 -24.26
CA PHE E 249 -49.10 46.66 -22.87
C PHE E 249 -48.31 47.98 -22.78
N ALA E 250 -47.27 48.11 -23.61
CA ALA E 250 -46.43 49.30 -23.67
C ALA E 250 -47.27 50.52 -24.09
N GLU E 251 -48.13 50.33 -25.10
CA GLU E 251 -49.04 51.36 -25.61
C GLU E 251 -50.02 51.79 -24.53
N LEU E 252 -50.70 50.84 -23.88
CA LEU E 252 -51.68 51.17 -22.82
C LEU E 252 -51.04 51.99 -21.71
N THR E 253 -49.78 51.66 -21.35
CA THR E 253 -49.13 52.28 -20.19
C THR E 253 -48.28 53.49 -20.60
N SER E 254 -48.08 53.67 -21.92
CA SER E 254 -47.22 54.72 -22.45
C SER E 254 -45.78 54.58 -21.93
N VAL E 255 -45.26 53.34 -21.90
CA VAL E 255 -43.93 53.07 -21.36
C VAL E 255 -42.97 52.67 -22.48
N PRO E 256 -41.82 53.39 -22.63
CA PRO E 256 -40.79 53.02 -23.63
C PRO E 256 -40.29 51.58 -23.48
N VAL E 257 -40.02 50.94 -24.64
CA VAL E 257 -39.56 49.57 -24.72
C VAL E 257 -38.13 49.55 -25.28
N ILE E 258 -37.25 48.91 -24.50
CA ILE E 258 -35.89 48.54 -24.85
C ILE E 258 -35.85 47.02 -25.03
N PRO E 259 -35.81 46.52 -26.30
CA PRO E 259 -35.62 45.08 -26.52
C PRO E 259 -34.18 44.74 -26.16
N THR E 260 -33.96 43.57 -25.53
CA THR E 260 -32.66 42.93 -25.55
C THR E 260 -32.32 42.54 -26.99
N LEU E 261 -31.07 42.16 -27.26
CA LEU E 261 -30.74 41.65 -28.58
C LEU E 261 -31.69 40.49 -28.96
N MET E 262 -32.07 39.63 -27.98
CA MET E 262 -32.88 38.44 -28.25
C MET E 262 -34.37 38.78 -28.35
N GLY E 263 -34.77 39.95 -27.82
CA GLY E 263 -36.14 40.45 -27.93
C GLY E 263 -36.36 41.38 -29.13
N TRP E 264 -35.26 41.71 -29.84
CA TRP E 264 -35.29 42.68 -30.92
C TRP E 264 -36.31 42.25 -31.98
N GLY E 265 -37.24 43.17 -32.29
CA GLY E 265 -38.31 42.92 -33.25
C GLY E 265 -39.67 42.67 -32.59
N CYS E 266 -39.72 42.44 -31.27
CA CYS E 266 -41.01 42.17 -30.62
C CYS E 266 -41.89 43.42 -30.54
N ILE E 267 -41.28 44.60 -30.76
CA ILE E 267 -41.98 45.84 -31.12
C ILE E 267 -41.24 46.45 -32.32
N PRO E 268 -41.95 46.97 -33.37
CA PRO E 268 -41.26 47.56 -34.52
C PRO E 268 -40.30 48.70 -34.14
N ASP E 269 -39.16 48.76 -34.85
CA ASP E 269 -38.14 49.77 -34.60
C ASP E 269 -38.65 51.20 -34.87
N ASP E 270 -39.70 51.33 -35.70
CA ASP E 270 -40.32 52.64 -35.98
C ASP E 270 -41.53 52.92 -35.09
N HIS E 271 -41.80 52.07 -34.08
CA HIS E 271 -42.78 52.41 -33.05
C HIS E 271 -42.30 53.60 -32.22
N GLU E 272 -43.21 54.51 -31.86
CA GLU E 272 -42.86 55.69 -31.08
C GLU E 272 -42.36 55.33 -29.66
N LEU E 273 -42.69 54.13 -29.14
CA LEU E 273 -42.23 53.72 -27.81
C LEU E 273 -40.95 52.89 -27.89
N MET E 274 -40.49 52.52 -29.10
CA MET E 274 -39.27 51.73 -29.19
C MET E 274 -38.09 52.68 -28.95
N ALA E 275 -37.34 52.46 -27.84
CA ALA E 275 -36.42 53.48 -27.32
C ALA E 275 -34.95 53.11 -27.61
N GLY E 276 -34.73 52.04 -28.39
CA GLY E 276 -33.38 51.60 -28.72
C GLY E 276 -32.99 50.36 -27.91
N MET E 277 -31.77 49.88 -28.18
CA MET E 277 -31.18 48.76 -27.45
C MET E 277 -30.05 49.28 -26.54
N VAL E 278 -29.73 48.45 -25.53
CA VAL E 278 -28.86 48.77 -24.41
C VAL E 278 -27.75 47.71 -24.31
N GLY E 279 -26.57 48.14 -23.85
CA GLY E 279 -25.49 47.21 -23.57
C GLY E 279 -24.11 47.75 -23.95
N LEU E 280 -23.14 46.81 -24.02
CA LEU E 280 -21.72 47.14 -24.14
C LEU E 280 -21.30 47.21 -25.61
N GLN E 281 -22.07 46.52 -26.50
CA GLN E 281 -21.71 46.34 -27.90
C GLN E 281 -22.91 46.55 -28.84
N THR E 282 -23.86 45.60 -28.86
CA THR E 282 -25.06 45.69 -29.70
C THR E 282 -26.09 46.59 -28.99
N ALA E 283 -25.81 47.91 -29.07
CA ALA E 283 -26.53 48.90 -28.29
C ALA E 283 -26.44 50.26 -28.98
N HIS E 284 -27.38 51.13 -28.62
CA HIS E 284 -27.45 52.50 -29.14
C HIS E 284 -27.01 53.46 -28.06
N ARG E 285 -26.40 54.58 -28.48
CA ARG E 285 -26.04 55.67 -27.58
C ARG E 285 -27.30 56.12 -26.84
N TYR E 286 -28.41 56.19 -27.59
CA TYR E 286 -29.67 56.69 -27.05
C TYR E 286 -30.34 55.67 -26.10
N GLY E 287 -30.19 54.39 -26.45
CA GLY E 287 -30.66 53.32 -25.59
C GLY E 287 -29.97 53.30 -24.22
N ASN E 288 -28.63 53.36 -24.20
CA ASN E 288 -27.88 53.41 -22.94
C ASN E 288 -28.25 54.67 -22.13
N ALA E 289 -28.35 55.82 -22.80
CA ALA E 289 -28.66 57.07 -22.10
C ALA E 289 -30.09 57.01 -21.49
N THR E 290 -31.04 56.41 -22.22
CA THR E 290 -32.40 56.23 -21.70
C THR E 290 -32.40 55.34 -20.44
N LEU E 291 -31.69 54.20 -20.51
CA LEU E 291 -31.60 53.26 -19.40
C LEU E 291 -31.04 53.98 -18.17
N LEU E 292 -29.92 54.69 -18.33
CA LEU E 292 -29.25 55.36 -17.22
C LEU E 292 -30.07 56.51 -16.63
N ALA E 293 -31.00 57.09 -17.42
CA ALA E 293 -31.92 58.14 -16.95
C ALA E 293 -33.16 57.54 -16.27
N SER E 294 -33.46 56.25 -16.50
CA SER E 294 -34.71 55.63 -16.03
C SER E 294 -34.64 55.40 -14.53
N ASP E 295 -35.82 55.21 -13.88
CA ASP E 295 -35.89 54.90 -12.46
C ASP E 295 -36.55 53.53 -12.24
N MET E 296 -36.87 52.82 -13.34
CA MET E 296 -37.34 51.45 -13.25
C MET E 296 -37.04 50.67 -14.54
N VAL E 297 -36.69 49.40 -14.36
CA VAL E 297 -36.60 48.44 -15.45
C VAL E 297 -37.66 47.37 -15.17
N PHE E 298 -38.66 47.32 -16.07
CA PHE E 298 -39.71 46.30 -16.08
C PHE E 298 -39.32 45.22 -17.09
N GLY E 299 -38.60 44.19 -16.59
CA GLY E 299 -38.07 43.12 -17.42
C GLY E 299 -39.09 42.01 -17.65
N ILE E 300 -39.33 41.72 -18.94
CA ILE E 300 -40.31 40.72 -19.36
C ILE E 300 -39.62 39.74 -20.29
N GLY E 301 -39.34 38.53 -19.78
CA GLY E 301 -38.75 37.48 -20.59
C GLY E 301 -37.28 37.75 -20.95
N ASN E 302 -36.61 38.55 -20.10
CA ASN E 302 -35.18 38.85 -20.23
C ASN E 302 -34.45 38.13 -19.10
N ARG E 303 -33.11 38.26 -19.08
CA ARG E 303 -32.30 37.63 -18.03
C ARG E 303 -31.05 38.44 -17.68
N PHE E 304 -30.99 39.74 -18.07
CA PHE E 304 -29.91 40.65 -17.67
C PHE E 304 -28.53 40.05 -17.98
N ALA E 305 -28.31 39.72 -19.27
CA ALA E 305 -27.02 39.23 -19.76
C ALA E 305 -25.94 40.28 -19.47
N ASN E 306 -24.71 39.81 -19.23
CA ASN E 306 -23.62 40.67 -18.81
C ASN E 306 -23.26 41.68 -19.91
N ARG E 307 -23.43 41.32 -21.20
CA ARG E 307 -23.13 42.26 -22.28
C ARG E 307 -24.26 43.26 -22.47
N HIS E 308 -25.41 43.03 -21.80
CA HIS E 308 -26.53 43.97 -21.75
C HIS E 308 -26.34 44.96 -20.58
N THR E 309 -25.84 44.47 -19.44
CA THR E 309 -25.87 45.21 -18.17
C THR E 309 -24.56 45.95 -17.89
N GLY E 310 -23.41 45.44 -18.37
CA GLY E 310 -22.17 45.76 -17.67
C GLY E 310 -22.26 45.34 -16.20
N SER E 311 -21.56 46.05 -15.30
CA SER E 311 -21.69 45.81 -13.87
C SER E 311 -23.15 46.03 -13.44
N VAL E 312 -23.72 45.02 -12.75
CA VAL E 312 -25.12 45.10 -12.32
C VAL E 312 -25.31 46.25 -11.32
N GLU E 313 -24.29 46.58 -10.53
CA GLU E 313 -24.34 47.74 -9.61
C GLU E 313 -24.72 49.00 -10.38
N LYS E 314 -24.09 49.20 -11.56
CA LYS E 314 -24.34 50.39 -12.36
C LYS E 314 -25.69 50.27 -13.08
N TYR E 315 -26.01 49.08 -13.60
CA TYR E 315 -27.27 48.90 -14.33
C TYR E 315 -28.48 49.18 -13.43
N THR E 316 -28.40 48.80 -12.14
CA THR E 316 -29.54 48.87 -11.24
C THR E 316 -29.52 50.15 -10.39
N GLU E 317 -28.44 50.97 -10.44
CA GLU E 317 -28.35 52.13 -9.57
C GLU E 317 -29.58 53.03 -9.75
N GLY E 318 -30.30 53.30 -8.65
CA GLY E 318 -31.43 54.22 -8.59
C GLY E 318 -32.66 53.70 -9.35
N ARG E 319 -32.72 52.38 -9.62
CA ARG E 319 -33.80 51.78 -10.40
C ARG E 319 -34.45 50.65 -9.62
N LYS E 320 -35.79 50.66 -9.54
CA LYS E 320 -36.57 49.48 -9.20
C LYS E 320 -36.48 48.50 -10.37
N ILE E 321 -36.41 47.19 -10.05
CA ILE E 321 -36.31 46.12 -11.04
C ILE E 321 -37.48 45.13 -10.86
N VAL E 322 -38.23 44.94 -11.95
CA VAL E 322 -39.19 43.84 -12.07
C VAL E 322 -38.59 42.85 -13.06
N HIS E 323 -38.74 41.56 -12.73
CA HIS E 323 -38.23 40.50 -13.58
C HIS E 323 -39.29 39.39 -13.68
N ILE E 324 -39.87 39.23 -14.89
CA ILE E 324 -40.80 38.14 -15.18
C ILE E 324 -40.08 37.12 -16.08
N ASP E 325 -39.99 35.86 -15.59
CA ASP E 325 -39.25 34.80 -16.26
C ASP E 325 -40.02 33.49 -16.03
N ILE E 326 -40.08 32.63 -17.05
CA ILE E 326 -40.74 31.32 -16.91
C ILE E 326 -39.96 30.39 -15.96
N GLU E 327 -38.65 30.68 -15.72
CA GLU E 327 -37.74 29.81 -14.97
C GLU E 327 -37.40 30.42 -13.60
N PRO E 328 -37.86 29.81 -12.48
CA PRO E 328 -37.59 30.33 -11.15
C PRO E 328 -36.12 30.66 -10.89
N THR E 329 -35.19 29.80 -11.35
CA THR E 329 -33.79 29.90 -10.94
C THR E 329 -33.05 30.89 -11.84
N GLN E 330 -33.79 31.61 -12.72
CA GLN E 330 -33.24 32.74 -13.48
C GLN E 330 -33.46 34.05 -12.74
N ILE E 331 -34.34 34.02 -11.73
CA ILE E 331 -34.74 35.21 -11.01
C ILE E 331 -33.89 35.34 -9.74
N GLY E 332 -33.02 36.36 -9.72
CA GLY E 332 -32.03 36.53 -8.67
C GLY E 332 -30.68 35.87 -9.02
N ARG E 333 -30.49 35.42 -10.26
CA ARG E 333 -29.25 34.74 -10.66
C ARG E 333 -28.08 35.72 -10.77
N VAL E 334 -28.32 36.89 -11.40
CA VAL E 334 -27.26 37.88 -11.66
C VAL E 334 -27.60 39.21 -10.98
N LEU E 335 -28.89 39.54 -10.79
CA LEU E 335 -29.24 40.67 -9.92
C LEU E 335 -30.53 40.37 -9.16
N CYS E 336 -30.69 41.05 -8.00
CA CYS E 336 -31.87 40.89 -7.16
C CYS E 336 -32.99 41.80 -7.64
N PRO E 337 -34.12 41.32 -8.21
CA PRO E 337 -35.23 42.20 -8.54
C PRO E 337 -35.98 42.64 -7.28
N ASP E 338 -36.62 43.82 -7.35
CA ASP E 338 -37.55 44.27 -6.31
C ASP E 338 -38.80 43.39 -6.36
N LEU E 339 -39.19 42.92 -7.55
CA LEU E 339 -40.28 41.95 -7.70
C LEU E 339 -39.98 40.96 -8.82
N GLY E 340 -39.91 39.66 -8.45
CA GLY E 340 -39.67 38.58 -9.38
C GLY E 340 -40.93 37.74 -9.53
N ILE E 341 -41.35 37.47 -10.77
CA ILE E 341 -42.58 36.72 -11.03
C ILE E 341 -42.24 35.56 -11.96
N VAL E 342 -42.59 34.33 -11.52
CA VAL E 342 -42.44 33.14 -12.33
C VAL E 342 -43.66 32.99 -13.26
N SER E 343 -43.44 33.14 -14.57
CA SER E 343 -44.57 33.10 -15.51
C SER E 343 -44.07 33.02 -16.94
N ASP E 344 -44.80 32.22 -17.73
CA ASP E 344 -44.76 32.34 -19.18
C ASP E 344 -45.08 33.80 -19.52
N ALA E 345 -44.37 34.34 -20.52
CA ALA E 345 -44.51 35.75 -20.90
C ALA E 345 -45.87 36.05 -21.53
N LYS E 346 -46.48 35.09 -22.25
CA LYS E 346 -47.80 35.32 -22.83
C LYS E 346 -48.89 35.31 -21.74
N ALA E 347 -48.83 34.34 -20.80
CA ALA E 347 -49.73 34.35 -19.65
C ALA E 347 -49.62 35.67 -18.87
N ALA E 348 -48.38 36.12 -18.60
CA ALA E 348 -48.08 37.36 -17.87
C ALA E 348 -48.66 38.55 -18.64
N LEU E 349 -48.39 38.62 -19.94
CA LEU E 349 -48.78 39.81 -20.73
C LEU E 349 -50.30 39.90 -20.97
N THR E 350 -50.99 38.74 -21.12
CA THR E 350 -52.45 38.72 -21.11
C THR E 350 -53.00 39.41 -19.86
N LEU E 351 -52.44 39.06 -18.69
CA LEU E 351 -52.91 39.60 -17.43
C LEU E 351 -52.44 41.05 -17.23
N LEU E 352 -51.24 41.40 -17.73
CA LEU E 352 -50.74 42.77 -17.64
C LEU E 352 -51.63 43.72 -18.46
N VAL E 353 -52.07 43.26 -19.64
CA VAL E 353 -52.95 44.02 -20.52
C VAL E 353 -54.29 44.22 -19.83
N GLU E 354 -54.87 43.13 -19.26
CA GLU E 354 -56.15 43.21 -18.58
C GLU E 354 -56.11 44.21 -17.42
N VAL E 355 -55.06 44.11 -16.59
CA VAL E 355 -54.92 44.96 -15.42
C VAL E 355 -54.69 46.40 -15.88
N ALA E 356 -53.86 46.62 -16.92
CA ALA E 356 -53.63 47.96 -17.44
C ALA E 356 -54.93 48.61 -17.92
N GLN E 357 -55.81 47.83 -18.59
CA GLN E 357 -57.12 48.30 -19.03
C GLN E 357 -58.01 48.69 -17.85
N GLU E 358 -57.99 47.90 -16.78
CA GLU E 358 -58.76 48.24 -15.57
C GLU E 358 -58.23 49.52 -14.95
N MET E 359 -56.89 49.70 -14.91
CA MET E 359 -56.28 50.90 -14.35
C MET E 359 -56.61 52.11 -15.21
N GLN E 360 -56.65 51.94 -16.53
CA GLN E 360 -56.98 53.00 -17.48
C GLN E 360 -58.43 53.46 -17.27
N LYS E 361 -59.35 52.50 -17.21
CA LYS E 361 -60.76 52.77 -16.98
C LYS E 361 -60.98 53.46 -15.64
N ALA E 362 -60.16 53.14 -14.62
CA ALA E 362 -60.25 53.79 -13.31
C ALA E 362 -59.46 55.10 -13.25
N GLY E 363 -58.87 55.54 -14.37
CA GLY E 363 -58.10 56.78 -14.43
C GLY E 363 -56.83 56.74 -13.57
N ARG E 364 -56.18 55.58 -13.45
CA ARG E 364 -55.08 55.40 -12.50
C ARG E 364 -53.72 55.26 -13.19
N LEU E 365 -53.71 55.18 -14.54
CA LEU E 365 -52.45 55.13 -15.30
C LEU E 365 -51.96 56.56 -15.50
N PRO E 366 -50.73 56.92 -15.06
CA PRO E 366 -50.23 58.28 -15.25
C PRO E 366 -49.90 58.57 -16.72
N CSO E 367 -49.90 59.87 -17.06
CA CSO E 367 -49.53 60.34 -18.38
CB CSO E 367 -50.25 61.66 -18.60
SG CSO E 367 -49.68 62.65 -20.02
C CSO E 367 -48.01 60.40 -18.43
O CSO E 367 -47.38 60.85 -17.48
OD CSO E 367 -50.34 61.86 -21.30
H CSO E 367 -50.14 60.48 -16.42
HA CSO E 367 -49.86 59.69 -19.04
HB2 CSO E 367 -50.16 62.20 -17.80
HB3 CSO E 367 -51.20 61.48 -18.72
HD CSO E 367 -50.09 62.11 -21.94
N ARG E 368 -47.39 59.95 -19.54
CA ARG E 368 -45.94 59.87 -19.57
C ARG E 368 -45.37 60.65 -20.76
N LYS E 369 -46.08 61.69 -21.24
CA LYS E 369 -45.67 62.43 -22.43
C LYS E 369 -44.23 62.98 -22.33
N GLU E 370 -43.90 63.55 -21.18
CA GLU E 370 -42.60 64.19 -20.99
C GLU E 370 -41.43 63.20 -21.02
N TRP E 371 -41.59 62.04 -20.35
CA TRP E 371 -40.57 60.99 -20.34
C TRP E 371 -40.41 60.37 -21.73
N VAL E 372 -41.53 60.05 -22.40
CA VAL E 372 -41.52 59.51 -23.75
C VAL E 372 -40.85 60.52 -24.68
N ALA E 373 -41.19 61.82 -24.58
CA ALA E 373 -40.56 62.86 -25.39
C ALA E 373 -39.04 62.90 -25.20
N ASP E 374 -38.58 62.81 -23.92
CA ASP E 374 -37.16 62.75 -23.60
C ASP E 374 -36.47 61.57 -24.27
N CYS E 375 -37.11 60.40 -24.27
CA CYS E 375 -36.51 59.22 -24.88
C CYS E 375 -36.39 59.41 -26.39
N GLN E 376 -37.40 60.04 -27.00
CA GLN E 376 -37.47 60.27 -28.45
C GLN E 376 -36.40 61.28 -28.88
N GLN E 377 -36.23 62.32 -28.06
CA GLN E 377 -35.20 63.35 -28.22
C GLN E 377 -33.78 62.74 -28.28
N ARG E 378 -33.46 61.81 -27.36
CA ARG E 378 -32.17 61.13 -27.36
C ARG E 378 -31.98 60.31 -28.64
N LYS E 379 -33.08 59.65 -29.07
CA LYS E 379 -33.11 58.77 -30.24
C LYS E 379 -32.88 59.55 -31.55
N ARG E 380 -33.19 60.83 -31.48
CA ARG E 380 -33.14 61.75 -32.59
C ARG E 380 -31.73 62.35 -32.75
N THR E 381 -30.95 62.38 -31.66
CA THR E 381 -29.73 63.18 -31.57
C THR E 381 -28.48 62.32 -31.33
N LEU E 382 -28.60 61.18 -30.61
CA LEU E 382 -27.42 60.44 -30.13
C LEU E 382 -27.10 59.31 -31.09
N LEU E 383 -26.56 59.70 -32.26
CA LEU E 383 -26.43 58.79 -33.40
C LEU E 383 -24.95 58.49 -33.71
N ARG E 384 -24.75 57.60 -34.69
CA ARG E 384 -23.44 57.27 -35.23
C ARG E 384 -23.49 57.42 -36.75
N LYS E 385 -22.42 57.98 -37.33
CA LYS E 385 -22.40 58.18 -38.78
C LYS E 385 -22.40 56.83 -39.53
N THR E 386 -23.18 56.78 -40.64
CA THR E 386 -23.17 55.67 -41.58
C THR E 386 -22.80 56.13 -43.01
N HIS E 387 -23.03 57.43 -43.33
CA HIS E 387 -22.99 57.85 -44.72
C HIS E 387 -21.56 58.24 -45.14
N PHE E 388 -20.72 57.22 -45.39
CA PHE E 388 -19.31 57.39 -45.71
C PHE E 388 -19.09 57.04 -47.18
N ASP E 389 -18.42 57.94 -47.92
CA ASP E 389 -18.09 57.74 -49.33
C ASP E 389 -16.68 57.18 -49.49
N ASN E 390 -16.05 56.77 -48.38
CA ASN E 390 -14.66 56.29 -48.38
C ASN E 390 -14.52 55.03 -49.22
N VAL E 391 -13.33 54.94 -49.86
CA VAL E 391 -12.80 53.74 -50.49
C VAL E 391 -11.42 53.56 -49.86
N PRO E 392 -11.06 52.40 -49.28
CA PRO E 392 -11.98 51.28 -49.12
C PRO E 392 -13.18 51.59 -48.21
N VAL E 393 -14.18 50.73 -48.33
CA VAL E 393 -15.51 50.96 -47.77
C VAL E 393 -15.43 50.88 -46.24
N LYS E 394 -16.14 51.80 -45.59
CA LYS E 394 -16.45 51.73 -44.15
C LYS E 394 -17.68 50.86 -43.92
N PRO E 395 -17.62 49.91 -42.95
CA PRO E 395 -18.72 48.95 -42.75
C PRO E 395 -20.07 49.62 -42.47
N GLN E 396 -20.01 50.76 -41.76
CA GLN E 396 -21.20 51.52 -41.38
C GLN E 396 -22.09 51.79 -42.60
N ARG E 397 -21.45 52.11 -43.74
CA ARG E 397 -22.16 52.45 -44.99
C ARG E 397 -22.92 51.24 -45.53
N VAL E 398 -22.42 50.03 -45.27
CA VAL E 398 -23.06 48.81 -45.77
C VAL E 398 -24.44 48.68 -45.12
N TYR E 399 -24.52 48.92 -43.80
CA TYR E 399 -25.78 48.79 -43.07
C TYR E 399 -26.80 49.82 -43.55
N GLU E 400 -26.33 51.04 -43.83
CA GLU E 400 -27.18 52.08 -44.40
C GLU E 400 -27.81 51.56 -45.69
N GLU E 401 -26.98 50.93 -46.54
CA GLU E 401 -27.43 50.49 -47.87
C GLU E 401 -28.40 49.32 -47.75
N MET E 402 -28.18 48.48 -46.73
CA MET E 402 -29.07 47.35 -46.48
C MET E 402 -30.45 47.86 -46.06
N ASN E 403 -30.47 48.86 -45.17
CA ASN E 403 -31.72 49.45 -44.71
C ASN E 403 -32.52 50.02 -45.89
N LYS E 404 -31.83 50.65 -46.86
CA LYS E 404 -32.48 51.22 -48.04
C LYS E 404 -32.93 50.13 -49.01
N ALA E 405 -32.14 49.05 -49.22
CA ALA E 405 -32.42 48.10 -50.29
C ALA E 405 -33.53 47.13 -49.92
N PHE E 406 -33.66 46.73 -48.63
CA PHE E 406 -34.61 45.68 -48.25
C PHE E 406 -35.87 46.31 -47.68
N GLY E 407 -36.98 45.53 -47.68
CA GLY E 407 -38.25 45.98 -47.14
C GLY E 407 -38.29 45.88 -45.61
N ARG E 408 -39.43 46.31 -45.01
CA ARG E 408 -39.57 46.24 -43.56
C ARG E 408 -39.79 44.78 -43.14
N ASP E 409 -40.13 43.90 -44.11
CA ASP E 409 -40.29 42.46 -43.87
C ASP E 409 -38.96 41.70 -43.92
N VAL E 410 -37.81 42.39 -44.10
CA VAL E 410 -36.51 41.71 -44.13
C VAL E 410 -36.28 40.94 -42.82
N CYS E 411 -35.61 39.78 -42.95
CA CYS E 411 -35.31 38.90 -41.83
C CYS E 411 -33.79 38.67 -41.82
N TYR E 412 -33.10 39.24 -40.81
CA TYR E 412 -31.66 39.19 -40.74
C TYR E 412 -31.20 37.98 -39.93
N VAL E 413 -30.13 37.34 -40.41
CA VAL E 413 -29.51 36.20 -39.74
C VAL E 413 -28.02 36.52 -39.57
N THR E 414 -27.49 36.39 -38.35
CA THR E 414 -26.08 36.71 -38.12
C THR E 414 -25.60 35.99 -36.86
N THR E 415 -24.27 36.08 -36.61
CA THR E 415 -23.62 35.40 -35.49
C THR E 415 -22.90 36.42 -34.58
N ALA E 416 -21.66 36.78 -34.95
CA ALA E 416 -20.74 37.49 -34.08
C ALA E 416 -19.54 38.01 -34.87
N GLY E 417 -18.99 39.14 -34.38
CA GLY E 417 -17.92 39.89 -35.02
C GLY E 417 -18.28 41.38 -35.08
N LEU E 418 -17.34 42.22 -35.51
CA LEU E 418 -17.68 43.62 -35.81
C LEU E 418 -18.80 43.69 -36.86
N SER E 419 -18.80 42.74 -37.82
CA SER E 419 -19.89 42.52 -38.76
C SER E 419 -21.26 42.57 -38.09
N GLN E 420 -21.44 41.71 -37.06
CA GLN E 420 -22.70 41.54 -36.36
C GLN E 420 -22.96 42.68 -35.37
N ILE E 421 -21.91 43.15 -34.67
CA ILE E 421 -22.10 44.21 -33.68
C ILE E 421 -22.59 45.49 -34.38
N ALA E 422 -21.86 45.93 -35.41
CA ALA E 422 -22.23 47.16 -36.11
C ALA E 422 -23.61 46.99 -36.78
N ALA E 423 -23.89 45.77 -37.32
CA ALA E 423 -25.22 45.47 -37.86
C ALA E 423 -26.32 45.74 -36.83
N ALA E 424 -26.11 45.25 -35.58
CA ALA E 424 -27.09 45.42 -34.52
C ALA E 424 -27.24 46.91 -34.15
N GLN E 425 -26.14 47.68 -34.27
CA GLN E 425 -26.15 49.10 -33.96
C GLN E 425 -26.85 49.95 -35.03
N MET E 426 -26.94 49.47 -36.29
CA MET E 426 -27.24 50.33 -37.43
C MET E 426 -28.37 49.82 -38.35
N LEU E 427 -28.66 48.50 -38.37
CA LEU E 427 -29.80 47.96 -39.11
C LEU E 427 -31.08 48.20 -38.29
N HIS E 428 -32.24 48.10 -38.95
CA HIS E 428 -33.55 48.14 -38.33
C HIS E 428 -34.39 46.92 -38.70
N VAL E 429 -35.16 46.43 -37.70
CA VAL E 429 -36.10 45.33 -37.87
C VAL E 429 -37.48 45.72 -37.31
N PHE E 430 -38.53 45.08 -37.87
CA PHE E 430 -39.90 45.57 -37.67
C PHE E 430 -40.88 44.48 -37.24
N LYS E 431 -40.43 43.21 -37.11
CA LYS E 431 -41.29 42.05 -36.87
C LYS E 431 -40.51 41.04 -35.99
N ASP E 432 -41.22 40.30 -35.15
CA ASP E 432 -40.54 39.34 -34.28
C ASP E 432 -40.10 38.16 -35.16
N ARG E 433 -38.94 37.58 -34.79
CA ARG E 433 -38.25 36.54 -35.54
C ARG E 433 -37.69 37.09 -36.86
N HIS E 434 -37.43 38.42 -36.90
CA HIS E 434 -36.74 39.04 -38.05
C HIS E 434 -35.33 39.51 -37.69
N TRP E 435 -34.90 39.26 -36.45
CA TRP E 435 -33.49 39.20 -36.08
C TRP E 435 -33.21 37.81 -35.51
N ILE E 436 -32.44 36.99 -36.25
CA ILE E 436 -32.16 35.61 -35.92
C ILE E 436 -30.66 35.52 -35.62
N ASN E 437 -30.33 35.39 -34.34
CA ASN E 437 -28.96 35.61 -33.89
C ASN E 437 -28.73 34.71 -32.67
N CYS E 438 -27.60 33.96 -32.70
CA CYS E 438 -27.16 33.12 -31.59
C CYS E 438 -26.47 33.99 -30.52
N GLY E 439 -27.28 34.77 -29.78
CA GLY E 439 -26.75 35.84 -28.92
C GLY E 439 -25.82 35.38 -27.77
N GLN E 440 -26.02 34.18 -27.20
CA GLN E 440 -25.30 33.80 -25.98
C GLN E 440 -24.01 33.05 -26.29
N ALA E 441 -24.02 32.22 -27.35
CA ALA E 441 -22.89 31.36 -27.69
C ALA E 441 -22.08 31.89 -28.88
N GLY E 442 -22.72 32.57 -29.86
CA GLY E 442 -22.05 33.14 -31.02
C GLY E 442 -21.03 32.20 -31.72
N PRO E 443 -21.37 30.92 -32.02
CA PRO E 443 -20.44 30.01 -32.72
C PRO E 443 -20.22 30.41 -34.19
N LEU E 444 -18.97 30.77 -34.53
CA LEU E 444 -18.64 31.12 -35.93
C LEU E 444 -19.02 29.96 -36.83
N GLY E 445 -19.50 30.26 -38.06
CA GLY E 445 -20.00 29.25 -38.98
C GLY E 445 -21.52 29.09 -38.90
N TRP E 446 -22.16 29.75 -37.91
CA TRP E 446 -23.59 29.52 -37.64
C TRP E 446 -24.45 30.14 -38.72
N THR E 447 -23.96 31.24 -39.36
CA THR E 447 -24.82 32.12 -40.14
C THR E 447 -25.41 31.42 -41.37
N ILE E 448 -24.54 30.83 -42.21
CA ILE E 448 -24.98 30.19 -43.45
C ILE E 448 -26.02 29.10 -43.15
N PRO E 449 -25.71 28.08 -42.33
CA PRO E 449 -26.69 27.02 -42.10
C PRO E 449 -27.97 27.53 -41.45
N ALA E 450 -27.87 28.44 -40.48
CA ALA E 450 -29.05 29.00 -39.80
C ALA E 450 -29.96 29.68 -40.84
N ALA E 451 -29.35 30.42 -41.78
CA ALA E 451 -30.11 31.11 -42.81
C ALA E 451 -30.85 30.11 -43.70
N LEU E 452 -30.15 29.03 -44.11
CA LEU E 452 -30.78 27.96 -44.89
C LEU E 452 -31.94 27.33 -44.12
N GLY E 453 -31.80 27.18 -42.79
CA GLY E 453 -32.84 26.66 -41.91
C GLY E 453 -34.08 27.57 -41.85
N VAL E 454 -33.83 28.89 -41.77
CA VAL E 454 -34.92 29.86 -41.78
C VAL E 454 -35.67 29.74 -43.11
N CYS E 455 -34.92 29.66 -44.22
CA CYS E 455 -35.52 29.61 -45.54
C CYS E 455 -36.37 28.34 -45.70
N ALA E 456 -35.86 27.21 -45.19
CA ALA E 456 -36.59 25.95 -45.17
C ALA E 456 -37.86 26.05 -44.31
N ALA E 457 -37.81 26.79 -43.19
CA ALA E 457 -39.00 27.00 -42.36
C ALA E 457 -40.03 27.85 -43.10
N ASP E 458 -39.57 28.81 -43.91
CA ASP E 458 -40.46 29.82 -44.50
C ASP E 458 -39.92 30.26 -45.85
N PRO E 459 -40.31 29.55 -46.94
CA PRO E 459 -39.88 29.88 -48.31
C PRO E 459 -40.28 31.28 -48.80
N LYS E 460 -41.21 31.93 -48.09
CA LYS E 460 -41.61 33.28 -48.45
C LYS E 460 -40.84 34.33 -47.68
N ARG E 461 -40.03 33.94 -46.69
CA ARG E 461 -39.31 34.87 -45.86
C ARG E 461 -38.17 35.49 -46.69
N ASN E 462 -38.01 36.81 -46.48
CA ASN E 462 -37.02 37.61 -47.17
CA ASN E 462 -37.00 37.58 -47.20
C ASN E 462 -35.73 37.62 -46.37
N VAL E 463 -34.90 36.57 -46.51
CA VAL E 463 -33.75 36.33 -45.63
C VAL E 463 -32.50 37.00 -46.20
N VAL E 464 -31.86 37.80 -45.33
CA VAL E 464 -30.58 38.44 -45.59
C VAL E 464 -29.65 38.12 -44.42
N ALA E 465 -28.55 37.40 -44.70
CA ALA E 465 -27.54 37.11 -43.69
C ALA E 465 -26.46 38.20 -43.69
N ILE E 466 -25.77 38.32 -42.53
CA ILE E 466 -24.60 39.18 -42.37
C ILE E 466 -23.46 38.37 -41.76
N SER E 467 -22.33 38.28 -42.48
CA SER E 467 -21.12 37.61 -42.00
C SER E 467 -19.91 38.52 -42.22
N GLY E 468 -18.95 38.45 -41.30
CA GLY E 468 -17.57 38.80 -41.62
C GLY E 468 -16.92 37.66 -42.41
N ASP E 469 -15.71 37.90 -42.93
CA ASP E 469 -15.01 36.89 -43.72
C ASP E 469 -14.75 35.60 -42.92
N PHE E 470 -14.36 35.70 -41.63
CA PHE E 470 -13.99 34.54 -40.84
C PHE E 470 -15.19 33.64 -40.56
N ASP E 471 -16.28 34.24 -40.04
CA ASP E 471 -17.56 33.57 -39.87
C ASP E 471 -17.92 32.81 -41.15
N PHE E 472 -17.82 33.51 -42.28
CA PHE E 472 -18.25 33.01 -43.58
C PHE E 472 -17.46 31.77 -43.98
N GLN E 473 -16.19 31.72 -43.58
CA GLN E 473 -15.28 30.65 -43.99
C GLN E 473 -15.51 29.35 -43.21
N PHE E 474 -15.85 29.42 -41.90
CA PHE E 474 -15.98 28.25 -41.03
C PHE E 474 -16.78 27.15 -41.71
N LEU E 475 -18.04 27.45 -42.13
CA LEU E 475 -18.91 26.47 -42.75
C LEU E 475 -19.32 26.90 -44.16
N ILE E 476 -18.31 27.39 -44.92
CA ILE E 476 -18.53 27.98 -46.24
C ILE E 476 -19.17 26.95 -47.18
N GLU E 477 -18.87 25.64 -46.95
CA GLU E 477 -19.30 24.56 -47.85
C GLU E 477 -20.83 24.45 -47.88
N GLU E 478 -21.49 24.92 -46.80
CA GLU E 478 -22.95 24.84 -46.71
C GLU E 478 -23.64 25.67 -47.80
N LEU E 479 -22.93 26.59 -48.47
CA LEU E 479 -23.51 27.29 -49.63
C LEU E 479 -23.99 26.26 -50.66
N ALA E 480 -23.26 25.14 -50.80
CA ALA E 480 -23.61 24.15 -51.81
C ALA E 480 -24.91 23.42 -51.45
N VAL E 481 -25.29 23.42 -50.17
CA VAL E 481 -26.59 22.90 -49.76
C VAL E 481 -27.69 23.78 -50.38
N GLY E 482 -27.52 25.11 -50.27
CA GLY E 482 -28.42 26.04 -50.92
C GLY E 482 -28.48 25.86 -52.44
N ALA E 483 -27.32 25.58 -53.08
CA ALA E 483 -27.27 25.34 -54.51
C ALA E 483 -27.99 24.05 -54.89
N GLN E 484 -27.68 22.94 -54.18
CA GLN E 484 -28.27 21.65 -54.51
C GLN E 484 -29.79 21.66 -54.32
N PHE E 485 -30.28 22.27 -53.22
CA PHE E 485 -31.71 22.27 -52.90
C PHE E 485 -32.46 23.49 -53.46
N ASN E 486 -31.79 24.39 -54.17
CA ASN E 486 -32.35 25.68 -54.61
C ASN E 486 -33.03 26.42 -53.45
N ILE E 487 -32.21 26.82 -52.47
CA ILE E 487 -32.67 27.59 -51.31
C ILE E 487 -32.12 29.00 -51.43
N PRO E 488 -32.90 29.97 -51.97
CA PRO E 488 -32.40 31.32 -52.19
C PRO E 488 -32.50 32.22 -50.97
N TYR E 489 -31.44 33.01 -50.78
CA TYR E 489 -31.37 34.12 -49.83
C TYR E 489 -30.17 34.98 -50.26
N ILE E 490 -30.04 36.18 -49.66
CA ILE E 490 -28.91 37.06 -49.90
C ILE E 490 -27.98 37.02 -48.69
N HIS E 491 -26.69 36.76 -48.96
CA HIS E 491 -25.66 36.74 -47.92
C HIS E 491 -24.74 37.94 -48.09
N VAL E 492 -24.84 38.91 -47.17
CA VAL E 492 -23.94 40.05 -47.18
C VAL E 492 -22.67 39.66 -46.42
N LEU E 493 -21.54 39.77 -47.12
CA LEU E 493 -20.25 39.38 -46.61
C LEU E 493 -19.37 40.64 -46.52
N VAL E 494 -18.98 41.03 -45.30
CA VAL E 494 -18.20 42.24 -45.11
C VAL E 494 -16.78 41.81 -44.74
N ASN E 495 -15.88 42.00 -45.72
CA ASN E 495 -14.55 41.40 -45.75
C ASN E 495 -13.47 42.45 -45.43
N ASN E 496 -12.82 42.27 -44.26
CA ASN E 496 -11.67 43.09 -43.84
C ASN E 496 -10.37 42.27 -43.73
N ALA E 497 -10.39 41.00 -44.21
CA ALA E 497 -9.25 40.08 -44.13
C ALA E 497 -8.68 40.02 -42.69
N TYR E 498 -9.60 39.98 -41.70
CA TYR E 498 -9.31 40.08 -40.28
C TYR E 498 -10.37 39.34 -39.45
N LEU E 499 -9.91 38.74 -38.35
CA LEU E 499 -10.70 38.57 -37.13
C LEU E 499 -10.83 39.95 -36.48
N GLY E 500 -11.75 40.80 -37.01
CA GLY E 500 -11.77 42.21 -36.66
C GLY E 500 -12.05 42.45 -35.17
N LEU E 501 -13.04 41.74 -34.61
CA LEU E 501 -13.40 41.92 -33.20
C LEU E 501 -12.22 41.52 -32.31
N ILE E 502 -11.46 40.50 -32.73
CA ILE E 502 -10.36 40.02 -31.91
C ILE E 502 -9.20 41.02 -31.99
N ARG E 503 -8.90 41.52 -33.19
CA ARG E 503 -7.97 42.65 -33.36
C ARG E 503 -8.37 43.76 -32.37
N GLN E 504 -9.65 44.16 -32.38
CA GLN E 504 -10.09 45.26 -31.51
C GLN E 504 -9.85 44.94 -30.03
N SER E 505 -10.24 43.73 -29.57
CA SER E 505 -10.04 43.31 -28.18
C SER E 505 -8.54 43.25 -27.80
N GLN E 506 -7.64 43.06 -28.79
CA GLN E 506 -6.20 42.93 -28.52
C GLN E 506 -5.55 44.30 -28.29
N ARG E 507 -6.26 45.41 -28.57
CA ARG E 507 -5.78 46.75 -28.24
C ARG E 507 -5.42 46.86 -26.76
N ALA E 508 -6.23 46.25 -25.87
CA ALA E 508 -5.92 46.19 -24.44
C ALA E 508 -4.57 45.53 -24.15
N PHE E 509 -4.06 44.67 -25.06
CA PHE E 509 -2.78 44.00 -24.86
C PHE E 509 -1.69 44.63 -25.71
N ASP E 510 -2.05 45.73 -26.38
CA ASP E 510 -1.11 46.51 -27.16
C ASP E 510 -0.49 45.67 -28.29
N MET E 511 -1.31 44.92 -29.02
CA MET E 511 -0.81 44.01 -30.04
C MET E 511 -1.88 43.80 -31.11
N ASP E 512 -1.41 43.27 -32.23
CA ASP E 512 -2.24 42.80 -33.34
C ASP E 512 -1.55 41.51 -33.78
N TYR E 513 -2.10 40.35 -33.35
CA TYR E 513 -1.32 39.12 -33.29
C TYR E 513 -2.23 37.92 -33.60
N CYS E 514 -1.94 37.22 -34.71
CA CYS E 514 -2.65 36.01 -35.12
C CYS E 514 -4.13 36.29 -35.42
N VAL E 515 -4.41 37.46 -36.04
CA VAL E 515 -5.80 37.84 -36.33
C VAL E 515 -6.01 38.24 -37.79
N GLN E 516 -4.96 38.16 -38.61
CA GLN E 516 -5.01 38.56 -40.01
C GLN E 516 -5.16 37.34 -40.91
N LEU E 517 -6.06 37.44 -41.91
CA LEU E 517 -6.35 36.38 -42.87
C LEU E 517 -5.82 36.72 -44.27
N ALA E 518 -5.16 37.90 -44.43
CA ALA E 518 -4.72 38.37 -45.74
C ALA E 518 -3.55 37.52 -46.26
N PHE E 519 -3.51 37.34 -47.59
CA PHE E 519 -2.36 36.83 -48.31
C PHE E 519 -2.52 37.16 -49.81
N GLU E 520 -1.40 37.15 -50.54
CA GLU E 520 -1.41 37.30 -51.99
C GLU E 520 -2.00 36.02 -52.59
N ASN E 521 -3.24 36.12 -53.07
CA ASN E 521 -3.89 34.98 -53.72
C ASN E 521 -3.30 34.79 -55.12
N ILE E 522 -2.53 33.70 -55.31
CA ILE E 522 -1.80 33.43 -56.56
C ILE E 522 -2.76 33.28 -57.75
N ASN E 523 -4.05 33.04 -57.50
CA ASN E 523 -5.02 32.89 -58.58
C ASN E 523 -5.86 34.14 -58.80
N SER E 524 -5.77 35.17 -57.92
CA SER E 524 -6.68 36.32 -57.93
C SER E 524 -5.97 37.60 -57.46
N SER E 525 -5.28 38.27 -58.39
CA SER E 525 -4.69 39.57 -58.09
C SER E 525 -5.79 40.60 -57.76
N GLU E 526 -7.01 40.40 -58.24
CA GLU E 526 -8.10 41.36 -58.04
C GLU E 526 -8.61 41.43 -56.59
N VAL E 527 -8.26 40.47 -55.69
CA VAL E 527 -8.61 40.63 -54.28
C VAL E 527 -7.56 41.48 -53.54
N ASN E 528 -6.50 41.91 -54.24
CA ASN E 528 -5.54 42.89 -53.72
C ASN E 528 -4.94 42.43 -52.37
N GLY E 529 -4.58 41.14 -52.25
CA GLY E 529 -3.88 40.65 -51.07
C GLY E 529 -4.79 40.41 -49.88
N TYR E 530 -6.13 40.39 -50.08
CA TYR E 530 -7.07 40.13 -49.01
C TYR E 530 -7.21 38.62 -48.72
N GLY E 531 -6.56 37.78 -49.54
CA GLY E 531 -6.52 36.35 -49.28
C GLY E 531 -7.58 35.59 -50.09
N VAL E 532 -8.54 35.00 -49.37
CA VAL E 532 -9.56 34.19 -50.00
C VAL E 532 -10.34 35.01 -51.03
N ASP E 533 -10.59 34.38 -52.19
CA ASP E 533 -11.48 34.90 -53.23
C ASP E 533 -12.88 34.32 -53.04
N HIS E 534 -13.77 35.05 -52.35
CA HIS E 534 -15.09 34.55 -51.96
C HIS E 534 -16.03 34.38 -53.15
N VAL E 535 -15.85 35.18 -54.21
CA VAL E 535 -16.63 35.03 -55.44
C VAL E 535 -16.32 33.68 -56.12
N LYS E 536 -15.03 33.37 -56.35
CA LYS E 536 -14.65 32.07 -56.91
C LYS E 536 -15.15 30.93 -56.04
N VAL E 537 -15.00 31.04 -54.72
CA VAL E 537 -15.43 29.96 -53.84
C VAL E 537 -16.96 29.76 -53.94
N ALA E 538 -17.74 30.85 -53.80
CA ALA E 538 -19.19 30.76 -53.83
C ALA E 538 -19.67 30.20 -55.17
N GLU E 539 -19.05 30.62 -56.27
CA GLU E 539 -19.44 30.13 -57.58
C GLU E 539 -19.05 28.66 -57.72
N GLY E 540 -17.89 28.28 -57.18
CA GLY E 540 -17.46 26.89 -57.18
C GLY E 540 -18.50 26.00 -56.49
N LEU E 541 -19.09 26.52 -55.40
CA LEU E 541 -20.11 25.82 -54.61
C LEU E 541 -21.50 25.89 -55.24
N GLY E 542 -21.63 26.53 -56.41
CA GLY E 542 -22.86 26.50 -57.18
C GLY E 542 -23.79 27.70 -56.98
N CYS E 543 -23.28 28.73 -56.28
CA CYS E 543 -24.04 29.94 -55.96
C CYS E 543 -23.60 31.11 -56.87
N LYS E 544 -24.28 32.24 -56.70
CA LYS E 544 -23.89 33.48 -57.39
C LYS E 544 -23.22 34.41 -56.38
N ALA E 545 -22.35 35.31 -56.89
CA ALA E 545 -21.61 36.20 -56.02
C ALA E 545 -21.24 37.47 -56.77
N ILE E 546 -21.23 38.60 -56.05
CA ILE E 546 -20.90 39.93 -56.55
C ILE E 546 -19.93 40.57 -55.56
N ARG E 547 -18.80 41.08 -56.05
CA ARG E 547 -17.85 41.82 -55.23
C ARG E 547 -17.99 43.31 -55.48
N VAL E 548 -18.00 44.09 -54.39
CA VAL E 548 -18.17 45.55 -54.41
C VAL E 548 -16.97 46.21 -53.72
N PHE E 549 -16.37 47.22 -54.37
CA PHE E 549 -15.21 47.93 -53.85
C PHE E 549 -15.55 49.36 -53.43
N LYS E 550 -16.60 49.91 -54.05
CA LYS E 550 -16.95 51.33 -53.89
C LYS E 550 -18.33 51.42 -53.25
N PRO E 551 -18.53 52.40 -52.34
CA PRO E 551 -19.80 52.50 -51.60
C PRO E 551 -21.04 52.74 -52.48
N GLU E 552 -20.86 53.44 -53.61
CA GLU E 552 -21.96 53.72 -54.53
C GLU E 552 -22.33 52.46 -55.35
N ASP E 553 -21.51 51.40 -55.28
CA ASP E 553 -21.83 50.17 -56.00
C ASP E 553 -22.60 49.18 -55.13
N ILE E 554 -22.81 49.47 -53.84
CA ILE E 554 -23.53 48.55 -52.95
C ILE E 554 -25.01 48.42 -53.39
N ALA E 555 -25.71 49.55 -53.56
CA ALA E 555 -27.14 49.53 -53.87
C ALA E 555 -27.39 48.75 -55.16
N PRO E 556 -26.69 49.03 -56.29
CA PRO E 556 -26.87 48.25 -57.53
C PRO E 556 -26.54 46.74 -57.36
N ALA E 557 -25.57 46.42 -56.50
CA ALA E 557 -25.24 45.04 -56.17
C ALA E 557 -26.43 44.32 -55.51
N PHE E 558 -27.09 44.98 -54.56
CA PHE E 558 -28.27 44.40 -53.90
C PHE E 558 -29.42 44.21 -54.89
N GLU E 559 -29.62 45.14 -55.83
CA GLU E 559 -30.66 44.99 -56.83
C GLU E 559 -30.35 43.81 -57.76
N GLN E 560 -29.07 43.69 -58.14
CA GLN E 560 -28.65 42.59 -59.02
C GLN E 560 -28.79 41.25 -58.31
N ALA E 561 -28.49 41.22 -56.99
CA ALA E 561 -28.60 40.00 -56.20
C ALA E 561 -30.04 39.51 -56.16
N LYS E 562 -31.00 40.43 -55.99
CA LYS E 562 -32.40 40.08 -56.03
C LYS E 562 -32.76 39.44 -57.38
N ALA E 563 -32.25 40.01 -58.48
CA ALA E 563 -32.55 39.52 -59.83
C ALA E 563 -31.96 38.11 -60.00
N LEU E 564 -30.71 37.90 -59.55
CA LEU E 564 -30.05 36.61 -59.69
C LEU E 564 -30.74 35.54 -58.83
N MET E 565 -31.20 35.91 -57.63
CA MET E 565 -31.99 35.02 -56.79
C MET E 565 -33.23 34.54 -57.52
N ALA E 566 -34.00 35.49 -58.06
CA ALA E 566 -35.25 35.17 -58.75
C ALA E 566 -34.97 34.23 -59.91
N GLN E 567 -33.85 34.44 -60.60
CA GLN E 567 -33.57 33.76 -61.86
C GLN E 567 -32.99 32.37 -61.60
N TYR E 568 -32.01 32.25 -60.68
CA TYR E 568 -31.33 30.99 -60.43
C TYR E 568 -31.82 30.23 -59.19
N ARG E 569 -32.51 30.90 -58.25
CA ARG E 569 -33.00 30.30 -57.01
C ARG E 569 -31.89 29.56 -56.25
N VAL E 570 -30.79 30.32 -56.02
CA VAL E 570 -29.68 29.87 -55.18
C VAL E 570 -29.30 31.03 -54.25
N PRO E 571 -28.50 30.77 -53.19
CA PRO E 571 -27.87 31.86 -52.45
C PRO E 571 -27.06 32.78 -53.38
N VAL E 572 -27.16 34.09 -53.10
CA VAL E 572 -26.36 35.12 -53.75
C VAL E 572 -25.56 35.87 -52.68
N VAL E 573 -24.23 35.80 -52.81
CA VAL E 573 -23.31 36.44 -51.89
C VAL E 573 -22.95 37.81 -52.44
N VAL E 574 -23.17 38.86 -51.62
CA VAL E 574 -22.67 40.20 -51.92
C VAL E 574 -21.51 40.49 -50.99
N GLU E 575 -20.29 40.43 -51.54
CA GLU E 575 -19.06 40.68 -50.80
C GLU E 575 -18.67 42.16 -50.93
N VAL E 576 -18.52 42.83 -49.77
CA VAL E 576 -18.05 44.21 -49.72
C VAL E 576 -16.63 44.20 -49.14
N ILE E 577 -15.70 44.76 -49.92
CA ILE E 577 -14.31 44.92 -49.51
C ILE E 577 -14.24 46.16 -48.62
N LEU E 578 -14.03 45.92 -47.33
CA LEU E 578 -13.92 46.94 -46.31
C LEU E 578 -12.48 47.40 -46.17
N GLU E 579 -12.32 48.58 -45.55
CA GLU E 579 -11.04 48.96 -44.98
C GLU E 579 -10.63 47.88 -43.96
N ARG E 580 -9.31 47.66 -43.84
CA ARG E 580 -8.77 46.60 -43.00
C ARG E 580 -9.16 46.78 -41.53
N VAL E 581 -9.11 48.04 -41.04
CA VAL E 581 -9.25 48.34 -39.62
C VAL E 581 -10.32 49.42 -39.39
N THR E 582 -11.39 49.05 -38.68
CA THR E 582 -12.41 49.99 -38.19
C THR E 582 -12.74 49.59 -36.75
N ASN E 583 -12.56 50.53 -35.80
CA ASN E 583 -12.93 50.27 -34.42
C ASN E 583 -14.41 50.61 -34.20
N ILE E 584 -15.21 49.58 -33.88
CA ILE E 584 -16.64 49.71 -33.65
C ILE E 584 -16.89 50.14 -32.20
N SER E 585 -17.96 50.94 -31.98
CA SER E 585 -18.25 51.51 -30.66
C SER E 585 -18.60 50.40 -29.67
N MET E 586 -17.98 50.45 -28.49
CA MET E 586 -18.18 49.47 -27.42
C MET E 586 -17.35 49.91 -26.20
N GLY E 587 -17.73 49.35 -25.04
CA GLY E 587 -17.10 49.66 -23.76
C GLY E 587 -17.42 48.57 -22.75
N SER E 588 -16.98 48.78 -21.49
CA SER E 588 -17.13 47.79 -20.42
C SER E 588 -18.32 48.10 -19.51
N GLU E 589 -18.90 49.30 -19.67
CA GLU E 589 -20.09 49.75 -18.96
C GLU E 589 -20.98 50.55 -19.93
N LEU E 590 -22.28 50.63 -19.57
CA LEU E 590 -23.25 51.45 -20.29
C LEU E 590 -22.76 52.89 -20.42
N ASP E 591 -22.08 53.42 -19.39
CA ASP E 591 -21.71 54.83 -19.34
C ASP E 591 -20.27 55.04 -19.82
N ASN E 592 -19.67 54.06 -20.51
CA ASN E 592 -18.25 54.04 -20.82
CA ASN E 592 -18.28 54.25 -20.91
C ASN E 592 -18.03 53.65 -22.30
N VAL E 593 -19.10 53.48 -23.10
CA VAL E 593 -18.97 53.00 -24.47
C VAL E 593 -18.20 54.04 -25.29
N MET E 594 -17.07 53.61 -25.87
CA MET E 594 -16.14 54.48 -26.55
C MET E 594 -16.57 54.59 -28.03
N GLU E 595 -16.64 55.84 -28.52
CA GLU E 595 -16.98 56.11 -29.92
C GLU E 595 -15.68 56.42 -30.68
N PHE E 596 -15.15 55.44 -31.43
CA PHE E 596 -13.90 55.63 -32.13
C PHE E 596 -14.20 56.34 -33.45
N GLU E 597 -15.25 55.88 -34.15
CA GLU E 597 -15.66 56.42 -35.45
C GLU E 597 -16.56 57.61 -35.21
N ASP E 598 -16.80 58.42 -36.24
CA ASP E 598 -17.58 59.65 -36.12
C ASP E 598 -18.99 59.33 -35.61
N ILE E 599 -19.42 60.09 -34.60
CA ILE E 599 -20.80 60.17 -34.17
C ILE E 599 -21.56 61.08 -35.15
N ALA E 600 -22.87 61.21 -34.95
CA ALA E 600 -23.74 62.06 -35.75
C ALA E 600 -24.87 62.58 -34.85
N ASP E 601 -25.41 63.78 -35.15
CA ASP E 601 -26.58 64.37 -34.47
C ASP E 601 -27.69 64.81 -35.47
N ASN E 602 -27.51 64.36 -36.73
CA ASN E 602 -28.34 64.81 -37.85
C ASN E 602 -28.47 63.66 -38.84
N ALA E 603 -29.57 63.73 -39.62
CA ALA E 603 -29.95 62.63 -40.49
C ALA E 603 -28.99 62.49 -41.69
N ALA E 604 -28.39 63.59 -42.17
CA ALA E 604 -27.54 63.47 -43.35
C ALA E 604 -26.42 62.45 -43.11
N ASP E 605 -25.87 62.40 -41.88
CA ASP E 605 -24.81 61.48 -41.49
C ASP E 605 -25.35 60.07 -41.14
N ALA E 606 -26.60 59.99 -40.65
CA ALA E 606 -27.25 58.73 -40.25
C ALA E 606 -28.67 58.66 -40.84
N PRO E 607 -28.79 58.57 -42.19
CA PRO E 607 -30.07 58.80 -42.88
C PRO E 607 -31.16 57.70 -42.80
N THR E 608 -30.79 56.53 -42.23
CA THR E 608 -31.70 55.38 -42.18
C THR E 608 -32.22 55.11 -40.76
N GLU E 609 -31.95 56.01 -39.79
CA GLU E 609 -32.67 55.97 -38.53
C GLU E 609 -34.17 56.09 -38.84
N THR E 610 -35.05 55.41 -38.06
CA THR E 610 -36.48 55.31 -38.36
C THR E 610 -37.15 56.69 -38.24
N CYS E 611 -36.55 57.57 -37.45
CA CYS E 611 -37.05 58.93 -37.28
C CYS E 611 -37.01 59.71 -38.60
N PHE E 612 -36.11 59.33 -39.51
CA PHE E 612 -35.79 60.12 -40.70
C PHE E 612 -36.25 59.40 -41.96
N MET E 613 -36.58 58.10 -41.85
CA MET E 613 -36.87 57.28 -43.01
C MET E 613 -38.09 56.40 -42.75
N HIS E 614 -39.01 56.39 -43.73
CA HIS E 614 -40.17 55.52 -43.74
C HIS E 614 -39.77 54.15 -44.28
N TYR E 615 -39.98 53.09 -43.48
CA TYR E 615 -39.68 51.73 -43.90
C TYR E 615 -40.93 51.05 -44.48
N GLU E 616 -40.86 50.90 -45.80
CA GLU E 616 -41.73 50.13 -46.71
C GLU E 616 -42.96 50.95 -47.04
N ALA F 25 -39.11 43.34 4.10
CA ALA F 25 -38.02 43.51 3.10
C ALA F 25 -36.84 42.60 3.49
N LYS F 26 -35.92 43.07 4.35
CA LYS F 26 -34.56 42.53 4.45
C LYS F 26 -34.48 41.40 5.48
N MET F 27 -34.00 40.23 5.06
CA MET F 27 -33.75 39.09 5.95
C MET F 27 -32.67 38.21 5.32
N ARG F 28 -32.12 37.27 6.10
CA ARG F 28 -31.12 36.37 5.57
C ARG F 28 -31.81 35.39 4.61
N ALA F 29 -31.04 34.88 3.64
CA ALA F 29 -31.55 33.86 2.74
C ALA F 29 -32.25 32.73 3.52
N VAL F 30 -31.68 32.29 4.66
CA VAL F 30 -32.24 31.19 5.42
C VAL F 30 -33.58 31.58 6.07
N ASP F 31 -33.76 32.88 6.44
CA ASP F 31 -35.03 33.36 6.97
C ASP F 31 -36.11 33.29 5.88
N ALA F 32 -35.75 33.69 4.66
CA ALA F 32 -36.65 33.58 3.52
C ALA F 32 -37.00 32.11 3.29
N ALA F 33 -35.99 31.23 3.37
CA ALA F 33 -36.19 29.79 3.22
C ALA F 33 -37.29 29.28 4.16
N MET F 34 -37.30 29.73 5.45
CA MET F 34 -38.32 29.32 6.42
C MET F 34 -39.73 29.71 5.97
N TYR F 35 -39.90 30.94 5.46
CA TYR F 35 -41.20 31.32 4.91
C TYR F 35 -41.60 30.41 3.75
N VAL F 36 -40.64 30.07 2.87
CA VAL F 36 -40.95 29.23 1.71
C VAL F 36 -41.42 27.87 2.23
N LEU F 37 -40.67 27.28 3.18
CA LEU F 37 -41.01 25.95 3.71
C LEU F 37 -42.40 25.96 4.37
N GLU F 38 -42.71 27.01 5.15
CA GLU F 38 -44.02 27.18 5.76
C GLU F 38 -45.12 27.18 4.70
N LYS F 39 -44.96 28.04 3.67
CA LYS F 39 -45.97 28.21 2.63
C LYS F 39 -46.11 26.93 1.81
N GLU F 40 -45.04 26.10 1.75
CA GLU F 40 -45.08 24.85 1.01
C GLU F 40 -45.58 23.70 1.87
N GLY F 41 -46.04 23.99 3.11
CA GLY F 41 -46.71 23.00 3.94
C GLY F 41 -45.81 22.29 4.96
N ILE F 42 -44.49 22.59 5.03
CA ILE F 42 -43.58 21.91 5.95
C ILE F 42 -43.87 22.30 7.41
N THR F 43 -44.00 21.28 8.28
CA THR F 43 -44.19 21.49 9.72
C THR F 43 -43.18 20.67 10.55
N THR F 44 -42.37 19.81 9.89
CA THR F 44 -41.49 18.86 10.55
C THR F 44 -40.19 18.74 9.75
N ALA F 45 -39.07 18.60 10.47
CA ALA F 45 -37.77 18.24 9.91
C ALA F 45 -37.09 17.24 10.83
N PHE F 46 -36.29 16.38 10.19
CA PHE F 46 -35.42 15.41 10.88
C PHE F 46 -34.00 15.80 10.52
N GLY F 47 -33.09 15.89 11.49
CA GLY F 47 -31.77 16.34 11.13
C GLY F 47 -30.72 16.15 12.21
N VAL F 48 -29.47 16.52 11.83
CA VAL F 48 -28.32 16.63 12.69
C VAL F 48 -27.61 17.93 12.33
N PRO F 49 -27.53 18.92 13.25
CA PRO F 49 -26.85 20.16 12.97
C PRO F 49 -25.33 20.01 12.94
N GLY F 50 -24.69 21.03 12.36
CA GLY F 50 -23.25 21.19 12.30
C GLY F 50 -22.95 22.65 11.97
N ALA F 51 -21.69 23.05 12.09
CA ALA F 51 -21.32 24.44 11.91
C ALA F 51 -21.81 25.02 10.57
N ALA F 52 -21.69 24.24 9.48
CA ALA F 52 -21.99 24.70 8.12
C ALA F 52 -23.49 24.95 7.91
N ILE F 53 -24.38 24.29 8.69
CA ILE F 53 -25.82 24.42 8.54
C ILE F 53 -26.44 25.21 9.72
N ASN F 54 -25.61 25.73 10.65
CA ASN F 54 -26.13 26.47 11.80
C ASN F 54 -27.00 27.66 11.40
N PRO F 55 -26.68 28.47 10.35
CA PRO F 55 -27.54 29.62 10.00
C PRO F 55 -28.98 29.17 9.72
N PHE F 56 -29.15 28.06 8.98
CA PHE F 56 -30.46 27.47 8.75
C PHE F 56 -31.16 27.12 10.07
N TYR F 57 -30.42 26.47 11.00
CA TYR F 57 -30.98 26.11 12.30
C TYR F 57 -31.44 27.36 13.06
N SER F 58 -30.59 28.39 13.06
CA SER F 58 -30.91 29.71 13.59
C SER F 58 -32.22 30.25 13.02
N ALA F 59 -32.40 30.17 11.68
CA ALA F 59 -33.60 30.70 11.03
C ALA F 59 -34.84 29.91 11.46
N MET F 60 -34.67 28.57 11.57
CA MET F 60 -35.72 27.66 12.01
C MET F 60 -36.15 27.98 13.47
N ARG F 61 -35.19 28.32 14.32
CA ARG F 61 -35.46 28.74 15.68
C ARG F 61 -36.21 30.07 15.73
N LYS F 62 -35.79 31.08 14.95
CA LYS F 62 -36.46 32.38 14.96
C LYS F 62 -37.89 32.23 14.45
N HIS F 63 -38.09 31.44 13.40
CA HIS F 63 -39.38 31.41 12.71
C HIS F 63 -40.38 30.59 13.54
N GLY F 64 -39.95 29.42 14.07
CA GLY F 64 -40.76 28.67 15.01
C GLY F 64 -41.83 27.78 14.38
N GLY F 65 -41.94 27.68 13.04
CA GLY F 65 -43.04 26.88 12.47
C GLY F 65 -42.81 25.37 12.36
N ILE F 66 -41.56 24.91 12.55
CA ILE F 66 -41.16 23.55 12.21
C ILE F 66 -40.70 22.83 13.48
N ARG F 67 -41.25 21.63 13.74
CA ARG F 67 -40.73 20.75 14.78
C ARG F 67 -39.49 20.00 14.26
N HIS F 68 -38.34 20.19 14.93
CA HIS F 68 -37.11 19.46 14.62
C HIS F 68 -36.99 18.21 15.50
N ILE F 69 -36.68 17.09 14.85
CA ILE F 69 -36.31 15.86 15.55
C ILE F 69 -34.85 15.54 15.25
N LEU F 70 -34.06 15.51 16.33
CA LEU F 70 -32.63 15.23 16.31
C LEU F 70 -32.41 13.72 16.20
N ALA F 71 -31.84 13.29 15.06
CA ALA F 71 -31.49 11.89 14.87
C ALA F 71 -30.13 11.56 15.52
N ARG F 72 -29.84 10.25 15.62
CA ARG F 72 -28.58 9.77 16.20
C ARG F 72 -27.71 9.11 15.13
N HIS F 73 -27.96 9.51 13.88
CA HIS F 73 -27.21 9.15 12.66
C HIS F 73 -27.88 9.93 11.54
N VAL F 74 -27.09 10.63 10.70
CA VAL F 74 -27.66 11.36 9.58
C VAL F 74 -28.47 10.42 8.68
N GLU F 75 -28.02 9.17 8.51
CA GLU F 75 -28.80 8.19 7.77
C GLU F 75 -30.17 7.98 8.45
N GLY F 76 -30.19 7.96 9.79
CA GLY F 76 -31.46 7.89 10.49
C GLY F 76 -32.40 9.05 10.15
N ALA F 77 -31.88 10.29 10.15
CA ALA F 77 -32.72 11.45 9.80
C ALA F 77 -33.30 11.27 8.40
N SER F 78 -32.48 10.75 7.48
CA SER F 78 -32.86 10.63 6.08
C SER F 78 -33.98 9.61 5.89
N HIS F 79 -33.93 8.47 6.64
CA HIS F 79 -35.00 7.47 6.56
C HIS F 79 -36.25 7.89 7.33
N MET F 80 -36.10 8.72 8.37
CA MET F 80 -37.24 9.35 9.03
C MET F 80 -38.03 10.20 8.03
N ALA F 81 -37.30 10.99 7.23
CA ALA F 81 -37.93 11.84 6.20
C ALA F 81 -38.74 10.98 5.23
N GLU F 82 -38.15 9.85 4.81
CA GLU F 82 -38.82 8.88 3.94
C GLU F 82 -40.14 8.38 4.52
N GLY F 83 -40.09 7.91 5.77
CA GLY F 83 -41.29 7.44 6.45
C GLY F 83 -42.36 8.52 6.60
N TYR F 84 -41.95 9.77 6.90
CA TYR F 84 -42.89 10.87 7.02
C TYR F 84 -43.62 11.12 5.69
N THR F 85 -42.86 11.10 4.57
CA THR F 85 -43.43 11.28 3.25
C THR F 85 -44.49 10.20 3.01
N ARG F 86 -44.08 8.94 3.29
CA ARG F 86 -44.88 7.78 2.89
C ARG F 86 -46.17 7.66 3.71
N ALA F 87 -46.19 8.24 4.92
CA ALA F 87 -47.29 8.10 5.87
C ALA F 87 -48.61 8.69 5.33
N THR F 88 -48.54 9.85 4.65
CA THR F 88 -49.74 10.61 4.31
C THR F 88 -49.56 11.30 2.98
N ALA F 89 -50.55 11.16 2.07
CA ALA F 89 -50.53 11.82 0.77
C ALA F 89 -50.28 13.32 0.92
N GLY F 90 -49.35 13.86 0.14
CA GLY F 90 -49.00 15.28 0.20
C GLY F 90 -47.78 15.60 1.09
N ASN F 91 -47.47 14.73 2.06
CA ASN F 91 -46.33 14.94 2.97
C ASN F 91 -45.01 14.95 2.20
N ILE F 92 -44.08 15.81 2.65
CA ILE F 92 -42.71 15.75 2.16
C ILE F 92 -41.78 15.83 3.36
N GLY F 93 -41.17 14.69 3.69
CA GLY F 93 -40.17 14.65 4.76
C GLY F 93 -38.95 15.50 4.41
N VAL F 94 -38.46 16.24 5.43
CA VAL F 94 -37.28 17.08 5.31
C VAL F 94 -36.17 16.53 6.22
N CYS F 95 -34.96 16.41 5.61
CA CYS F 95 -33.77 15.91 6.25
C CYS F 95 -32.69 16.99 6.15
N LEU F 96 -32.16 17.44 7.32
CA LEU F 96 -31.15 18.49 7.40
C LEU F 96 -29.82 17.89 7.86
N GLY F 97 -28.72 18.41 7.31
CA GLY F 97 -27.41 18.03 7.79
C GLY F 97 -26.35 19.08 7.45
N THR F 98 -25.15 18.84 7.97
CA THR F 98 -24.03 19.74 7.73
C THR F 98 -23.38 19.42 6.37
N SER F 99 -22.17 19.97 6.19
CA SER F 99 -21.35 19.73 5.02
C SER F 99 -20.71 18.34 5.10
N GLY F 100 -19.98 18.02 4.02
CA GLY F 100 -19.06 16.89 4.00
C GLY F 100 -19.84 15.60 4.22
N PRO F 101 -19.51 14.82 5.27
CA PRO F 101 -20.05 13.47 5.42
C PRO F 101 -21.56 13.38 5.72
N ALA F 102 -22.20 14.50 6.11
CA ALA F 102 -23.64 14.50 6.32
C ALA F 102 -24.34 14.17 4.98
N GLY F 103 -23.94 14.90 3.93
CA GLY F 103 -24.50 14.65 2.61
C GLY F 103 -24.25 13.22 2.12
N THR F 104 -23.01 12.71 2.27
CA THR F 104 -22.71 11.36 1.78
C THR F 104 -23.53 10.33 2.59
N ASP F 105 -23.86 10.65 3.86
CA ASP F 105 -24.74 9.82 4.69
C ASP F 105 -26.21 9.87 4.25
N MET F 106 -26.57 10.76 3.29
CA MET F 106 -27.96 10.90 2.84
C MET F 106 -28.21 10.16 1.52
N ILE F 107 -27.15 9.67 0.88
CA ILE F 107 -27.24 9.15 -0.47
C ILE F 107 -28.12 7.91 -0.50
N THR F 108 -28.01 7.06 0.53
CA THR F 108 -28.80 5.83 0.55
C THR F 108 -30.31 6.15 0.56
N ALA F 109 -30.73 7.17 1.34
CA ALA F 109 -32.13 7.62 1.38
C ALA F 109 -32.57 8.22 0.04
N LEU F 110 -31.71 9.03 -0.59
CA LEU F 110 -32.05 9.64 -1.86
C LEU F 110 -32.30 8.53 -2.90
N TYR F 111 -31.41 7.51 -2.90
CA TYR F 111 -31.57 6.32 -3.73
C TYR F 111 -32.91 5.63 -3.45
N SER F 112 -33.22 5.30 -2.18
CA SER F 112 -34.44 4.61 -1.81
C SER F 112 -35.68 5.42 -2.20
N ALA F 113 -35.65 6.73 -1.91
CA ALA F 113 -36.76 7.62 -2.25
C ALA F 113 -36.98 7.65 -3.77
N SER F 114 -35.92 7.93 -4.54
CA SER F 114 -35.92 7.89 -6.00
C SER F 114 -36.54 6.59 -6.47
N ALA F 115 -36.03 5.50 -5.91
CA ALA F 115 -36.27 4.16 -6.41
C ALA F 115 -37.75 3.82 -6.29
N ASP F 116 -38.42 4.35 -5.24
CA ASP F 116 -39.85 4.11 -5.00
C ASP F 116 -40.76 5.25 -5.50
N SER F 117 -40.21 6.21 -6.26
CA SER F 117 -40.96 7.36 -6.79
C SER F 117 -41.63 8.19 -5.68
N ILE F 118 -40.91 8.40 -4.55
CA ILE F 118 -41.40 9.29 -3.50
C ILE F 118 -40.35 10.36 -3.19
N PRO F 119 -40.81 11.58 -2.80
CA PRO F 119 -39.91 12.67 -2.45
C PRO F 119 -39.48 12.76 -1.01
N ILE F 120 -38.22 13.15 -0.83
CA ILE F 120 -37.76 13.78 0.39
C ILE F 120 -36.95 14.99 -0.04
N LEU F 121 -36.96 16.04 0.83
CA LEU F 121 -36.10 17.20 0.63
C LEU F 121 -34.94 17.10 1.60
N CYS F 122 -33.71 16.96 1.04
CA CYS F 122 -32.48 17.01 1.80
C CYS F 122 -31.85 18.39 1.64
N ILE F 123 -31.43 18.96 2.77
CA ILE F 123 -30.78 20.26 2.81
C ILE F 123 -29.46 20.06 3.56
N THR F 124 -28.35 20.39 2.87
CA THR F 124 -27.02 20.31 3.46
C THR F 124 -26.38 21.69 3.58
N GLY F 125 -25.62 21.91 4.68
CA GLY F 125 -24.67 23.00 4.74
C GLY F 125 -23.46 22.73 3.83
N GLN F 126 -22.71 23.79 3.50
CA GLN F 126 -21.60 23.71 2.57
C GLN F 126 -20.62 24.83 2.94
N ALA F 127 -19.34 24.61 2.57
CA ALA F 127 -18.30 25.63 2.68
C ALA F 127 -18.69 26.88 1.90
N PRO F 128 -18.16 28.06 2.27
CA PRO F 128 -18.42 29.30 1.53
C PRO F 128 -18.03 29.14 0.06
N ARG F 129 -18.76 29.79 -0.84
CA ARG F 129 -18.53 29.69 -2.27
C ARG F 129 -17.05 29.83 -2.69
N ALA F 130 -16.35 30.82 -2.13
CA ALA F 130 -14.98 31.12 -2.50
C ALA F 130 -14.03 29.98 -2.15
N ARG F 131 -14.51 28.99 -1.38
CA ARG F 131 -13.65 27.99 -0.78
C ARG F 131 -13.91 26.61 -1.37
N LEU F 132 -14.79 26.55 -2.39
CA LEU F 132 -15.35 25.28 -2.86
C LEU F 132 -14.29 24.40 -3.55
N HIS F 133 -13.26 25.00 -4.15
CA HIS F 133 -12.23 24.22 -4.86
C HIS F 133 -10.90 24.20 -4.07
N LYS F 134 -10.97 24.54 -2.78
CA LYS F 134 -9.79 24.74 -1.96
C LYS F 134 -9.63 23.66 -0.87
N GLU F 135 -10.37 22.54 -0.96
CA GLU F 135 -10.24 21.44 -0.02
C GLU F 135 -10.48 21.91 1.44
N ASP F 136 -11.41 22.87 1.61
CA ASP F 136 -11.88 23.26 2.93
C ASP F 136 -12.34 22.01 3.68
N PHE F 137 -12.09 22.00 4.99
CA PHE F 137 -12.60 21.00 5.91
C PHE F 137 -14.03 20.64 5.56
N GLN F 138 -14.31 19.33 5.39
CA GLN F 138 -15.64 18.82 5.12
C GLN F 138 -16.36 19.48 3.93
N ALA F 139 -15.64 19.91 2.89
CA ALA F 139 -16.27 20.38 1.66
C ALA F 139 -16.24 19.24 0.65
N VAL F 140 -17.39 18.77 0.17
CA VAL F 140 -17.46 17.72 -0.83
C VAL F 140 -18.37 18.16 -1.98
N ASP F 141 -18.14 17.58 -3.17
CA ASP F 141 -18.98 17.81 -4.33
C ASP F 141 -20.27 16.98 -4.24
N ILE F 142 -21.16 17.35 -3.30
CA ILE F 142 -22.38 16.60 -3.04
C ILE F 142 -23.33 16.70 -4.24
N GLU F 143 -23.26 17.81 -5.00
CA GLU F 143 -24.01 17.98 -6.25
C GLU F 143 -23.77 16.81 -7.22
N ALA F 144 -22.49 16.48 -7.48
CA ALA F 144 -22.07 15.41 -8.38
C ALA F 144 -22.49 14.05 -7.82
N ILE F 145 -22.33 13.86 -6.50
CA ILE F 145 -22.56 12.55 -5.89
C ILE F 145 -24.05 12.21 -5.89
N ALA F 146 -24.92 13.20 -5.61
CA ALA F 146 -26.36 13.00 -5.46
C ALA F 146 -27.12 13.07 -6.78
N LYS F 147 -26.50 13.60 -7.84
CA LYS F 147 -27.15 13.80 -9.14
C LYS F 147 -27.83 12.52 -9.61
N PRO F 148 -27.18 11.33 -9.59
CA PRO F 148 -27.80 10.11 -10.10
C PRO F 148 -28.96 9.59 -9.27
N VAL F 149 -29.21 10.11 -8.06
CA VAL F 149 -30.29 9.57 -7.21
C VAL F 149 -31.22 10.68 -6.75
N SER F 150 -31.38 11.74 -7.57
CA SER F 150 -32.27 12.84 -7.23
C SER F 150 -32.88 13.45 -8.50
N LYS F 151 -34.08 14.06 -8.40
CA LYS F 151 -34.62 14.84 -9.53
C LYS F 151 -33.86 16.17 -9.69
N MET F 152 -33.31 16.67 -8.57
CA MET F 152 -32.43 17.82 -8.63
C MET F 152 -31.48 17.75 -7.44
N ALA F 153 -30.21 18.04 -7.70
CA ALA F 153 -29.21 18.19 -6.64
C ALA F 153 -28.40 19.42 -7.01
N VAL F 154 -28.48 20.48 -6.18
CA VAL F 154 -27.92 21.77 -6.58
C VAL F 154 -27.27 22.47 -5.37
N THR F 155 -26.03 22.97 -5.60
CA THR F 155 -25.35 23.90 -4.73
C THR F 155 -25.81 25.30 -5.15
N VAL F 156 -26.51 26.00 -4.24
CA VAL F 156 -27.06 27.31 -4.54
C VAL F 156 -25.93 28.35 -4.46
N ARG F 157 -25.76 29.14 -5.55
CA ARG F 157 -24.58 29.96 -5.72
C ARG F 157 -24.85 31.43 -5.41
N GLU F 158 -26.12 31.79 -5.18
CA GLU F 158 -26.52 33.14 -4.80
C GLU F 158 -27.61 33.07 -3.73
N ALA F 159 -27.51 33.96 -2.75
CA ALA F 159 -28.49 34.08 -1.68
C ALA F 159 -29.92 34.29 -2.23
N ALA F 160 -30.07 35.17 -3.26
CA ALA F 160 -31.37 35.50 -3.84
C ALA F 160 -32.02 34.25 -4.47
N LEU F 161 -31.22 33.25 -4.87
CA LEU F 161 -31.76 32.04 -5.50
C LEU F 161 -32.26 31.00 -4.48
N VAL F 162 -31.92 31.16 -3.20
CA VAL F 162 -32.32 30.17 -2.21
C VAL F 162 -33.84 29.96 -2.27
N PRO F 163 -34.70 31.00 -2.17
CA PRO F 163 -36.15 30.80 -2.27
C PRO F 163 -36.63 30.20 -3.60
N ARG F 164 -35.96 30.55 -4.71
CA ARG F 164 -36.29 30.07 -6.04
C ARG F 164 -35.88 28.61 -6.24
N VAL F 165 -34.76 28.19 -5.67
CA VAL F 165 -34.37 26.79 -5.76
C VAL F 165 -35.33 25.92 -4.95
N LEU F 166 -35.75 26.38 -3.77
CA LEU F 166 -36.73 25.66 -2.96
C LEU F 166 -38.07 25.60 -3.69
N GLN F 167 -38.44 26.71 -4.34
CA GLN F 167 -39.71 26.80 -5.04
C GLN F 167 -39.74 25.75 -6.16
N GLN F 168 -38.63 25.71 -6.97
CA GLN F 168 -38.47 24.72 -8.02
C GLN F 168 -38.43 23.30 -7.43
N ALA F 169 -37.74 23.11 -6.29
CA ALA F 169 -37.65 21.81 -5.64
C ALA F 169 -39.04 21.21 -5.38
N PHE F 170 -39.95 22.00 -4.79
CA PHE F 170 -41.29 21.53 -4.46
C PHE F 170 -42.08 21.19 -5.75
N HIS F 171 -41.93 22.01 -6.82
CA HIS F 171 -42.54 21.64 -8.09
C HIS F 171 -42.06 20.25 -8.54
N LEU F 172 -40.74 20.03 -8.54
CA LEU F 172 -40.15 18.79 -9.01
C LEU F 172 -40.57 17.60 -8.14
N MET F 173 -40.62 17.81 -6.83
CA MET F 173 -40.93 16.71 -5.92
C MET F 173 -42.38 16.20 -6.09
N ARG F 174 -43.29 17.09 -6.52
CA ARG F 174 -44.71 16.81 -6.61
CA ARG F 174 -44.72 16.81 -6.60
C ARG F 174 -45.11 16.40 -8.02
N SER F 175 -44.30 16.79 -9.05
CA SER F 175 -44.70 16.68 -10.45
C SER F 175 -44.21 15.38 -11.10
N GLY F 176 -44.90 15.00 -12.19
CA GLY F 176 -44.49 13.86 -12.98
C GLY F 176 -44.37 12.62 -12.10
N ARG F 177 -43.35 11.80 -12.38
CA ARG F 177 -42.92 10.75 -11.47
C ARG F 177 -42.20 11.42 -10.28
N PRO F 178 -42.76 11.38 -9.05
CA PRO F 178 -42.12 12.05 -7.91
C PRO F 178 -40.75 11.44 -7.59
N GLY F 179 -39.92 12.30 -6.98
CA GLY F 179 -38.58 11.94 -6.55
C GLY F 179 -38.01 12.99 -5.62
N PRO F 180 -36.85 12.69 -4.99
CA PRO F 180 -36.27 13.59 -3.98
C PRO F 180 -35.40 14.68 -4.61
N VAL F 181 -35.09 15.69 -3.79
CA VAL F 181 -34.25 16.80 -4.16
C VAL F 181 -33.27 17.04 -3.01
N LEU F 182 -32.01 17.33 -3.37
CA LEU F 182 -31.03 17.85 -2.44
C LEU F 182 -30.68 19.30 -2.79
N VAL F 183 -30.72 20.16 -1.74
CA VAL F 183 -30.33 21.56 -1.82
C VAL F 183 -29.14 21.76 -0.88
N ASP F 184 -28.03 22.18 -1.47
CA ASP F 184 -26.75 22.37 -0.79
C ASP F 184 -26.51 23.88 -0.66
N LEU F 185 -26.27 24.34 0.58
CA LEU F 185 -26.28 25.76 0.93
C LEU F 185 -24.92 26.22 1.47
N PRO F 186 -24.07 26.87 0.63
CA PRO F 186 -22.84 27.52 1.11
C PRO F 186 -23.16 28.46 2.26
N PHE F 187 -22.35 28.35 3.32
CA PHE F 187 -22.48 29.18 4.53
C PHE F 187 -22.73 30.67 4.21
N ASP F 188 -21.89 31.26 3.33
CA ASP F 188 -22.01 32.68 3.02
C ASP F 188 -23.35 32.96 2.32
N VAL F 189 -23.83 32.00 1.50
CA VAL F 189 -25.12 32.14 0.81
C VAL F 189 -26.26 32.15 1.85
N GLN F 190 -26.15 31.32 2.90
CA GLN F 190 -27.19 31.22 3.92
C GLN F 190 -27.38 32.53 4.71
N VAL F 191 -26.26 33.17 5.10
CA VAL F 191 -26.27 34.30 6.02
C VAL F 191 -26.43 35.64 5.28
N ALA F 192 -26.22 35.69 3.95
CA ALA F 192 -26.38 36.93 3.18
C ALA F 192 -27.84 37.43 3.20
N GLU F 193 -28.00 38.75 3.30
CA GLU F 193 -29.31 39.40 3.32
C GLU F 193 -29.89 39.58 1.91
N ILE F 194 -31.17 39.27 1.75
CA ILE F 194 -31.91 39.48 0.52
C ILE F 194 -33.19 40.24 0.87
N GLU F 195 -33.85 40.77 -0.17
CA GLU F 195 -35.19 41.34 -0.07
C GLU F 195 -36.17 40.20 -0.37
N PHE F 196 -37.10 39.93 0.56
CA PHE F 196 -38.05 38.85 0.36
C PHE F 196 -39.38 39.28 0.95
N ASP F 197 -40.46 39.17 0.16
CA ASP F 197 -41.81 39.48 0.63
C ASP F 197 -42.61 38.18 0.73
N PRO F 198 -42.78 37.64 1.95
CA PRO F 198 -43.50 36.37 2.15
C PRO F 198 -44.89 36.40 1.52
N ASP F 199 -45.55 37.57 1.58
CA ASP F 199 -46.91 37.73 1.07
C ASP F 199 -46.97 37.53 -0.45
N MET F 200 -45.85 37.67 -1.18
CA MET F 200 -45.86 37.55 -2.63
C MET F 200 -45.44 36.13 -3.04
N TYR F 201 -45.07 35.25 -2.10
CA TYR F 201 -44.60 33.91 -2.46
C TYR F 201 -45.79 33.00 -2.75
N GLU F 202 -45.76 32.28 -3.88
CA GLU F 202 -46.79 31.32 -4.24
C GLU F 202 -46.11 30.05 -4.74
N PRO F 203 -46.48 28.87 -4.23
CA PRO F 203 -46.02 27.60 -4.80
C PRO F 203 -46.31 27.54 -6.29
N LEU F 204 -45.42 26.90 -7.06
CA LEU F 204 -45.62 26.68 -8.48
C LEU F 204 -46.72 25.64 -8.70
N PRO F 205 -47.35 25.67 -9.90
CA PRO F 205 -48.27 24.59 -10.31
C PRO F 205 -47.52 23.27 -10.47
N VAL F 206 -48.26 22.18 -10.29
CA VAL F 206 -47.78 20.81 -10.34
C VAL F 206 -48.14 20.25 -11.71
N TYR F 207 -47.16 19.68 -12.42
CA TYR F 207 -47.40 19.03 -13.70
C TYR F 207 -47.78 17.56 -13.46
N LYS F 208 -48.95 17.17 -13.95
CA LYS F 208 -49.41 15.79 -13.94
C LYS F 208 -50.15 15.57 -15.25
N PRO F 209 -49.67 14.69 -16.15
CA PRO F 209 -50.43 14.43 -17.38
C PRO F 209 -51.70 13.65 -17.02
N ALA F 210 -52.76 13.83 -17.82
CA ALA F 210 -54.04 13.16 -17.62
C ALA F 210 -54.40 12.40 -18.90
N ALA F 211 -54.89 11.17 -18.78
CA ALA F 211 -55.35 10.40 -19.93
C ALA F 211 -56.53 11.10 -20.62
N SER F 212 -56.61 10.96 -21.94
CA SER F 212 -57.77 11.41 -22.70
C SER F 212 -58.89 10.37 -22.58
N ARG F 213 -60.14 10.80 -22.78
CA ARG F 213 -61.27 9.89 -22.84
C ARG F 213 -61.01 8.81 -23.89
N MET F 214 -60.43 9.18 -25.05
CA MET F 214 -60.17 8.18 -26.09
C MET F 214 -59.29 7.04 -25.57
N GLN F 215 -58.24 7.36 -24.79
CA GLN F 215 -57.34 6.35 -24.23
C GLN F 215 -58.13 5.40 -23.31
N ILE F 216 -58.91 6.00 -22.41
CA ILE F 216 -59.61 5.26 -21.38
C ILE F 216 -60.70 4.38 -22.00
N GLU F 217 -61.39 4.87 -23.04
CA GLU F 217 -62.42 4.07 -23.69
C GLU F 217 -61.79 2.82 -24.31
N LYS F 218 -60.61 2.96 -24.95
CA LYS F 218 -59.94 1.84 -25.58
C LYS F 218 -59.54 0.80 -24.51
N ALA F 219 -59.00 1.29 -23.39
CA ALA F 219 -58.63 0.45 -22.25
C ALA F 219 -59.81 -0.38 -21.77
N VAL F 220 -60.98 0.27 -21.59
CA VAL F 220 -62.15 -0.40 -21.04
C VAL F 220 -62.73 -1.37 -22.08
N GLU F 221 -62.65 -1.02 -23.38
CA GLU F 221 -63.08 -1.93 -24.44
C GLU F 221 -62.25 -3.21 -24.38
N MET F 222 -60.92 -3.08 -24.14
CA MET F 222 -60.03 -4.24 -24.10
C MET F 222 -60.34 -5.13 -22.89
N LEU F 223 -60.63 -4.46 -21.75
CA LEU F 223 -61.01 -5.10 -20.50
C LEU F 223 -62.30 -5.91 -20.68
N ILE F 224 -63.31 -5.33 -21.33
CA ILE F 224 -64.61 -5.97 -21.60
C ILE F 224 -64.40 -7.26 -22.41
N GLN F 225 -63.46 -7.27 -23.37
CA GLN F 225 -63.11 -8.42 -24.19
C GLN F 225 -62.44 -9.55 -23.39
N ALA F 226 -61.75 -9.26 -22.29
CA ALA F 226 -61.02 -10.28 -21.53
C ALA F 226 -62.01 -11.19 -20.79
N GLU F 227 -61.70 -12.49 -20.72
CA GLU F 227 -62.52 -13.45 -20.00
C GLU F 227 -62.09 -13.64 -18.54
N ARG F 228 -60.80 -13.38 -18.23
CA ARG F 228 -60.25 -13.62 -16.90
C ARG F 228 -59.24 -12.51 -16.58
N PRO F 229 -59.69 -11.24 -16.54
CA PRO F 229 -58.79 -10.11 -16.28
C PRO F 229 -58.46 -9.95 -14.80
N VAL F 230 -57.27 -9.38 -14.51
CA VAL F 230 -56.94 -8.84 -13.19
C VAL F 230 -56.48 -7.39 -13.36
N ILE F 231 -56.74 -6.57 -12.32
CA ILE F 231 -56.11 -5.27 -12.16
C ILE F 231 -54.87 -5.46 -11.29
N VAL F 232 -53.70 -4.99 -11.76
CA VAL F 232 -52.52 -4.92 -10.91
C VAL F 232 -52.39 -3.45 -10.50
N ALA F 233 -52.67 -3.20 -9.21
CA ALA F 233 -52.70 -1.87 -8.63
C ALA F 233 -51.36 -1.59 -7.96
N GLY F 234 -50.61 -0.62 -8.51
CA GLY F 234 -49.25 -0.31 -8.06
C GLY F 234 -49.18 0.90 -7.11
N GLY F 235 -47.92 1.22 -6.71
CA GLY F 235 -47.63 2.35 -5.83
C GLY F 235 -48.08 3.70 -6.39
N GLY F 236 -48.20 3.80 -7.72
CA GLY F 236 -48.72 4.99 -8.38
C GLY F 236 -50.15 5.33 -7.94
N VAL F 237 -50.97 4.30 -7.68
CA VAL F 237 -52.34 4.48 -7.19
C VAL F 237 -52.29 5.22 -5.84
N ILE F 238 -51.37 4.81 -4.95
CA ILE F 238 -51.24 5.37 -3.62
C ILE F 238 -50.60 6.76 -3.72
N ASN F 239 -49.57 6.88 -4.56
CA ASN F 239 -48.89 8.14 -4.84
C ASN F 239 -49.91 9.21 -5.25
N ALA F 240 -50.86 8.83 -6.12
CA ALA F 240 -51.88 9.74 -6.64
C ALA F 240 -53.02 9.97 -5.65
N ASP F 241 -53.02 9.24 -4.53
CA ASP F 241 -54.08 9.28 -3.52
C ASP F 241 -55.41 8.83 -4.15
N ALA F 242 -55.37 7.74 -4.93
CA ALA F 242 -56.50 7.30 -5.73
C ALA F 242 -57.03 5.94 -5.29
N ALA F 243 -56.83 5.55 -4.02
CA ALA F 243 -57.20 4.21 -3.52
C ALA F 243 -58.71 3.96 -3.62
N ALA F 244 -59.54 4.96 -3.21
CA ALA F 244 -61.00 4.81 -3.21
C ALA F 244 -61.50 4.62 -4.65
N LEU F 245 -60.91 5.35 -5.60
CA LEU F 245 -61.27 5.26 -7.02
C LEU F 245 -60.87 3.89 -7.58
N LEU F 246 -59.70 3.36 -7.14
CA LEU F 246 -59.19 2.06 -7.60
C LEU F 246 -60.21 0.98 -7.23
N GLN F 247 -60.62 0.99 -5.96
CA GLN F 247 -61.60 0.06 -5.42
C GLN F 247 -62.95 0.21 -6.14
N GLN F 248 -63.38 1.46 -6.38
CA GLN F 248 -64.64 1.71 -7.06
C GLN F 248 -64.64 1.15 -8.48
N PHE F 249 -63.54 1.36 -9.23
CA PHE F 249 -63.42 0.85 -10.60
C PHE F 249 -63.47 -0.69 -10.62
N ALA F 250 -62.75 -1.33 -9.68
CA ALA F 250 -62.74 -2.78 -9.55
C ALA F 250 -64.17 -3.31 -9.28
N GLU F 251 -64.91 -2.61 -8.40
CA GLU F 251 -66.25 -3.00 -8.00
C GLU F 251 -67.21 -2.84 -9.17
N LEU F 252 -67.13 -1.73 -9.93
CA LEU F 252 -68.00 -1.50 -11.09
C LEU F 252 -67.78 -2.56 -12.17
N THR F 253 -66.54 -3.02 -12.36
CA THR F 253 -66.22 -3.95 -13.43
C THR F 253 -66.22 -5.39 -12.92
N SER F 254 -66.26 -5.56 -11.60
CA SER F 254 -66.24 -6.89 -10.99
C SER F 254 -64.91 -7.60 -11.32
N VAL F 255 -63.79 -6.84 -11.31
CA VAL F 255 -62.48 -7.36 -11.73
C VAL F 255 -61.57 -7.50 -10.51
N PRO F 256 -61.04 -8.72 -10.27
CA PRO F 256 -60.15 -8.96 -9.13
C PRO F 256 -58.90 -8.07 -9.20
N VAL F 257 -58.46 -7.66 -8.00
CA VAL F 257 -57.31 -6.77 -7.83
C VAL F 257 -56.15 -7.52 -7.17
N ILE F 258 -54.99 -7.46 -7.84
CA ILE F 258 -53.69 -7.87 -7.31
C ILE F 258 -52.87 -6.60 -7.05
N PRO F 259 -52.71 -6.16 -5.78
CA PRO F 259 -51.78 -5.08 -5.47
C PRO F 259 -50.33 -5.57 -5.64
N THR F 260 -49.46 -4.72 -6.22
CA THR F 260 -48.03 -4.89 -6.04
C THR F 260 -47.72 -4.67 -4.57
N LEU F 261 -46.48 -4.98 -4.16
CA LEU F 261 -46.09 -4.76 -2.78
C LEU F 261 -46.24 -3.27 -2.45
N MET F 262 -45.97 -2.38 -3.42
CA MET F 262 -46.05 -0.93 -3.21
C MET F 262 -47.52 -0.41 -3.33
N GLY F 263 -48.40 -1.21 -3.94
CA GLY F 263 -49.81 -0.86 -3.99
C GLY F 263 -50.63 -1.48 -2.84
N TRP F 264 -49.98 -2.35 -2.04
CA TRP F 264 -50.62 -3.10 -0.97
C TRP F 264 -51.34 -2.12 -0.05
N GLY F 265 -52.65 -2.35 0.15
CA GLY F 265 -53.46 -1.51 1.00
C GLY F 265 -54.42 -0.62 0.21
N CYS F 266 -54.24 -0.52 -1.12
CA CYS F 266 -55.06 0.43 -1.89
C CYS F 266 -56.50 -0.10 -2.05
N ILE F 267 -56.66 -1.43 -1.82
CA ILE F 267 -57.94 -2.09 -1.62
C ILE F 267 -57.77 -2.97 -0.38
N PRO F 268 -58.74 -3.00 0.57
CA PRO F 268 -58.59 -3.80 1.78
C PRO F 268 -58.39 -5.29 1.49
N ASP F 269 -57.57 -5.95 2.34
CA ASP F 269 -57.27 -7.36 2.19
C ASP F 269 -58.49 -8.28 2.39
N ASP F 270 -59.56 -7.76 3.04
CA ASP F 270 -60.81 -8.51 3.18
C ASP F 270 -61.85 -8.07 2.15
N HIS F 271 -61.46 -7.31 1.13
CA HIS F 271 -62.38 -7.01 0.03
C HIS F 271 -62.57 -8.28 -0.80
N GLU F 272 -63.81 -8.52 -1.26
CA GLU F 272 -64.09 -9.73 -2.01
C GLU F 272 -63.34 -9.76 -3.35
N LEU F 273 -62.90 -8.62 -3.90
CA LEU F 273 -62.10 -8.61 -5.13
C LEU F 273 -60.59 -8.61 -4.89
N MET F 274 -60.11 -8.48 -3.64
CA MET F 274 -58.68 -8.56 -3.40
C MET F 274 -58.21 -10.02 -3.55
N ALA F 275 -57.35 -10.26 -4.57
CA ALA F 275 -57.07 -11.62 -5.04
C ALA F 275 -55.70 -12.11 -4.58
N GLY F 276 -55.01 -11.32 -3.75
CA GLY F 276 -53.70 -11.67 -3.26
C GLY F 276 -52.60 -10.89 -3.98
N MET F 277 -51.34 -11.18 -3.61
CA MET F 277 -50.18 -10.57 -4.22
C MET F 277 -49.40 -11.62 -5.02
N VAL F 278 -48.56 -11.10 -5.94
CA VAL F 278 -47.90 -11.86 -6.98
C VAL F 278 -46.40 -11.59 -6.87
N GLY F 279 -45.62 -12.63 -7.21
CA GLY F 279 -44.17 -12.46 -7.35
C GLY F 279 -43.37 -13.64 -6.84
N LEU F 280 -42.06 -13.37 -6.65
CA LEU F 280 -41.06 -14.40 -6.38
C LEU F 280 -40.87 -14.62 -4.88
N GLN F 281 -41.28 -13.63 -4.05
CA GLN F 281 -41.02 -13.67 -2.62
C GLN F 281 -42.23 -13.16 -1.85
N THR F 282 -42.52 -11.84 -1.93
CA THR F 282 -43.64 -11.22 -1.21
C THR F 282 -44.92 -11.46 -2.00
N ALA F 283 -45.44 -12.70 -1.91
CA ALA F 283 -46.48 -13.16 -2.80
C ALA F 283 -47.19 -14.34 -2.16
N HIS F 284 -48.43 -14.58 -2.64
CA HIS F 284 -49.27 -15.69 -2.19
C HIS F 284 -49.32 -16.76 -3.29
N ARG F 285 -49.42 -18.01 -2.86
CA ARG F 285 -49.64 -19.13 -3.77
C ARG F 285 -50.88 -18.84 -4.63
N TYR F 286 -51.95 -18.30 -3.99
CA TYR F 286 -53.21 -18.04 -4.67
C TYR F 286 -53.09 -16.86 -5.66
N GLY F 287 -52.26 -15.87 -5.28
CA GLY F 287 -51.99 -14.71 -6.13
C GLY F 287 -51.31 -15.12 -7.41
N ASN F 288 -50.21 -15.90 -7.29
CA ASN F 288 -49.49 -16.42 -8.45
C ASN F 288 -50.37 -17.30 -9.34
N ALA F 289 -51.17 -18.20 -8.72
CA ALA F 289 -52.04 -19.08 -9.49
C ALA F 289 -53.08 -18.25 -10.27
N THR F 290 -53.65 -17.21 -9.64
CA THR F 290 -54.63 -16.34 -10.29
C THR F 290 -54.01 -15.61 -11.48
N LEU F 291 -52.81 -15.04 -11.29
CA LEU F 291 -52.13 -14.32 -12.36
C LEU F 291 -51.94 -15.26 -13.56
N LEU F 292 -51.39 -16.46 -13.29
CA LEU F 292 -51.06 -17.42 -14.34
C LEU F 292 -52.32 -17.93 -15.04
N ALA F 293 -53.51 -17.92 -14.37
CA ALA F 293 -54.79 -18.30 -14.96
C ALA F 293 -55.44 -17.14 -15.75
N SER F 294 -55.02 -15.88 -15.51
CA SER F 294 -55.66 -14.71 -16.12
C SER F 294 -55.28 -14.60 -17.61
N ASP F 295 -56.11 -13.86 -18.39
CA ASP F 295 -55.84 -13.60 -19.79
C ASP F 295 -55.63 -12.08 -20.02
N MET F 296 -55.62 -11.27 -18.94
CA MET F 296 -55.26 -9.86 -19.03
C MET F 296 -54.75 -9.34 -17.69
N VAL F 297 -53.67 -8.54 -17.76
CA VAL F 297 -53.20 -7.71 -16.64
C VAL F 297 -53.46 -6.24 -17.01
N PHE F 298 -54.37 -5.63 -16.25
CA PHE F 298 -54.67 -4.22 -16.33
C PHE F 298 -53.86 -3.50 -15.25
N GLY F 299 -52.64 -3.04 -15.62
CA GLY F 299 -51.69 -2.39 -14.72
C GLY F 299 -51.98 -0.89 -14.56
N ILE F 300 -52.27 -0.45 -13.32
CA ILE F 300 -52.51 0.95 -12.97
C ILE F 300 -51.49 1.39 -11.92
N GLY F 301 -50.57 2.27 -12.35
CA GLY F 301 -49.54 2.85 -11.49
C GLY F 301 -48.54 1.82 -10.95
N ASN F 302 -48.35 0.72 -11.68
CA ASN F 302 -47.35 -0.29 -11.40
C ASN F 302 -46.20 -0.12 -12.42
N ARG F 303 -45.13 -0.94 -12.32
CA ARG F 303 -44.02 -0.86 -13.27
C ARG F 303 -43.43 -2.24 -13.60
N PHE F 304 -44.11 -3.34 -13.19
CA PHE F 304 -43.68 -4.69 -13.49
C PHE F 304 -42.25 -4.98 -13.01
N ALA F 305 -42.01 -4.81 -11.70
CA ALA F 305 -40.72 -5.06 -11.07
C ALA F 305 -40.30 -6.53 -11.29
N ASN F 306 -38.99 -6.81 -11.40
CA ASN F 306 -38.50 -8.15 -11.68
C ASN F 306 -38.91 -9.15 -10.58
N ARG F 307 -38.98 -8.71 -9.30
CA ARG F 307 -39.37 -9.63 -8.21
C ARG F 307 -40.90 -9.83 -8.18
N HIS F 308 -41.65 -9.01 -8.94
CA HIS F 308 -43.08 -9.20 -9.17
C HIS F 308 -43.34 -10.16 -10.35
N THR F 309 -42.53 -10.06 -11.44
CA THR F 309 -42.82 -10.73 -12.71
C THR F 309 -42.10 -12.07 -12.89
N GLY F 310 -40.93 -12.25 -12.29
CA GLY F 310 -39.97 -13.22 -12.81
C GLY F 310 -39.63 -12.86 -14.26
N SER F 311 -39.40 -13.85 -15.11
CA SER F 311 -39.24 -13.63 -16.54
C SER F 311 -40.53 -13.05 -17.13
N VAL F 312 -40.39 -11.90 -17.82
CA VAL F 312 -41.54 -11.21 -18.39
C VAL F 312 -42.22 -12.09 -19.46
N GLU F 313 -41.45 -12.95 -20.17
CA GLU F 313 -42.02 -13.88 -21.14
C GLU F 313 -43.09 -14.74 -20.46
N LYS F 314 -42.81 -15.24 -19.24
CA LYS F 314 -43.73 -16.10 -18.51
C LYS F 314 -44.89 -15.25 -17.95
N TYR F 315 -44.57 -14.07 -17.38
CA TYR F 315 -45.58 -13.19 -16.84
C TYR F 315 -46.64 -12.81 -17.89
N THR F 316 -46.24 -12.57 -19.15
CA THR F 316 -47.17 -12.05 -20.16
C THR F 316 -47.75 -13.14 -21.08
N GLU F 317 -47.33 -14.41 -20.88
CA GLU F 317 -47.73 -15.48 -21.77
C GLU F 317 -49.25 -15.59 -21.75
N GLY F 318 -49.89 -15.45 -22.91
CA GLY F 318 -51.34 -15.62 -23.04
C GLY F 318 -52.18 -14.47 -22.46
N ARG F 319 -51.54 -13.31 -22.19
CA ARG F 319 -52.21 -12.22 -21.50
C ARG F 319 -52.04 -10.92 -22.28
N LYS F 320 -53.15 -10.19 -22.43
CA LYS F 320 -53.08 -8.79 -22.84
C LYS F 320 -52.63 -7.95 -21.65
N ILE F 321 -51.82 -6.91 -21.93
CA ILE F 321 -51.24 -6.04 -20.92
C ILE F 321 -51.66 -4.59 -21.20
N VAL F 322 -52.32 -3.98 -20.22
CA VAL F 322 -52.52 -2.54 -20.15
C VAL F 322 -51.58 -2.01 -19.08
N HIS F 323 -50.97 -0.85 -19.37
CA HIS F 323 -50.06 -0.20 -18.43
C HIS F 323 -50.35 1.30 -18.41
N ILE F 324 -50.85 1.79 -17.27
CA ILE F 324 -51.07 3.21 -17.03
C ILE F 324 -50.02 3.68 -16.02
N ASP F 325 -49.22 4.67 -16.44
CA ASP F 325 -48.10 5.19 -15.66
C ASP F 325 -48.01 6.70 -15.93
N ILE F 326 -47.66 7.48 -14.90
CA ILE F 326 -47.49 8.93 -15.09
C ILE F 326 -46.26 9.25 -15.95
N GLU F 327 -45.33 8.28 -16.10
CA GLU F 327 -43.99 8.54 -16.63
C GLU F 327 -43.81 7.80 -17.97
N PRO F 328 -43.70 8.54 -19.09
CA PRO F 328 -43.64 7.92 -20.42
C PRO F 328 -42.61 6.80 -20.56
N THR F 329 -41.41 7.03 -20.01
CA THR F 329 -40.26 6.14 -20.22
C THR F 329 -40.28 4.94 -19.25
N GLN F 330 -41.35 4.81 -18.45
CA GLN F 330 -41.62 3.60 -17.68
C GLN F 330 -42.44 2.61 -18.49
N ILE F 331 -43.05 3.09 -19.60
CA ILE F 331 -43.95 2.26 -20.39
C ILE F 331 -43.18 1.63 -21.55
N GLY F 332 -42.99 0.29 -21.49
CA GLY F 332 -42.16 -0.43 -22.45
C GLY F 332 -40.72 -0.62 -21.96
N ARG F 333 -40.47 -0.27 -20.68
CA ARG F 333 -39.12 -0.35 -20.13
C ARG F 333 -38.69 -1.81 -19.92
N VAL F 334 -39.61 -2.63 -19.36
CA VAL F 334 -39.29 -4.04 -19.06
C VAL F 334 -40.24 -5.00 -19.80
N LEU F 335 -41.45 -4.57 -20.16
CA LEU F 335 -42.24 -5.33 -21.13
C LEU F 335 -43.07 -4.39 -22.00
N CYS F 336 -43.41 -4.85 -23.20
CA CYS F 336 -44.22 -4.13 -24.16
CA CYS F 336 -44.21 -4.09 -24.15
C CYS F 336 -45.70 -4.32 -23.84
N PRO F 337 -46.45 -3.29 -23.37
CA PRO F 337 -47.88 -3.46 -23.14
C PRO F 337 -48.63 -3.52 -24.47
N ASP F 338 -49.82 -4.11 -24.49
CA ASP F 338 -50.70 -4.05 -25.65
C ASP F 338 -51.25 -2.63 -25.77
N LEU F 339 -51.44 -1.94 -24.64
CA LEU F 339 -51.87 -0.55 -24.60
C LEU F 339 -51.22 0.14 -23.40
N GLY F 340 -50.46 1.20 -23.70
CA GLY F 340 -49.79 2.01 -22.71
C GLY F 340 -50.38 3.41 -22.70
N ILE F 341 -50.66 3.93 -21.49
CA ILE F 341 -51.30 5.23 -21.32
C ILE F 341 -50.48 6.04 -20.31
N VAL F 342 -50.07 7.25 -20.72
CA VAL F 342 -49.36 8.18 -19.84
C VAL F 342 -50.40 8.97 -19.07
N SER F 343 -50.48 8.75 -17.75
CA SER F 343 -51.47 9.45 -16.94
C SER F 343 -51.15 9.31 -15.47
N ASP F 344 -51.34 10.41 -14.73
CA ASP F 344 -51.58 10.35 -13.29
C ASP F 344 -52.71 9.33 -13.03
N ALA F 345 -52.55 8.52 -11.98
CA ALA F 345 -53.46 7.41 -11.72
C ALA F 345 -54.81 7.95 -11.24
N LYS F 346 -54.84 9.12 -10.56
CA LYS F 346 -56.12 9.67 -10.12
C LYS F 346 -56.94 10.19 -11.31
N ALA F 347 -56.28 10.92 -12.22
CA ALA F 347 -56.94 11.39 -13.45
C ALA F 347 -57.47 10.19 -14.24
N ALA F 348 -56.63 9.16 -14.41
CA ALA F 348 -57.02 7.95 -15.14
C ALA F 348 -58.24 7.25 -14.50
N LEU F 349 -58.20 7.07 -13.16
CA LEU F 349 -59.23 6.31 -12.45
C LEU F 349 -60.55 7.11 -12.39
N THR F 350 -60.50 8.44 -12.30
CA THR F 350 -61.71 9.28 -12.44
C THR F 350 -62.43 8.98 -13.77
N LEU F 351 -61.68 8.95 -14.87
CA LEU F 351 -62.22 8.68 -16.19
C LEU F 351 -62.60 7.20 -16.36
N LEU F 352 -61.83 6.27 -15.78
CA LEU F 352 -62.14 4.85 -15.87
C LEU F 352 -63.48 4.58 -15.16
N VAL F 353 -63.68 5.22 -14.00
CA VAL F 353 -64.94 5.13 -13.26
C VAL F 353 -66.11 5.67 -14.11
N GLU F 354 -65.95 6.86 -14.69
CA GLU F 354 -66.98 7.46 -15.54
C GLU F 354 -67.36 6.55 -16.70
N VAL F 355 -66.33 6.01 -17.39
CA VAL F 355 -66.53 5.20 -18.58
C VAL F 355 -67.18 3.86 -18.19
N ALA F 356 -66.69 3.22 -17.09
CA ALA F 356 -67.30 2.01 -16.55
C ALA F 356 -68.79 2.21 -16.21
N GLN F 357 -69.16 3.35 -15.61
CA GLN F 357 -70.57 3.66 -15.32
C GLN F 357 -71.39 3.79 -16.60
N GLU F 358 -70.83 4.40 -17.64
CA GLU F 358 -71.52 4.50 -18.92
C GLU F 358 -71.77 3.11 -19.51
N MET F 359 -70.74 2.25 -19.44
CA MET F 359 -70.81 0.89 -19.97
C MET F 359 -71.86 0.08 -19.18
N GLN F 360 -71.92 0.28 -17.86
CA GLN F 360 -72.88 -0.40 -17.01
C GLN F 360 -74.31 0.00 -17.37
N LYS F 361 -74.53 1.30 -17.53
CA LYS F 361 -75.82 1.86 -17.92
C LYS F 361 -76.25 1.37 -19.31
N ALA F 362 -75.29 1.14 -20.21
CA ALA F 362 -75.60 0.59 -21.53
C ALA F 362 -75.65 -0.95 -21.52
N GLY F 363 -75.52 -1.60 -20.36
CA GLY F 363 -75.55 -3.05 -20.26
C GLY F 363 -74.39 -3.75 -20.97
N ARG F 364 -73.20 -3.11 -21.03
CA ARG F 364 -72.09 -3.61 -21.84
C ARG F 364 -70.96 -4.20 -20.98
N LEU F 365 -71.02 -4.07 -19.64
CA LEU F 365 -70.05 -4.68 -18.76
C LEU F 365 -70.41 -6.15 -18.55
N PRO F 366 -69.53 -7.13 -18.88
CA PRO F 366 -69.84 -8.53 -18.66
C PRO F 366 -69.87 -8.87 -17.17
N CSO F 367 -70.64 -9.92 -16.86
CA CSO F 367 -70.76 -10.50 -15.54
CB CSO F 367 -72.08 -11.23 -15.49
SG CSO F 367 -72.30 -12.29 -14.02
C CSO F 367 -69.52 -11.38 -15.31
O CSO F 367 -69.14 -12.16 -16.17
OD CSO F 367 -72.49 -11.18 -12.81
H CSO F 367 -71.12 -10.31 -17.54
HA CSO F 367 -70.77 -9.76 -14.88
HB2 CSO F 367 -72.16 -11.80 -16.29
HB3 CSO F 367 -72.80 -10.58 -15.51
HD CSO F 367 -72.59 -11.48 -12.09
N ARG F 368 -68.88 -11.26 -14.14
CA ARG F 368 -67.64 -11.96 -13.92
C ARG F 368 -67.71 -12.89 -12.69
N LYS F 369 -68.92 -13.35 -12.33
CA LYS F 369 -69.12 -14.15 -11.12
C LYS F 369 -68.25 -15.40 -11.15
N GLU F 370 -68.14 -16.05 -12.31
CA GLU F 370 -67.43 -17.32 -12.40
C GLU F 370 -65.91 -17.14 -12.19
N TRP F 371 -65.32 -16.14 -12.86
CA TRP F 371 -63.90 -15.82 -12.69
C TRP F 371 -63.59 -15.34 -11.25
N VAL F 372 -64.43 -14.46 -10.69
CA VAL F 372 -64.26 -13.98 -9.30
C VAL F 372 -64.31 -15.15 -8.32
N ALA F 373 -65.30 -16.05 -8.47
CA ALA F 373 -65.43 -17.22 -7.63
C ALA F 373 -64.17 -18.09 -7.69
N ASP F 374 -63.63 -18.27 -8.91
CA ASP F 374 -62.43 -19.03 -9.18
C ASP F 374 -61.25 -18.48 -8.36
N CYS F 375 -61.10 -17.13 -8.34
CA CYS F 375 -60.03 -16.47 -7.60
C CYS F 375 -60.21 -16.64 -6.08
N GLN F 376 -61.47 -16.59 -5.60
CA GLN F 376 -61.81 -16.76 -4.19
C GLN F 376 -61.56 -18.20 -3.72
N GLN F 377 -61.80 -19.18 -4.58
CA GLN F 377 -61.50 -20.57 -4.25
C GLN F 377 -60.01 -20.81 -4.06
N ARG F 378 -59.19 -20.25 -4.94
CA ARG F 378 -57.76 -20.34 -4.76
C ARG F 378 -57.38 -19.76 -3.39
N LYS F 379 -58.01 -18.65 -2.98
CA LYS F 379 -57.72 -17.94 -1.73
C LYS F 379 -58.10 -18.76 -0.51
N ARG F 380 -59.03 -19.69 -0.68
CA ARG F 380 -59.30 -20.57 0.42
C ARG F 380 -58.45 -21.82 0.55
N THR F 381 -57.72 -22.17 -0.52
CA THR F 381 -57.12 -23.48 -0.66
C THR F 381 -55.59 -23.38 -0.62
N LEU F 382 -55.01 -22.41 -1.33
CA LEU F 382 -53.59 -22.39 -1.64
C LEU F 382 -52.86 -21.55 -0.58
N LEU F 383 -52.70 -22.13 0.63
CA LEU F 383 -52.24 -21.39 1.80
C LEU F 383 -50.87 -21.90 2.29
N ARG F 384 -50.36 -21.23 3.34
CA ARG F 384 -49.15 -21.62 4.05
C ARG F 384 -49.45 -21.71 5.55
N LYS F 385 -48.96 -22.76 6.20
CA LYS F 385 -49.21 -22.92 7.63
C LYS F 385 -48.53 -21.81 8.44
N THR F 386 -49.27 -21.30 9.45
CA THR F 386 -48.80 -20.33 10.42
C THR F 386 -48.93 -20.88 11.85
N HIS F 387 -49.84 -21.85 12.09
CA HIS F 387 -50.19 -22.21 13.46
C HIS F 387 -49.23 -23.29 14.02
N PHE F 388 -48.00 -22.88 14.38
CA PHE F 388 -46.95 -23.76 14.87
C PHE F 388 -46.72 -23.55 16.37
N ASP F 389 -46.75 -24.66 17.12
CA ASP F 389 -46.53 -24.64 18.56
C ASP F 389 -45.07 -24.88 18.92
N ASN F 390 -44.19 -24.91 17.88
CA ASN F 390 -42.80 -25.27 18.05
C ASN F 390 -42.08 -24.29 18.97
N VAL F 391 -41.14 -24.86 19.74
CA VAL F 391 -40.09 -24.14 20.46
C VAL F 391 -38.74 -24.73 20.02
N PRO F 392 -37.77 -23.94 19.49
CA PRO F 392 -37.93 -22.51 19.29
C PRO F 392 -38.99 -22.14 18.25
N VAL F 393 -39.35 -20.86 18.27
CA VAL F 393 -40.51 -20.35 17.57
C VAL F 393 -40.27 -20.38 16.06
N LYS F 394 -41.33 -20.76 15.33
CA LYS F 394 -41.40 -20.56 13.88
C LYS F 394 -41.88 -19.16 13.52
N PRO F 395 -41.18 -18.44 12.59
CA PRO F 395 -41.56 -17.05 12.29
C PRO F 395 -43.00 -16.90 11.81
N GLN F 396 -43.49 -17.90 11.06
CA GLN F 396 -44.87 -17.91 10.55
C GLN F 396 -45.90 -17.65 11.66
N ARG F 397 -45.68 -18.25 12.83
CA ARG F 397 -46.54 -18.06 14.00
C ARG F 397 -46.58 -16.60 14.49
N VAL F 398 -45.45 -15.89 14.40
CA VAL F 398 -45.41 -14.52 14.87
C VAL F 398 -46.44 -13.68 14.09
N TYR F 399 -46.48 -13.85 12.74
CA TYR F 399 -47.36 -13.05 11.89
C TYR F 399 -48.84 -13.37 12.19
N GLU F 400 -49.15 -14.65 12.47
CA GLU F 400 -50.48 -15.04 12.92
C GLU F 400 -50.87 -14.22 14.15
N GLU F 401 -49.97 -14.18 15.16
CA GLU F 401 -50.25 -13.50 16.42
C GLU F 401 -50.38 -11.98 16.21
N MET F 402 -49.60 -11.41 15.28
CA MET F 402 -49.67 -10.00 14.96
C MET F 402 -51.05 -9.67 14.39
N ASN F 403 -51.53 -10.49 13.43
CA ASN F 403 -52.86 -10.32 12.84
C ASN F 403 -53.95 -10.37 13.90
N LYS F 404 -53.77 -11.23 14.92
CA LYS F 404 -54.77 -11.37 15.97
C LYS F 404 -54.71 -10.20 16.96
N ALA F 405 -53.50 -9.74 17.31
CA ALA F 405 -53.32 -8.74 18.37
C ALA F 405 -53.69 -7.33 17.91
N PHE F 406 -53.44 -6.94 16.64
CA PHE F 406 -53.57 -5.55 16.23
C PHE F 406 -54.87 -5.35 15.45
N GLY F 407 -55.34 -4.11 15.37
CA GLY F 407 -56.61 -3.83 14.70
C GLY F 407 -56.43 -3.74 13.17
N ARG F 408 -57.55 -3.56 12.47
CA ARG F 408 -57.52 -3.41 11.02
C ARG F 408 -56.87 -2.06 10.64
N ASP F 409 -56.71 -1.14 11.61
CA ASP F 409 -56.06 0.15 11.35
C ASP F 409 -54.55 0.10 11.55
N VAL F 410 -54.01 -1.10 11.81
CA VAL F 410 -52.57 -1.27 12.02
C VAL F 410 -51.83 -0.77 10.78
N CYS F 411 -50.66 -0.16 11.03
CA CYS F 411 -49.77 0.34 9.98
C CYS F 411 -48.41 -0.30 10.16
N TYR F 412 -48.02 -1.18 9.21
CA TYR F 412 -46.77 -1.93 9.31
C TYR F 412 -45.64 -1.19 8.57
N VAL F 413 -44.44 -1.27 9.16
CA VAL F 413 -43.26 -0.63 8.61
C VAL F 413 -42.14 -1.69 8.59
N THR F 414 -41.50 -1.91 7.41
CA THR F 414 -40.49 -2.97 7.33
C THR F 414 -39.54 -2.69 6.15
N THR F 415 -38.48 -3.51 6.04
CA THR F 415 -37.42 -3.28 5.05
C THR F 415 -37.26 -4.51 4.13
N ALA F 416 -36.49 -5.49 4.62
CA ALA F 416 -36.02 -6.60 3.79
C ALA F 416 -35.38 -7.67 4.69
N GLY F 417 -35.51 -8.93 4.23
CA GLY F 417 -35.09 -10.11 4.99
C GLY F 417 -36.22 -11.14 5.00
N LEU F 418 -35.94 -12.33 5.54
CA LEU F 418 -36.97 -13.33 5.73
C LEU F 418 -38.08 -12.77 6.61
N SER F 419 -37.68 -11.93 7.58
CA SER F 419 -38.57 -11.16 8.43
C SER F 419 -39.68 -10.48 7.61
N GLN F 420 -39.25 -9.68 6.61
CA GLN F 420 -40.13 -8.85 5.79
C GLN F 420 -40.86 -9.69 4.72
N ILE F 421 -40.18 -10.69 4.13
CA ILE F 421 -40.79 -11.52 3.10
C ILE F 421 -41.97 -12.31 3.68
N ALA F 422 -41.74 -13.01 4.79
CA ALA F 422 -42.78 -13.83 5.42
C ALA F 422 -43.90 -12.93 5.95
N ALA F 423 -43.53 -11.73 6.45
CA ALA F 423 -44.50 -10.73 6.90
C ALA F 423 -45.46 -10.36 5.75
N ALA F 424 -44.90 -10.06 4.56
CA ALA F 424 -45.67 -9.71 3.37
C ALA F 424 -46.54 -10.88 2.91
N GLN F 425 -46.08 -12.13 3.14
CA GLN F 425 -46.85 -13.35 2.80
C GLN F 425 -48.03 -13.61 3.75
N MET F 426 -47.96 -13.12 5.01
CA MET F 426 -48.81 -13.66 6.07
C MET F 426 -49.55 -12.58 6.89
N LEU F 427 -49.05 -11.34 6.91
CA LEU F 427 -49.80 -10.27 7.57
C LEU F 427 -50.89 -9.76 6.62
N HIS F 428 -51.84 -8.98 7.18
CA HIS F 428 -52.93 -8.36 6.40
C HIS F 428 -53.03 -6.87 6.76
N VAL F 429 -53.28 -6.06 5.70
CA VAL F 429 -53.50 -4.62 5.82
C VAL F 429 -54.80 -4.23 5.07
N PHE F 430 -55.38 -3.10 5.48
CA PHE F 430 -56.78 -2.78 5.18
C PHE F 430 -56.97 -1.34 4.68
N LYS F 431 -55.87 -0.55 4.59
CA LYS F 431 -55.94 0.89 4.33
C LYS F 431 -54.68 1.28 3.56
N ASP F 432 -54.79 2.27 2.64
CA ASP F 432 -53.60 2.69 1.90
C ASP F 432 -52.66 3.44 2.87
N ARG F 433 -51.33 3.23 2.67
CA ARG F 433 -50.27 3.79 3.51
C ARG F 433 -50.26 3.11 4.88
N HIS F 434 -50.74 1.85 4.93
CA HIS F 434 -50.64 1.00 6.11
C HIS F 434 -49.67 -0.18 5.88
N TRP F 435 -49.07 -0.24 4.67
CA TRP F 435 -47.83 -0.97 4.43
C TRP F 435 -46.78 0.03 3.96
N ILE F 436 -45.76 0.25 4.82
CA ILE F 436 -44.71 1.23 4.59
C ILE F 436 -43.38 0.49 4.46
N ASN F 437 -42.90 0.38 3.23
CA ASN F 437 -41.82 -0.53 2.90
C ASN F 437 -41.02 0.06 1.75
N CYS F 438 -39.68 0.08 1.88
CA CYS F 438 -38.76 0.53 0.86
C CYS F 438 -38.52 -0.62 -0.15
N GLY F 439 -39.49 -0.82 -1.05
CA GLY F 439 -39.58 -2.05 -1.85
C GLY F 439 -38.47 -2.25 -2.87
N GLN F 440 -37.94 -1.17 -3.46
CA GLN F 440 -36.97 -1.29 -4.55
C GLN F 440 -35.51 -1.35 -4.04
N ALA F 441 -35.19 -0.59 -2.96
CA ALA F 441 -33.82 -0.52 -2.46
C ALA F 441 -33.58 -1.42 -1.23
N GLY F 442 -34.60 -1.63 -0.37
CA GLY F 442 -34.44 -2.40 0.87
C GLY F 442 -33.17 -2.10 1.69
N PRO F 443 -32.77 -0.83 1.97
CA PRO F 443 -31.59 -0.57 2.81
C PRO F 443 -31.77 -1.02 4.28
N LEU F 444 -30.91 -1.96 4.75
CA LEU F 444 -30.95 -2.35 6.16
C LEU F 444 -30.74 -1.11 7.06
N GLY F 445 -31.47 -1.11 8.19
CA GLY F 445 -31.47 0.02 9.12
C GLY F 445 -32.65 0.98 8.88
N TRP F 446 -33.39 0.76 7.77
CA TRP F 446 -34.46 1.69 7.37
C TRP F 446 -35.61 1.66 8.38
N THR F 447 -35.85 0.49 9.01
CA THR F 447 -37.14 0.24 9.66
C THR F 447 -37.37 1.14 10.87
N ILE F 448 -36.39 1.21 11.81
CA ILE F 448 -36.57 2.02 13.02
C ILE F 448 -36.82 3.48 12.64
N PRO F 449 -35.92 4.17 11.90
CA PRO F 449 -36.15 5.59 11.60
C PRO F 449 -37.41 5.82 10.76
N ALA F 450 -37.70 4.93 9.78
CA ALA F 450 -38.92 5.08 8.97
C ALA F 450 -40.17 5.07 9.85
N ALA F 451 -40.19 4.16 10.83
CA ALA F 451 -41.31 4.04 11.76
C ALA F 451 -41.47 5.31 12.57
N LEU F 452 -40.37 5.83 13.12
CA LEU F 452 -40.41 7.08 13.87
C LEU F 452 -40.95 8.23 12.99
N GLY F 453 -40.54 8.26 11.70
CA GLY F 453 -41.03 9.26 10.76
C GLY F 453 -42.54 9.15 10.52
N VAL F 454 -43.05 7.91 10.43
CA VAL F 454 -44.48 7.70 10.26
C VAL F 454 -45.20 8.26 11.50
N CYS F 455 -44.69 7.91 12.70
CA CYS F 455 -45.29 8.34 13.97
C CYS F 455 -45.31 9.87 14.04
N ALA F 456 -44.23 10.52 13.60
CA ALA F 456 -44.15 11.99 13.63
C ALA F 456 -45.16 12.59 12.65
N ALA F 457 -45.36 11.95 11.48
CA ALA F 457 -46.40 12.38 10.55
C ALA F 457 -47.80 12.25 11.14
N ASP F 458 -48.03 11.18 11.91
CA ASP F 458 -49.38 10.87 12.38
C ASP F 458 -49.29 10.22 13.76
N PRO F 459 -49.32 11.04 14.84
CA PRO F 459 -49.27 10.55 16.21
C PRO F 459 -50.44 9.66 16.65
N LYS F 460 -51.56 9.61 15.88
CA LYS F 460 -52.67 8.71 16.14
C LYS F 460 -52.48 7.37 15.41
N ARG F 461 -51.52 7.26 14.49
CA ARG F 461 -51.33 6.04 13.72
C ARG F 461 -50.80 4.94 14.65
N ASN F 462 -51.39 3.76 14.44
CA ASN F 462 -51.08 2.56 15.18
CA ASN F 462 -51.04 2.58 15.24
C ASN F 462 -49.94 1.80 14.50
N VAL F 463 -48.69 2.23 14.76
CA VAL F 463 -47.53 1.76 14.00
C VAL F 463 -46.92 0.52 14.67
N VAL F 464 -46.64 -0.49 13.83
CA VAL F 464 -45.97 -1.72 14.22
C VAL F 464 -44.89 -2.04 13.18
N ALA F 465 -43.61 -2.02 13.62
CA ALA F 465 -42.48 -2.32 12.74
C ALA F 465 -42.19 -3.82 12.79
N ILE F 466 -41.58 -4.34 11.71
CA ILE F 466 -41.02 -5.69 11.69
C ILE F 466 -39.58 -5.64 11.18
N SER F 467 -38.65 -6.16 12.01
CA SER F 467 -37.24 -6.31 11.68
C SER F 467 -36.77 -7.71 12.04
N GLY F 468 -35.85 -8.25 11.22
CA GLY F 468 -34.91 -9.26 11.70
C GLY F 468 -33.84 -8.60 12.57
N ASP F 469 -32.99 -9.44 13.19
CA ASP F 469 -31.93 -8.95 14.07
C ASP F 469 -30.92 -8.03 13.35
N PHE F 470 -30.55 -8.37 12.09
CA PHE F 470 -29.52 -7.60 11.41
C PHE F 470 -29.98 -6.19 11.05
N ASP F 471 -31.19 -6.11 10.42
CA ASP F 471 -31.86 -4.85 10.11
C ASP F 471 -31.88 -3.98 11.38
N PHE F 472 -32.27 -4.64 12.48
CA PHE F 472 -32.53 -3.93 13.72
C PHE F 472 -31.25 -3.30 14.26
N GLN F 473 -30.12 -3.97 14.06
CA GLN F 473 -28.83 -3.52 14.57
C GLN F 473 -28.26 -2.31 13.80
N PHE F 474 -28.48 -2.24 12.46
CA PHE F 474 -27.80 -1.23 11.63
C PHE F 474 -27.94 0.16 12.24
N LEU F 475 -29.19 0.55 12.56
CA LEU F 475 -29.50 1.88 13.09
C LEU F 475 -30.25 1.79 14.41
N ILE F 476 -29.80 0.83 15.25
CA ILE F 476 -30.40 0.51 16.55
C ILE F 476 -30.42 1.76 17.44
N GLU F 477 -29.40 2.64 17.32
CA GLU F 477 -29.30 3.81 18.19
C GLU F 477 -30.51 4.76 18.03
N GLU F 478 -31.22 4.69 16.89
CA GLU F 478 -32.35 5.58 16.65
C GLU F 478 -33.48 5.31 17.65
N LEU F 479 -33.46 4.14 18.32
CA LEU F 479 -34.43 3.88 19.37
C LEU F 479 -34.41 4.99 20.43
N ALA F 480 -33.22 5.57 20.66
CA ALA F 480 -33.04 6.63 21.67
C ALA F 480 -33.69 7.95 21.24
N VAL F 481 -33.89 8.15 19.92
CA VAL F 481 -34.68 9.26 19.39
C VAL F 481 -36.14 9.10 19.82
N GLY F 482 -36.70 7.88 19.70
CA GLY F 482 -38.02 7.61 20.22
C GLY F 482 -38.15 7.83 21.74
N ALA F 483 -37.11 7.47 22.51
CA ALA F 483 -37.10 7.66 23.96
C ALA F 483 -37.05 9.16 24.29
N GLN F 484 -36.14 9.89 23.60
CA GLN F 484 -35.91 11.29 23.90
C GLN F 484 -37.13 12.13 23.57
N PHE F 485 -37.78 11.86 22.43
CA PHE F 485 -38.91 12.64 21.95
C PHE F 485 -40.28 12.02 22.32
N ASN F 486 -40.30 10.88 23.01
CA ASN F 486 -41.53 10.19 23.41
C ASN F 486 -42.39 9.88 22.17
N ILE F 487 -41.81 9.07 21.26
CA ILE F 487 -42.47 8.65 20.02
C ILE F 487 -42.77 7.16 20.13
N PRO F 488 -43.99 6.79 20.56
CA PRO F 488 -44.29 5.38 20.81
C PRO F 488 -44.78 4.62 19.58
N TYR F 489 -44.29 3.38 19.47
CA TYR F 489 -44.76 2.39 18.52
C TYR F 489 -44.28 1.04 19.02
N ILE F 490 -44.77 -0.05 18.41
CA ILE F 490 -44.31 -1.40 18.77
C ILE F 490 -43.37 -1.89 17.67
N HIS F 491 -42.16 -2.35 18.07
CA HIS F 491 -41.21 -2.93 17.15
C HIS F 491 -41.12 -4.44 17.36
N VAL F 492 -41.66 -5.23 16.39
CA VAL F 492 -41.54 -6.68 16.41
C VAL F 492 -40.18 -7.08 15.81
N LEU F 493 -39.39 -7.78 16.65
CA LEU F 493 -38.01 -8.15 16.32
C LEU F 493 -37.94 -9.68 16.30
N VAL F 494 -37.77 -10.26 15.09
CA VAL F 494 -37.72 -11.70 14.96
C VAL F 494 -36.25 -12.12 14.78
N ASN F 495 -35.72 -12.76 15.84
CA ASN F 495 -34.27 -12.96 15.99
C ASN F 495 -33.88 -14.42 15.71
N ASN F 496 -33.12 -14.64 14.62
CA ASN F 496 -32.56 -15.95 14.27
C ASN F 496 -31.04 -15.98 14.40
N ALA F 497 -30.41 -14.90 14.90
CA ALA F 497 -28.94 -14.76 15.00
C ALA F 497 -28.27 -15.06 13.65
N TYR F 498 -28.90 -14.53 12.58
CA TYR F 498 -28.59 -14.85 11.18
C TYR F 498 -28.97 -13.68 10.27
N LEU F 499 -28.18 -13.51 9.20
CA LEU F 499 -28.63 -12.90 7.95
C LEU F 499 -29.42 -13.99 7.21
N GLY F 500 -30.66 -14.21 7.66
CA GLY F 500 -31.44 -15.37 7.25
C GLY F 500 -31.58 -15.47 5.74
N LEU F 501 -31.98 -14.35 5.10
CA LEU F 501 -32.23 -14.34 3.66
C LEU F 501 -30.95 -14.63 2.90
N ILE F 502 -29.80 -14.13 3.38
CA ILE F 502 -28.52 -14.41 2.72
C ILE F 502 -28.13 -15.89 2.89
N ARG F 503 -28.30 -16.48 4.10
CA ARG F 503 -28.09 -17.90 4.30
C ARG F 503 -28.90 -18.68 3.26
N GLN F 504 -30.19 -18.32 3.13
CA GLN F 504 -31.09 -19.00 2.20
C GLN F 504 -30.56 -18.89 0.76
N SER F 505 -30.21 -17.66 0.30
CA SER F 505 -29.67 -17.47 -1.05
C SER F 505 -28.35 -18.22 -1.26
N GLN F 506 -27.58 -18.51 -0.18
CA GLN F 506 -26.30 -19.21 -0.30
C GLN F 506 -26.48 -20.73 -0.49
N ARG F 507 -27.71 -21.25 -0.40
CA ARG F 507 -27.97 -22.67 -0.68
C ARG F 507 -27.54 -22.99 -2.11
N ALA F 508 -27.75 -22.06 -3.06
CA ALA F 508 -27.34 -22.22 -4.44
C ALA F 508 -25.82 -22.43 -4.54
N PHE F 509 -25.04 -21.94 -3.55
CA PHE F 509 -23.59 -22.04 -3.57
C PHE F 509 -23.11 -23.12 -2.61
N ASP F 510 -24.08 -23.83 -2.04
CA ASP F 510 -23.84 -25.00 -1.22
C ASP F 510 -22.94 -24.62 -0.04
N MET F 511 -23.27 -23.50 0.62
CA MET F 511 -22.49 -22.99 1.74
C MET F 511 -23.40 -22.23 2.72
N ASP F 512 -22.82 -22.00 3.91
CA ASP F 512 -23.40 -21.16 4.97
C ASP F 512 -22.21 -20.38 5.56
N TYR F 513 -22.00 -19.14 5.06
CA TYR F 513 -20.68 -18.52 5.11
C TYR F 513 -20.81 -17.00 5.36
N CYS F 514 -20.28 -16.54 6.51
CA CYS F 514 -20.27 -15.13 6.91
C CYS F 514 -21.68 -14.58 7.11
N VAL F 515 -22.64 -15.42 7.58
CA VAL F 515 -24.03 -14.96 7.72
C VAL F 515 -24.57 -15.15 9.14
N GLN F 516 -23.72 -15.68 10.05
CA GLN F 516 -24.10 -15.94 11.42
C GLN F 516 -23.66 -14.79 12.32
N LEU F 517 -24.58 -14.38 13.21
CA LEU F 517 -24.36 -13.28 14.14
C LEU F 517 -24.23 -13.79 15.59
N ALA F 518 -24.30 -15.12 15.77
CA ALA F 518 -24.38 -15.76 17.08
C ALA F 518 -23.00 -15.69 17.74
N PHE F 519 -23.03 -15.54 19.07
CA PHE F 519 -21.87 -15.70 19.95
C PHE F 519 -22.38 -15.85 21.38
N GLU F 520 -21.51 -16.41 22.23
CA GLU F 520 -21.77 -16.50 23.65
C GLU F 520 -21.63 -15.10 24.26
N ASN F 521 -22.74 -14.51 24.67
CA ASN F 521 -22.71 -13.16 25.24
C ASN F 521 -22.24 -13.28 26.70
N ILE F 522 -21.02 -12.76 26.98
CA ILE F 522 -20.42 -12.93 28.30
C ILE F 522 -21.26 -12.25 29.38
N ASN F 523 -22.17 -11.34 28.99
CA ASN F 523 -23.00 -10.63 29.97
C ASN F 523 -24.41 -11.22 30.08
N SER F 524 -24.81 -12.18 29.21
CA SER F 524 -26.19 -12.60 29.08
C SER F 524 -26.27 -14.06 28.66
N SER F 525 -26.16 -14.98 29.63
CA SER F 525 -26.34 -16.40 29.34
C SER F 525 -27.77 -16.69 28.86
N GLU F 526 -28.75 -15.81 29.20
CA GLU F 526 -30.16 -16.07 28.92
C GLU F 526 -30.52 -15.93 27.43
N VAL F 527 -29.60 -15.32 26.61
CA VAL F 527 -29.78 -15.29 25.16
C VAL F 527 -29.22 -16.55 24.48
N ASN F 528 -28.63 -17.49 25.24
CA ASN F 528 -28.38 -18.87 24.79
C ASN F 528 -27.53 -18.90 23.52
N GLY F 529 -26.44 -18.11 23.49
CA GLY F 529 -25.53 -18.08 22.33
C GLY F 529 -26.07 -17.33 21.11
N TYR F 530 -27.16 -16.55 21.25
CA TYR F 530 -27.71 -15.81 20.12
C TYR F 530 -26.98 -14.48 19.89
N GLY F 531 -26.00 -14.15 20.76
CA GLY F 531 -25.18 -12.95 20.54
C GLY F 531 -25.76 -11.72 21.23
N VAL F 532 -26.13 -10.70 20.45
CA VAL F 532 -26.62 -9.45 21.01
C VAL F 532 -27.88 -9.68 21.87
N ASP F 533 -27.86 -9.06 23.06
CA ASP F 533 -29.01 -8.98 23.98
C ASP F 533 -29.80 -7.71 23.65
N HIS F 534 -30.88 -7.88 22.89
CA HIS F 534 -31.66 -6.77 22.34
C HIS F 534 -32.46 -6.06 23.44
N VAL F 535 -32.85 -6.80 24.49
CA VAL F 535 -33.55 -6.24 25.65
C VAL F 535 -32.65 -5.24 26.39
N LYS F 536 -31.41 -5.65 26.74
CA LYS F 536 -30.48 -4.73 27.41
C LYS F 536 -30.15 -3.52 26.54
N VAL F 537 -29.89 -3.71 25.23
CA VAL F 537 -29.60 -2.59 24.34
C VAL F 537 -30.80 -1.63 24.29
N ALA F 538 -32.01 -2.19 24.09
CA ALA F 538 -33.19 -1.35 23.89
C ALA F 538 -33.46 -0.56 25.17
N GLU F 539 -33.29 -1.23 26.32
CA GLU F 539 -33.48 -0.57 27.61
C GLU F 539 -32.40 0.49 27.87
N GLY F 540 -31.14 0.20 27.53
CA GLY F 540 -30.07 1.18 27.66
C GLY F 540 -30.33 2.45 26.80
N LEU F 541 -30.99 2.24 25.65
CA LEU F 541 -31.40 3.36 24.79
C LEU F 541 -32.69 4.05 25.26
N GLY F 542 -33.25 3.64 26.40
CA GLY F 542 -34.36 4.38 27.01
C GLY F 542 -35.76 3.84 26.64
N CYS F 543 -35.80 2.69 25.94
CA CYS F 543 -37.06 2.09 25.51
C CYS F 543 -37.43 0.90 26.40
N LYS F 544 -38.57 0.28 26.12
CA LYS F 544 -39.02 -0.90 26.84
C LYS F 544 -38.84 -2.08 25.89
N ALA F 545 -38.63 -3.29 26.45
CA ALA F 545 -38.42 -4.47 25.63
C ALA F 545 -38.89 -5.70 26.38
N ILE F 546 -39.42 -6.68 25.62
CA ILE F 546 -39.93 -7.95 26.11
C ILE F 546 -39.33 -9.04 25.22
N ARG F 547 -38.78 -10.09 25.84
CA ARG F 547 -38.28 -11.24 25.09
C ARG F 547 -39.25 -12.39 25.20
N VAL F 548 -39.52 -13.08 24.08
CA VAL F 548 -40.47 -14.19 24.01
C VAL F 548 -39.74 -15.43 23.44
N PHE F 549 -39.82 -16.56 24.16
CA PHE F 549 -39.22 -17.83 23.73
C PHE F 549 -40.27 -18.82 23.22
N LYS F 550 -41.51 -18.71 23.73
CA LYS F 550 -42.55 -19.68 23.44
C LYS F 550 -43.69 -19.03 22.67
N PRO F 551 -44.30 -19.75 21.68
CA PRO F 551 -45.33 -19.17 20.81
C PRO F 551 -46.60 -18.68 21.55
N GLU F 552 -46.98 -19.35 22.64
CA GLU F 552 -48.14 -18.97 23.43
C GLU F 552 -47.88 -17.69 24.26
N ASP F 553 -46.61 -17.25 24.36
CA ASP F 553 -46.27 -16.03 25.09
C ASP F 553 -46.30 -14.79 24.18
N ILE F 554 -46.49 -14.96 22.85
CA ILE F 554 -46.46 -13.83 21.94
C ILE F 554 -47.66 -12.90 22.20
N ALA F 555 -48.87 -13.48 22.30
CA ALA F 555 -50.09 -12.71 22.41
C ALA F 555 -50.05 -11.84 23.68
N PRO F 556 -49.74 -12.41 24.87
CA PRO F 556 -49.58 -11.61 26.09
C PRO F 556 -48.48 -10.55 26.02
N ALA F 557 -47.39 -10.85 25.31
CA ALA F 557 -46.32 -9.89 25.05
C ALA F 557 -46.84 -8.67 24.29
N PHE F 558 -47.63 -8.87 23.23
CA PHE F 558 -48.22 -7.74 22.50
C PHE F 558 -49.18 -6.93 23.38
N GLU F 559 -50.00 -7.57 24.23
CA GLU F 559 -50.88 -6.85 25.15
C GLU F 559 -50.06 -6.00 26.14
N GLN F 560 -49.02 -6.59 26.72
CA GLN F 560 -48.12 -5.88 27.63
C GLN F 560 -47.42 -4.72 26.92
N ALA F 561 -47.01 -4.90 25.65
CA ALA F 561 -46.37 -3.84 24.88
C ALA F 561 -47.30 -2.62 24.75
N LYS F 562 -48.58 -2.87 24.46
CA LYS F 562 -49.55 -1.79 24.32
C LYS F 562 -49.66 -1.03 25.63
N ALA F 563 -49.64 -1.74 26.77
CA ALA F 563 -49.80 -1.09 28.08
C ALA F 563 -48.57 -0.23 28.36
N LEU F 564 -47.37 -0.77 28.09
CA LEU F 564 -46.11 -0.05 28.30
C LEU F 564 -46.04 1.19 27.41
N MET F 565 -46.44 1.07 26.13
CA MET F 565 -46.53 2.24 25.26
C MET F 565 -47.41 3.32 25.86
N ALA F 566 -48.63 2.96 26.29
CA ALA F 566 -49.58 3.92 26.83
C ALA F 566 -49.00 4.62 28.07
N GLN F 567 -48.29 3.84 28.90
CA GLN F 567 -47.72 4.36 30.14
C GLN F 567 -46.47 5.22 29.92
N TYR F 568 -45.51 4.76 29.12
CA TYR F 568 -44.20 5.41 29.04
C TYR F 568 -44.07 6.29 27.79
N ARG F 569 -44.91 6.04 26.77
CA ARG F 569 -44.87 6.76 25.48
C ARG F 569 -43.45 6.74 24.90
N VAL F 570 -42.84 5.54 24.86
CA VAL F 570 -41.58 5.29 24.16
C VAL F 570 -41.79 4.07 23.26
N PRO F 571 -40.87 3.79 22.31
CA PRO F 571 -40.91 2.52 21.59
C PRO F 571 -40.83 1.33 22.55
N VAL F 572 -41.54 0.26 22.17
CA VAL F 572 -41.52 -0.99 22.91
C VAL F 572 -41.13 -2.10 21.91
N VAL F 573 -40.01 -2.77 22.18
CA VAL F 573 -39.50 -3.84 21.34
C VAL F 573 -40.03 -5.18 21.87
N VAL F 574 -40.59 -5.99 20.96
CA VAL F 574 -41.01 -7.36 21.30
C VAL F 574 -40.10 -8.28 20.49
N GLU F 575 -39.13 -8.88 21.17
CA GLU F 575 -38.17 -9.77 20.55
C GLU F 575 -38.68 -11.21 20.68
N VAL F 576 -38.82 -11.88 19.51
CA VAL F 576 -39.14 -13.29 19.47
C VAL F 576 -37.90 -14.07 19.06
N ILE F 577 -37.52 -15.02 19.91
CA ILE F 577 -36.39 -15.90 19.63
C ILE F 577 -36.89 -16.99 18.68
N LEU F 578 -36.41 -16.93 17.42
CA LEU F 578 -36.81 -17.90 16.40
C LEU F 578 -35.85 -19.10 16.42
N GLU F 579 -36.29 -20.20 15.79
CA GLU F 579 -35.36 -21.22 15.37
C GLU F 579 -34.34 -20.56 14.44
N ARG F 580 -33.12 -21.11 14.44
CA ARG F 580 -32.00 -20.52 13.71
C ARG F 580 -32.27 -20.50 12.20
N VAL F 581 -32.89 -21.56 11.67
CA VAL F 581 -32.97 -21.79 10.24
C VAL F 581 -34.42 -22.14 9.85
N THR F 582 -35.04 -21.27 9.03
CA THR F 582 -36.33 -21.46 8.40
C THR F 582 -36.23 -20.96 6.95
N ASN F 583 -36.47 -21.88 5.98
CA ASN F 583 -36.48 -21.51 4.57
C ASN F 583 -37.89 -21.06 4.17
N ILE F 584 -38.00 -19.76 3.87
CA ILE F 584 -39.26 -19.11 3.51
C ILE F 584 -39.54 -19.38 2.02
N SER F 585 -40.81 -19.50 1.66
CA SER F 585 -41.18 -19.84 0.29
C SER F 585 -40.77 -18.73 -0.68
N MET F 586 -40.14 -19.14 -1.79
CA MET F 586 -39.70 -18.20 -2.82
C MET F 586 -39.19 -18.99 -4.02
N GLY F 587 -39.03 -18.33 -5.17
CA GLY F 587 -38.50 -18.98 -6.36
C GLY F 587 -38.08 -17.95 -7.39
N SER F 588 -37.70 -18.40 -8.59
CA SER F 588 -37.17 -17.55 -9.63
C SER F 588 -38.23 -17.19 -10.69
N GLU F 589 -39.40 -17.87 -10.62
CA GLU F 589 -40.54 -17.65 -11.51
C GLU F 589 -41.85 -17.82 -10.73
N LEU F 590 -42.94 -17.24 -11.25
CA LEU F 590 -44.25 -17.34 -10.61
C LEU F 590 -44.65 -18.81 -10.44
N ASP F 591 -44.27 -19.65 -11.42
CA ASP F 591 -44.71 -21.04 -11.44
C ASP F 591 -43.68 -21.99 -10.80
N ASN F 592 -42.72 -21.46 -10.03
CA ASN F 592 -41.55 -22.18 -9.58
CA ASN F 592 -41.65 -22.32 -9.52
C ASN F 592 -41.28 -21.93 -8.09
N VAL F 593 -42.18 -21.20 -7.40
CA VAL F 593 -41.97 -20.81 -6.00
C VAL F 593 -41.95 -22.08 -5.15
N MET F 594 -40.84 -22.32 -4.43
CA MET F 594 -40.63 -23.54 -3.68
C MET F 594 -41.20 -23.36 -2.27
N GLU F 595 -42.00 -24.34 -1.83
CA GLU F 595 -42.60 -24.37 -0.49
C GLU F 595 -41.73 -25.30 0.39
N PHE F 596 -40.83 -24.72 1.20
CA PHE F 596 -39.97 -25.55 2.05
C PHE F 596 -40.76 -25.94 3.30
N GLU F 597 -41.44 -24.95 3.90
CA GLU F 597 -42.23 -25.12 5.10
C GLU F 597 -43.60 -25.66 4.72
N ASP F 598 -44.31 -26.17 5.74
CA ASP F 598 -45.63 -26.78 5.55
C ASP F 598 -46.58 -25.80 4.86
N ILE F 599 -47.19 -26.25 3.75
CA ILE F 599 -48.33 -25.56 3.16
C ILE F 599 -49.55 -25.83 4.05
N ALA F 600 -50.68 -25.19 3.74
CA ALA F 600 -51.94 -25.42 4.43
C ALA F 600 -53.06 -25.30 3.39
N ASP F 601 -54.19 -25.98 3.65
CA ASP F 601 -55.34 -25.88 2.77
C ASP F 601 -56.61 -25.56 3.56
N ASN F 602 -56.47 -25.16 4.83
CA ASN F 602 -57.64 -24.89 5.67
C ASN F 602 -57.23 -23.96 6.81
N ALA F 603 -58.25 -23.40 7.46
CA ALA F 603 -58.13 -22.33 8.45
C ALA F 603 -57.45 -22.79 9.76
N ALA F 604 -57.54 -24.07 10.15
CA ALA F 604 -56.92 -24.49 11.40
C ALA F 604 -55.40 -24.28 11.34
N ASP F 605 -54.82 -24.42 10.13
CA ASP F 605 -53.37 -24.28 9.96
C ASP F 605 -52.97 -22.85 9.61
N ALA F 606 -53.88 -22.10 8.98
CA ALA F 606 -53.66 -20.71 8.58
C ALA F 606 -54.87 -19.87 9.01
N PRO F 607 -55.08 -19.69 10.34
CA PRO F 607 -56.31 -19.10 10.87
C PRO F 607 -56.59 -17.63 10.60
N THR F 608 -55.59 -16.88 10.11
CA THR F 608 -55.71 -15.42 10.05
C THR F 608 -55.87 -14.91 8.61
N GLU F 609 -56.05 -15.79 7.61
CA GLU F 609 -56.52 -15.34 6.31
C GLU F 609 -57.84 -14.58 6.51
N THR F 610 -58.08 -13.55 5.66
CA THR F 610 -59.23 -12.65 5.86
C THR F 610 -60.56 -13.38 5.65
N CYS F 611 -60.57 -14.45 4.84
CA CYS F 611 -61.76 -15.27 4.63
C CYS F 611 -62.21 -15.91 5.95
N PHE F 612 -61.25 -16.15 6.88
CA PHE F 612 -61.42 -17.06 8.02
C PHE F 612 -61.65 -16.32 9.35
N MET F 613 -61.45 -14.99 9.28
CA MET F 613 -61.35 -14.16 10.47
C MET F 613 -61.81 -12.76 10.10
N HIS F 614 -62.69 -12.23 10.98
CA HIS F 614 -63.15 -10.85 10.90
C HIS F 614 -62.07 -9.93 11.47
N TYR F 615 -61.64 -8.95 10.70
CA TYR F 615 -60.67 -7.97 11.20
C TYR F 615 -61.41 -6.71 11.64
N GLU F 616 -61.41 -6.55 12.98
CA GLU F 616 -61.79 -5.41 13.79
C GLU F 616 -63.30 -5.34 13.96
MG MG G . 4.03 -39.85 36.03
MG MG H . 9.49 -25.35 41.57
PA FAD I . 26.91 -37.07 23.22
O1A FAD I . 26.05 -36.36 22.20
O2A FAD I . 26.68 -36.80 24.69
O5B FAD I . 28.47 -36.80 22.93
C5B FAD I . 29.17 -37.67 21.99
C4B FAD I . 30.53 -37.11 21.70
O4B FAD I . 30.44 -35.88 20.95
C3B FAD I . 31.37 -36.73 22.94
O3B FAD I . 32.31 -37.76 23.21
C2B FAD I . 32.08 -35.41 22.55
O2B FAD I . 33.49 -35.33 22.81
C1B FAD I . 31.76 -35.34 21.05
N9A FAD I . 31.80 -34.04 20.43
C8A FAD I . 31.31 -32.83 20.90
N7A FAD I . 31.43 -31.87 20.00
C5A FAD I . 31.95 -32.50 18.86
C6A FAD I . 32.29 -32.05 17.57
N6A FAD I . 32.19 -30.77 17.19
N1A FAD I . 32.82 -32.95 16.69
C2A FAD I . 32.94 -34.23 17.09
N3A FAD I . 32.65 -34.78 18.27
C4A FAD I . 32.16 -33.84 19.13
N1 FAD I . 20.58 -43.20 24.38
C2 FAD I . 20.63 -44.21 23.49
O2 FAD I . 21.39 -44.16 22.49
N3 FAD I . 19.82 -45.31 23.64
C4 FAD I . 18.95 -45.45 24.69
O4 FAD I . 18.24 -46.46 24.79
C4X FAD I . 18.86 -44.39 25.63
N5 FAD I . 18.01 -44.48 26.63
C5X FAD I . 17.85 -43.40 27.44
C6 FAD I . 16.90 -43.45 28.50
C7 FAD I . 16.71 -42.39 29.34
C7M FAD I . 15.70 -42.48 30.48
C8 FAD I . 17.48 -41.21 29.14
C8M FAD I . 17.30 -39.99 30.01
C9 FAD I . 18.43 -41.15 28.15
C9A FAD I . 18.65 -42.24 27.28
N10 FAD I . 19.63 -42.24 26.26
C10 FAD I . 19.72 -43.27 25.38
C1' FAD I . 20.52 -41.09 26.06
C2' FAD I . 21.94 -41.48 26.62
O2' FAD I . 22.04 -41.42 28.07
C3' FAD I . 23.03 -40.57 26.06
O3' FAD I . 22.68 -39.17 26.36
C4' FAD I . 23.26 -40.73 24.56
O4' FAD I . 23.19 -42.11 24.09
C5' FAD I . 24.62 -40.19 24.19
O5' FAD I . 24.59 -39.82 22.78
P FAD I . 26.01 -39.72 22.01
O1P FAD I . 26.82 -41.02 22.12
O2P FAD I . 25.67 -39.15 20.66
O3P FAD I . 26.80 -38.66 22.97
H51A FAD I . 28.65 -37.72 21.14
H52A FAD I . 29.25 -38.57 22.37
H4B FAD I . 31.03 -37.78 21.18
H3B FAD I . 30.78 -36.58 23.73
HO3A FAD I . 32.76 -37.53 23.89
H2B FAD I . 31.64 -34.65 23.02
HO2A FAD I . 33.78 -34.59 22.56
H1B FAD I . 32.39 -35.93 20.57
H8A FAD I . 30.99 -32.68 21.78
H61A FAD I . 32.87 -30.39 16.77
H62A FAD I . 31.47 -30.32 17.37
H2A FAD I . 33.29 -34.82 16.44
HN3 FAD I . 20.00 -45.99 23.13
H6 FAD I . 16.34 -44.22 28.56
HM71 FAD I . 15.05 -41.75 30.40
HM72 FAD I . 16.15 -42.41 31.33
HM73 FAD I . 15.22 -43.33 30.43
HM81 FAD I . 18.06 -39.39 29.91
HM82 FAD I . 17.22 -40.27 30.94
HM83 FAD I . 16.48 -39.53 29.75
H9 FAD I . 18.99 -40.38 28.08
H1'1 FAD I . 20.18 -40.30 26.53
H1'2 FAD I . 20.58 -40.87 25.11
H2' FAD I . 22.14 -42.40 26.34
HO2' FAD I . 22.69 -40.85 28.27
H3' FAD I . 23.87 -40.79 26.53
HO3' FAD I . 22.67 -38.74 25.62
H4' FAD I . 22.57 -40.20 24.07
HO4' FAD I . 23.91 -42.30 23.71
H5'1 FAD I . 25.31 -40.87 24.35
H5'2 FAD I . 24.82 -39.40 24.74
O2B TDK J . 5.85 -41.00 32.74
PB TDK J . 6.48 -41.06 34.15
O3B TDK J . 7.67 -42.06 34.27
O1B TDK J . 5.45 -41.20 35.31
O3A TDK J . 7.15 -39.58 34.38
PA TDK J . 7.00 -38.52 35.61
O1A TDK J . 5.58 -38.52 36.13
O2A TDK J . 7.73 -37.27 35.22
O7 TDK J . 7.95 -39.28 36.69
C7 TDK J . 9.36 -39.39 36.31
C6 TDK J . 10.02 -40.12 37.39
C5 TDK J . 11.49 -40.21 37.28
S1 TDK J . 12.34 -40.48 35.81
C4 TDK J . 12.37 -40.03 38.33
CM4 TDK J . 11.98 -39.68 39.74
N3 TDK J . 13.74 -40.17 37.95
C2 TDK J . 13.94 -40.55 36.62
CMA TDK J . 15.28 -40.98 36.07
OM1 TDK J . 16.19 -39.91 36.23
CMB TDK J . 15.23 -41.28 34.58
PC TDK J . 16.19 -42.58 37.00
OM3 TDK J . 17.60 -42.33 36.60
OM2 TDK J . 15.75 -44.07 36.56
CMC TDK J . 16.14 -44.74 35.32
OM4 TDK J . 16.12 -42.96 38.44
C7' TDK J . 14.82 -39.97 38.91
C5' TDK J . 15.18 -38.50 39.15
C6' TDK J . 15.16 -38.02 40.45
N1' TDK J . 15.49 -36.76 40.77
C2' TDK J . 15.89 -35.95 39.79
CM2 TDK J . 16.28 -34.54 40.10
N3' TDK J . 15.93 -36.27 38.50
C4' TDK J . 15.60 -37.54 38.15
N4' TDK J . 15.70 -37.78 36.79
H71 TDK J . 9.75 -38.50 36.20
H72 TDK J . 9.44 -39.89 35.47
H61 TDK J . 9.66 -41.02 37.42
H62 TDK J . 9.80 -39.69 38.23
HM41 TDK J . 12.75 -39.42 40.25
HM42 TDK J . 11.56 -40.45 40.16
HM43 TDK J . 11.34 -38.95 39.73
HM1 TDK J . 16.80 -40.39 36.83
HMB1 TDK J . 15.35 -42.24 34.43
HMB2 TDK J . 15.96 -40.80 34.12
HMB3 TDK J . 14.38 -41.00 34.20
HMC1 TDK J . 16.62 -45.55 35.53
HMC2 TDK J . 16.72 -44.14 34.81
HMC3 TDK J . 15.35 -44.94 34.79
H7'1 TDK J . 15.62 -40.43 38.59
H7'2 TDK J . 14.57 -40.38 39.76
H6' TDK J . 14.91 -38.61 41.14
HM21 TDK J . 15.86 -33.94 39.47
HM22 TDK J . 17.25 -34.46 40.04
HM23 TDK J . 16.00 -34.32 41.01
H4'1 TDK J . 15.96 -37.19 36.28
H4'2 TDK J . 15.46 -38.60 36.54
O3 ALU K . 6.06 -43.08 50.52
C5 ALU K . 6.28 -41.64 50.28
C3 ALU K . 4.25 -46.40 51.61
C2 ALU K . 4.35 -45.54 50.37
O5 ALU K . 4.19 -46.08 49.24
O2 ALU K . 4.19 -43.68 52.18
O1 ALU K . 3.98 -42.75 49.83
P1 ALU K . 4.59 -43.78 50.74
H5C1 ALU K . 6.96 -41.54 49.59
H5C2 ALU K . 6.58 -41.21 51.09
H5C3 ALU K . 5.46 -41.23 49.98
H3C1 ALU K . 5.00 -46.19 52.19
H3C2 ALU K . 4.28 -47.34 51.36
H3C3 ALU K . 3.42 -46.21 52.08
O1 UQ0 L . 7.14 -47.15 2.68
C1 UQ0 L . 8.28 -47.63 2.97
C6 UQ0 L . 8.54 -48.40 4.15
C5 UQ0 L . 9.79 -48.66 4.54
CM5 UQ0 L . 10.12 -49.20 5.91
C4 UQ0 L . 10.90 -48.36 3.65
O4 UQ0 L . 12.06 -48.57 4.01
C2 UQ0 L . 9.33 -47.38 2.03
O2 UQ0 L . 9.02 -46.81 0.83
CM2 UQ0 L . 9.58 -45.51 0.63
C3 UQ0 L . 10.66 -47.72 2.39
O3 UQ0 L . 11.71 -47.43 1.58
CM3 UQ0 L . 12.49 -46.32 2.02
HM51 UQ0 L . 10.97 -49.66 5.89
HM52 UQ0 L . 9.43 -49.82 6.19
HM53 UQ0 L . 10.16 -48.48 6.55
HM21 UQ0 L . 10.30 -45.56 -0.02
HM22 UQ0 L . 9.92 -45.17 1.47
HM23 UQ0 L . 8.89 -44.91 0.31
HM31 UQ0 L . 13.18 -46.62 2.63
HM32 UQ0 L . 11.92 -45.67 2.47
HM33 UQ0 L . 12.91 -45.90 1.25
C1 PEG M . 39.99 -3.55 24.71
O1 PEG M . 40.53 -2.47 25.49
C2 PEG M . 40.35 -4.91 25.27
O2 PEG M . 40.08 -5.95 24.34
C3 PEG M . 41.18 -6.38 23.52
C4 PEG M . 42.16 -5.23 23.13
O4 PEG M . 43.20 -5.63 22.21
H11 PEG M . 40.33 -3.47 23.79
H12 PEG M . 39.02 -3.46 24.68
HO1 PEG M . 40.31 -1.66 25.20
H21 PEG M . 39.81 -5.07 26.09
H22 PEG M . 41.29 -4.92 25.53
H31 PEG M . 40.82 -6.77 22.70
H32 PEG M . 41.68 -7.07 23.99
H41 PEG M . 42.57 -4.88 23.94
H42 PEG M . 41.64 -4.51 22.72
HO4 PEG M . 42.85 -5.89 21.49
C1 PEG N . 3.64 -42.79 31.91
O1 PEG N . 4.00 -42.10 30.76
C2 PEG N . 2.90 -44.10 31.70
O2 PEG N . 2.52 -44.72 32.90
C3 PEG N . 3.44 -45.70 33.48
C4 PEG N . 2.87 -46.39 34.76
O4 PEG N . 3.09 -45.79 36.16
H11 PEG N . 3.07 -42.19 32.44
H12 PEG N . 4.44 -42.97 32.44
HO1 PEG N . 4.38 -41.38 30.97
H21 PEG N . 3.48 -44.72 31.18
H22 PEG N . 2.10 -43.93 31.14
H31 PEG N . 4.27 -45.23 33.71
H32 PEG N . 3.65 -46.37 32.81
H41 PEG N . 3.23 -47.31 34.77
H42 PEG N . 1.90 -46.47 34.63
HO4 PEG N . 3.23 -44.95 36.09
S1 DTT O . 28.91 -22.74 20.12
C1 DTT O . 27.26 -23.17 20.76
C2 DTT O . 26.41 -24.13 19.94
O2 DTT O . 25.06 -24.20 20.42
C3 DTT O . 26.90 -25.55 19.91
O3 DTT O . 27.38 -25.99 21.19
C4 DTT O . 25.78 -26.46 19.47
S4 DTT O . 24.65 -26.95 20.81
HS1 DTT O . 29.30 -21.97 20.89
H11 DTT O . 26.78 -22.32 20.86
H12 DTT O . 27.40 -23.54 21.66
H2 DTT O . 26.39 -23.80 19.02
HO2 DTT O . 24.92 -24.93 20.56
H3 DTT O . 27.63 -25.61 19.26
HO3 DTT O . 26.91 -26.61 21.54
H41 DTT O . 26.15 -27.28 19.08
H42 DTT O . 25.25 -26.01 18.78
HS2 DTT O . 25.24 -26.44 21.72
S1 DTT P . 21.16 -26.21 11.13
C1 DTT P . 19.68 -26.77 12.02
C2 DTT P . 18.69 -25.69 12.42
O2 DTT P . 18.87 -25.28 13.78
C3 DTT P . 17.22 -26.12 12.26
O3 DTT P . 17.12 -27.53 12.23
C4 DTT P . 16.35 -25.59 13.37
S4 DTT P . 14.64 -25.28 12.83
HS1 DTT P . 21.38 -27.70 11.36
H11 DTT P . 19.98 -27.24 12.84
H12 DTT P . 19.24 -27.43 11.44
H2 DTT P . 18.84 -24.91 11.83
HO2 DTT P . 17.89 -25.03 14.15
H3 DTT P . 16.89 -25.77 11.40
HO3 DTT P . 16.41 -27.75 12.72
H41 DTT P . 16.70 -24.74 13.72
H42 DTT P . 16.32 -26.23 14.12
HS2 DTT P . 14.67 -25.95 11.82
C FMT Q . 5.01 -55.14 41.71
O1 FMT Q . 5.99 -55.78 41.42
O2 FMT Q . 4.53 -55.00 42.97
H FMT Q . 4.53 -54.69 41.00
HO2 FMT Q . 5.28 -55.53 43.60
C FMT R . 4.89 -19.61 17.19
O1 FMT R . 5.67 -20.39 16.67
O2 FMT R . 3.81 -19.95 17.98
H FMT R . 5.03 -18.67 17.04
HO2 FMT R . 3.93 -20.87 18.24
C1 PGE S . 1.77 -41.30 55.59
O1 PGE S . 1.24 -40.02 55.91
C2 PGE S . 3.29 -41.30 55.53
O2 PGE S . 3.72 -42.34 54.65
C3 PGE S . 5.13 -42.58 54.60
C4 PGE S . 5.46 -44.07 54.85
O4 PGE S . 7.79 -47.78 55.26
C6 PGE S . 6.85 -46.68 55.11
C5 PGE S . 7.47 -45.39 54.57
O3 PGE S . 6.85 -44.22 55.10
H1 PGE S . 1.41 -41.59 54.73
H12 PGE S . 1.48 -41.95 56.28
HO1 PGE S . 0.32 -40.19 55.95
H2 PGE S . 3.65 -41.46 56.42
H22 PGE S . 3.60 -40.44 55.20
H3 PGE S . 5.57 -42.03 55.29
H32 PGE S . 5.48 -42.31 53.74
H4 PGE S . 5.20 -44.60 54.06
H42 PGE S . 4.95 -44.39 55.62
HO4 PGE S . 8.36 -47.75 54.63
H6 PGE S . 6.44 -46.49 55.98
H62 PGE S . 6.14 -46.97 54.51
H5 PGE S . 7.38 -45.38 53.58
H52 PGE S . 8.43 -45.38 54.78
C1 PEG T . 32.03 -14.33 17.32
O1 PEG T . 30.76 -13.69 17.37
C2 PEG T . 31.96 -15.67 16.63
O2 PEG T . 33.02 -16.52 17.07
C3 PEG T . 34.27 -16.18 16.50
C4 PEG T . 35.35 -17.02 17.09
O4 PEG T . 36.66 -16.66 16.65
H11 PEG T . 32.36 -14.45 18.23
H12 PEG T . 32.65 -13.75 16.84
HO1 PEG T . 30.64 -12.91 17.88
H21 PEG T . 32.02 -15.55 15.66
H22 PEG T . 31.09 -16.10 16.82
H31 PEG T . 34.47 -15.24 16.64
H32 PEG T . 34.24 -16.34 15.52
H41 PEG T . 35.19 -17.96 16.87
H42 PEG T . 35.31 -16.93 18.07
HO4 PEG T . 36.73 -16.83 15.84
C FMT U . 10.49 -52.37 3.16
O1 FMT U . 9.83 -51.41 2.81
O2 FMT U . 9.97 -53.60 3.41
H FMT U . 11.43 -52.26 3.26
HO2 FMT U . 9.06 -53.81 3.19
C1 PEG V . 9.56 -43.09 4.21
O1 PEG V . 9.75 -42.42 2.98
C2 PEG V . 10.57 -44.16 4.44
O2 PEG V . 10.49 -44.59 5.79
C3 PEG V . 11.05 -45.89 5.99
C4 PEG V . 12.55 -45.84 5.88
O4 PEG V . 13.09 -44.74 6.65
H11 PEG V . 8.67 -43.48 4.21
H12 PEG V . 9.61 -42.43 4.93
HO1 PEG V . 9.16 -41.65 2.72
H21 PEG V . 11.47 -43.81 4.24
H22 PEG V . 10.40 -44.91 3.84
H31 PEG V . 10.70 -46.50 5.31
H32 PEG V . 10.79 -46.23 6.86
H41 PEG V . 12.81 -45.73 4.95
H42 PEG V . 12.92 -46.68 6.22
HO4 PEG V . 12.96 -44.02 6.23
C FMT W . 27.56 -6.48 48.37
O1 FMT W . 27.13 -7.59 48.14
O2 FMT W . 26.77 -5.39 48.57
H FMT W . 28.51 -6.36 48.43
HO2 FMT W . 25.91 -5.59 48.46
C FMT X . 35.37 -17.93 45.76
O1 FMT X . 35.13 -17.50 46.90
O2 FMT X . 34.45 -18.58 44.86
H FMT X . 36.26 -17.84 45.44
HO2 FMT X . 33.62 -18.64 45.30
C FMT Y . 42.73 -24.71 23.80
O1 FMT Y . 41.59 -25.17 23.80
O2 FMT Y . 43.90 -25.46 23.89
H FMT Y . 42.84 -23.77 23.73
HO2 FMT Y . 43.68 -26.48 23.83
C FMT Z . 17.23 -50.48 31.32
O1 FMT Z . 16.38 -51.14 31.89
O2 FMT Z . 18.26 -49.79 31.94
H FMT Z . 17.19 -50.42 30.36
HO2 FMT Z . 18.21 -50.22 33.08
C1 PEG AA . 42.28 -9.00 22.09
O1 PEG AA . 43.68 -9.02 22.32
O1 PEG AA . 40.85 -8.88 21.97
C2 PEG AA . 42.44 -9.43 20.65
O2 PEG AA . 41.91 -10.74 20.40
C3 PEG AA . 42.93 -11.66 20.00
C4 PEG AA . 42.49 -12.57 18.90
O4 PEG AA . 43.54 -13.47 18.56
H11 PEG AA . 42.30 -8.05 22.32
H12 PEG AA . 42.16 -9.67 22.80
HO1 PEG AA . 43.85 -8.74 23.04
HO1 PEG AA . 40.55 -8.46 22.50
H21 PEG AA . 43.39 -9.41 20.42
H22 PEG AA . 41.98 -8.78 20.07
H31 PEG AA . 43.19 -12.20 20.77
H32 PEG AA . 43.73 -11.16 19.70
H41 PEG AA . 42.24 -12.04 18.12
H42 PEG AA . 41.71 -13.08 19.20
HO4 PEG AA . 43.53 -14.14 19.08
NA NA BA . 3.23 -34.91 11.70
C FMT CA . 23.21 -15.56 21.84
O1 FMT CA . 22.48 -15.14 22.76
O2 FMT CA . 24.19 -16.68 21.75
H FMT CA . 23.15 -15.07 21.01
HO2 FMT CA . 24.08 -17.16 22.55
MG MG DA . 11.09 -32.46 13.09
MG MG EA . 75.77 -19.29 50.92
MG MG FA . 69.98 -34.38 48.59
PA FAD GA . 57.52 -15.27 32.41
O1A FAD GA . 58.62 -15.60 31.45
O2A FAD GA . 57.42 -16.10 33.69
O5B FAD GA . 56.09 -15.29 31.66
C5B FAD GA . 55.67 -14.13 30.89
C4B FAD GA . 54.43 -14.46 30.09
O4B FAD GA . 54.80 -15.32 28.97
C3B FAD GA . 53.29 -15.23 30.79
O3B FAD GA . 52.23 -14.34 31.15
C2B FAD GA . 52.82 -16.24 29.71
O2B FAD GA . 51.41 -16.27 29.52
C1B FAD GA . 53.55 -15.75 28.46
N9A FAD GA . 53.82 -16.68 27.34
C8A FAD GA . 54.20 -18.03 27.38
N7A FAD GA . 54.39 -18.53 26.16
C5A FAD GA . 54.15 -17.45 25.30
C6A FAD GA . 54.16 -17.32 23.89
N6A FAD GA . 54.43 -18.30 23.03
N1A FAD GA . 53.83 -16.10 23.38
C2A FAD GA . 53.53 -15.08 24.21
N3A FAD GA . 53.46 -15.10 25.54
C4A FAD GA . 53.81 -16.31 26.02
N1 FAD GA . 62.95 -10.60 37.59
C2 FAD GA . 63.07 -9.30 37.19
O2 FAD GA . 62.60 -8.93 36.08
N3 FAD GA . 63.73 -8.37 37.97
C4 FAD GA . 64.30 -8.69 39.20
O4 FAD GA . 64.83 -7.81 39.87
C4X FAD GA . 64.17 -10.02 39.67
N5 FAD GA . 64.71 -10.38 40.84
C5X FAD GA . 64.68 -11.73 41.15
C6 FAD GA . 65.31 -12.18 42.33
C7 FAD GA . 65.35 -13.52 42.68
C7M FAD GA . 66.00 -13.95 43.98
C8 FAD GA . 64.69 -14.48 41.83
C8M FAD GA . 64.68 -15.96 42.17
C9 FAD GA . 64.06 -14.06 40.67
C9A FAD GA . 64.06 -12.70 40.31
N10 FAD GA . 63.43 -12.26 39.15
C10 FAD GA . 63.49 -10.94 38.76
C1' FAD GA . 62.70 -13.20 38.26
C2' FAD GA . 61.16 -12.98 38.49
O2' FAD GA . 60.65 -13.61 39.72
C3' FAD GA . 60.31 -13.47 37.32
O3' FAD GA . 60.63 -14.84 37.10
C4' FAD GA . 60.51 -12.72 35.99
O4' FAD GA . 60.56 -11.30 36.17
C5' FAD GA . 59.37 -13.04 35.06
O5' FAD GA . 59.74 -12.63 33.74
P FAD GA . 58.57 -12.43 32.64
O1P FAD GA . 57.66 -11.30 33.06
O2P FAD GA . 59.20 -12.39 31.28
O3P FAD GA . 57.63 -13.73 32.85
H51A FAD GA . 56.39 -13.85 30.28
H52A FAD GA . 55.46 -13.38 31.50
H4B FAD GA . 54.07 -13.62 29.72
H3B FAD GA . 53.63 -15.71 31.59
HO3A FAD GA . 51.64 -14.78 31.52
H2B FAD GA . 53.13 -17.16 29.95
HO2A FAD GA . 51.23 -16.86 28.92
H1B FAD GA . 53.06 -14.97 28.11
H8A FAD GA . 54.31 -18.53 28.17
H61A FAD GA . 53.89 -18.45 22.37
H62A FAD GA . 55.15 -18.79 23.15
H2A FAD GA . 53.32 -14.25 23.79
HN3 FAD GA . 63.66 -7.53 37.74
H6 FAD GA . 65.79 -11.54 42.86
HM71 FAD GA . 66.62 -14.67 43.80
HM72 FAD GA . 65.33 -14.25 44.60
HM73 FAD GA . 66.49 -13.20 44.36
HM81 FAD GA . 63.98 -16.40 41.67
HM82 FAD GA . 64.54 -16.08 43.11
HM83 FAD GA . 65.54 -16.35 41.91
H9 FAD GA . 63.62 -14.71 40.13
H1'1 FAD GA . 62.94 -14.12 38.47
H1'2 FAD GA . 62.93 -13.02 37.33
H2' FAD GA . 60.99 -12.00 38.59
HO2' FAD GA . 59.99 -14.13 39.51
H3' FAD GA . 59.35 -13.40 37.57
HO3' FAD GA . 60.88 -14.95 36.30
H4' FAD GA . 61.37 -13.03 35.57
HO4' FAD GA . 59.94 -10.93 35.72
H5'1 FAD GA . 58.57 -12.55 35.34
H5'2 FAD GA . 59.18 -13.99 35.07
O2B TDK HA . 74.90 -16.77 48.06
PB TDK HA . 73.90 -17.29 49.15
O3B TDK HA . 72.64 -16.44 49.35
O1B TDK HA . 74.64 -17.60 50.49
O3A TDK HA . 73.32 -18.71 48.58
PA TDK HA . 73.14 -20.14 49.33
O1A TDK HA . 74.39 -20.38 50.16
O2A TDK HA . 72.70 -21.07 48.25
O7 TDK HA . 71.92 -19.72 50.28
C7 TDK HA . 70.62 -19.61 49.60
C6 TDK HA . 69.68 -19.13 50.62
C5 TDK HA . 68.28 -18.96 50.15
S1 TDK HA . 67.85 -18.07 48.74
C4 TDK HA . 67.16 -19.46 50.76
CM4 TDK HA . 67.12 -20.34 51.97
N3 TDK HA . 65.96 -19.10 50.09
C2 TDK HA . 66.12 -18.22 49.02
CMA TDK HA . 65.00 -17.54 48.29
OM1 TDK HA . 64.26 -18.57 47.68
CMB TDK HA . 65.47 -16.63 47.15
PC TDK HA . 63.76 -16.37 49.40
OM3 TDK HA . 62.48 -16.44 48.64
OM2 TDK HA . 64.30 -14.85 49.55
CMC TDK HA . 63.84 -13.74 48.79
OM4 TDK HA . 63.50 -16.28 50.89
C7' TDK HA . 64.67 -19.61 50.58
C5' TDK HA . 64.36 -21.05 50.12
C6' TDK HA . 64.04 -22.01 51.07
N1' TDK HA . 63.73 -23.28 50.75
C2' TDK HA . 63.68 -23.60 49.45
CM2 TDK HA . 63.26 -24.99 49.09
N3' TDK HA . 63.93 -22.76 48.43
C4' TDK HA . 64.28 -21.49 48.75
N4' TDK HA . 64.55 -20.66 47.67
H71 TDK HA . 70.33 -20.48 49.26
H72 TDK HA . 70.67 -18.97 48.87
H61 TDK HA . 69.99 -18.27 50.95
H62 TDK HA . 69.69 -19.75 51.36
HM41 TDK HA . 66.60 -19.92 52.66
HM42 TDK HA . 68.02 -20.49 52.29
HM43 TDK HA . 66.73 -21.19 51.73
HM1 TDK HA . 63.43 -18.39 48.01
HMB1 TDK HA . 65.36 -15.70 47.41
HMB2 TDK HA . 64.94 -16.80 46.35
HMB3 TDK HA . 66.41 -16.80 46.95
HMC1 TDK HA . 64.59 -13.33 48.32
HMC2 TDK HA . 63.43 -13.09 49.38
HMC3 TDK HA . 63.18 -14.04 48.14
H7'1 TDK HA . 63.96 -19.02 50.26
H7'2 TDK HA . 64.67 -19.58 51.56
H6' TDK HA . 64.07 -21.77 51.98
HM21 TDK HA . 63.80 -25.31 48.34
HM22 TDK HA . 62.32 -24.99 48.84
HM23 TDK HA . 63.39 -25.58 49.85
H4'1 TDK HA . 64.49 -20.96 46.85
H4'2 TDK HA . 64.79 -19.83 47.83
O3 ALU IA . 69.99 -22.56 63.58
C5 ALU IA . 69.32 -23.80 63.77
C3 ALU IA . 72.45 -23.16 61.92
C2 ALU IA . 72.35 -21.90 62.68
O5 ALU IA . 72.87 -20.87 62.28
O2 ALU IA . 71.12 -21.01 65.09
O1 ALU IA . 72.18 -23.25 64.89
P1 ALU IA . 71.44 -22.17 64.19
H5C1 ALU IA . 68.48 -23.64 64.22
H5C2 ALU IA . 69.87 -24.38 64.32
H5C3 ALU IA . 69.16 -24.22 62.92
H3C1 ALU IA . 71.57 -23.49 61.74
H3C2 ALU IA . 72.94 -23.82 62.44
H3C3 ALU IA . 72.92 -23.01 61.09
O1 UQ0 JA . 81.73 0.33 23.62
C1 UQ0 JA . 80.51 0.79 23.65
C6 UQ0 JA . 79.86 1.29 24.90
C5 UQ0 JA . 78.56 1.69 24.89
CM5 UQ0 JA . 77.86 2.15 26.14
C4 UQ0 JA . 77.80 1.71 23.62
O4 UQ0 JA . 76.61 2.03 23.60
C2 UQ0 JA . 79.79 0.88 22.37
O2 UQ0 JA . 80.45 0.62 21.19
CM2 UQ0 JA . 80.77 -0.75 20.95
C3 UQ0 JA . 78.45 1.38 22.36
O3 UQ0 JA . 77.81 1.63 21.18
CM3 UQ0 JA . 77.34 0.46 20.49
HM51 UQ0 JA . 76.95 2.41 25.92
HM52 UQ0 JA . 78.33 2.90 26.52
HM53 UQ0 JA . 77.84 1.42 26.78
HM21 UQ0 JA . 79.96 -1.28 20.95
HM22 UQ0 JA . 81.38 -1.08 21.64
HM23 UQ0 JA . 81.21 -0.83 20.08
HM31 UQ0 JA . 76.82 -0.09 21.09
HM32 UQ0 JA . 78.10 -0.05 20.16
HM33 UQ0 JA . 76.78 0.74 19.75
S1 DTT KA . 60.99 -23.48 27.07
C1 DTT KA . 59.53 -24.02 26.13
C2 DTT KA . 59.89 -24.45 24.72
O2 DTT KA . 59.13 -23.72 23.72
C3 DTT KA . 59.73 -25.95 24.46
O3 DTT KA . 60.72 -26.56 25.24
C4 DTT KA . 58.34 -26.50 24.73
S4 DTT KA . 57.42 -27.19 23.31
HS1 DTT KA . 60.49 -23.25 28.19
H11 DTT KA . 58.89 -23.28 26.11
H12 DTT KA . 59.11 -24.77 26.61
H2 DTT KA . 60.84 -24.22 24.56
HO2 DTT KA . 58.70 -24.26 23.34
H3 DTT KA . 59.94 -26.12 23.53
HO3 DTT KA . 60.59 -27.15 25.64
H41 DTT KA . 57.78 -25.80 25.13
H42 DTT KA . 58.42 -27.23 25.39
HS2 DTT KA . 57.62 -26.28 22.54
C FMT LA . 53.22 -58.55 35.80
O1 FMT LA . 54.30 -59.02 36.12
O2 FMT LA . 52.69 -58.66 34.56
H FMT LA . 52.71 -58.08 36.46
HO2 FMT LA . 53.76 -58.45 34.16
C FMT MA . 81.29 -29.12 26.38
O1 FMT MA . 81.00 -28.24 27.15
O2 FMT MA . 82.02 -30.19 26.77
H FMT MA . 81.00 -29.08 25.47
HO2 FMT MA . 82.27 -30.57 27.35
C1 PEG NA . 75.43 -1.43 24.37
O1 PEG NA . 74.80 -0.17 24.57
C2 PEG NA . 76.69 -1.56 25.17
O2 PEG NA . 77.39 -2.73 24.76
C3 PEG NA . 77.82 -2.69 23.40
C4 PEG NA . 79.13 -3.45 23.29
O4 PEG NA . 79.56 -3.63 21.94
H11 PEG NA . 75.63 -1.54 23.43
H12 PEG NA . 74.81 -2.14 24.63
HO1 PEG NA . 74.32 -0.15 24.21
H21 PEG NA . 76.47 -1.62 26.13
H22 PEG NA . 77.25 -0.77 25.03
H31 PEG NA . 77.97 -1.76 23.12
H32 PEG NA . 77.14 -3.10 22.83
H41 PEG NA . 79.01 -4.34 23.71
H42 PEG NA . 79.81 -2.97 23.78
HO4 PEG NA . 78.94 -3.41 21.41
C FMT OA . 45.36 -4.48 38.30
O1 FMT OA . 44.83 -4.87 37.27
O2 FMT OA . 45.38 -3.16 38.70
H FMT OA . 45.77 -5.13 38.87
HO2 FMT OA . 45.13 -2.61 38.16
C FMT PA . 43.59 -2.87 26.82
O1 FMT PA . 42.86 -2.22 27.54
O2 FMT PA . 43.25 -3.35 25.57
H FMT PA . 44.47 -3.06 27.14
HO2 FMT PA . 42.33 -3.21 25.30
C FMT QA . 72.11 -7.10 62.44
O1 FMT QA . 71.63 -7.01 61.33
O2 FMT QA . 72.62 -8.25 62.92
H FMT QA . 72.13 -6.33 62.99
HO2 FMT QA . 72.97 -8.88 62.10
C FMT RA . 53.73 -53.63 41.77
C FMT RA . 51.87 -52.63 42.18
O1 FMT RA . 53.43 -54.80 41.90
O1 FMT RA . 51.83 -51.47 41.82
O2 FMT RA . 53.75 -52.76 42.79
O2 FMT RA . 51.36 -53.67 41.44
H FMT RA . 53.96 -53.31 40.90
H FMT RA . 52.27 -52.85 43.02
HO2 FMT RA . 53.37 -53.17 43.70
HO2 FMT RA . 50.98 -53.41 40.66
NA NA SA . 45.26 -28.29 36.90
NA NA TA . 88.81 -26.54 61.86
C FMT UA . 84.42 -18.64 59.49
O1 FMT UA . 84.55 -19.16 60.59
O2 FMT UA . 84.20 -17.31 59.30
H FMT UA . 84.47 -19.20 58.71
HO2 FMT UA . 84.24 -16.88 60.18
C FMT VA . 70.88 -21.19 21.61
O1 FMT VA . 71.40 -22.28 21.76
O2 FMT VA . 69.58 -21.02 21.36
H FMT VA . 71.43 -20.39 21.68
HO2 FMT VA . 69.09 -22.11 21.04
NA NA WA . 61.94 -33.18 47.66
C FMT XA . 61.15 -19.91 28.29
O1 FMT XA . 61.06 -18.85 28.92
O2 FMT XA . 62.06 -20.98 28.53
H FMT XA . 60.53 -20.03 27.57
HO2 FMT XA . 62.64 -20.60 29.28
NA NA YA . 83.60 -14.05 27.86
MG MG ZA . 52.46 -9.83 42.31
MG MG AB . -17.97 10.58 -52.47
PA FAD BB . -5.07 1.12 -31.59
O1A FAD BB . -3.81 1.47 -32.35
O2A FAD BB . -6.26 2.08 -31.63
O5B FAD BB . -4.75 0.80 -30.03
C5B FAD BB . -4.17 -0.51 -29.70
C4B FAD BB . -3.66 -0.53 -28.28
O4B FAD BB . -2.43 0.23 -28.18
C3B FAD BB . -4.58 0.07 -27.19
O3B FAD BB . -5.33 -0.99 -26.61
C2B FAD BB . -3.61 0.84 -26.25
O2B FAD BB . -3.75 0.58 -24.85
C1B FAD BB . -2.25 0.38 -26.78
N9A FAD BB . -1.07 1.21 -26.54
C8A FAD BB . -0.90 2.59 -26.65
N7A FAD BB . 0.34 2.95 -26.39
C5A FAD BB . 1.04 1.75 -26.19
C6A FAD BB . 2.39 1.44 -25.90
N6A FAD BB . 3.34 2.37 -25.74
N1A FAD BB . 2.74 0.12 -25.74
C2A FAD BB . 1.77 -0.80 -25.87
N3A FAD BB . 0.46 -0.64 -26.15
C4A FAD BB . 0.17 0.68 -26.28
N1 FAD BB . -8.94 -1.90 -38.94
C2 FAD BB . -8.61 -3.16 -39.24
O2 FAD BB . -7.71 -3.75 -38.61
N3 FAD BB . -9.21 -3.82 -40.33
C4 FAD BB . -10.23 -3.22 -41.07
O4 FAD BB . -10.78 -3.85 -41.96
C4X FAD BB . -10.57 -1.88 -40.77
N5 FAD BB . -11.52 -1.27 -41.46
C5X FAD BB . -11.75 0.07 -41.19
C6 FAD BB . -12.69 0.75 -41.97
C7 FAD BB . -13.00 2.07 -41.76
C7M FAD BB . -14.05 2.76 -42.61
C8 FAD BB . -12.31 2.79 -40.73
C8M FAD BB . -12.60 4.24 -40.48
C9 FAD BB . -11.38 2.13 -39.94
C9A FAD BB . -11.09 0.76 -40.15
N10 FAD BB . -10.15 0.04 -39.38
C10 FAD BB . -9.85 -1.28 -39.66
C1' FAD BB . -9.45 0.68 -38.25
C2' FAD BB . -10.09 0.19 -36.94
O2' FAD BB . -11.36 0.83 -36.64
C3' FAD BB . -9.16 0.45 -35.76
O3' FAD BB . -8.80 1.87 -35.70
C4' FAD BB . -7.89 -0.41 -35.80
O4' FAD BB . -8.11 -1.77 -36.24
C5' FAD BB . -7.30 -0.46 -34.42
O5' FAD BB . -5.94 -0.91 -34.56
P FAD BB . -5.19 -1.42 -33.25
O1P FAD BB . -5.84 -2.69 -32.74
O2P FAD BB . -3.72 -1.43 -33.58
O3P FAD BB . -5.57 -0.31 -32.13
H51A FAD BB . -3.43 -0.72 -30.31
H52A FAD BB . -4.86 -1.21 -29.80
H4B FAD BB . -3.47 -1.47 -28.04
H3B FAD BB . -5.19 0.72 -27.62
HO3A FAD BB . -5.83 -0.62 -26.01
H2B FAD BB . -3.71 1.82 -26.41
HO2A FAD BB . -3.16 1.05 -24.45
H1B FAD BB . -2.07 -0.50 -26.39
H8A FAD BB . -1.60 3.21 -26.81
H61A FAD BB . 3.95 2.28 -25.12
H62A FAD BB . 3.35 3.08 -26.27
H2A FAD BB . 2.04 -1.70 -25.76
HN3 FAD BB . -9.07 -4.67 -40.41
H6 FAD BB . -13.11 0.28 -42.69
HM71 FAD BB . -13.66 3.53 -43.06
HM72 FAD BB . -14.79 3.04 -42.05
HM73 FAD BB . -14.38 2.14 -43.30
HM81 FAD BB . -12.27 4.50 -39.61
HM82 FAD BB . -13.55 4.40 -40.52
HM83 FAD BB . -12.16 4.78 -41.16
H9 FAD BB . -10.97 2.61 -39.22
H1'1 FAD BB . -9.53 1.65 -38.32
H1'2 FAD BB . -8.51 0.44 -38.27
H2' FAD BB . -10.26 -0.79 -37.01
HO2' FAD BB . -11.29 1.21 -35.90
H3' FAD BB . -9.65 0.22 -34.94
HO3' FAD BB . -7.96 1.92 -35.76
H4' FAD BB . -7.23 0.02 -36.42
HO4' FAD BB . -7.83 -2.33 -35.66
H5'1 FAD BB . -7.81 -1.08 -33.86
H5'2 FAD BB . -7.32 0.43 -34.02
O2B TDK CB . -15.49 7.66 -51.53
PB TDK CB . -16.76 8.09 -50.70
O3B TDK CB . -17.33 7.00 -49.77
O1B TDK CB . -17.85 8.71 -51.59
O3A TDK CB . -16.25 9.32 -49.75
PA TDK CB . -16.97 10.74 -49.42
O1A TDK CB . -17.43 11.40 -50.69
O2A TDK CB . -16.03 11.48 -48.51
O7 TDK CB . -18.21 10.17 -48.58
C7 TDK CB . -17.94 9.65 -47.26
C6 TDK CB . -19.22 9.30 -46.67
C5 TDK CB . -19.12 8.79 -45.28
S1 TDK CB . -17.98 7.66 -44.73
C4 TDK CB . -19.96 9.17 -44.24
CM4 TDK CB . -21.05 10.22 -44.35
N3 TDK CB . -19.67 8.51 -43.00
C2 TDK CB . -18.67 7.53 -43.10
CMA TDK CB . -18.29 6.54 -42.02
OM1 TDK CB . -17.95 7.23 -40.83
CMB TDK CB . -17.03 5.74 -42.36
PC TDK CB . -19.75 5.19 -41.55
OM3 TDK CB . -21.15 5.41 -42.03
OM2 TDK CB . -20.12 5.52 -40.02
CMC TDK CB . -21.42 5.47 -39.38
OM4 TDK CB . -19.34 3.74 -41.74
C7' TDK CB . -20.42 8.79 -41.78
C5' TDK CB . -20.02 10.09 -41.07
C6' TDK CB . -20.99 11.05 -40.81
N1' TDK CB . -20.73 12.19 -40.16
C2' TDK CB . -19.47 12.43 -39.74
CM2 TDK CB . -19.17 13.70 -39.03
N3' TDK CB . -18.45 11.58 -39.91
C4' TDK CB . -18.70 10.40 -40.55
N4' TDK CB . -17.61 9.59 -40.70
H71 TDK CB . -17.49 10.33 -46.72
H72 TDK CB . -17.37 8.86 -47.32
H61 TDK CB . -19.65 8.62 -47.22
H62 TDK CB . -19.80 10.09 -46.68
HM41 TDK CB . -21.36 10.47 -43.46
HM42 TDK CB . -21.79 9.86 -44.86
HM43 TDK CB . -20.70 11.00 -44.79
HM1 TDK CB . -18.62 6.87 -40.22
HMB1 TDK CB . -17.28 4.85 -42.65
HMB2 TDK CB . -16.47 5.68 -41.58
HMB3 TDK CB . -16.54 6.19 -43.07
HMC1 TDK CB . -21.32 5.63 -38.43
HMC2 TDK CB . -21.81 4.59 -39.52
HMC3 TDK CB . -21.99 6.15 -39.77
H7'1 TDK CB . -20.31 8.05 -41.16
H7'2 TDK CB . -21.38 8.85 -42.00
H6' TDK CB . -21.87 10.89 -41.10
HM21 TDK CB . -18.31 14.05 -39.34
HM22 TDK CB . -19.12 13.54 -38.07
HM23 TDK CB . -19.86 14.35 -39.22
H4'1 TDK CB . -16.85 9.85 -40.35
H4'2 TDK CB . -17.69 8.86 -41.15
O1 UQ0 DB . 8.49 -11.13 -55.58
C1 UQ0 DB . 8.00 -11.62 -54.51
C6 UQ0 DB . 6.55 -11.88 -54.31
C5 UQ0 DB . 6.07 -12.19 -53.10
CM5 UQ0 DB . 4.61 -12.08 -52.73
C4 UQ0 DB . 7.03 -12.61 -52.05
O4 UQ0 DB . 6.66 -13.02 -50.97
C2 UQ0 DB . 8.94 -11.94 -53.49
O2 UQ0 DB . 10.26 -11.68 -53.73
CM2 UQ0 DB . 10.79 -10.52 -53.07
C3 UQ0 DB . 8.45 -12.52 -52.28
O3 UQ0 DB . 9.29 -12.98 -51.33
CM3 UQ0 DB . 9.59 -12.05 -50.30
HM51 UQ0 DB . 4.40 -12.72 -52.03
HM52 UQ0 DB . 4.07 -12.26 -53.51
HM53 UQ0 DB . 4.42 -11.18 -52.40
HM21 UQ0 DB . 11.21 -10.80 -52.24
HM22 UQ0 DB . 10.08 -9.90 -52.88
HM23 UQ0 DB . 11.46 -10.10 -53.64
HM31 UQ0 DB . 8.95 -12.17 -49.56
HM32 UQ0 DB . 9.52 -11.14 -50.64
HM33 UQ0 DB . 10.49 -12.20 -49.97
MG MG EB . -16.23 23.98 -43.15
O3 ALU FB . -0.81 34.20 -38.01
C5 ALU FB . -0.98 33.44 -36.79
C3 ALU FB . 1.32 34.84 -41.23
C2 ALU FB . 0.52 35.60 -40.20
O5 ALU FB . -0.14 36.61 -40.56
O2 ALU FB . 0.62 36.03 -37.43
O1 ALU FB . 1.68 34.00 -38.32
P1 ALU FB . 0.56 34.97 -38.48
H5C1 ALU FB . -1.87 33.60 -36.44
H5C2 ALU FB . -0.31 33.71 -36.15
H5C3 ALU FB . -0.88 32.49 -36.99
H3C1 ALU FB . 1.45 33.93 -40.93
H3C2 ALU FB . 2.17 35.28 -41.35
H3C3 ALU FB . 0.83 34.85 -42.07
C1 PEG GB . 0.30 6.84 -12.56
O1 PEG GB . -0.54 6.64 -11.42
C2 PEG GB . 0.07 8.15 -13.24
O2 PEG GB . -0.75 7.96 -14.39
C3 PEG GB . -0.02 7.57 -15.55
C4 PEG GB . -0.91 6.83 -16.56
O4 PEG GB . -1.81 7.69 -17.27
H11 PEG GB . 0.14 6.12 -13.20
H12 PEG GB . 1.24 6.79 -12.28
HO1 PEG GB . -0.06 5.89 -11.16
H21 PEG GB . 0.93 8.54 -13.50
H22 PEG GB . -0.37 8.78 -12.62
H31 PEG GB . 0.73 6.98 -15.29
H32 PEG GB . 0.37 8.37 -15.98
H41 PEG GB . -1.43 6.15 -16.10
H42 PEG GB . -0.35 6.37 -17.22
HO4 PEG GB . -2.32 8.09 -16.72
C FMT HB . -13.76 36.84 -20.59
O1 FMT HB . -14.75 36.45 -21.18
O2 FMT HB . -13.47 38.14 -20.28
H FMT HB . -13.11 36.18 -20.32
HO2 FMT HB . -14.06 38.97 -20.70
C FMT IB . 6.99 -8.48 -51.37
O1 FMT IB . 8.11 -8.90 -51.18
O2 FMT IB . 5.86 -9.18 -51.11
H FMT IB . 6.90 -7.59 -51.73
HO2 FMT IB . 5.94 -10.06 -50.97
NA NA JB . -23.18 37.14 -16.32
C FMT KB . -18.55 -4.21 -43.27
O1 FMT KB . -19.42 -4.31 -44.11
O2 FMT KB . -18.76 -3.78 -41.99
H FMT KB . -17.65 -4.44 -43.51
HO2 FMT KB . -19.99 -3.93 -41.84
C FMT LB . -2.63 -2.76 -55.51
O1 FMT LB . -2.74 -3.86 -56.04
O2 FMT LB . -1.46 -2.23 -55.03
H FMT LB . -3.41 -2.21 -55.43
HO2 FMT LB . -0.80 -2.69 -55.50
NA NA MB . 5.91 4.43 -55.33
MG MG NB . -21.02 14.94 23.40
PA FAD OB . -2.97 15.37 4.29
O1A FAD OB . -2.26 14.40 5.18
O2A FAD OB . -4.47 15.22 4.13
O5B FAD OB . -2.27 15.39 2.83
C5B FAD OB . -1.15 16.26 2.56
C4B FAD OB . -0.56 15.95 1.19
O4B FAD OB . 0.05 14.63 1.20
C3B FAD OB . -1.54 15.87 0.01
O3B FAD OB . -1.56 17.14 -0.63
C2B FAD OB . -1.02 14.69 -0.86
O2B FAD OB . -0.99 14.97 -2.26
C1B FAD OB . 0.31 14.38 -0.17
N9A FAD OB . 0.87 13.02 -0.27
C8A FAD OB . 0.22 11.79 -0.28
N7A FAD OB . 1.07 10.77 -0.37
C5A FAD OB . 2.34 11.38 -0.43
C6A FAD OB . 3.64 10.86 -0.56
N6A FAD OB . 3.92 9.56 -0.67
N1A FAD OB . 4.67 11.76 -0.58
C2A FAD OB . 4.40 13.08 -0.53
N3A FAD OB . 3.21 13.68 -0.39
C4A FAD OB . 2.22 12.77 -0.36
N1 FAD OB . -5.35 20.13 11.30
C2 FAD OB . -4.42 20.99 11.69
O2 FAD OB . -3.28 20.96 11.19
N3 FAD OB . -4.69 21.94 12.68
C4 FAD OB . -5.92 22.06 13.27
O4 FAD OB . -6.11 22.92 14.13
C4X FAD OB . -6.91 21.12 12.93
N5 FAD OB . -8.09 21.17 13.54
C5X FAD OB . -9.00 20.16 13.22
C6 FAD OB . -10.24 20.14 13.89
C7 FAD OB . -11.20 19.17 13.62
C7M FAD OB . -12.53 19.20 14.36
C8 FAD OB . -10.89 18.15 12.64
C8M FAD OB . -11.89 17.06 12.32
C9 FAD OB . -9.69 18.16 11.98
C9A FAD OB . -8.72 19.17 12.24
N10 FAD OB . -7.48 19.21 11.60
C10 FAD OB . -6.54 20.17 11.91
C1' FAD OB . -7.14 18.25 10.52
C2' FAD OB . -7.34 18.99 9.14
O2' FAD OB . -8.75 19.13 8.68
C3' FAD OB . -6.51 18.32 8.05
O3' FAD OB . -6.94 16.95 7.95
C4' FAD OB . -4.99 18.30 8.25
O4' FAD OB . -4.48 19.56 8.72
C5' FAD OB . -4.31 17.96 6.95
O5' FAD OB . -2.97 17.53 7.20
P FAD OB . -1.90 17.61 5.99
O1P FAD OB . -1.75 19.06 5.56
O2P FAD OB . -0.70 16.83 6.46
O3P FAD OB . -2.70 16.88 4.79
H51A FAD OB . -0.46 16.15 3.25
H52A FAD OB . -1.45 17.21 2.56
H4B FAD OB . 0.13 16.61 1.00
H3B FAD OB . -2.45 15.66 0.35
HO3A FAD OB . -2.09 17.09 -1.29
H2B FAD OB . -1.63 13.92 -0.74
HO2A FAD OB . -0.70 14.31 -2.66
H1B FAD OB . 0.98 15.02 -0.49
H8A FAD OB . -0.71 11.67 -0.21
H61A FAD OB . 4.53 9.29 -1.24
H62A FAD OB . 3.49 8.97 -0.17
H2A FAD OB . 5.15 13.64 -0.54
HN3 FAD OB . -4.10 22.58 12.78
H6 FAD OB . -10.41 20.79 14.56
HM71 FAD OB . -12.70 18.32 14.73
HM72 FAD OB . -13.23 19.43 13.73
HM73 FAD OB . -12.49 19.85 15.06
HM81 FAD OB . -11.66 16.64 11.47
HM82 FAD OB . -12.78 17.44 12.25
HM83 FAD OB . -11.88 16.39 13.01
H9 FAD OB . -9.52 17.52 11.31
H1'1 FAD OB . -7.73 17.47 10.57
H1'2 FAD OB . -6.22 17.95 10.61
H2' FAD OB . -6.98 19.91 9.24
HO2' FAD OB . -8.86 18.81 7.90
H3' FAD OB . -6.71 18.77 7.18
HO3' FAD OB . -6.29 16.46 8.10
H4' FAD OB . -4.77 17.60 8.92
HO4' FAD OB . -3.86 19.85 8.18
H5'1 FAD OB . -4.31 18.75 6.37
H5'2 FAD OB . -4.81 17.25 6.50
O2B TDK PB . -17.34 16.16 22.74
PB TDK PB . -18.59 16.37 21.83
O3B TDK PB . -18.49 17.55 20.88
O1B TDK PB . -19.90 16.44 22.68
O3A TDK PB . -18.69 15.06 20.85
PA TDK PB . -20.01 14.22 20.37
O1A TDK PB . -20.93 13.94 21.55
O2A TDK PB . -19.49 13.07 19.52
O7 TDK PB . -20.78 15.32 19.45
C7 TDK PB . -20.30 15.42 18.09
C6 TDK PB . -20.73 16.69 17.55
C5 TDK PB . -20.27 16.97 16.16
S1 TDK PB . -18.65 17.29 15.76
C4 TDK PB . -21.06 17.05 15.01
CM4 TDK PB . -22.54 16.77 14.96
N3 TDK PB . -20.34 17.42 13.85
C2 TDK PB . -18.99 17.70 14.09
CMA TDK PB . -18.01 18.30 13.11
OM1 TDK PB . -17.93 17.46 11.97
CMB TDK PB . -16.58 18.34 13.64
PC TDK PB . -18.45 20.20 12.52
OM3 TDK PB . -19.40 21.05 13.32
OM2 TDK PB . -19.24 20.04 11.13
CMC TDK PB . -19.66 21.08 10.23
OM4 TDK PB . -17.18 20.99 12.21
C7' TDK PB . -21.02 17.52 12.56
C5' TDK PB . -21.28 16.19 11.84
C6' TDK PB . -22.56 15.85 11.43
N1' TDK PB . -22.85 14.73 10.76
C2' TDK PB . -21.84 13.89 10.48
CM2 TDK PB . -22.16 12.65 9.72
N3' TDK PB . -20.57 14.10 10.80
C4' TDK PB . -20.25 15.24 11.48
N4' TDK PB . -18.93 15.38 11.80
H71 TDK PB . -20.67 14.69 17.54
H72 TDK PB . -19.32 15.35 18.06
H61 TDK PB . -20.39 17.40 18.12
H62 TDK PB . -21.70 16.73 17.56
HM41 TDK PB . -22.75 16.31 14.12
HM42 TDK PB . -23.04 17.61 15.01
HM43 TDK PB . -22.79 16.19 15.72
HM1 TDK PB . -18.16 18.09 11.30
HMB1 TDK PB . -16.32 19.26 13.81
HMB2 TDK PB . -15.97 17.97 12.98
HMB3 TDK PB . -16.51 17.83 14.46
HMC1 TDK PB . -19.66 20.74 9.33
HMC2 TDK PB . -19.05 21.83 10.29
HMC3 TDK PB . -20.55 21.37 10.46
H7'1 TDK PB . -20.48 18.09 11.97
H7'2 TDK PB . -21.87 17.98 12.69
H6' TDK PB . -23.26 16.45 11.62
HM21 TDK PB . -21.62 11.92 10.07
HM22 TDK PB . -21.96 12.77 8.78
HM23 TDK PB . -23.10 12.43 9.83
H4'1 TDK PB . -18.34 14.82 11.56
H4'2 TDK PB . -18.69 16.10 12.29
O1 UQ0 QB . 12.12 18.30 30.28
C1 UQ0 QB . 12.32 18.99 29.20
C6 UQ0 QB . 11.44 20.13 28.78
C5 UQ0 QB . 11.62 20.77 27.62
CM5 UQ0 QB . 10.69 21.85 27.14
C4 UQ0 QB . 12.78 20.44 26.77
O4 UQ0 QB . 12.97 21.00 25.69
C2 UQ0 QB . 13.46 18.64 28.36
O2 UQ0 QB . 14.25 17.59 28.73
CM2 UQ0 QB . 13.67 16.29 28.54
C3 UQ0 QB . 13.72 19.41 27.18
O3 UQ0 QB . 14.83 19.20 26.40
CM3 UQ0 QB . 14.67 18.18 25.41
HM51 UQ0 QB . 11.03 22.24 26.32
HM52 UQ0 QB . 10.62 22.55 27.81
HM53 UQ0 QB . 9.82 21.48 26.97
HM21 UQ0 QB . 13.29 16.24 27.65
HM22 UQ0 QB . 12.97 16.16 29.20
HM23 UQ0 QB . 14.35 15.61 28.66
HM31 UQ0 QB . 13.97 18.44 24.79
HM32 UQ0 QB . 14.40 17.34 25.84
HM33 UQ0 QB . 15.50 18.05 24.94
O3 ALU RB . -35.25 19.39 21.58
C5 ALU RB . -35.75 18.75 22.77
C3 ALU RB . -34.00 18.68 18.03
C2 ALU RB . -34.23 19.50 19.23
O5 ALU RB . -34.66 20.64 19.19
O2 ALU RB . -32.64 19.25 21.42
O1 ALU RB . -34.07 17.34 20.82
P1 ALU RB . -33.94 18.81 20.80
H5C1 ALU RB . -36.56 19.20 23.06
H5C2 ALU RB . -35.09 18.80 23.47
H5C3 ALU RB . -35.96 17.82 22.58
H3C1 ALU RB . -34.14 17.75 18.24
H3C2 ALU RB . -33.10 18.82 17.72
H3C3 ALU RB . -34.63 18.95 17.33
C FMT SB . -4.14 -5.51 22.95
O1 FMT SB . -3.05 -5.72 22.45
O2 FMT SB . -4.87 -6.48 23.59
H FMT SB . -4.50 -4.63 22.92
HO2 FMT SB . -4.55 -7.23 23.38
C FMT TB . 10.79 16.78 25.42
O1 FMT TB . 11.20 17.62 24.65
O2 FMT TB . 9.58 16.83 25.98
H FMT TB . 11.37 16.04 25.64
HO2 FMT TB . 8.92 17.54 25.64
C FMT UB . -13.41 27.55 13.95
O1 FMT UB . -12.98 26.74 13.15
O2 FMT UB . -13.04 27.58 15.27
H FMT UB . -14.03 28.21 13.65
HO2 FMT UB . -12.50 26.88 15.29
NA NA VB . -19.07 -5.37 -22.69
NA NA WB . 1.96 7.17 29.05
NA NA XB . -35.88 -5.52 -14.30
MG MG YB . -13.31 39.91 -40.69
PA FAD ZB . -32.63 35.22 -23.51
O1A FAD ZB . -33.61 35.55 -24.62
O2A FAD ZB . -31.44 34.35 -23.83
O5B FAD ZB . -33.48 34.50 -22.32
C5B FAD ZB . -34.28 35.36 -21.44
C4B FAD ZB . -35.15 34.54 -20.54
O4B FAD ZB . -36.27 34.00 -21.28
C3B FAD ZB . -34.52 33.28 -19.89
O3B FAD ZB . -34.12 33.59 -18.56
C2B FAD ZB . -35.63 32.20 -19.98
O2B FAD ZB . -35.89 31.48 -18.78
C1B FAD ZB . -36.84 33.04 -20.42
N9A FAD ZB . -37.93 32.40 -21.12
C8A FAD ZB . -37.87 31.42 -22.15
N7A FAD ZB . -39.06 31.12 -22.62
C5A FAD ZB . -39.94 31.94 -21.89
C6A FAD ZB . -41.35 32.09 -21.93
N6A FAD ZB . -42.14 31.39 -22.73
N1A FAD ZB . -41.91 33.02 -21.09
C2A FAD ZB . -41.11 33.72 -20.28
N3A FAD ZB . -39.78 33.65 -20.12
C4A FAD ZB . -39.26 32.73 -20.97
N1 FAD ZB . -27.16 41.79 -25.79
C2 FAD ZB . -27.52 43.00 -25.28
O2 FAD ZB . -28.64 43.16 -24.74
N3 FAD ZB . -26.69 44.09 -25.41
C4 FAD ZB . -25.44 44.00 -25.99
O4 FAD ZB . -24.73 45.00 -26.06
C4X FAD ZB . -25.05 42.76 -26.55
N5 FAD ZB . -23.88 42.66 -27.18
C5X FAD ZB . -23.59 41.47 -27.78
C6 FAD ZB . -22.36 41.34 -28.48
C7 FAD ZB . -22.00 40.17 -29.11
C7M FAD ZB . -20.69 40.07 -29.85
C8 FAD ZB . -22.90 39.05 -29.07
C8M FAD ZB . -22.56 37.75 -29.76
C9 FAD ZB . -24.09 39.15 -28.36
C9A FAD ZB . -24.46 40.35 -27.72
N10 FAD ZB . -25.68 40.52 -27.02
C10 FAD ZB . -26.02 41.70 -26.43
C1' FAD ZB . -26.59 39.38 -26.80
C2' FAD ZB . -26.39 38.82 -25.34
O2' FAD ZB . -25.13 38.09 -25.11
C3' FAD ZB . -27.59 37.97 -24.91
O3' FAD ZB . -27.85 36.94 -25.86
C4' FAD ZB . -28.88 38.77 -24.71
O4' FAD ZB . -28.65 40.02 -24.05
C5' FAD ZB . -29.88 37.99 -23.88
O5' FAD ZB . -31.21 38.49 -24.11
P FAD ZB . -32.34 38.17 -22.98
O1P FAD ZB . -31.93 38.81 -21.65
O2P FAD ZB . -33.64 38.52 -23.64
O3P FAD ZB . -32.14 36.57 -22.76
H51A FAD ZB . -34.85 35.96 -21.99
H52A FAD ZB . -33.68 35.93 -20.89
H4B FAD ZB . -35.50 35.11 -19.83
H3B FAD ZB . -33.74 33.00 -20.42
HO3A FAD ZB . -33.82 32.92 -18.20
H2B FAD ZB . -35.41 31.54 -20.70
HO2A FAD ZB . -36.49 30.92 -18.90
H1B FAD ZB . -37.20 33.50 -19.63
H8A FAD ZB . -37.07 31.00 -22.46
H61A FAD ZB . -42.90 31.06 -22.42
H62A FAD ZB . -41.91 31.24 -23.56
H2A FAD ZB . -41.54 34.33 -19.69
HN3 FAD ZB . -26.90 44.81 -24.95
H6 FAD ZB . -21.80 42.10 -28.56
HM71 FAD ZB . -20.85 39.82 -30.77
HM72 FAD ZB . -20.13 39.40 -29.43
HM73 FAD ZB . -20.23 40.93 -29.83
HM81 FAD ZB . -23.12 37.04 -29.40
HM82 FAD ZB . -21.63 37.54 -29.60
HM83 FAD ZB . -22.71 37.84 -30.71
H9 FAD ZB . -24.66 38.39 -28.31
H1'1 FAD ZB . -26.42 38.67 -27.46
H1'2 FAD ZB . -27.52 39.67 -26.92
H2' FAD ZB . -26.35 39.59 -24.73
HO2' FAD ZB . -25.40 37.25 -24.83
H3' FAD ZB . -27.36 37.53 -24.04
HO3' FAD ZB . -28.67 37.00 -26.10
H4' FAD ZB . -29.29 38.95 -25.61
HO4' FAD ZB . -29.15 40.08 -23.36
H5'1 FAD ZB . -29.65 38.07 -22.94
H5'2 FAD ZB . -29.83 37.03 -24.13
O2B TDK AC . -16.22 41.83 -38.90
PB TDK AC . -15.18 40.87 -38.21
O3B TDK AC . -15.07 41.10 -36.68
O1B TDK AC . -13.75 40.82 -38.91
O3A TDK AC . -15.77 39.35 -38.40
PA TDK AC . -15.11 37.96 -38.91
O1A TDK AC . -14.14 38.14 -40.07
O2A TDK AC . -16.21 36.94 -39.02
O7 TDK AC . -14.20 37.66 -37.62
C7 TDK AC . -14.92 37.24 -36.42
C6 TDK AC . -13.92 37.06 -35.37
C5 TDK AC . -14.45 36.61 -34.07
S1 TDK AC . -15.83 37.22 -33.25
C4 TDK AC . -13.88 35.58 -33.33
CM4 TDK AC . -12.72 34.74 -33.79
N3 TDK AC . -14.56 35.30 -32.11
C2 TDK AC . -15.61 36.19 -31.85
CMA TDK AC . -16.39 36.29 -30.56
OM1 TDK AC . -16.94 35.04 -30.18
CMB TDK AC . -17.60 37.25 -30.68
PC TDK AC . -15.32 36.82 -28.94
OM3 TDK AC . -16.17 36.34 -27.80
OM2 TDK AC . -15.08 38.41 -28.76
CMC TDK AC . -15.81 39.23 -27.84
OM4 TDK AC . -13.87 36.48 -28.72
C7' TDK AC . -14.16 34.19 -31.23
C5' TDK AC . -14.69 32.80 -31.65
C6' TDK AC . -13.78 31.76 -31.83
N1' TDK AC . -14.15 30.52 -32.17
C2' TDK AC . -15.45 30.26 -32.36
CM2 TDK AC . -15.86 28.87 -32.72
N3' TDK AC . -16.42 31.18 -32.23
C4' TDK AC . -16.06 32.43 -31.85
N4' TDK AC . -17.10 33.30 -31.77
H71 TDK AC . -15.40 36.41 -36.58
H72 TDK AC . -15.57 37.93 -36.16
H61 TDK AC . -13.45 37.90 -35.23
H62 TDK AC . -13.26 36.41 -35.68
HM41 TDK AC . -12.58 34.00 -33.18
HM42 TDK AC . -11.92 35.28 -33.82
HM43 TDK AC . -12.91 34.39 -34.68
HM1 TDK AC . -16.46 34.93 -29.27
HMB1 TDK AC . -17.45 38.02 -30.11
HMB2 TDK AC . -18.40 36.79 -30.41
HMB3 TDK AC . -17.69 37.53 -31.60
HMC1 TDK AC . -16.06 40.07 -28.28
HMC2 TDK AC . -15.27 39.42 -27.07
HMC3 TDK AC . -16.62 38.78 -27.56
H7'1 TDK AC . -14.48 34.38 -30.32
H7'2 TDK AC . -13.18 34.17 -31.18
H6' TDK AC . -12.87 31.94 -31.69
HM21 TDK AC . -16.53 28.90 -33.42
HM22 TDK AC . -16.23 28.43 -31.94
HM23 TDK AC . -15.09 28.38 -33.03
H4'1 TDK AC . -17.89 33.08 -31.83
H4'2 TDK AC . -16.88 34.18 -31.57
O1 UQ0 BC . -37.08 60.12 -33.06
C1 UQ0 BC . -38.25 60.44 -33.52
C6 UQ0 BC . -38.44 61.04 -34.81
C5 UQ0 BC . -39.62 60.91 -35.44
CM5 UQ0 BC . -39.78 60.88 -36.94
C4 UQ0 BC . -40.84 60.74 -34.65
O4 UQ0 BC . -41.94 60.93 -35.16
C2 UQ0 BC . -39.42 60.09 -32.76
O2 UQ0 BC . -39.20 59.49 -31.56
CM2 UQ0 BC . -39.22 58.06 -31.55
C3 UQ0 BC . -40.73 60.30 -33.30
O3 UQ0 BC . -41.89 60.03 -32.63
CM3 UQ0 BC . -42.77 61.15 -32.42
HM51 UQ0 BC . -40.72 61.04 -37.16
HM52 UQ0 BC . -39.51 60.01 -37.26
HM53 UQ0 BC . -39.23 61.56 -37.33
HM21 UQ0 BC . -38.46 57.74 -32.06
HM22 UQ0 BC . -40.04 57.74 -31.95
HM23 UQ0 BC . -39.14 57.74 -30.64
HM31 UQ0 BC . -43.48 61.12 -33.08
HM32 UQ0 BC . -42.27 61.98 -32.51
HM33 UQ0 BC . -43.15 61.10 -31.52
S1 DTU CC . -36.87 31.17 -30.56
C1 DTU CC . -38.54 30.45 -30.45
C2 DTU CC . -38.60 28.96 -30.72
O2 DTU CC . -37.62 28.30 -29.93
C3 DTU CC . -39.96 28.32 -30.40
O3 DTU CC . -41.01 29.17 -30.80
C4 DTU CC . -40.14 26.98 -31.06
S4 DTU CC . -41.40 25.99 -30.22
H1 DTU CC . -36.98 31.93 -29.64
H1C1 DTU CC . -39.10 30.92 -31.10
H1C2 DTU CC . -38.89 30.64 -29.56
H2 DTU CC . -38.39 28.79 -31.67
HA DTU CC . -37.77 27.47 -29.94
H3 DTU CC . -40.02 28.20 -29.41
HB DTU CC . -40.99 29.25 -31.64
H4C1 DTU CC . -39.29 26.47 -31.05
H4C2 DTU CC . -40.41 27.10 -32.00
H4 DTU CC . -41.05 26.22 -29.09
C FMT DC . -2.27 47.59 -31.24
O1 FMT DC . -1.33 47.52 -31.99
O2 FMT DC . -2.50 48.64 -30.43
H FMT DC . -2.89 46.87 -31.21
HO2 FMT DC . -1.81 49.32 -30.67
C FMT EC . -31.90 14.19 -49.69
O1 FMT EC . -31.50 14.30 -50.84
O2 FMT EC . -31.44 14.94 -48.61
H FMT EC . -32.59 13.56 -49.52
HO2 FMT EC . -30.60 15.17 -48.99
C FMT FC . -23.73 -1.29 -38.00
O1 FMT FC . -23.18 -0.28 -38.41
O2 FMT FC . -24.15 -1.42 -36.72
H FMT FC . -23.87 -2.02 -38.61
HO2 FMT FC . -23.89 -0.72 -36.26
C FMT GC . -37.54 34.22 -51.78
O1 FMT GC . -36.46 34.66 -52.07
O2 FMT GC . -38.17 34.50 -50.61
H FMT GC . -37.98 33.63 -52.40
HO2 FMT GC . -37.86 35.05 -50.12
CL CL HC . -19.69 54.09 -35.17
NA NA IC . -28.56 53.85 -38.77
C FMT JC . -39.70 56.14 -34.17
O1 FMT JC . -39.41 55.31 -33.32
O2 FMT JC . -38.82 56.69 -35.05
H FMT JC . -40.61 56.41 -34.22
HO2 FMT JC . -38.24 55.96 -35.20
NA NA KC . -2.02 38.79 -55.72
NA NA LC . -32.70 56.96 -34.18
NA NA MC . -16.27 -4.12 -30.28
MG MG NC . -35.90 49.07 -45.94
MG MG OC . -31.82 -12.52 11.07
MG MG PC . -25.94 2.44 13.87
PA FAD QC . -43.61 1.52 -7.76
O1A FAD QC . -44.63 1.83 -6.74
O2A FAD QC . -42.13 1.63 -7.37
O5B FAD QC . -43.84 2.47 -9.06
C5B FAD QC . -44.74 2.14 -10.16
C4B FAD QC . -44.91 3.34 -11.06
O4B FAD QC . -45.62 4.42 -10.38
C3B FAD QC . -43.62 4.02 -11.57
O3B FAD QC . -43.29 3.53 -12.88
C2B FAD QC . -43.95 5.54 -11.55
O2B FAD QC . -43.59 6.30 -12.70
C1B FAD QC . -45.47 5.52 -11.26
N9A FAD QC . -46.11 6.67 -10.63
C8A FAD QC . -45.65 7.52 -9.61
N7A FAD QC . -46.53 8.44 -9.27
C5A FAD QC . -47.65 8.17 -10.07
C6A FAD QC . -48.90 8.79 -10.21
N6A FAD QC . -49.26 9.87 -9.53
N1A FAD QC . -49.76 8.30 -11.14
C2A FAD QC . -49.38 7.23 -11.88
N3A FAD QC . -48.23 6.57 -11.85
C4A FAD QC . -47.39 7.11 -10.92
N1 FAD QC . -42.84 -6.89 -5.18
C2 FAD QC . -43.76 -7.71 -5.80
O2 FAD QC . -44.69 -7.21 -6.45
N3 FAD QC . -43.66 -9.11 -5.68
C4 FAD QC . -42.67 -9.72 -4.93
O4 FAD QC . -42.64 -10.95 -4.83
C4X FAD QC . -41.71 -8.88 -4.28
N5 FAD QC . -40.73 -9.42 -3.55
C5X FAD QC . -39.90 -8.55 -2.87
C6 FAD QC . -38.89 -9.08 -2.03
C7 FAD QC . -38.00 -8.27 -1.34
C7M FAD QC . -36.93 -8.89 -0.45
C8 FAD QC . -38.12 -6.84 -1.45
C8M FAD QC . -37.20 -5.91 -0.68
C9 FAD QC . -39.11 -6.30 -2.26
C9A FAD QC . -40.00 -7.14 -2.97
N10 FAD QC . -41.01 -6.63 -3.78
C10 FAD QC . -41.90 -7.46 -4.44
C1' FAD QC . -41.10 -5.17 -4.02
C2' FAD QC . -40.44 -4.85 -5.43
O2' FAD QC . -38.95 -4.81 -5.45
C3' FAD QC . -40.96 -3.52 -5.99
O3' FAD QC . -40.66 -2.50 -4.99
C4' FAD QC . -42.46 -3.49 -6.30
O4' FAD QC . -42.94 -4.67 -6.97
C5' FAD QC . -42.84 -2.30 -7.15
O5' FAD QC . -44.28 -2.12 -7.19
P FAD QC . -44.92 -1.17 -8.34
O1P FAD QC . -44.74 -1.91 -9.61
O2P FAD QC . -46.28 -0.71 -7.86
O3P FAD QC . -43.88 0.06 -8.39
H51A FAD QC . -45.63 1.88 -9.79
H52A FAD QC . -44.39 1.38 -10.67
H4B FAD QC . -45.43 3.06 -11.84
H3B FAD QC . -42.87 3.84 -10.95
HO3A FAD QC . -42.62 3.90 -13.16
H2B FAD QC . -43.49 5.96 -10.77
HO2A FAD QC . -43.84 7.11 -12.58
H1B FAD QC . -45.93 5.31 -12.11
H8A FAD QC . -44.80 7.45 -9.21
H61A FAD QC . -49.62 10.56 -9.94
H62A FAD QC . -49.14 9.90 -8.66
H2A FAD QC . -50.01 6.92 -12.50
HN3 FAD QC . -44.22 -9.60 -6.15
H6 FAD QC . -38.83 -10.03 -1.92
HM71 FAD QC . -37.04 -8.57 0.45
HM72 FAD QC . -36.05 -8.64 -0.79
HM73 FAD QC . -37.01 -9.86 -0.47
HM81 FAD QC . -37.22 -5.03 -1.09
HM82 FAD QC . -36.29 -6.26 -0.71
HM83 FAD QC . -37.49 -5.84 0.23
H9 FAD QC . -39.17 -5.36 -2.36
H1'1 FAD QC . -40.65 -4.69 -3.32
H1'2 FAD QC . -42.04 -4.90 -4.04
H2' FAD QC . -40.70 -5.57 -6.07
HO2' FAD QC . -38.70 -4.03 -5.74
H3' FAD QC . -40.46 -3.30 -6.81
HO3' FAD QC . -41.39 -2.10 -4.79
H4' FAD QC . -42.96 -3.40 -5.42
HO4' FAD QC . -43.34 -4.45 -7.73
H5'1 FAD QC . -42.50 -2.44 -8.06
H5'2 FAD QC . -42.41 -1.49 -6.79
O2B TDK RC . -35.11 -12.52 8.98
PB TDK RC . -33.66 -12.30 8.43
O3B TDK RC . -33.46 -12.41 6.90
O1B TDK RC . -32.64 -13.13 9.22
O3A TDK RC . -33.41 -10.72 8.73
PA TDK RC . -32.10 -9.90 9.23
O1A TDK RC . -31.55 -10.59 10.47
O2A TDK RC . -32.48 -8.43 9.21
O7 TDK RC . -31.08 -10.26 8.03
C7 TDK RC . -31.28 -9.54 6.79
C6 TDK RC . -30.19 -9.91 5.88
C5 TDK RC . -30.28 -9.27 4.56
S1 TDK RC . -31.73 -9.06 3.61
C4 TDK RC . -29.20 -8.75 3.90
CM4 TDK RC . -27.81 -8.71 4.49
N3 TDK RC . -29.52 -8.17 2.62
C2 TDK RC . -30.86 -8.35 2.24
CMA TDK RC . -31.41 -8.04 0.86
OM1 TDK RC . -31.32 -6.64 0.60
CMB TDK RC . -32.92 -8.31 0.76
PC TDK RC . -30.48 -9.00 -0.67
OM3 TDK RC . -29.66 -8.01 -1.47
OM2 TDK RC . -31.66 -9.65 -1.57
CMC TDK RC . -31.97 -11.06 -1.68
OM4 TDK RC . -29.69 -10.28 -0.50
C7' TDK RC . -28.50 -7.49 1.80
C5' TDK RC . -28.18 -6.05 2.24
C6' TDK RC . -26.87 -5.69 2.56
N1' TDK RC . -26.53 -4.45 2.96
C2' TDK RC . -27.49 -3.51 3.00
CM2 TDK RC . -27.12 -2.12 3.40
N3' TDK RC . -28.78 -3.71 2.70
C4' TDK RC . -29.14 -4.96 2.32
N4' TDK RC . -30.47 -5.12 2.05
H71 TDK RC . -31.26 -8.57 6.96
H72 TDK RC . -32.14 -9.78 6.39
H61 TDK RC . -30.19 -10.88 5.76
H62 TDK RC . -29.34 -9.66 6.29
HM41 TDK RC . -27.20 -8.34 3.83
HM42 TDK RC . -27.54 -9.60 4.73
HM43 TDK RC . -27.81 -8.15 5.28
HM1 TDK RC . -30.81 -6.71 -0.22
HMB1 TDK RC . -33.07 -9.09 0.21
HMB2 TDK RC . -33.37 -7.54 0.36
HMB3 TDK RC . -33.29 -8.47 1.65
HMC1 TDK RC . -32.87 -11.16 -2.01
HMC2 TDK RC . -31.90 -11.47 -0.81
HMC3 TDK RC . -31.34 -11.48 -2.29
H7'1 TDK RC . -28.81 -7.47 0.87
H7'2 TDK RC . -27.67 -8.02 1.82
H6' TDK RC . -26.21 -6.35 2.53
HM21 TDK RC . -27.75 -1.78 4.06
HM22 TDK RC . -27.14 -1.54 2.62
HM23 TDK RC . -26.22 -2.11 3.78
H4'1 TDK RC . -31.03 -4.47 2.11
H4'2 TDK RC . -30.76 -5.94 1.82
O1 UQ0 SC . -65.20 -15.57 4.31
C1 UQ0 SC . -65.00 -15.48 3.03
C6 UQ0 SC . -63.94 -16.25 2.31
C5 UQ0 SC . -63.70 -16.05 1.00
CM5 UQ0 SC . -62.57 -16.72 0.26
C4 UQ0 SC . -64.58 -15.14 0.21
O4 UQ0 SC . -64.37 -14.95 -0.97
C2 UQ0 SC . -65.89 -14.59 2.28
O2 UQ0 SC . -66.91 -13.96 2.96
CM2 UQ0 SC . -66.50 -12.83 3.76
C3 UQ0 SC . -65.72 -14.48 0.85
O3 UQ0 SC . -66.64 -13.80 0.09
CM3 UQ0 SC . -66.44 -12.39 0.01
HM51 UQ0 SC . -62.59 -16.46 -0.68
HM52 UQ0 SC . -62.66 -17.68 0.32
HM53 UQ0 SC . -61.73 -16.44 0.65
HM21 UQ0 SC . -65.95 -12.24 3.22
HM22 UQ0 SC . -65.99 -13.14 4.52
HM23 UQ0 SC . -67.29 -12.35 4.06
HM31 UQ0 SC . -65.57 -12.20 -0.39
HM32 UQ0 SC . -66.48 -12.00 0.90
HM33 UQ0 SC . -67.13 -11.99 -0.55
C1 PEG TC . -49.31 24.24 1.11
O1 PEG TC . -49.96 23.89 2.31
C2 PEG TC . -49.44 23.19 0.06
O2 PEG TC . -49.14 23.79 -1.19
C3 PEG TC . -48.65 22.86 -2.15
C4 PEG TC . -49.62 22.70 -3.28
O4 PEG TC . -48.97 22.76 -4.53
H11 PEG TC . -48.36 24.39 1.29
H12 PEG TC . -49.69 25.08 0.77
HO1 PEG TC . -49.91 24.43 2.95
H21 PEG TC . -50.35 22.83 0.06
H22 PEG TC . -48.82 22.46 0.25
H31 PEG TC . -48.48 22.00 -1.73
H32 PEG TC . -47.79 23.19 -2.51
H41 PEG TC . -50.29 23.42 -3.24
H42 PEG TC . -50.07 21.84 -3.19
HO4 PEG TC . -48.49 22.07 -4.63
C FMT UC . -25.70 -19.87 -9.10
O1 FMT UC . -25.22 -19.22 -10.00
O2 FMT UC . -25.08 -20.92 -8.51
H FMT UC . -26.58 -19.63 -8.78
HO2 FMT UC . -24.16 -21.04 -8.89
C FMT VC . -18.31 26.58 7.72
O1 FMT VC . -18.00 27.41 6.89
O2 FMT VC . -18.33 26.80 9.06
H FMT VC . -18.56 25.71 7.41
HO2 FMT VC . -18.18 27.49 9.23
C FMT WC . -25.57 -25.84 2.94
O1 FMT WC . -26.41 -25.40 2.18
O2 FMT WC . -25.65 -25.78 4.30
H FMT WC . -24.80 -26.27 2.57
HO2 FMT WC . -26.53 -25.50 4.56
C FMT XC . -61.90 -12.20 1.09
O1 FMT XC . -61.22 -13.16 0.73
O2 FMT XC . -62.25 -12.00 2.38
H FMT XC . -62.20 -11.58 0.43
HO2 FMT XC . -62.10 -12.67 2.84
C FMT YC . -27.23 -20.84 19.06
O1 FMT YC . -28.03 -21.37 18.32
O2 FMT YC . -26.14 -21.46 19.59
H FMT YC . -27.37 -19.92 19.30
HO2 FMT YC . -25.97 -22.14 19.04
NA NA ZC . -56.28 -7.87 13.58
C FMT AD . -9.62 15.34 -2.58
O1 FMT AD . -9.20 16.45 -2.86
O2 FMT AD . -9.27 14.19 -3.20
H FMT AD . -10.24 15.27 -1.84
HO2 FMT AD . -9.10 14.38 -4.05
#